data_7LQV
#
_entry.id   7LQV
#
_cell.length_a   1.00
_cell.length_b   1.00
_cell.length_c   1.00
_cell.angle_alpha   90.00
_cell.angle_beta   90.00
_cell.angle_gamma   90.00
#
_symmetry.space_group_name_H-M   'P 1'
#
loop_
_entity.id
_entity.type
_entity.pdbx_description
1 polymer 'Spike glycoprotein'
2 polymer '4-8 Heavy Chain'
3 polymer '4-8 Light chain'
4 non-polymer 2-acetamido-2-deoxy-beta-D-glucopyranose
#
loop_
_entity_poly.entity_id
_entity_poly.type
_entity_poly.pdbx_seq_one_letter_code
_entity_poly.pdbx_strand_id
1 'polypeptide(L)'
;MGILPSPGMPALLSLVSLLSVLLMGCVAETGTQCVNLTTRTQLPPAYTNSFTRGVYYPDKVFRSSVLHSTQDLFLPFFSN
VTWFHAIHVSGTNGTKRFDNPVLPFNDGVYFASTEKSNIIRGWIFGTTLDSKTQSLLIVNNATNVVIKVCEFQFCNDPFL
GVYYHKNNKSWMESEFRVYSSANNCTFEYVSQPFLMDLEGKQGNFKNLREFVFKNIDGYFKIYSKHTPINLVRDLPQGFS
ALEPLVDLPIGINITRFQTLLALHRSYLTPGDSSSGWTAGAAAYYVGYLQPRTFLLKYNENGTITDAVDCALDPLSETKC
TLKSFTVEKGIYQTSNFRVQPTESIVRFPNITNLCPFGEVFNATRFASVYAWNRKRISNCVADYSVLYNSASFSTFKCYG
VSPTKLNDLCFTNVYADSFVIRGDEVRQIAPGQTGKIADYNYKLPDDFTGCVIAWNSNNLDSKVGGNYNYLYRLFRKSNL
KPFERDISTEIYQAGSTPCNGVEGFNCYFPLQSYGFQPTNGVGYQPYRVVVLSFELLHAPATVCGPKKSTNLVKNKCVNF
NFNGLTGTGVLTESNKKFLPFQQFGRDIADTTDAVRDPQTLEILDITPCSFGGVSVITPGTNTSNQVAVLYQDVNCTEVP
VAIHADQLTPTWRVYSTGSNVFQTRAGCLIGAEHVNNSYECDIPIGAGICASYQTQTNSPGSASSVASQSIIAYTMSLGA
ENSVAYSNNSIAIPTNFTISVTTEILPVSMTKTSVDCTMYICGDSTECSNLLLQYGSFCTQLNRALTGIAVEQDKNTQEV
FAQVKQIYKTPPIKDFGGFNFSQILPDPSKPSKRSFIEDLLFNKVTLADAGFIKQYGDCLGDIAARDLICAQKFNGLTVL
PPLLTDEMIAQYTSALLAGTITSGWTFGAGAALQIPFAMQMAYRFNGIGVTQNVLYENQKLIANQFNSAIGKIQDSLSST
ASALGKLQDVVNQNAQALNTLVKQLSSNFGAISSVLNDILSRLDPPEAEVQIDRLITGRLQSLQTYVTQQLIRAAEIRAS
ANLAATKMSECVLGQSKRVDFCGKGYHLMSFPQSAPHGVVFLHVTYVPAQEKNFTTAPAICHDGKAHFPREGVFVSNGTH
WFVTQRNFYEPQIITTDNTFVSGNCDVVIGIVNNTVYDPLQPELDSFKEELDKYFKNHTSPDVDLGDISGINASVVNIQK
EIDRLNEVAKNLNESLIDLQELGKYEQGSGYIPEAPRDGQAYVRKDGEWVLLSTFLGRSLEVLFQGPGHHHHHHHHSAWS
HPQFEKGGGSGGGGSGGSAWSHPQFEK
;
A,B,C
2 'polypeptide(L)'
;QVQLVQSGAEVKKAGSSVKVSCKASGGTFSSHTITWVRQAPGQGLEWMGRIIPILGIANYAQKFQGRVTITADKSTSTAY
MELSSLRSEDTAVYYCASLQTVDTAIEKYYGMDVWGQGTTVTVSS
;
H,W,Y
3 'polypeptide(L)'
;SYELTQPPSVSVSPGQTASITCSGDKLGDKYACWYQQKPGQSPVLVIYQDNKRPSGIPERFSGSNSGNTATLTISGTQAM
DEADYYCQAWDSSTAVFGGGTKLTVL
;
L,X,Z
#
# COMPACT_ATOMS: atom_id res chain seq x y z
N GLN A 33 31.43 -2.85 59.90
CA GLN A 33 30.53 -1.70 59.86
C GLN A 33 29.08 -2.13 60.06
N CYS A 34 28.78 -3.39 59.72
CA CYS A 34 27.43 -3.90 59.79
C CYS A 34 27.14 -4.51 61.17
N VAL A 35 25.85 -4.71 61.43
CA VAL A 35 25.36 -5.23 62.70
C VAL A 35 24.24 -6.21 62.41
N ASN A 36 23.61 -6.73 63.47
CA ASN A 36 22.48 -7.64 63.35
C ASN A 36 21.31 -7.06 64.15
N LEU A 37 20.58 -6.14 63.54
CA LEU A 37 19.36 -5.58 64.12
C LEU A 37 18.14 -6.28 63.53
N THR A 38 18.01 -7.58 63.83
CA THR A 38 16.93 -8.38 63.27
C THR A 38 16.50 -9.40 64.33
N THR A 39 15.44 -9.06 65.08
CA THR A 39 14.82 -10.00 66.00
C THR A 39 13.37 -9.54 66.19
N ARG A 40 12.45 -10.17 65.47
CA ARG A 40 11.05 -9.79 65.50
C ARG A 40 10.24 -10.84 64.74
N THR A 41 8.93 -10.59 64.63
CA THR A 41 8.03 -11.38 63.79
C THR A 41 7.33 -10.41 62.85
N GLN A 42 7.60 -10.54 61.56
CA GLN A 42 7.12 -9.56 60.59
C GLN A 42 5.61 -9.64 60.43
N LEU A 43 4.99 -8.47 60.28
CA LEU A 43 3.56 -8.38 59.98
C LEU A 43 3.40 -8.37 58.46
N PRO A 44 2.85 -9.42 57.85
CA PRO A 44 2.96 -9.55 56.39
C PRO A 44 2.22 -8.46 55.61
N PRO A 45 0.92 -8.15 55.91
CA PRO A 45 0.24 -7.17 55.04
C PRO A 45 0.92 -5.81 55.03
N ALA A 46 0.94 -5.15 56.19
CA ALA A 46 1.58 -3.85 56.37
C ALA A 46 1.37 -2.91 55.18
N TYR A 47 0.15 -2.85 54.63
CA TYR A 47 -0.10 -2.07 53.43
C TYR A 47 -1.37 -1.23 53.59
N THR A 48 -1.42 -0.17 52.79
CA THR A 48 -2.61 0.68 52.70
C THR A 48 -2.87 1.02 51.23
N ASN A 49 -3.77 1.97 50.97
CA ASN A 49 -4.17 2.32 49.62
C ASN A 49 -3.51 3.63 49.20
N SER A 50 -3.10 3.70 47.92
CA SER A 50 -2.60 4.92 47.30
C SER A 50 -3.67 5.44 46.35
N PHE A 51 -4.23 6.61 46.67
CA PHE A 51 -5.44 7.06 45.99
C PHE A 51 -5.14 7.54 44.57
N THR A 52 -4.34 8.60 44.43
CA THR A 52 -4.02 9.12 43.10
C THR A 52 -2.60 9.72 43.17
N ARG A 53 -1.61 8.90 42.86
CA ARG A 53 -0.21 9.32 42.82
C ARG A 53 0.49 8.50 41.75
N GLY A 54 1.79 8.72 41.60
CA GLY A 54 2.61 7.92 40.73
C GLY A 54 2.67 8.38 39.29
N VAL A 55 1.94 9.43 38.93
CA VAL A 55 1.99 9.94 37.56
C VAL A 55 3.23 10.82 37.41
N TYR A 56 4.00 10.57 36.35
CA TYR A 56 5.22 11.32 36.10
C TYR A 56 5.29 11.66 34.62
N TYR A 57 6.05 12.70 34.31
CA TYR A 57 6.24 13.11 32.92
C TYR A 57 7.01 12.01 32.18
N PRO A 58 6.46 11.42 31.11
CA PRO A 58 7.16 10.32 30.45
C PRO A 58 8.19 10.75 29.41
N ASP A 59 8.21 12.02 29.03
CA ASP A 59 9.13 12.50 28.01
C ASP A 59 9.57 13.91 28.38
N LYS A 60 10.49 14.45 27.56
CA LYS A 60 11.13 15.74 27.83
C LYS A 60 10.53 16.86 27.00
N VAL A 61 9.37 16.64 26.37
CA VAL A 61 8.75 17.60 25.47
C VAL A 61 7.66 18.35 26.25
N PHE A 62 7.67 19.66 26.14
CA PHE A 62 6.66 20.49 26.79
C PHE A 62 5.34 20.42 26.03
N ARG A 63 4.24 20.38 26.76
CA ARG A 63 2.91 20.38 26.18
C ARG A 63 1.98 21.19 27.07
N SER A 64 0.94 21.76 26.47
CA SER A 64 0.00 22.57 27.22
C SER A 64 -1.36 22.54 26.52
N SER A 65 -2.42 22.53 27.34
CA SER A 65 -3.79 22.58 26.84
C SER A 65 -4.05 21.43 25.85
N VAL A 66 -3.48 20.27 26.15
CA VAL A 66 -3.63 19.10 25.29
C VAL A 66 -3.61 17.86 26.18
N LEU A 67 -4.41 16.86 25.79
CA LEU A 67 -4.49 15.59 26.51
C LEU A 67 -3.73 14.54 25.72
N HIS A 68 -2.74 13.93 26.36
CA HIS A 68 -1.86 12.96 25.72
C HIS A 68 -2.01 11.61 26.41
N SER A 69 -2.15 10.55 25.61
CA SER A 69 -2.22 9.19 26.10
C SER A 69 -0.85 8.54 25.94
N THR A 70 -0.28 8.04 27.05
CA THR A 70 1.10 7.52 27.10
C THR A 70 1.18 6.09 27.64
N GLN A 71 1.42 5.09 26.80
CA GLN A 71 1.60 3.68 27.23
C GLN A 71 2.97 3.53 27.88
N ASP A 72 3.04 3.35 29.20
CA ASP A 72 4.34 3.28 29.92
C ASP A 72 4.14 2.58 31.25
N LEU A 73 5.21 2.20 31.95
CA LEU A 73 5.09 1.67 33.31
C LEU A 73 4.39 2.75 34.14
N PHE A 74 3.50 2.42 35.08
CA PHE A 74 2.85 3.36 35.96
C PHE A 74 2.30 2.63 37.19
N LEU A 75 2.06 3.40 38.24
CA LEU A 75 1.42 2.90 39.45
C LEU A 75 -0.10 2.93 39.29
N PRO A 76 -0.85 1.89 39.67
CA PRO A 76 -2.30 1.93 39.46
C PRO A 76 -2.95 3.00 40.33
N PHE A 77 -4.07 3.53 39.83
CA PHE A 77 -4.88 4.44 40.62
C PHE A 77 -5.63 3.67 41.70
N PHE A 78 -5.70 4.24 42.90
CA PHE A 78 -6.33 3.57 44.03
C PHE A 78 -5.71 2.19 44.26
N SER A 79 -4.40 2.12 44.13
CA SER A 79 -3.67 0.87 44.25
C SER A 79 -3.43 0.52 45.71
N ASN A 80 -2.84 -0.66 45.92
CA ASN A 80 -2.39 -1.10 47.24
C ASN A 80 -0.89 -0.90 47.33
N VAL A 81 -0.46 -0.06 48.26
CA VAL A 81 0.95 0.26 48.46
C VAL A 81 1.34 -0.15 49.86
N THR A 82 2.53 -0.75 49.98
CA THR A 82 3.04 -1.17 51.27
C THR A 82 3.23 0.03 52.19
N TRP A 83 3.04 -0.21 53.48
CA TRP A 83 3.07 0.84 54.51
C TRP A 83 4.03 0.44 55.64
N PHE A 84 5.23 0.01 55.27
CA PHE A 84 6.25 -0.26 56.27
C PHE A 84 6.52 0.95 57.14
N HIS A 85 6.58 0.72 58.45
CA HIS A 85 6.96 1.73 59.43
C HIS A 85 8.43 1.64 59.81
N ALA A 86 8.91 0.43 60.15
CA ALA A 86 10.31 0.18 60.46
C ALA A 86 10.71 0.71 61.83
N ILE A 87 9.82 1.46 62.49
CA ILE A 87 10.05 1.92 63.85
C ILE A 87 8.73 1.84 64.60
N HIS A 88 8.56 0.80 65.40
CA HIS A 88 7.31 0.53 66.12
C HIS A 88 7.52 0.91 67.59
N VAL A 89 7.24 2.17 67.92
CA VAL A 89 7.36 2.66 69.28
C VAL A 89 6.01 2.39 69.97
N SER A 90 5.96 1.29 70.73
CA SER A 90 4.73 0.92 71.42
C SER A 90 5.11 0.25 72.74
N GLY A 91 4.16 0.29 73.67
CA GLY A 91 4.34 -0.27 75.00
C GLY A 91 4.36 0.82 76.06
N THR A 92 4.55 0.36 77.30
CA THR A 92 4.59 1.30 78.43
C THR A 92 5.75 2.28 78.29
N ASN A 93 6.92 1.77 77.90
CA ASN A 93 8.11 2.60 77.71
C ASN A 93 8.54 2.72 76.26
N GLY A 94 7.89 1.98 75.35
CA GLY A 94 8.23 2.05 73.95
C GLY A 94 9.39 1.13 73.58
N THR A 95 9.60 0.99 72.28
CA THR A 95 10.68 0.16 71.75
C THR A 95 11.10 0.75 70.41
N LYS A 96 12.14 0.17 69.82
CA LYS A 96 12.73 0.64 68.58
C LYS A 96 12.89 -0.52 67.59
N ARG A 97 11.80 -1.28 67.41
CA ARG A 97 11.81 -2.39 66.47
C ARG A 97 12.20 -1.89 65.09
N PHE A 98 13.14 -2.60 64.46
CA PHE A 98 13.68 -2.23 63.16
C PHE A 98 13.20 -3.20 62.09
N ASP A 99 12.79 -2.67 60.96
CA ASP A 99 12.26 -3.51 59.88
C ASP A 99 12.44 -2.78 58.54
N ASN A 100 13.46 -3.20 57.78
CA ASN A 100 13.65 -2.73 56.41
C ASN A 100 13.97 -3.92 55.51
N PRO A 101 12.98 -4.78 55.27
CA PRO A 101 13.25 -5.97 54.45
C PRO A 101 13.63 -5.59 53.02
N VAL A 102 14.20 -6.57 52.32
CA VAL A 102 14.46 -6.44 50.90
C VAL A 102 13.18 -6.73 50.13
N LEU A 103 12.89 -5.92 49.12
CA LEU A 103 11.66 -6.03 48.35
C LEU A 103 11.97 -6.33 46.89
N PRO A 104 11.18 -7.17 46.22
CA PRO A 104 11.40 -7.39 44.78
C PRO A 104 11.15 -6.13 43.98
N PHE A 105 11.87 -6.02 42.86
CA PHE A 105 11.76 -4.83 42.01
C PHE A 105 10.53 -4.93 41.10
N ASN A 106 10.38 -6.05 40.40
CA ASN A 106 9.24 -6.28 39.51
C ASN A 106 9.11 -5.18 38.46
N ASP A 107 10.24 -4.83 37.83
CA ASP A 107 10.25 -3.95 36.66
C ASP A 107 9.59 -2.60 36.95
N GLY A 108 9.88 -2.05 38.13
CA GLY A 108 9.38 -0.74 38.48
C GLY A 108 8.99 -0.62 39.95
N VAL A 109 9.36 0.50 40.56
CA VAL A 109 9.04 0.75 41.97
C VAL A 109 8.65 2.22 42.12
N TYR A 110 7.61 2.46 42.90
CA TYR A 110 7.22 3.79 43.33
C TYR A 110 7.47 3.92 44.82
N PHE A 111 8.14 4.99 45.23
CA PHE A 111 8.58 5.16 46.60
C PHE A 111 8.21 6.55 47.11
N ALA A 112 7.92 6.62 48.40
CA ALA A 112 7.67 7.88 49.08
C ALA A 112 8.35 7.84 50.44
N SER A 113 8.64 9.03 50.99
CA SER A 113 9.34 9.14 52.26
C SER A 113 8.51 9.80 53.35
N THR A 114 7.82 10.90 53.05
CA THR A 114 6.98 11.63 54.01
C THR A 114 7.62 11.70 55.39
N GLU A 115 8.91 12.04 55.41
CA GLU A 115 9.67 12.11 56.64
C GLU A 115 9.58 13.51 57.24
N LYS A 116 9.86 13.59 58.55
CA LYS A 116 9.88 14.85 59.26
C LYS A 116 11.26 15.23 59.77
N SER A 117 12.13 14.25 60.01
CA SER A 117 13.47 14.50 60.55
C SER A 117 14.58 14.13 59.57
N ASN A 118 14.24 13.87 58.30
CA ASN A 118 15.22 13.59 57.25
C ASN A 118 16.09 12.39 57.64
N ILE A 119 15.42 11.24 57.73
CA ILE A 119 16.03 10.02 58.22
C ILE A 119 16.12 8.92 57.17
N ILE A 120 15.58 9.12 55.97
CA ILE A 120 15.74 8.16 54.88
C ILE A 120 16.79 8.72 53.93
N ARG A 121 17.85 7.95 53.70
CA ARG A 121 19.02 8.43 52.96
C ARG A 121 19.39 7.52 51.80
N GLY A 122 18.42 7.15 50.96
CA GLY A 122 18.69 6.46 49.73
C GLY A 122 18.16 5.04 49.71
N TRP A 123 18.67 4.26 48.77
CA TRP A 123 18.17 2.93 48.49
C TRP A 123 19.32 2.01 48.11
N ILE A 124 19.01 0.71 48.01
CA ILE A 124 19.94 -0.31 47.54
C ILE A 124 19.21 -1.15 46.51
N PHE A 125 19.93 -1.56 45.46
CA PHE A 125 19.36 -2.41 44.42
C PHE A 125 20.36 -3.49 44.05
N GLY A 126 19.85 -4.57 43.47
CA GLY A 126 20.70 -5.66 43.03
C GLY A 126 19.88 -6.90 42.75
N THR A 127 20.60 -7.96 42.40
CA THR A 127 19.99 -9.25 42.14
C THR A 127 19.98 -10.13 43.38
N THR A 128 21.17 -10.38 43.96
CA THR A 128 21.31 -11.11 45.21
C THR A 128 22.05 -10.32 46.27
N LEU A 129 22.71 -9.21 45.90
CA LEU A 129 23.31 -8.28 46.87
C LEU A 129 24.39 -8.94 47.71
N ASP A 130 25.08 -9.94 47.16
CA ASP A 130 26.19 -10.56 47.89
C ASP A 130 27.24 -11.04 46.89
N SER A 131 28.18 -10.15 46.56
CA SER A 131 29.38 -10.49 45.81
C SER A 131 29.14 -11.39 44.61
N LYS A 132 28.03 -11.20 43.90
CA LYS A 132 27.75 -11.93 42.67
C LYS A 132 27.65 -11.02 41.46
N THR A 133 26.83 -9.98 41.53
CA THR A 133 26.59 -9.06 40.42
C THR A 133 26.68 -7.62 40.93
N GLN A 134 26.60 -6.68 40.00
CA GLN A 134 26.65 -5.27 40.36
C GLN A 134 25.41 -4.88 41.15
N SER A 135 25.61 -3.98 42.11
CA SER A 135 24.53 -3.48 42.95
C SER A 135 24.61 -1.97 43.03
N LEU A 136 23.45 -1.32 42.96
CA LEU A 136 23.37 0.14 42.95
C LEU A 136 23.17 0.64 44.38
N LEU A 137 23.92 1.68 44.74
CA LEU A 137 23.86 2.27 46.07
C LEU A 137 23.63 3.77 45.94
N ILE A 138 22.71 4.30 46.74
CA ILE A 138 22.40 5.72 46.77
C ILE A 138 22.47 6.20 48.22
N VAL A 139 23.18 7.30 48.44
CA VAL A 139 23.26 7.93 49.76
C VAL A 139 23.10 9.43 49.55
N ASN A 140 22.29 10.06 50.41
CA ASN A 140 22.00 11.49 50.33
C ASN A 140 22.56 12.16 51.58
N ASN A 141 23.80 12.63 51.48
CA ASN A 141 24.44 13.35 52.56
C ASN A 141 24.18 14.84 52.39
N ALA A 142 24.94 15.68 53.10
CA ALA A 142 24.67 17.12 53.12
C ALA A 142 24.70 17.72 51.71
N THR A 143 25.79 17.49 50.97
CA THR A 143 25.99 18.14 49.68
C THR A 143 26.60 17.19 48.67
N ASN A 144 26.28 15.89 48.76
CA ASN A 144 26.85 14.92 47.83
C ASN A 144 25.95 13.69 47.77
N VAL A 145 25.32 13.46 46.62
CA VAL A 145 24.61 12.22 46.37
C VAL A 145 25.61 11.21 45.83
N VAL A 146 25.80 10.12 46.56
CA VAL A 146 26.80 9.12 46.22
C VAL A 146 26.12 7.98 45.45
N ILE A 147 26.54 7.77 44.22
CA ILE A 147 26.03 6.69 43.38
C ILE A 147 27.18 5.70 43.18
N LYS A 148 26.89 4.41 43.39
CA LYS A 148 27.91 3.38 43.23
C LYS A 148 27.23 2.11 42.72
N VAL A 149 27.22 1.94 41.40
CA VAL A 149 26.81 0.66 40.80
C VAL A 149 28.06 -0.19 40.72
N CYS A 150 28.36 -0.86 41.82
CA CYS A 150 29.62 -1.57 41.98
C CYS A 150 29.37 -2.86 42.76
N GLU A 151 30.25 -3.82 42.57
CA GLU A 151 30.07 -5.16 43.13
C GLU A 151 30.57 -5.19 44.57
N PHE A 152 29.64 -5.33 45.52
CA PHE A 152 30.00 -5.53 46.92
C PHE A 152 28.78 -6.07 47.65
N GLN A 153 29.05 -6.70 48.79
CA GLN A 153 28.01 -7.40 49.53
C GLN A 153 27.32 -6.47 50.53
N PHE A 154 26.06 -6.78 50.81
CA PHE A 154 25.25 -6.04 51.77
C PHE A 154 24.86 -6.98 52.91
N CYS A 155 24.97 -6.50 54.14
CA CYS A 155 24.55 -7.30 55.29
C CYS A 155 23.03 -7.37 55.33
N ASN A 156 22.51 -8.11 56.31
CA ASN A 156 21.07 -8.30 56.42
C ASN A 156 20.33 -7.03 56.82
N ASP A 157 21.04 -6.01 57.29
CA ASP A 157 20.41 -4.78 57.78
C ASP A 157 21.32 -3.59 57.48
N PRO A 158 21.46 -3.22 56.21
CA PRO A 158 22.23 -2.02 55.89
C PRO A 158 21.48 -0.77 56.29
N PHE A 159 22.23 0.18 56.86
CA PHE A 159 21.64 1.42 57.36
C PHE A 159 22.74 2.47 57.44
N LEU A 160 22.41 3.63 58.01
CA LEU A 160 23.32 4.76 58.06
C LEU A 160 23.32 5.35 59.46
N GLY A 161 24.52 5.65 59.96
CA GLY A 161 24.68 6.24 61.28
C GLY A 161 24.93 7.73 61.20
N VAL A 162 23.99 8.54 61.71
CA VAL A 162 24.06 9.99 61.63
C VAL A 162 23.96 10.56 63.04
N TYR A 163 24.72 11.64 63.27
CA TYR A 163 24.70 12.36 64.54
C TYR A 163 24.52 13.85 64.26
N TYR A 164 23.92 14.55 65.22
CA TYR A 164 23.50 15.93 65.02
C TYR A 164 24.61 16.95 65.29
N HIS A 165 25.79 16.51 65.72
CA HIS A 165 26.92 17.41 65.93
C HIS A 165 26.57 18.50 66.96
N LYS A 166 26.41 18.04 68.20
CA LYS A 166 26.09 18.88 69.35
C LYS A 166 24.67 19.43 69.30
N ASN A 167 23.78 18.79 68.55
CA ASN A 167 22.40 19.23 68.36
C ASN A 167 22.32 20.54 67.58
N ASN A 168 23.43 20.99 66.99
CA ASN A 168 23.38 22.18 66.15
C ASN A 168 22.60 21.92 64.87
N LYS A 169 22.49 20.67 64.45
CA LYS A 169 21.73 20.28 63.28
C LYS A 169 22.24 20.97 62.01
N SER A 170 23.55 21.20 61.94
CA SER A 170 24.19 21.84 60.79
C SER A 170 25.12 20.91 60.04
N TRP A 171 26.10 20.31 60.73
CA TRP A 171 27.02 19.40 60.06
C TRP A 171 26.32 18.11 59.66
N MET A 172 25.58 17.49 60.58
CA MET A 172 24.69 16.36 60.32
C MET A 172 25.34 15.30 59.42
N GLU A 173 26.40 14.67 59.90
CA GLU A 173 27.21 13.77 59.09
C GLU A 173 26.83 12.31 59.33
N SER A 174 27.15 11.46 58.36
CA SER A 174 26.68 10.08 58.26
C SER A 174 27.85 9.09 58.39
N GLU A 175 27.56 7.81 58.15
CA GLU A 175 28.57 6.76 58.30
C GLU A 175 28.31 5.64 57.30
N PHE A 176 29.36 4.88 56.99
CA PHE A 176 29.28 3.78 56.03
C PHE A 176 29.00 2.45 56.74
N ARG A 177 27.85 2.39 57.39
CA ARG A 177 27.35 1.14 57.94
C ARG A 177 26.39 0.48 56.95
N VAL A 178 26.86 0.35 55.70
CA VAL A 178 26.02 -0.11 54.60
C VAL A 178 26.66 -1.29 53.89
N TYR A 179 27.99 -1.38 53.91
CA TYR A 179 28.70 -2.42 53.16
C TYR A 179 30.11 -2.53 53.70
N SER A 180 30.90 -3.42 53.09
CA SER A 180 32.27 -3.66 53.53
C SER A 180 33.25 -3.86 52.37
N SER A 181 32.85 -3.62 51.14
CA SER A 181 33.73 -3.87 50.00
C SER A 181 33.40 -2.90 48.87
N ALA A 182 34.37 -2.71 47.98
CA ALA A 182 34.21 -1.90 46.77
C ALA A 182 34.92 -2.57 45.60
N ASN A 183 34.86 -3.90 45.53
CA ASN A 183 35.60 -4.62 44.50
C ASN A 183 34.89 -4.54 43.16
N ASN A 184 35.68 -4.48 42.09
CA ASN A 184 35.18 -4.45 40.72
C ASN A 184 34.13 -3.36 40.55
N CYS A 185 34.52 -2.13 40.87
CA CYS A 185 33.61 -0.99 40.87
C CYS A 185 33.63 -0.31 39.51
N THR A 186 32.45 -0.15 38.92
CA THR A 186 32.32 0.26 37.52
C THR A 186 31.88 1.71 37.35
N PHE A 187 30.77 2.10 37.96
CA PHE A 187 30.15 3.40 37.71
C PHE A 187 30.08 4.23 38.98
N GLU A 188 30.18 5.54 38.82
CA GLU A 188 30.04 6.47 39.93
C GLU A 188 29.41 7.76 39.40
N TYR A 189 28.82 8.52 40.31
CA TYR A 189 28.15 9.76 39.94
C TYR A 189 27.93 10.58 41.20
N VAL A 190 28.14 11.89 41.09
CA VAL A 190 27.94 12.83 42.19
C VAL A 190 27.34 14.10 41.63
N SER A 191 26.44 14.71 42.39
CA SER A 191 25.75 15.94 41.99
C SER A 191 25.06 16.51 43.21
N GLN A 192 24.22 17.52 43.00
CA GLN A 192 23.47 18.12 44.10
C GLN A 192 22.60 17.05 44.76
N PRO A 193 22.55 16.98 46.09
CA PRO A 193 21.75 15.93 46.73
C PRO A 193 20.29 16.02 46.36
N PHE A 194 19.65 14.84 46.24
CA PHE A 194 18.23 14.81 45.94
C PHE A 194 17.40 15.44 47.05
N LEU A 195 17.89 15.37 48.28
CA LEU A 195 17.17 15.86 49.46
C LEU A 195 17.58 17.29 49.74
N MET A 196 16.61 18.13 50.08
CA MET A 196 16.88 19.54 50.37
C MET A 196 16.68 19.82 51.85
N PHE A 205 3.17 20.76 58.43
CA PHE A 205 4.02 20.30 57.34
C PHE A 205 4.52 18.89 57.60
N LYS A 206 4.66 18.10 56.53
CA LYS A 206 5.12 16.73 56.62
C LYS A 206 6.20 16.38 55.60
N ASN A 207 6.39 17.19 54.57
CA ASN A 207 7.44 16.95 53.57
C ASN A 207 7.24 15.62 52.87
N LEU A 208 6.12 15.51 52.15
CA LEU A 208 5.80 14.29 51.39
C LEU A 208 6.63 14.26 50.12
N ARG A 209 7.54 13.30 50.05
CA ARG A 209 8.37 13.09 48.86
C ARG A 209 7.85 11.88 48.08
N GLU A 210 8.07 11.91 46.77
CA GLU A 210 7.69 10.82 45.88
C GLU A 210 8.82 10.55 44.90
N PHE A 211 9.15 9.27 44.72
CA PHE A 211 10.18 8.85 43.79
C PHE A 211 9.63 7.72 42.92
N VAL A 212 10.16 7.62 41.70
CA VAL A 212 9.80 6.56 40.78
C VAL A 212 11.07 5.98 40.20
N PHE A 213 11.24 4.66 40.35
CA PHE A 213 12.41 3.95 39.88
C PHE A 213 12.00 3.00 38.76
N LYS A 214 12.76 3.02 37.67
CA LYS A 214 12.44 2.18 36.52
C LYS A 214 13.73 1.78 35.82
N ASN A 215 14.00 0.47 35.78
CA ASN A 215 15.16 -0.09 35.09
C ASN A 215 14.67 -0.66 33.77
N ILE A 216 14.66 0.18 32.73
CA ILE A 216 14.17 -0.19 31.41
C ILE A 216 15.34 -0.16 30.43
N ASP A 217 15.40 -1.18 29.57
CA ASP A 217 16.33 -1.34 28.46
C ASP A 217 17.70 -0.73 28.74
N GLY A 218 18.27 -1.04 29.90
CA GLY A 218 19.61 -0.63 30.25
C GLY A 218 19.75 0.76 30.80
N TYR A 219 18.67 1.54 30.87
CA TYR A 219 18.71 2.91 31.38
C TYR A 219 17.89 2.98 32.67
N PHE A 220 18.53 3.44 33.73
CA PHE A 220 17.89 3.62 35.03
C PHE A 220 17.58 5.10 35.22
N LYS A 221 16.29 5.42 35.34
CA LYS A 221 15.83 6.79 35.49
C LYS A 221 15.16 6.96 36.84
N ILE A 222 15.58 7.98 37.58
CA ILE A 222 15.03 8.30 38.90
C ILE A 222 14.24 9.59 38.75
N TYR A 223 12.93 9.50 38.89
CA TYR A 223 12.05 10.67 38.94
C TYR A 223 11.76 11.01 40.39
N SER A 224 11.40 12.27 40.64
CA SER A 224 11.22 12.73 42.01
C SER A 224 10.24 13.88 42.04
N LYS A 225 9.77 14.17 43.26
CA LYS A 225 8.87 15.30 43.49
C LYS A 225 8.83 15.58 44.98
N HIS A 226 8.83 16.86 45.33
CA HIS A 226 8.76 17.31 46.72
C HIS A 226 7.45 18.08 46.90
N THR A 227 6.67 17.68 47.92
CA THR A 227 5.39 18.31 48.20
C THR A 227 5.14 18.26 49.70
N PRO A 228 4.77 19.37 50.34
CA PRO A 228 4.42 19.32 51.76
C PRO A 228 2.94 19.10 51.98
N ILE A 229 2.61 18.28 52.97
CA ILE A 229 1.23 17.98 53.34
C ILE A 229 1.07 18.24 54.83
N ASN A 230 0.00 18.93 55.19
CA ASN A 230 -0.25 19.22 56.61
C ASN A 230 -0.73 17.99 57.36
N LEU A 231 -1.58 17.19 56.74
CA LEU A 231 -2.16 16.03 57.41
C LEU A 231 -1.09 15.00 57.71
N VAL A 232 -1.17 14.39 58.90
CA VAL A 232 -0.23 13.36 59.32
C VAL A 232 -0.75 11.96 59.03
N ARG A 233 -1.96 11.84 58.46
CA ARG A 233 -2.52 10.55 58.08
C ARG A 233 -1.90 10.10 56.76
N ASP A 234 -2.50 9.10 56.12
CA ASP A 234 -1.96 8.53 54.89
C ASP A 234 -2.00 9.55 53.76
N LEU A 235 -1.61 9.13 52.56
CA LEU A 235 -1.45 10.00 51.39
C LEU A 235 -2.66 10.92 51.23
N PRO A 236 -2.46 12.14 50.74
CA PRO A 236 -3.54 13.14 50.75
C PRO A 236 -4.58 12.87 49.66
N GLN A 237 -5.71 13.57 49.81
CA GLN A 237 -6.77 13.57 48.81
C GLN A 237 -6.46 14.63 47.75
N GLY A 238 -5.39 14.36 47.00
CA GLY A 238 -4.95 15.30 45.98
C GLY A 238 -4.04 14.64 44.97
N PHE A 239 -3.70 15.40 43.94
CA PHE A 239 -2.84 14.93 42.86
C PHE A 239 -1.73 15.94 42.62
N SER A 240 -0.56 15.42 42.24
CA SER A 240 0.59 16.24 41.90
C SER A 240 1.43 15.53 40.86
N ALA A 241 2.02 16.31 39.95
CA ALA A 241 2.90 15.74 38.95
C ALA A 241 4.17 15.19 39.62
N LEU A 242 5.03 14.57 38.80
CA LEU A 242 6.26 13.98 39.33
C LEU A 242 7.32 14.09 38.22
N GLU A 243 8.26 15.01 38.39
CA GLU A 243 9.22 15.33 37.35
C GLU A 243 10.41 14.36 37.35
N PRO A 244 11.08 14.19 36.21
CA PRO A 244 12.37 13.49 36.23
C PRO A 244 13.46 14.35 36.83
N LEU A 245 14.48 13.70 37.38
CA LEU A 245 15.64 14.38 37.93
C LEU A 245 16.94 14.01 37.24
N VAL A 246 17.23 12.72 37.10
CA VAL A 246 18.49 12.28 36.52
C VAL A 246 18.29 10.89 35.94
N ASP A 247 19.02 10.60 34.87
CA ASP A 247 19.04 9.28 34.23
C ASP A 247 20.43 8.68 34.37
N LEU A 248 20.47 7.40 34.75
CA LEU A 248 21.72 6.69 34.97
C LEU A 248 21.85 5.54 33.97
N PRO A 249 22.94 5.47 33.19
CA PRO A 249 23.11 4.35 32.25
C PRO A 249 23.80 3.15 32.90
N ILE A 250 23.20 2.66 33.99
CA ILE A 250 23.86 1.64 34.79
C ILE A 250 24.00 0.33 34.01
N GLY A 251 22.97 -0.04 33.25
CA GLY A 251 23.03 -1.23 32.43
C GLY A 251 23.30 -2.50 33.22
N ILE A 252 22.60 -2.69 34.32
CA ILE A 252 22.74 -3.89 35.15
C ILE A 252 21.38 -4.56 35.30
N ASN A 253 21.35 -5.67 36.04
CA ASN A 253 20.13 -6.40 36.32
C ASN A 253 19.71 -6.13 37.75
N ILE A 254 18.45 -5.73 37.95
CA ILE A 254 17.89 -5.45 39.25
C ILE A 254 16.63 -6.29 39.41
N THR A 255 16.54 -7.02 40.53
CA THR A 255 15.37 -7.84 40.82
C THR A 255 14.85 -7.57 42.22
N ARG A 256 15.73 -7.11 43.12
CA ARG A 256 15.35 -6.79 44.49
C ARG A 256 15.98 -5.45 44.88
N PHE A 257 15.35 -4.79 45.84
CA PHE A 257 15.84 -3.50 46.31
C PHE A 257 15.56 -3.38 47.80
N GLN A 258 16.28 -2.46 48.44
CA GLN A 258 16.13 -2.19 49.87
C GLN A 258 16.29 -0.71 50.12
N THR A 259 15.76 -0.26 51.25
CA THR A 259 15.81 1.15 51.63
C THR A 259 16.85 1.37 52.71
N LEU A 260 17.50 2.52 52.66
CA LEU A 260 18.51 2.92 53.64
C LEU A 260 17.90 3.92 54.62
N LEU A 261 18.15 3.71 55.91
CA LEU A 261 17.60 4.55 56.97
C LEU A 261 18.73 5.12 57.80
N ALA A 262 18.68 6.44 58.03
CA ALA A 262 19.63 7.09 58.92
C ALA A 262 19.17 6.93 60.36
N LEU A 263 20.03 6.35 61.20
CA LEU A 263 19.69 6.06 62.58
C LEU A 263 20.68 6.76 63.51
N HIS A 264 20.19 7.19 64.67
CA HIS A 264 20.99 7.91 65.65
C HIS A 264 21.21 7.02 66.87
N ARG A 265 22.46 6.99 67.35
CA ARG A 265 22.80 6.18 68.51
C ARG A 265 22.25 6.84 69.78
N SER A 266 21.06 6.40 70.21
CA SER A 266 20.47 6.97 71.41
C SER A 266 21.34 6.70 72.64
N TYR A 267 21.87 5.49 72.75
CA TYR A 267 22.73 5.13 73.86
C TYR A 267 23.69 4.02 73.42
N LEU A 268 24.92 4.09 73.92
CA LEU A 268 25.93 3.08 73.62
C LEU A 268 26.00 2.11 74.80
N THR A 269 25.57 0.88 74.57
CA THR A 269 25.54 -0.11 75.65
C THR A 269 26.90 -0.77 75.80
N PRO A 270 27.40 -0.98 77.02
CA PRO A 270 28.61 -1.79 77.17
C PRO A 270 28.37 -3.21 76.68
N GLY A 271 29.41 -3.81 76.10
CA GLY A 271 29.23 -5.10 75.46
C GLY A 271 28.25 -4.99 74.31
N ASP A 272 28.65 -4.26 73.26
CA ASP A 272 27.74 -3.91 72.18
C ASP A 272 27.08 -5.14 71.57
N SER A 273 25.76 -5.22 71.72
CA SER A 273 24.94 -6.23 71.06
C SER A 273 24.10 -5.61 69.95
N SER A 274 24.68 -4.65 69.22
CA SER A 274 23.95 -3.86 68.23
C SER A 274 22.81 -3.10 68.90
N SER A 275 23.21 -2.20 69.79
CA SER A 275 22.24 -1.45 70.60
C SER A 275 21.25 -0.71 69.71
N GLY A 276 20.04 -0.53 70.23
CA GLY A 276 19.00 0.14 69.46
C GLY A 276 19.35 1.59 69.18
N TRP A 277 18.86 2.07 68.05
CA TRP A 277 19.07 3.43 67.59
C TRP A 277 17.73 4.17 67.60
N THR A 278 17.74 5.41 67.11
CA THR A 278 16.52 6.22 67.09
C THR A 278 16.55 7.16 65.90
N ALA A 279 15.52 7.10 65.06
CA ALA A 279 15.31 8.02 63.96
C ALA A 279 13.92 8.63 63.96
N GLY A 280 12.90 7.84 64.29
CA GLY A 280 11.54 8.32 64.50
C GLY A 280 10.58 7.90 63.41
N ALA A 281 9.90 6.78 63.65
CA ALA A 281 8.74 6.30 62.89
C ALA A 281 9.04 5.83 61.48
N ALA A 282 10.21 6.18 60.92
CA ALA A 282 10.73 5.65 59.66
C ALA A 282 9.64 5.36 58.64
N ALA A 283 8.70 6.27 58.46
CA ALA A 283 7.47 5.98 57.73
C ALA A 283 7.71 6.18 56.23
N TYR A 284 7.81 5.08 55.49
CA TYR A 284 7.99 5.12 54.04
C TYR A 284 7.03 4.15 53.38
N TYR A 285 6.71 4.44 52.11
CA TYR A 285 5.78 3.65 51.33
C TYR A 285 6.51 3.03 50.14
N VAL A 286 5.89 2.00 49.57
CA VAL A 286 6.42 1.33 48.39
C VAL A 286 5.27 1.02 47.44
N GLY A 287 5.50 1.25 46.15
CA GLY A 287 4.51 0.94 45.14
C GLY A 287 5.14 0.16 44.01
N TYR A 288 4.28 -0.55 43.28
CA TYR A 288 4.71 -1.42 42.19
C TYR A 288 4.09 -0.96 40.88
N LEU A 289 4.94 -0.78 39.87
CA LEU A 289 4.52 -0.28 38.57
C LEU A 289 4.21 -1.42 37.62
N GLN A 290 3.29 -1.19 36.71
CA GLN A 290 2.88 -2.16 35.71
C GLN A 290 2.67 -1.42 34.40
N PRO A 291 2.76 -2.12 33.26
CA PRO A 291 2.61 -1.45 31.96
C PRO A 291 1.14 -1.23 31.61
N ARG A 292 0.73 0.03 31.56
CA ARG A 292 -0.63 0.39 31.17
C ARG A 292 -0.59 1.74 30.46
N THR A 293 -1.77 2.19 30.03
CA THR A 293 -1.92 3.46 29.34
C THR A 293 -2.68 4.43 30.23
N PHE A 294 -2.12 5.62 30.43
CA PHE A 294 -2.79 6.70 31.13
C PHE A 294 -3.02 7.87 30.19
N LEU A 295 -4.06 8.64 30.47
CA LEU A 295 -4.35 9.87 29.74
C LEU A 295 -3.90 11.05 30.59
N LEU A 296 -2.94 11.80 30.08
CA LEU A 296 -2.33 12.91 30.82
C LEU A 296 -2.88 14.23 30.31
N LYS A 297 -3.41 15.05 31.22
CA LYS A 297 -3.97 16.34 30.89
C LYS A 297 -3.00 17.44 31.29
N TYR A 298 -2.70 18.33 30.35
CA TYR A 298 -1.80 19.45 30.58
C TYR A 298 -2.58 20.75 30.63
N ASN A 299 -2.21 21.63 31.55
CA ASN A 299 -2.84 22.94 31.67
C ASN A 299 -2.12 23.94 30.77
N GLU A 300 -2.54 25.21 30.85
CA GLU A 300 -1.87 26.25 30.08
C GLU A 300 -0.41 26.38 30.48
N ASN A 301 -0.12 26.31 31.77
CA ASN A 301 1.26 26.40 32.25
C ASN A 301 2.07 25.15 31.95
N GLY A 302 1.44 24.08 31.48
CA GLY A 302 2.14 22.85 31.15
C GLY A 302 2.20 21.83 32.27
N THR A 303 1.79 22.19 33.48
CA THR A 303 1.76 21.24 34.57
C THR A 303 0.54 20.33 34.46
N ILE A 304 0.68 19.11 34.96
CA ILE A 304 -0.40 18.14 34.92
C ILE A 304 -1.36 18.42 36.06
N THR A 305 -2.63 18.62 35.73
CA THR A 305 -3.68 18.87 36.72
C THR A 305 -4.36 17.60 37.19
N ASP A 306 -4.58 16.64 36.29
CA ASP A 306 -5.24 15.39 36.64
C ASP A 306 -5.00 14.37 35.55
N ALA A 307 -5.15 13.10 35.93
CA ALA A 307 -4.95 11.98 35.00
C ALA A 307 -5.99 10.92 35.30
N VAL A 308 -6.28 10.09 34.30
CA VAL A 308 -7.27 9.03 34.42
C VAL A 308 -6.68 7.74 33.86
N ASP A 309 -6.80 6.65 34.62
CA ASP A 309 -6.32 5.36 34.17
C ASP A 309 -7.28 4.79 33.12
N CYS A 310 -6.72 3.97 32.23
CA CYS A 310 -7.50 3.32 31.18
C CYS A 310 -7.93 1.90 31.56
N ALA A 311 -7.65 1.46 32.78
CA ALA A 311 -8.05 0.13 33.24
C ALA A 311 -8.60 0.11 34.64
N LEU A 312 -8.67 1.25 35.33
CA LEU A 312 -9.19 1.27 36.70
C LEU A 312 -10.65 0.85 36.75
N ASP A 313 -11.48 1.44 35.89
CA ASP A 313 -12.90 1.16 35.87
C ASP A 313 -13.45 1.58 34.51
N PRO A 314 -14.63 1.09 34.14
CA PRO A 314 -15.17 1.45 32.81
C PRO A 314 -15.32 2.95 32.60
N LEU A 315 -15.66 3.71 33.64
CA LEU A 315 -15.80 5.15 33.49
C LEU A 315 -14.48 5.77 33.05
N SER A 316 -13.40 5.46 33.79
CA SER A 316 -12.09 5.99 33.42
C SER A 316 -11.64 5.45 32.06
N GLU A 317 -11.94 4.18 31.79
CA GLU A 317 -11.63 3.62 30.47
C GLU A 317 -12.40 4.34 29.38
N THR A 318 -13.66 4.68 29.64
CA THR A 318 -14.45 5.42 28.66
C THR A 318 -13.83 6.78 28.37
N LYS A 319 -13.19 7.40 29.36
CA LYS A 319 -12.51 8.66 29.13
C LYS A 319 -11.34 8.47 28.17
N CYS A 320 -10.62 7.36 28.30
CA CYS A 320 -9.45 7.12 27.46
C CYS A 320 -9.84 6.97 25.99
N THR A 321 -10.83 6.12 25.71
CA THR A 321 -11.22 5.88 24.32
C THR A 321 -11.78 7.15 23.69
N LEU A 322 -12.45 8.00 24.47
CA LEU A 322 -12.91 9.29 23.98
C LEU A 322 -11.82 10.35 24.02
N LYS A 323 -10.71 10.10 24.73
CA LYS A 323 -9.62 11.06 24.84
C LYS A 323 -10.12 12.41 25.36
N SER A 324 -11.05 12.35 26.30
CA SER A 324 -11.59 13.54 26.92
C SER A 324 -11.94 13.21 28.37
N PHE A 325 -11.84 14.21 29.24
CA PHE A 325 -12.09 14.02 30.66
C PHE A 325 -13.55 14.23 31.04
N THR A 326 -14.40 14.62 30.09
CA THR A 326 -15.84 14.75 30.32
C THR A 326 -16.56 13.83 29.34
N VAL A 327 -17.45 13.00 29.87
CA VAL A 327 -18.21 12.03 29.07
C VAL A 327 -19.68 12.41 29.17
N GLU A 328 -20.30 12.67 28.03
CA GLU A 328 -21.70 13.06 27.99
C GLU A 328 -22.59 11.82 28.11
N LYS A 329 -23.85 12.06 28.45
CA LYS A 329 -24.81 10.96 28.57
C LYS A 329 -24.90 10.18 27.27
N GLY A 330 -24.92 8.87 27.38
CA GLY A 330 -25.01 8.01 26.23
C GLY A 330 -24.38 6.66 26.52
N ILE A 331 -24.16 5.91 25.45
CA ILE A 331 -23.55 4.59 25.51
C ILE A 331 -22.34 4.58 24.57
N TYR A 332 -21.23 4.03 25.05
CA TYR A 332 -19.98 4.04 24.31
C TYR A 332 -19.35 2.66 24.35
N GLN A 333 -18.50 2.40 23.35
CA GLN A 333 -17.73 1.17 23.25
C GLN A 333 -16.32 1.42 23.74
N THR A 334 -15.73 0.41 24.40
CA THR A 334 -14.38 0.51 24.94
C THR A 334 -13.58 -0.72 24.54
N SER A 335 -12.28 -0.52 24.39
CA SER A 335 -11.36 -1.56 23.96
C SER A 335 -10.67 -2.19 25.16
N ASN A 336 -10.40 -3.49 25.05
CA ASN A 336 -9.75 -4.21 26.14
C ASN A 336 -8.33 -3.69 26.37
N PHE A 337 -7.94 -3.65 27.65
CA PHE A 337 -6.61 -3.20 28.03
C PHE A 337 -5.98 -4.08 29.10
N ARG A 338 -6.56 -5.23 29.42
CA ARG A 338 -6.05 -6.09 30.47
C ARG A 338 -4.86 -6.91 29.97
N VAL A 339 -4.15 -7.51 30.92
CA VAL A 339 -2.97 -8.33 30.63
C VAL A 339 -3.30 -9.79 30.89
N GLN A 340 -2.57 -10.68 30.22
CA GLN A 340 -2.83 -12.12 30.31
C GLN A 340 -1.54 -12.87 30.00
N PRO A 341 -0.81 -13.33 31.01
CA PRO A 341 0.40 -14.12 30.73
C PRO A 341 0.04 -15.48 30.13
N THR A 342 1.01 -16.05 29.41
CA THR A 342 0.78 -17.28 28.65
C THR A 342 2.06 -18.10 28.60
N GLU A 343 1.90 -19.42 28.50
CA GLU A 343 3.00 -20.36 28.37
C GLU A 343 2.68 -21.35 27.26
N SER A 344 3.66 -22.17 26.89
CA SER A 344 3.55 -23.14 25.80
C SER A 344 3.43 -24.55 26.37
N ILE A 345 3.35 -25.52 25.46
CA ILE A 345 3.23 -26.93 25.82
C ILE A 345 4.13 -27.74 24.90
N VAL A 346 4.83 -28.72 25.47
CA VAL A 346 5.73 -29.61 24.74
C VAL A 346 5.41 -31.05 25.12
N ARG A 347 5.12 -31.87 24.11
CA ARG A 347 4.88 -33.30 24.30
C ARG A 347 5.45 -34.04 23.10
N PHE A 348 6.11 -35.16 23.34
CA PHE A 348 6.76 -35.94 22.31
C PHE A 348 6.29 -37.38 22.36
N PRO A 349 6.37 -38.12 21.23
CA PRO A 349 5.99 -39.54 21.25
C PRO A 349 7.05 -40.41 21.94
N ASN A 350 6.88 -41.73 21.85
CA ASN A 350 7.83 -42.68 22.42
C ASN A 350 9.10 -42.74 21.55
N ILE A 351 9.87 -41.66 21.62
CA ILE A 351 11.09 -41.51 20.84
C ILE A 351 12.29 -41.67 21.76
N THR A 352 13.12 -42.68 21.47
CA THR A 352 14.35 -42.89 22.22
C THR A 352 15.54 -43.16 21.31
N ASN A 353 15.39 -42.98 20.00
CA ASN A 353 16.46 -43.22 19.05
C ASN A 353 17.27 -41.95 18.82
N LEU A 354 18.34 -42.09 18.02
CA LEU A 354 19.20 -40.98 17.63
C LEU A 354 19.48 -41.07 16.15
N CYS A 355 19.22 -39.97 15.43
CA CYS A 355 19.44 -39.94 13.99
C CYS A 355 20.89 -39.61 13.69
N PRO A 356 21.56 -40.34 12.79
CA PRO A 356 22.97 -39.99 12.48
C PRO A 356 23.09 -38.74 11.61
N PHE A 357 22.95 -37.58 12.24
CA PHE A 357 23.22 -36.33 11.55
C PHE A 357 24.71 -36.15 11.28
N GLY A 358 25.56 -36.92 11.94
CA GLY A 358 26.99 -36.81 11.70
C GLY A 358 27.37 -37.21 10.29
N GLU A 359 26.83 -38.32 9.81
CA GLU A 359 27.23 -38.83 8.50
C GLU A 359 26.82 -37.91 7.36
N VAL A 360 25.96 -36.92 7.61
CA VAL A 360 25.65 -35.89 6.62
C VAL A 360 26.37 -34.58 6.91
N PHE A 361 26.74 -34.32 8.17
CA PHE A 361 27.52 -33.15 8.53
C PHE A 361 28.96 -33.50 8.89
N ASN A 362 29.16 -34.42 9.84
CA ASN A 362 30.48 -34.82 10.27
C ASN A 362 30.96 -36.04 9.49
N ALA A 363 31.07 -35.85 8.17
CA ALA A 363 31.44 -36.93 7.26
C ALA A 363 32.51 -36.44 6.29
N THR A 364 33.33 -37.38 5.82
CA THR A 364 34.38 -37.10 4.86
C THR A 364 33.98 -37.46 3.43
N ARG A 365 32.73 -37.86 3.20
CA ARG A 365 32.28 -38.33 1.89
C ARG A 365 31.11 -37.46 1.46
N PHE A 366 31.40 -36.39 0.72
CA PHE A 366 30.40 -35.51 0.13
C PHE A 366 30.49 -35.58 -1.38
N ALA A 367 29.34 -35.34 -2.03
CA ALA A 367 29.23 -35.42 -3.47
C ALA A 367 29.53 -34.08 -4.12
N SER A 368 29.63 -34.10 -5.45
CA SER A 368 29.95 -32.90 -6.20
C SER A 368 28.75 -31.95 -6.21
N VAL A 369 29.02 -30.71 -6.65
CA VAL A 369 27.99 -29.68 -6.61
C VAL A 369 26.84 -30.03 -7.56
N TYR A 370 27.16 -30.47 -8.78
CA TYR A 370 26.10 -30.78 -9.72
C TYR A 370 25.32 -32.02 -9.29
N ALA A 371 26.02 -33.00 -8.73
CA ALA A 371 25.39 -34.22 -8.21
C ALA A 371 25.29 -34.06 -6.70
N TRP A 372 24.20 -33.45 -6.25
CA TRP A 372 23.98 -33.14 -4.85
C TRP A 372 23.01 -34.15 -4.26
N ASN A 373 23.35 -34.68 -3.09
CA ASN A 373 22.51 -35.69 -2.45
C ASN A 373 21.22 -35.05 -1.94
N ARG A 374 20.25 -35.91 -1.63
CA ARG A 374 18.95 -35.47 -1.12
C ARG A 374 18.46 -36.55 -0.16
N LYS A 375 18.75 -36.37 1.13
CA LYS A 375 18.38 -37.34 2.14
C LYS A 375 17.02 -37.02 2.72
N ARG A 376 16.20 -38.05 2.89
CA ARG A 376 14.86 -37.92 3.44
C ARG A 376 14.93 -38.12 4.95
N ILE A 377 14.51 -37.10 5.69
CA ILE A 377 14.61 -37.10 7.15
C ILE A 377 13.21 -37.38 7.72
N SER A 378 13.12 -38.43 8.52
CA SER A 378 11.87 -38.79 9.20
C SER A 378 12.21 -39.59 10.45
N ASN A 379 11.42 -39.37 11.50
CA ASN A 379 11.61 -40.08 12.77
C ASN A 379 13.02 -39.88 13.31
N CYS A 380 13.60 -38.70 13.05
CA CYS A 380 14.97 -38.40 13.41
C CYS A 380 15.00 -37.40 14.56
N VAL A 381 15.75 -37.73 15.60
CA VAL A 381 15.88 -36.86 16.78
C VAL A 381 16.92 -35.80 16.43
N ALA A 382 16.44 -34.59 16.11
CA ALA A 382 17.33 -33.51 15.73
C ALA A 382 18.15 -33.05 16.92
N ASP A 383 19.43 -32.76 16.66
CA ASP A 383 20.36 -32.27 17.67
C ASP A 383 20.79 -30.86 17.25
N TYR A 384 19.99 -29.86 17.65
CA TYR A 384 20.29 -28.49 17.30
C TYR A 384 21.41 -27.90 18.15
N SER A 385 21.69 -28.48 19.32
CA SER A 385 22.77 -27.97 20.16
C SER A 385 24.11 -28.02 19.43
N VAL A 386 24.37 -29.12 18.72
CA VAL A 386 25.62 -29.24 17.97
C VAL A 386 25.69 -28.22 16.84
N LEU A 387 24.56 -27.64 16.45
CA LEU A 387 24.56 -26.71 15.32
C LEU A 387 25.01 -25.31 15.72
N TYR A 388 24.27 -24.67 16.62
CA TYR A 388 24.53 -23.27 16.95
C TYR A 388 25.61 -23.09 18.01
N ASN A 389 25.84 -24.08 18.87
CA ASN A 389 26.85 -23.97 19.91
C ASN A 389 28.21 -24.52 19.48
N SER A 390 28.35 -24.95 18.23
CA SER A 390 29.59 -25.48 17.71
C SER A 390 30.23 -24.47 16.76
N ALA A 391 31.54 -24.29 16.90
CA ALA A 391 32.28 -23.38 16.03
C ALA A 391 32.58 -24.00 14.67
N SER A 392 32.25 -25.27 14.46
CA SER A 392 32.54 -25.91 13.17
C SER A 392 31.81 -25.20 12.04
N PHE A 393 30.55 -24.84 12.25
CA PHE A 393 29.75 -24.16 11.24
C PHE A 393 29.97 -22.67 11.37
N SER A 394 30.77 -22.11 10.45
CA SER A 394 31.08 -20.68 10.45
C SER A 394 30.14 -19.87 9.57
N THR A 395 29.15 -20.50 8.94
CA THR A 395 28.18 -19.79 8.10
C THR A 395 26.84 -20.52 8.23
N PHE A 396 25.99 -20.03 9.13
CA PHE A 396 24.68 -20.63 9.40
C PHE A 396 23.67 -19.49 9.45
N LYS A 397 23.09 -19.18 8.31
CA LYS A 397 22.10 -18.10 8.18
C LYS A 397 20.87 -18.66 7.48
N CYS A 398 19.74 -18.66 8.18
CA CYS A 398 18.50 -19.19 7.66
C CYS A 398 17.72 -18.11 6.93
N TYR A 399 16.91 -18.53 5.96
CA TYR A 399 16.20 -17.61 5.07
C TYR A 399 14.73 -17.46 5.46
N GLY A 400 13.98 -18.55 5.50
CA GLY A 400 12.54 -18.47 5.66
C GLY A 400 12.07 -18.45 7.10
N VAL A 401 12.91 -18.90 8.03
CA VAL A 401 12.54 -18.97 9.44
C VAL A 401 13.76 -18.62 10.28
N SER A 402 13.53 -17.96 11.40
CA SER A 402 14.64 -17.57 12.26
C SER A 402 15.32 -18.81 12.82
N PRO A 403 16.65 -18.84 12.90
CA PRO A 403 17.31 -20.05 13.44
C PRO A 403 16.89 -20.39 14.85
N THR A 404 16.63 -19.40 15.69
CA THR A 404 16.23 -19.67 17.08
C THR A 404 14.89 -20.37 17.16
N LYS A 405 14.02 -20.21 16.17
CA LYS A 405 12.70 -20.82 16.20
C LYS A 405 12.70 -22.27 15.75
N LEU A 406 13.84 -22.79 15.29
CA LEU A 406 13.89 -24.19 14.86
C LEU A 406 13.56 -25.14 16.01
N ASN A 407 13.84 -24.73 17.25
CA ASN A 407 13.60 -25.57 18.42
C ASN A 407 12.17 -25.46 18.94
N ASP A 408 11.24 -24.97 18.11
CA ASP A 408 9.85 -24.82 18.50
C ASP A 408 8.88 -25.62 17.64
N LEU A 409 9.37 -26.30 16.61
CA LEU A 409 8.53 -27.05 15.70
C LEU A 409 9.18 -28.39 15.40
N CYS A 410 8.38 -29.45 15.37
CA CYS A 410 8.85 -30.79 14.99
C CYS A 410 8.31 -31.11 13.60
N PHE A 411 9.22 -31.52 12.71
CA PHE A 411 8.97 -31.50 11.27
C PHE A 411 8.44 -32.84 10.74
N THR A 412 9.22 -33.91 10.91
CA THR A 412 9.00 -35.26 10.40
C THR A 412 9.32 -35.35 8.90
N ASN A 413 9.62 -34.24 8.22
CA ASN A 413 9.92 -34.29 6.80
C ASN A 413 10.77 -33.07 6.46
N VAL A 414 12.07 -33.29 6.33
CA VAL A 414 13.03 -32.25 5.98
C VAL A 414 13.95 -32.80 4.90
N TYR A 415 14.10 -32.06 3.80
CA TYR A 415 15.00 -32.44 2.73
C TYR A 415 16.37 -31.83 3.01
N ALA A 416 17.38 -32.67 3.18
CA ALA A 416 18.74 -32.26 3.46
C ALA A 416 19.59 -32.50 2.22
N ASP A 417 20.22 -31.45 1.72
CA ASP A 417 21.09 -31.52 0.54
C ASP A 417 22.51 -31.20 0.95
N SER A 418 23.44 -32.08 0.60
CA SER A 418 24.85 -31.94 0.94
C SER A 418 25.69 -31.95 -0.32
N PHE A 419 26.60 -31.00 -0.42
CA PHE A 419 27.52 -30.92 -1.54
C PHE A 419 28.63 -29.93 -1.18
N VAL A 420 29.71 -29.97 -1.96
CA VAL A 420 30.91 -29.18 -1.69
C VAL A 420 31.07 -28.16 -2.82
N ILE A 421 31.31 -26.90 -2.44
CA ILE A 421 31.51 -25.83 -3.40
C ILE A 421 32.69 -24.98 -2.94
N ARG A 422 33.21 -24.18 -3.87
CA ARG A 422 34.29 -23.26 -3.57
C ARG A 422 33.80 -22.20 -2.59
N GLY A 423 34.71 -21.75 -1.72
CA GLY A 423 34.33 -20.79 -0.69
C GLY A 423 33.78 -19.50 -1.26
N ASP A 424 34.39 -19.00 -2.33
CA ASP A 424 33.93 -17.74 -2.92
C ASP A 424 32.52 -17.84 -3.47
N GLU A 425 32.02 -19.05 -3.72
CA GLU A 425 30.67 -19.25 -4.24
C GLU A 425 29.65 -19.51 -3.13
N VAL A 426 30.05 -19.43 -1.86
CA VAL A 426 29.10 -19.69 -0.78
C VAL A 426 27.98 -18.67 -0.80
N ARG A 427 28.31 -17.40 -1.07
CA ARG A 427 27.28 -16.38 -1.18
C ARG A 427 26.33 -16.64 -2.35
N GLN A 428 26.78 -17.36 -3.37
CA GLN A 428 25.95 -17.62 -4.54
C GLN A 428 24.78 -18.55 -4.22
N ILE A 429 24.88 -19.35 -3.15
CA ILE A 429 23.81 -20.25 -2.77
C ILE A 429 22.78 -19.49 -1.95
N ALA A 430 21.78 -18.92 -2.62
CA ALA A 430 20.75 -18.15 -1.94
C ALA A 430 19.52 -18.13 -2.84
N PRO A 431 18.34 -17.81 -2.28
CA PRO A 431 17.12 -17.82 -3.09
C PRO A 431 17.18 -16.78 -4.21
N GLY A 432 17.12 -17.26 -5.45
CA GLY A 432 17.03 -16.38 -6.59
C GLY A 432 18.19 -15.43 -6.76
N GLN A 433 19.41 -15.93 -6.63
CA GLN A 433 20.62 -15.15 -6.88
C GLN A 433 21.35 -15.74 -8.08
N THR A 434 21.66 -14.88 -9.05
CA THR A 434 22.34 -15.34 -10.26
C THR A 434 23.75 -15.80 -9.94
N GLY A 435 24.25 -16.71 -10.76
CA GLY A 435 25.60 -17.22 -10.59
C GLY A 435 25.79 -18.51 -11.35
N LYS A 436 27.05 -18.92 -11.44
CA LYS A 436 27.39 -20.13 -12.18
C LYS A 436 26.80 -21.36 -11.52
N ILE A 437 27.05 -21.55 -10.22
CA ILE A 437 26.47 -22.68 -9.51
C ILE A 437 24.97 -22.50 -9.37
N ALA A 438 24.51 -21.27 -9.16
CA ALA A 438 23.09 -21.01 -8.98
C ALA A 438 22.26 -21.42 -10.19
N ASP A 439 22.85 -21.36 -11.38
CA ASP A 439 22.10 -21.58 -12.62
C ASP A 439 22.42 -22.89 -13.32
N TYR A 440 23.63 -23.43 -13.13
CA TYR A 440 24.06 -24.61 -13.88
C TYR A 440 24.35 -25.83 -13.02
N ASN A 441 24.43 -25.68 -11.69
CA ASN A 441 24.68 -26.81 -10.80
C ASN A 441 23.57 -27.01 -9.79
N TYR A 442 23.13 -25.94 -9.11
CA TYR A 442 22.08 -26.05 -8.10
C TYR A 442 21.30 -24.76 -8.07
N LYS A 443 19.98 -24.86 -8.25
CA LYS A 443 19.09 -23.71 -8.29
C LYS A 443 18.11 -23.81 -7.12
N LEU A 444 18.00 -22.72 -6.33
CA LEU A 444 17.11 -22.68 -5.19
C LEU A 444 15.80 -21.98 -5.56
N PRO A 445 14.67 -22.38 -4.98
CA PRO A 445 13.41 -21.68 -5.28
C PRO A 445 13.43 -20.26 -4.74
N ASP A 446 12.68 -19.39 -5.43
CA ASP A 446 12.61 -18.00 -5.01
C ASP A 446 11.99 -17.87 -3.63
N ASP A 447 10.91 -18.59 -3.37
CA ASP A 447 10.25 -18.59 -2.08
C ASP A 447 10.79 -19.70 -1.18
N PHE A 448 12.11 -19.72 -1.02
CA PHE A 448 12.76 -20.76 -0.24
C PHE A 448 12.38 -20.65 1.24
N THR A 449 12.16 -21.81 1.87
CA THR A 449 11.81 -21.88 3.29
C THR A 449 12.74 -22.93 3.93
N GLY A 450 13.90 -22.47 4.37
CA GLY A 450 14.86 -23.39 4.98
C GLY A 450 16.11 -22.64 5.38
N CYS A 451 17.06 -23.41 5.91
CA CYS A 451 18.32 -22.86 6.41
C CYS A 451 19.49 -23.47 5.62
N VAL A 452 20.55 -22.67 5.50
CA VAL A 452 21.76 -23.06 4.77
C VAL A 452 22.93 -23.03 5.75
N ILE A 453 23.71 -24.11 5.75
CA ILE A 453 24.88 -24.24 6.61
C ILE A 453 26.10 -24.44 5.72
N ALA A 454 27.15 -23.67 5.98
CA ALA A 454 28.39 -23.76 5.22
C ALA A 454 29.58 -23.60 6.16
N TRP A 455 30.68 -24.24 5.82
CA TRP A 455 31.89 -24.16 6.62
C TRP A 455 33.08 -24.58 5.79
N ASN A 456 34.27 -24.19 6.24
CA ASN A 456 35.51 -24.54 5.56
C ASN A 456 35.94 -25.95 5.93
N SER A 457 36.44 -26.70 4.95
CA SER A 457 36.79 -28.11 5.12
C SER A 457 38.16 -28.40 4.51
N ASN A 458 39.14 -27.55 4.80
CA ASN A 458 40.49 -27.78 4.30
C ASN A 458 41.13 -29.03 4.88
N ASN A 459 40.61 -29.53 6.01
CA ASN A 459 41.22 -30.70 6.64
C ASN A 459 41.14 -31.92 5.74
N LEU A 460 40.00 -32.12 5.07
CA LEU A 460 39.80 -33.29 4.23
C LEU A 460 39.92 -33.00 2.75
N ASP A 461 39.84 -31.73 2.34
CA ASP A 461 39.91 -31.36 0.94
C ASP A 461 41.33 -31.08 0.46
N SER A 462 42.32 -31.09 1.34
CA SER A 462 43.70 -30.79 1.01
C SER A 462 44.56 -32.04 1.18
N LYS A 463 45.72 -32.01 0.54
CA LYS A 463 46.68 -33.12 0.61
C LYS A 463 47.62 -32.93 1.80
N GLY A 466 46.55 -32.90 -6.42
CA GLY A 466 45.27 -32.36 -6.03
C GLY A 466 44.14 -33.35 -6.20
N ASN A 467 42.94 -32.97 -5.76
CA ASN A 467 41.76 -33.81 -5.86
C ASN A 467 41.01 -33.51 -7.14
N TYR A 468 40.72 -34.56 -7.92
CA TYR A 468 40.02 -34.44 -9.19
C TYR A 468 38.69 -35.19 -9.16
N ASN A 469 38.04 -35.22 -8.00
CA ASN A 469 36.78 -35.94 -7.82
C ASN A 469 35.56 -35.04 -7.72
N TYR A 470 35.72 -33.81 -7.24
CA TYR A 470 34.60 -32.86 -7.11
C TYR A 470 34.54 -32.02 -8.38
N LEU A 471 33.54 -32.30 -9.21
CA LEU A 471 33.39 -31.67 -10.51
C LEU A 471 32.25 -30.66 -10.46
N TYR A 472 32.46 -29.50 -11.09
CA TYR A 472 31.46 -28.44 -11.12
C TYR A 472 31.29 -27.94 -12.55
N ARG A 473 30.04 -27.73 -12.95
CA ARG A 473 29.72 -27.41 -14.34
C ARG A 473 30.24 -26.03 -14.71
N LEU A 474 30.61 -25.89 -15.99
CA LEU A 474 31.06 -24.62 -16.56
C LEU A 474 30.18 -24.12 -17.69
N PHE A 475 29.66 -25.03 -18.53
CA PHE A 475 28.87 -24.66 -19.69
C PHE A 475 27.55 -25.42 -19.66
N ARG A 476 26.48 -24.74 -20.08
CA ARG A 476 25.18 -25.37 -20.15
C ARG A 476 24.30 -24.57 -21.09
N LYS A 477 23.41 -25.27 -21.79
CA LYS A 477 22.53 -24.61 -22.75
C LYS A 477 21.58 -23.65 -22.06
N SER A 478 21.03 -24.06 -20.91
CA SER A 478 20.06 -23.23 -20.20
C SER A 478 20.21 -23.44 -18.70
N ASN A 479 19.72 -22.48 -17.94
CA ASN A 479 19.83 -22.53 -16.49
C ASN A 479 18.92 -23.62 -15.92
N LEU A 480 19.35 -24.19 -14.80
CA LEU A 480 18.58 -25.24 -14.14
C LEU A 480 17.37 -24.66 -13.44
N LYS A 481 16.26 -25.40 -13.49
CA LYS A 481 15.10 -25.05 -12.70
C LYS A 481 15.34 -25.41 -11.23
N PRO A 482 14.55 -24.84 -10.32
CA PRO A 482 14.78 -25.10 -8.89
C PRO A 482 14.70 -26.58 -8.57
N PHE A 483 15.60 -27.04 -7.71
CA PHE A 483 15.65 -28.42 -7.25
C PHE A 483 15.70 -29.40 -8.42
N GLU A 484 16.80 -29.30 -9.18
CA GLU A 484 17.05 -30.21 -10.29
C GLU A 484 18.51 -30.62 -10.28
N ARG A 485 18.75 -31.90 -10.57
CA ARG A 485 20.09 -32.46 -10.62
C ARG A 485 20.36 -32.98 -12.03
N ASP A 486 21.53 -32.64 -12.56
CA ASP A 486 21.94 -33.03 -13.90
C ASP A 486 23.10 -33.99 -13.82
N ILE A 487 22.95 -35.16 -14.45
CA ILE A 487 24.01 -36.17 -14.53
C ILE A 487 24.09 -36.63 -15.98
N SER A 488 25.03 -36.06 -16.73
CA SER A 488 25.19 -36.41 -18.14
C SER A 488 26.54 -35.91 -18.62
N THR A 489 27.33 -36.80 -19.21
CA THR A 489 28.62 -36.44 -19.79
C THR A 489 28.48 -36.06 -21.25
N GLU A 490 27.58 -35.12 -21.53
CA GLU A 490 27.30 -34.69 -22.90
C GLU A 490 28.23 -33.53 -23.25
N ILE A 491 28.99 -33.70 -24.34
CA ILE A 491 29.90 -32.66 -24.79
C ILE A 491 29.09 -31.41 -25.16
N TYR A 492 29.54 -30.26 -24.69
CA TYR A 492 28.82 -29.02 -24.95
C TYR A 492 29.03 -28.57 -26.39
N GLN A 493 27.97 -28.04 -26.99
CA GLN A 493 28.04 -27.52 -28.36
C GLN A 493 28.43 -26.05 -28.30
N ALA A 494 29.66 -25.81 -27.82
CA ALA A 494 30.14 -24.45 -27.62
C ALA A 494 30.23 -23.69 -28.94
N GLY A 495 30.76 -24.34 -29.98
CA GLY A 495 30.93 -23.69 -31.27
C GLY A 495 29.66 -23.69 -32.09
N SER A 496 29.73 -22.97 -33.22
CA SER A 496 28.59 -22.92 -34.12
C SER A 496 28.34 -24.27 -34.77
N THR A 497 29.39 -24.93 -35.23
CA THR A 497 29.24 -26.25 -35.86
C THR A 497 28.92 -27.29 -34.79
N PRO A 498 27.86 -28.08 -34.93
CA PRO A 498 27.58 -29.10 -33.92
C PRO A 498 28.45 -30.34 -34.10
N CYS A 499 28.83 -30.92 -32.96
CA CYS A 499 29.60 -32.16 -32.93
C CYS A 499 28.88 -33.18 -32.07
N ASN A 500 28.84 -34.42 -32.55
CA ASN A 500 28.13 -35.50 -31.89
C ASN A 500 29.04 -36.69 -31.68
N GLY A 501 28.77 -37.45 -30.62
CA GLY A 501 29.52 -38.64 -30.33
C GLY A 501 30.87 -38.35 -29.70
N VAL A 502 31.77 -37.74 -30.47
CA VAL A 502 33.12 -37.44 -30.04
C VAL A 502 33.34 -35.94 -30.13
N GLU A 503 33.91 -35.35 -29.09
CA GLU A 503 34.21 -33.92 -29.10
C GLU A 503 35.14 -33.58 -30.26
N GLY A 504 34.78 -32.53 -30.99
CA GLY A 504 35.57 -32.09 -32.13
C GLY A 504 35.96 -30.63 -32.04
N PHE A 505 35.63 -29.86 -33.06
CA PHE A 505 35.98 -28.44 -33.08
C PHE A 505 35.06 -27.66 -32.14
N ASN A 506 35.67 -26.87 -31.25
CA ASN A 506 34.93 -26.05 -30.29
C ASN A 506 33.97 -26.91 -29.47
N CYS A 507 34.43 -28.11 -29.10
CA CYS A 507 33.69 -29.02 -28.25
C CYS A 507 34.50 -29.26 -26.98
N TYR A 508 33.88 -29.00 -25.83
CA TYR A 508 34.58 -29.08 -24.56
C TYR A 508 33.70 -29.78 -23.53
N PHE A 509 34.35 -30.40 -22.55
CA PHE A 509 33.62 -31.08 -21.48
C PHE A 509 33.16 -30.05 -20.46
N PRO A 510 31.87 -29.95 -20.15
CA PRO A 510 31.42 -28.87 -19.25
C PRO A 510 31.98 -28.97 -17.84
N LEU A 511 32.49 -30.12 -17.42
CA LEU A 511 32.84 -30.37 -16.03
C LEU A 511 34.36 -30.39 -15.89
N GLN A 512 34.89 -29.60 -14.95
CA GLN A 512 36.25 -29.80 -14.47
C GLN A 512 36.25 -29.60 -12.95
N SER A 513 37.27 -30.14 -12.30
CA SER A 513 37.34 -30.18 -10.86
C SER A 513 38.13 -28.99 -10.33
N TYR A 514 38.40 -29.00 -9.03
CA TYR A 514 39.21 -27.99 -8.35
C TYR A 514 40.59 -28.54 -8.08
N GLY A 515 41.62 -27.76 -8.38
CA GLY A 515 42.98 -28.15 -8.06
C GLY A 515 43.32 -27.89 -6.61
N PHE A 516 42.70 -28.64 -5.70
CA PHE A 516 42.95 -28.45 -4.28
C PHE A 516 44.41 -28.70 -3.95
N GLN A 517 44.97 -27.85 -3.09
CA GLN A 517 46.36 -27.96 -2.70
C GLN A 517 46.54 -27.24 -1.37
N PRO A 518 47.34 -27.77 -0.44
CA PRO A 518 47.55 -27.04 0.82
C PRO A 518 48.16 -25.65 0.61
N THR A 519 48.98 -25.49 -0.44
CA THR A 519 49.58 -24.19 -0.73
C THR A 519 48.62 -23.25 -1.45
N ASN A 520 47.43 -23.72 -1.83
CA ASN A 520 46.48 -22.87 -2.55
C ASN A 520 46.06 -21.70 -1.67
N GLY A 521 45.87 -20.54 -2.30
CA GLY A 521 45.54 -19.33 -1.58
C GLY A 521 44.11 -19.33 -1.07
N VAL A 522 43.82 -18.35 -0.21
CA VAL A 522 42.49 -18.23 0.39
C VAL A 522 41.47 -17.88 -0.69
N GLY A 523 40.23 -18.27 -0.45
CA GLY A 523 39.13 -18.06 -1.38
C GLY A 523 38.90 -19.23 -2.30
N TYR A 524 39.99 -19.81 -2.82
CA TYR A 524 39.88 -21.02 -3.63
C TYR A 524 39.56 -22.24 -2.77
N GLN A 525 39.77 -22.15 -1.46
CA GLN A 525 39.54 -23.29 -0.59
C GLN A 525 38.08 -23.70 -0.63
N PRO A 526 37.77 -25.00 -0.63
CA PRO A 526 36.36 -25.41 -0.68
C PRO A 526 35.68 -25.29 0.68
N TYR A 527 34.39 -25.00 0.62
CA TYR A 527 33.54 -24.94 1.80
C TYR A 527 32.41 -25.94 1.63
N ARG A 528 32.27 -26.86 2.59
CA ARG A 528 31.18 -27.82 2.56
C ARG A 528 29.89 -27.14 2.99
N VAL A 529 28.86 -27.26 2.15
CA VAL A 529 27.59 -26.58 2.35
C VAL A 529 26.49 -27.62 2.45
N VAL A 530 25.64 -27.48 3.46
CA VAL A 530 24.46 -28.32 3.64
C VAL A 530 23.23 -27.42 3.55
N VAL A 531 22.28 -27.79 2.71
CA VAL A 531 21.06 -27.02 2.48
C VAL A 531 19.88 -27.84 2.98
N LEU A 532 19.05 -27.22 3.80
CA LEU A 532 17.86 -27.86 4.35
C LEU A 532 16.62 -27.15 3.80
N SER A 533 15.64 -27.94 3.35
CA SER A 533 14.37 -27.42 2.86
C SER A 533 13.25 -27.96 3.74
N PHE A 534 12.32 -27.08 4.10
CA PHE A 534 11.25 -27.40 5.02
C PHE A 534 9.91 -27.39 4.31
N GLU A 535 8.93 -28.02 4.95
CA GLU A 535 7.56 -28.11 4.46
C GLU A 535 6.68 -27.09 5.17
N LEU A 536 5.49 -26.88 4.63
CA LEU A 536 4.56 -25.91 5.18
C LEU A 536 3.57 -26.51 6.18
N LEU A 537 3.57 -27.84 6.34
CA LEU A 537 2.62 -28.49 7.24
C LEU A 537 3.18 -28.69 8.65
N HIS A 538 4.47 -29.02 8.76
CA HIS A 538 5.16 -29.02 10.05
C HIS A 538 4.57 -30.03 11.04
N ALA A 539 3.62 -30.83 10.60
CA ALA A 539 2.69 -31.48 11.53
C ALA A 539 3.28 -32.61 12.37
N PRO A 540 3.67 -33.75 11.78
CA PRO A 540 3.52 -35.02 12.50
C PRO A 540 4.28 -35.15 13.82
N ALA A 541 5.62 -35.20 13.82
CA ALA A 541 6.36 -35.43 15.07
C ALA A 541 7.87 -35.59 14.87
N THR A 542 8.58 -35.68 15.99
CA THR A 542 9.86 -36.39 16.17
C THR A 542 11.12 -35.70 15.64
N VAL A 543 11.03 -34.59 14.92
CA VAL A 543 12.23 -33.94 14.37
C VAL A 543 12.30 -32.54 14.98
N CYS A 544 12.94 -32.44 16.14
CA CYS A 544 13.06 -31.20 16.88
C CYS A 544 14.06 -31.45 18.02
N GLY A 545 14.44 -30.37 18.70
CA GLY A 545 15.53 -30.42 19.64
C GLY A 545 15.26 -31.34 20.81
N PRO A 546 16.33 -31.79 21.50
CA PRO A 546 16.13 -32.72 22.63
C PRO A 546 15.72 -32.00 23.91
N LYS A 547 14.42 -31.75 24.03
CA LYS A 547 13.85 -31.02 25.15
C LYS A 547 12.91 -31.92 25.94
N LYS A 548 12.75 -31.59 27.21
CA LYS A 548 11.90 -32.35 28.13
C LYS A 548 10.51 -31.72 28.19
N SER A 549 9.49 -32.57 28.16
CA SER A 549 8.12 -32.09 28.13
C SER A 549 7.80 -31.30 29.40
N THR A 550 7.08 -30.19 29.23
CA THR A 550 6.72 -29.31 30.32
C THR A 550 5.31 -29.65 30.81
N ASN A 551 4.78 -28.84 31.72
CA ASN A 551 3.48 -29.08 32.31
C ASN A 551 2.36 -28.60 31.38
N LEU A 552 1.13 -28.88 31.77
CA LEU A 552 -0.06 -28.45 31.04
C LEU A 552 -0.91 -27.56 31.94
N VAL A 553 -1.80 -26.78 31.32
CA VAL A 553 -2.50 -25.70 32.01
C VAL A 553 -3.91 -26.08 32.45
N LYS A 554 -4.41 -27.26 32.09
CA LYS A 554 -5.74 -27.72 32.49
C LYS A 554 -6.82 -26.74 32.01
N ASN A 555 -6.96 -26.65 30.69
CA ASN A 555 -8.01 -25.86 30.05
C ASN A 555 -7.91 -24.38 30.45
N LYS A 556 -6.82 -23.75 30.05
CA LYS A 556 -6.57 -22.34 30.31
C LYS A 556 -6.25 -21.63 28.99
N CYS A 557 -6.47 -20.32 28.99
CA CYS A 557 -6.20 -19.48 27.83
C CYS A 557 -4.69 -19.41 27.61
N VAL A 558 -4.18 -20.22 26.69
CA VAL A 558 -2.75 -20.31 26.41
C VAL A 558 -2.54 -20.49 24.92
N ASN A 559 -1.28 -20.36 24.49
CA ASN A 559 -0.90 -20.56 23.10
C ASN A 559 -0.62 -22.05 22.87
N PHE A 560 -1.70 -22.83 22.86
CA PHE A 560 -1.56 -24.26 22.67
C PHE A 560 -0.90 -24.54 21.32
N ASN A 561 0.09 -25.43 21.33
CA ASN A 561 0.84 -25.80 20.14
C ASN A 561 0.58 -27.27 19.85
N PHE A 562 -0.17 -27.53 18.79
CA PHE A 562 -0.49 -28.89 18.36
C PHE A 562 0.16 -29.13 17.01
N ASN A 563 1.05 -30.12 16.96
CA ASN A 563 1.74 -30.54 15.74
C ASN A 563 2.68 -29.47 15.19
N GLY A 564 2.88 -28.38 15.92
CA GLY A 564 3.77 -27.32 15.47
C GLY A 564 3.09 -25.98 15.34
N LEU A 565 1.87 -25.97 14.82
CA LEU A 565 1.11 -24.74 14.68
C LEU A 565 0.58 -24.30 16.04
N THR A 566 0.63 -23.00 16.29
CA THR A 566 0.20 -22.42 17.56
C THR A 566 -1.19 -21.82 17.42
N GLY A 567 -1.72 -21.33 18.53
CA GLY A 567 -3.05 -20.73 18.55
C GLY A 567 -3.53 -20.49 19.97
N THR A 568 -4.36 -19.47 20.16
CA THR A 568 -4.86 -19.10 21.47
C THR A 568 -6.23 -19.71 21.70
N GLY A 569 -6.41 -20.36 22.84
CA GLY A 569 -7.68 -20.93 23.18
C GLY A 569 -7.56 -21.89 24.34
N VAL A 570 -8.71 -22.37 24.78
CA VAL A 570 -8.82 -23.32 25.88
C VAL A 570 -9.18 -24.68 25.29
N LEU A 571 -8.65 -25.75 25.89
CA LEU A 571 -8.89 -27.10 25.40
C LEU A 571 -10.38 -27.37 25.29
N THR A 572 -10.86 -27.56 24.06
CA THR A 572 -12.28 -27.77 23.78
C THR A 572 -12.47 -29.20 23.28
N GLU A 573 -13.03 -30.05 24.13
CA GLU A 573 -13.26 -31.44 23.75
C GLU A 573 -14.35 -31.50 22.68
N SER A 574 -14.15 -32.39 21.71
CA SER A 574 -15.08 -32.56 20.59
C SER A 574 -15.32 -34.04 20.35
N ASN A 575 -16.53 -34.36 19.90
CA ASN A 575 -16.93 -35.73 19.60
C ASN A 575 -17.34 -35.91 18.14
N LYS A 576 -17.16 -34.91 17.29
CA LYS A 576 -17.53 -35.03 15.89
C LYS A 576 -16.69 -36.10 15.22
N LYS A 577 -17.31 -36.82 14.29
CA LYS A 577 -16.65 -37.93 13.59
C LYS A 577 -15.94 -37.39 12.36
N PHE A 578 -14.61 -37.25 12.48
CA PHE A 578 -13.79 -36.79 11.38
C PHE A 578 -13.26 -37.98 10.59
N LEU A 579 -12.68 -37.71 9.42
CA LEU A 579 -12.17 -38.78 8.59
C LEU A 579 -10.81 -39.25 9.08
N PRO A 580 -10.43 -40.50 8.81
CA PRO A 580 -9.14 -41.00 9.30
C PRO A 580 -7.95 -40.23 8.76
N PHE A 581 -8.04 -39.70 7.54
CA PHE A 581 -6.92 -39.06 6.87
C PHE A 581 -7.02 -37.54 7.08
N GLN A 582 -6.63 -37.09 8.27
CA GLN A 582 -6.69 -35.68 8.59
C GLN A 582 -5.63 -35.33 9.62
N GLN A 583 -5.19 -34.08 9.57
CA GLN A 583 -4.25 -33.52 10.53
C GLN A 583 -4.79 -32.28 11.23
N PHE A 584 -5.51 -31.43 10.51
CA PHE A 584 -6.11 -30.24 11.10
C PHE A 584 -7.26 -29.77 10.22
N GLY A 585 -8.12 -28.95 10.79
CA GLY A 585 -9.27 -28.40 10.08
C GLY A 585 -9.19 -26.89 10.02
N ARG A 586 -9.81 -26.32 8.99
CA ARG A 586 -9.80 -24.88 8.76
C ARG A 586 -11.23 -24.41 8.49
N ASP A 587 -11.49 -23.16 8.88
CA ASP A 587 -12.81 -22.56 8.72
C ASP A 587 -12.88 -21.83 7.38
N ILE A 588 -13.95 -21.03 7.21
CA ILE A 588 -14.13 -20.30 5.96
C ILE A 588 -12.98 -19.32 5.73
N ALA A 589 -12.53 -18.66 6.79
CA ALA A 589 -11.45 -17.68 6.70
C ALA A 589 -10.07 -18.32 6.66
N ASP A 590 -9.97 -19.63 6.41
CA ASP A 590 -8.70 -20.33 6.35
C ASP A 590 -7.91 -20.15 7.65
N THR A 591 -8.60 -20.29 8.77
CA THR A 591 -8.00 -20.25 10.09
C THR A 591 -8.32 -21.55 10.81
N THR A 592 -7.38 -22.03 11.62
CA THR A 592 -7.55 -23.31 12.28
C THR A 592 -8.76 -23.28 13.20
N ASP A 593 -9.61 -24.30 13.07
CA ASP A 593 -10.78 -24.45 13.93
C ASP A 593 -10.99 -25.87 14.45
N ALA A 594 -10.31 -26.87 13.91
CA ALA A 594 -10.35 -28.22 14.44
C ALA A 594 -8.99 -28.87 14.22
N VAL A 595 -8.65 -29.82 15.09
CA VAL A 595 -7.37 -30.49 15.03
C VAL A 595 -7.47 -31.78 15.83
N ARG A 596 -6.57 -32.72 15.54
CA ARG A 596 -6.54 -34.02 16.21
C ARG A 596 -5.24 -34.14 17.01
N ASP A 597 -5.37 -34.67 18.22
CA ASP A 597 -4.21 -34.87 19.08
C ASP A 597 -3.25 -35.85 18.43
N PRO A 598 -1.98 -35.48 18.20
CA PRO A 598 -1.05 -36.42 17.55
C PRO A 598 -0.82 -37.70 18.33
N GLN A 599 -1.06 -37.71 19.64
CA GLN A 599 -0.78 -38.88 20.46
C GLN A 599 -1.95 -39.86 20.47
N THR A 600 -3.11 -39.42 20.94
CA THR A 600 -4.29 -40.28 21.03
C THR A 600 -5.15 -40.26 19.77
N LEU A 601 -4.89 -39.35 18.83
CA LEU A 601 -5.65 -39.25 17.60
C LEU A 601 -7.14 -39.08 17.91
N GLU A 602 -7.45 -38.08 18.72
CA GLU A 602 -8.81 -37.77 19.10
C GLU A 602 -9.30 -36.57 18.28
N ILE A 603 -10.50 -36.09 18.59
CA ILE A 603 -11.11 -34.95 17.92
C ILE A 603 -11.33 -33.86 18.96
N LEU A 604 -10.88 -32.64 18.66
CA LEU A 604 -11.04 -31.53 19.58
C LEU A 604 -11.11 -30.24 18.77
N ASP A 605 -11.68 -29.22 19.39
CA ASP A 605 -11.92 -27.92 18.76
C ASP A 605 -11.04 -26.86 19.41
N ILE A 606 -11.14 -25.63 18.90
CA ILE A 606 -10.39 -24.49 19.38
C ILE A 606 -11.37 -23.43 19.85
N THR A 607 -11.11 -22.86 21.03
CA THR A 607 -12.01 -21.91 21.69
C THR A 607 -11.25 -20.62 21.98
N PRO A 608 -11.20 -19.68 21.04
CA PRO A 608 -10.52 -18.41 21.30
C PRO A 608 -11.18 -17.65 22.46
N CYS A 609 -10.35 -16.87 23.16
CA CYS A 609 -10.78 -16.17 24.37
C CYS A 609 -10.07 -14.81 24.43
N SER A 610 -10.76 -13.76 24.02
CA SER A 610 -10.25 -12.39 24.09
C SER A 610 -11.17 -11.46 24.87
N PHE A 611 -12.46 -11.45 24.55
CA PHE A 611 -13.46 -10.63 25.23
C PHE A 611 -13.12 -9.14 25.12
N GLY A 612 -13.21 -8.65 23.88
CA GLY A 612 -13.07 -7.23 23.61
C GLY A 612 -14.39 -6.51 23.39
N GLY A 613 -15.47 -7.26 23.27
CA GLY A 613 -16.78 -6.71 22.96
C GLY A 613 -17.55 -6.18 24.15
N VAL A 614 -17.19 -4.99 24.65
CA VAL A 614 -17.81 -4.40 25.82
C VAL A 614 -18.26 -2.99 25.49
N SER A 615 -19.30 -2.54 26.19
CA SER A 615 -19.79 -1.18 26.07
C SER A 615 -20.00 -0.60 27.47
N VAL A 616 -19.97 0.73 27.55
CA VAL A 616 -20.10 1.45 28.82
C VAL A 616 -21.30 2.37 28.72
N ILE A 617 -22.16 2.32 29.73
CA ILE A 617 -23.36 3.14 29.79
C ILE A 617 -23.22 4.06 31.01
N THR A 618 -23.32 5.36 30.78
CA THR A 618 -23.16 6.30 31.88
C THR A 618 -23.83 7.61 31.54
N PRO A 619 -24.46 8.30 32.50
CA PRO A 619 -24.93 9.66 32.23
C PRO A 619 -23.78 10.64 32.22
N GLY A 620 -24.08 11.94 32.10
CA GLY A 620 -23.03 12.95 32.10
C GLY A 620 -22.17 12.87 33.35
N THR A 621 -20.85 12.95 33.17
CA THR A 621 -19.94 12.86 34.32
C THR A 621 -20.24 13.94 35.35
N ASN A 622 -20.69 15.12 34.91
CA ASN A 622 -21.08 16.16 35.84
C ASN A 622 -22.29 15.76 36.68
N THR A 623 -23.08 14.80 36.20
CA THR A 623 -24.28 14.37 36.92
C THR A 623 -23.98 13.30 37.94
N SER A 624 -23.30 12.23 37.53
CA SER A 624 -22.99 11.13 38.45
C SER A 624 -21.82 10.33 37.88
N ASN A 625 -21.21 9.54 38.75
CA ASN A 625 -20.13 8.65 38.36
C ASN A 625 -20.57 7.20 38.22
N GLN A 626 -21.81 6.88 38.54
CA GLN A 626 -22.29 5.51 38.40
C GLN A 626 -22.30 5.10 36.94
N VAL A 627 -21.94 3.84 36.68
CA VAL A 627 -21.78 3.33 35.33
C VAL A 627 -22.34 1.92 35.26
N ALA A 628 -23.02 1.61 34.15
CA ALA A 628 -23.50 0.28 33.85
C ALA A 628 -22.79 -0.23 32.61
N VAL A 629 -22.35 -1.48 32.65
CA VAL A 629 -21.56 -2.08 31.58
C VAL A 629 -22.44 -3.11 30.88
N LEU A 630 -22.40 -3.10 29.54
CA LEU A 630 -23.14 -4.05 28.71
C LEU A 630 -22.16 -4.86 27.89
N TYR A 631 -22.36 -6.18 27.84
CA TYR A 631 -21.53 -7.09 27.07
C TYR A 631 -22.38 -7.67 25.95
N GLN A 632 -22.04 -7.34 24.71
CA GLN A 632 -22.87 -7.70 23.57
C GLN A 632 -22.85 -9.21 23.35
N ASP A 633 -24.04 -9.81 23.30
CA ASP A 633 -24.20 -11.22 22.93
C ASP A 633 -23.31 -12.11 23.79
N VAL A 634 -23.24 -11.81 25.08
CA VAL A 634 -22.42 -12.57 26.03
C VAL A 634 -23.35 -13.12 27.11
N ASN A 635 -23.28 -14.44 27.31
CA ASN A 635 -24.06 -15.06 28.37
C ASN A 635 -23.64 -14.51 29.72
N CYS A 636 -24.62 -14.22 30.56
CA CYS A 636 -24.32 -13.67 31.89
C CYS A 636 -23.52 -14.66 32.72
N THR A 637 -23.81 -15.95 32.60
CA THR A 637 -23.09 -16.95 33.37
C THR A 637 -21.65 -17.12 32.93
N GLU A 638 -21.34 -16.80 31.68
CA GLU A 638 -19.99 -16.98 31.15
C GLU A 638 -19.10 -15.77 31.34
N VAL A 639 -19.59 -14.70 31.96
CA VAL A 639 -18.77 -13.51 32.15
C VAL A 639 -17.54 -13.81 33.01
N PRO A 640 -17.65 -14.47 34.16
CA PRO A 640 -16.43 -14.69 34.97
C PRO A 640 -15.35 -15.48 34.26
N VAL A 641 -15.72 -16.46 33.43
CA VAL A 641 -14.72 -17.21 32.68
C VAL A 641 -14.12 -16.35 31.59
N ALA A 642 -14.94 -15.57 30.89
CA ALA A 642 -14.45 -14.75 29.79
C ALA A 642 -13.51 -13.66 30.28
N ILE A 643 -13.84 -13.03 31.41
CA ILE A 643 -13.07 -11.89 31.89
C ILE A 643 -11.66 -12.29 32.32
N HIS A 644 -11.42 -13.56 32.61
CA HIS A 644 -10.15 -14.02 33.17
C HIS A 644 -9.87 -13.29 34.49
N ALA A 645 -10.76 -13.55 35.45
CA ALA A 645 -10.75 -12.83 36.72
C ALA A 645 -9.43 -12.97 37.47
N ASP A 646 -8.64 -13.99 37.18
CA ASP A 646 -7.41 -14.20 37.93
C ASP A 646 -6.42 -13.06 37.75
N GLN A 647 -6.58 -12.23 36.72
CA GLN A 647 -5.67 -11.13 36.42
C GLN A 647 -6.42 -9.81 36.26
N LEU A 648 -7.41 -9.57 37.12
CA LEU A 648 -8.23 -8.37 37.07
C LEU A 648 -8.21 -7.66 38.42
N THR A 649 -8.30 -6.33 38.36
CA THR A 649 -8.36 -5.53 39.56
C THR A 649 -9.73 -5.68 40.23
N PRO A 650 -9.82 -5.44 41.54
CA PRO A 650 -11.12 -5.56 42.21
C PRO A 650 -12.19 -4.63 41.66
N THR A 651 -11.78 -3.49 41.08
CA THR A 651 -12.77 -2.57 40.52
C THR A 651 -13.55 -3.22 39.38
N TRP A 652 -12.93 -4.15 38.66
CA TRP A 652 -13.63 -4.89 37.61
C TRP A 652 -14.31 -6.15 38.13
N ARG A 653 -13.82 -6.71 39.23
CA ARG A 653 -14.43 -7.91 39.80
C ARG A 653 -15.86 -7.64 40.24
N VAL A 654 -16.11 -6.46 40.79
CA VAL A 654 -17.47 -6.12 41.23
C VAL A 654 -18.45 -6.10 40.07
N TYR A 655 -17.96 -5.96 38.84
CA TYR A 655 -18.80 -5.97 37.66
C TYR A 655 -19.02 -7.36 37.09
N SER A 656 -18.50 -8.40 37.75
CA SER A 656 -18.71 -9.78 37.33
C SER A 656 -19.76 -10.51 38.16
N THR A 657 -20.14 -9.96 39.30
CA THR A 657 -21.13 -10.60 40.17
C THR A 657 -21.79 -9.54 41.03
N GLY A 658 -22.91 -9.91 41.63
CA GLY A 658 -23.65 -9.05 42.51
C GLY A 658 -25.14 -9.23 42.29
N SER A 659 -25.91 -8.26 42.78
CA SER A 659 -27.37 -8.31 42.65
C SER A 659 -27.86 -7.58 41.40
N ASN A 660 -27.15 -6.56 40.95
CA ASN A 660 -27.56 -5.79 39.78
C ASN A 660 -26.99 -6.41 38.50
N VAL A 661 -27.39 -7.66 38.26
CA VAL A 661 -27.02 -8.40 37.06
C VAL A 661 -28.31 -8.78 36.35
N PHE A 662 -28.42 -8.41 35.08
CA PHE A 662 -29.63 -8.63 34.30
C PHE A 662 -29.26 -9.09 32.90
N GLN A 663 -30.01 -10.05 32.38
CA GLN A 663 -29.79 -10.60 31.06
C GLN A 663 -30.81 -10.01 30.09
N THR A 664 -30.32 -9.62 28.91
CA THR A 664 -31.15 -9.00 27.88
C THR A 664 -30.79 -9.62 26.54
N ARG A 665 -31.74 -9.52 25.60
CA ARG A 665 -31.49 -10.06 24.26
C ARG A 665 -30.32 -9.36 23.58
N ALA A 666 -29.99 -8.15 23.99
CA ALA A 666 -28.84 -7.44 23.47
C ALA A 666 -27.53 -7.85 24.14
N GLY A 667 -27.60 -8.62 25.21
CA GLY A 667 -26.43 -9.05 25.94
C GLY A 667 -26.68 -9.01 27.43
N CYS A 668 -25.60 -9.10 28.20
CA CYS A 668 -25.66 -9.05 29.65
C CYS A 668 -25.41 -7.64 30.14
N LEU A 669 -26.30 -7.13 30.97
CA LEU A 669 -26.20 -5.78 31.52
C LEU A 669 -25.90 -5.87 33.00
N ILE A 670 -24.84 -5.20 33.44
CA ILE A 670 -24.39 -5.23 34.82
C ILE A 670 -24.24 -3.80 35.31
N GLY A 671 -24.71 -3.54 36.52
CA GLY A 671 -24.66 -2.22 37.12
C GLY A 671 -25.94 -1.42 37.01
N ALA A 672 -26.98 -1.97 36.40
CA ALA A 672 -28.26 -1.29 36.26
C ALA A 672 -29.36 -2.14 36.88
N GLU A 673 -30.27 -1.48 37.58
CA GLU A 673 -31.37 -2.15 38.26
C GLU A 673 -32.58 -2.22 37.34
N HIS A 674 -32.98 -3.43 36.99
CA HIS A 674 -34.15 -3.61 36.13
C HIS A 674 -35.42 -3.18 36.87
N VAL A 675 -36.34 -2.55 36.13
CA VAL A 675 -37.59 -2.05 36.69
C VAL A 675 -38.73 -2.42 35.76
N ASN A 676 -39.86 -2.80 36.36
CA ASN A 676 -41.03 -3.21 35.59
C ASN A 676 -41.60 -2.07 34.75
N ASN A 677 -41.66 -0.86 35.28
CA ASN A 677 -42.34 0.25 34.62
C ASN A 677 -41.70 0.56 33.28
N SER A 678 -42.49 1.19 32.41
CA SER A 678 -42.06 1.57 31.06
C SER A 678 -41.98 3.09 30.98
N TYR A 679 -40.85 3.59 30.48
CA TYR A 679 -40.64 5.01 30.31
C TYR A 679 -40.12 5.28 28.91
N GLU A 680 -40.16 6.55 28.50
CA GLU A 680 -39.63 6.94 27.21
C GLU A 680 -38.12 6.67 27.17
N CYS A 681 -37.64 6.24 26.01
CA CYS A 681 -36.23 5.91 25.88
C CYS A 681 -35.36 7.13 26.16
N ASP A 682 -34.34 6.94 26.99
CA ASP A 682 -33.40 8.00 27.34
C ASP A 682 -32.00 7.71 26.81
N ILE A 683 -31.43 6.56 27.16
CA ILE A 683 -30.15 6.12 26.63
C ILE A 683 -30.39 4.83 25.86
N PRO A 684 -30.37 4.83 24.53
CA PRO A 684 -30.67 3.59 23.80
C PRO A 684 -29.68 2.48 24.16
N ILE A 685 -30.21 1.26 24.27
CA ILE A 685 -29.44 0.09 24.64
C ILE A 685 -29.43 -0.95 23.53
N GLY A 686 -30.60 -1.32 23.03
CA GLY A 686 -30.73 -2.31 21.99
C GLY A 686 -31.77 -3.36 22.35
N ALA A 687 -32.32 -4.02 21.34
CA ALA A 687 -33.31 -5.07 21.54
C ALA A 687 -34.54 -4.56 22.30
N GLY A 688 -34.90 -3.30 22.07
CA GLY A 688 -36.15 -2.78 22.59
C GLY A 688 -36.11 -2.27 24.01
N ILE A 689 -34.93 -2.19 24.63
CA ILE A 689 -34.81 -1.68 25.99
C ILE A 689 -33.96 -0.43 25.97
N CYS A 690 -34.12 0.38 27.02
CA CYS A 690 -33.36 1.61 27.18
C CYS A 690 -33.04 1.81 28.65
N ALA A 691 -32.00 2.59 28.90
CA ALA A 691 -31.54 2.87 30.26
C ALA A 691 -31.66 4.36 30.54
N SER A 692 -31.87 4.69 31.82
CA SER A 692 -32.05 6.06 32.23
C SER A 692 -31.58 6.22 33.68
N TYR A 693 -31.31 7.47 34.05
CA TYR A 693 -30.91 7.81 35.41
C TYR A 693 -32.16 8.12 36.22
N GLN A 694 -32.37 7.40 37.31
CA GLN A 694 -33.59 7.49 38.08
C GLN A 694 -33.29 7.20 39.55
N THR A 695 -34.20 7.67 40.41
CA THR A 695 -34.09 7.42 41.85
C THR A 695 -34.03 5.92 42.14
N SER A 708 -31.68 7.21 46.87
CA SER A 708 -30.40 7.28 46.17
C SER A 708 -30.59 7.04 44.68
N GLN A 709 -30.01 7.93 43.87
CA GLN A 709 -30.13 7.81 42.43
C GLN A 709 -29.33 6.61 41.91
N SER A 710 -29.83 6.02 40.83
CA SER A 710 -29.19 4.85 40.25
C SER A 710 -29.58 4.76 38.79
N ILE A 711 -28.86 3.92 38.05
CA ILE A 711 -29.12 3.68 36.64
C ILE A 711 -30.06 2.48 36.53
N ILE A 712 -31.15 2.66 35.79
CA ILE A 712 -32.16 1.62 35.63
C ILE A 712 -32.22 1.20 34.17
N ALA A 713 -32.67 -0.03 33.95
CA ALA A 713 -32.87 -0.58 32.62
C ALA A 713 -34.32 -1.03 32.50
N TYR A 714 -34.95 -0.68 31.38
CA TYR A 714 -36.37 -0.95 31.20
C TYR A 714 -36.67 -1.12 29.73
N THR A 715 -37.84 -1.71 29.45
CA THR A 715 -38.35 -1.78 28.09
C THR A 715 -39.01 -0.44 27.76
N MET A 716 -38.44 0.27 26.79
CA MET A 716 -38.90 1.62 26.49
C MET A 716 -40.37 1.61 26.10
N SER A 717 -41.11 2.58 26.64
CA SER A 717 -42.53 2.68 26.35
C SER A 717 -42.73 3.15 24.91
N LEU A 718 -43.50 2.36 24.14
CA LEU A 718 -43.75 2.73 22.75
C LEU A 718 -44.56 4.03 22.67
N GLY A 719 -45.48 4.23 23.60
CA GLY A 719 -46.28 5.45 23.62
C GLY A 719 -47.44 5.28 24.55
N ALA A 720 -48.15 6.39 24.76
CA ALA A 720 -49.31 6.39 25.62
C ALA A 720 -50.41 5.53 25.00
N GLU A 721 -50.79 4.46 25.69
CA GLU A 721 -51.84 3.59 25.20
C GLU A 721 -53.12 4.39 24.99
N ASN A 722 -53.76 4.21 23.84
CA ASN A 722 -54.95 4.96 23.48
C ASN A 722 -55.94 4.04 22.80
N SER A 723 -57.23 4.36 22.95
CA SER A 723 -58.30 3.64 22.29
C SER A 723 -59.29 4.66 21.76
N VAL A 724 -59.54 4.63 20.46
CA VAL A 724 -60.44 5.57 19.81
C VAL A 724 -61.86 5.06 19.94
N ALA A 725 -62.75 5.90 20.42
CA ALA A 725 -64.15 5.52 20.60
C ALA A 725 -64.85 5.46 19.25
N TYR A 726 -64.45 4.50 18.42
CA TYR A 726 -64.98 4.41 17.06
C TYR A 726 -66.36 3.77 17.07
N SER A 727 -67.23 4.29 16.22
CA SER A 727 -68.55 3.72 16.00
C SER A 727 -68.98 4.07 14.58
N ASN A 728 -69.94 3.31 14.07
CA ASN A 728 -70.38 3.52 12.69
C ASN A 728 -71.32 4.71 12.54
N ASN A 729 -71.70 5.37 13.64
CA ASN A 729 -72.54 6.56 13.56
C ASN A 729 -72.11 7.63 14.56
N SER A 730 -70.82 7.71 14.85
CA SER A 730 -70.28 8.70 15.77
C SER A 730 -69.11 9.42 15.13
N ILE A 731 -69.07 10.75 15.30
CA ILE A 731 -68.00 11.58 14.76
C ILE A 731 -67.60 12.59 15.83
N ALA A 732 -66.35 13.06 15.72
CA ALA A 732 -65.80 14.07 16.62
C ALA A 732 -65.38 15.28 15.80
N ILE A 733 -66.09 16.39 15.98
CA ILE A 733 -65.83 17.63 15.27
C ILE A 733 -65.23 18.62 16.27
N PRO A 734 -63.99 19.09 16.07
CA PRO A 734 -63.42 20.03 17.04
C PRO A 734 -64.23 21.31 17.13
N THR A 735 -64.40 21.81 18.35
CA THR A 735 -65.08 23.07 18.61
C THR A 735 -64.11 24.21 18.87
N ASN A 736 -62.82 24.01 18.62
CA ASN A 736 -61.79 24.93 19.05
C ASN A 736 -60.57 24.70 18.15
N PHE A 737 -59.50 25.45 18.39
CA PHE A 737 -58.26 25.25 17.66
C PHE A 737 -57.11 25.83 18.46
N THR A 738 -55.90 25.44 18.07
CA THR A 738 -54.68 25.92 18.71
C THR A 738 -53.63 26.15 17.64
N ILE A 739 -53.13 27.38 17.57
CA ILE A 739 -52.10 27.74 16.60
C ILE A 739 -50.74 27.35 17.18
N SER A 740 -50.16 26.28 16.65
CA SER A 740 -48.89 25.76 17.14
C SER A 740 -47.77 26.23 16.22
N VAL A 741 -46.76 26.86 16.80
CA VAL A 741 -45.60 27.35 16.04
C VAL A 741 -44.43 26.46 16.41
N THR A 742 -44.21 25.42 15.62
CA THR A 742 -43.11 24.49 15.83
C THR A 742 -41.91 24.93 15.01
N THR A 743 -40.73 24.51 15.47
CA THR A 743 -39.46 24.89 14.85
C THR A 743 -38.80 23.67 14.22
N GLU A 744 -38.26 23.85 13.02
CA GLU A 744 -37.54 22.82 12.30
C GLU A 744 -36.16 23.34 11.94
N ILE A 745 -35.14 22.52 12.19
CA ILE A 745 -33.74 22.89 12.01
C ILE A 745 -33.16 22.01 10.92
N LEU A 746 -32.43 22.63 9.98
CA LEU A 746 -31.85 21.90 8.87
C LEU A 746 -30.48 22.45 8.50
N PRO A 747 -29.43 21.64 8.50
CA PRO A 747 -28.15 22.12 7.96
C PRO A 747 -28.27 22.48 6.49
N VAL A 748 -27.52 23.49 6.08
CA VAL A 748 -27.52 23.99 4.72
C VAL A 748 -26.14 23.88 4.09
N SER A 749 -25.11 24.31 4.81
CA SER A 749 -23.74 24.25 4.32
C SER A 749 -22.81 23.93 5.49
N MET A 750 -21.66 23.37 5.16
CA MET A 750 -20.63 23.05 6.12
C MET A 750 -19.40 23.92 5.87
N THR A 751 -18.46 23.88 6.79
CA THR A 751 -17.25 24.67 6.66
C THR A 751 -16.50 24.27 5.39
N LYS A 752 -16.09 25.27 4.61
CA LYS A 752 -15.31 25.03 3.41
C LYS A 752 -13.84 24.93 3.77
N THR A 753 -13.20 23.85 3.34
CA THR A 753 -11.81 23.59 3.64
C THR A 753 -11.04 23.26 2.38
N SER A 754 -9.76 23.63 2.37
CA SER A 754 -8.86 23.31 1.27
C SER A 754 -7.53 22.85 1.86
N VAL A 755 -6.94 21.84 1.25
CA VAL A 755 -5.73 21.21 1.76
C VAL A 755 -4.71 21.12 0.63
N ASP A 756 -3.45 21.43 0.94
CA ASP A 756 -2.35 21.32 0.00
C ASP A 756 -1.51 20.09 0.35
N CYS A 757 -1.18 19.30 -0.67
CA CYS A 757 -0.29 18.17 -0.46
C CYS A 757 1.05 18.61 0.11
N THR A 758 1.66 19.62 -0.51
CA THR A 758 3.02 20.01 -0.14
C THR A 758 3.07 20.44 1.32
N MET A 759 2.12 21.27 1.75
CA MET A 759 2.10 21.69 3.14
C MET A 759 1.82 20.51 4.06
N TYR A 760 0.92 19.60 3.65
CA TYR A 760 0.52 18.52 4.52
C TYR A 760 1.50 17.35 4.48
N ILE A 761 1.81 16.85 3.29
CA ILE A 761 2.58 15.62 3.16
C ILE A 761 4.07 15.90 3.17
N CYS A 762 4.53 16.94 2.47
CA CYS A 762 5.94 17.21 2.23
C CYS A 762 6.29 18.63 2.63
N GLY A 763 5.89 19.02 3.84
CA GLY A 763 6.01 20.39 4.30
C GLY A 763 7.36 21.03 4.03
N ASP A 764 7.37 22.03 3.14
CA ASP A 764 8.56 22.79 2.77
C ASP A 764 9.80 21.93 2.61
N SER A 765 9.64 20.74 2.03
CA SER A 765 10.74 19.82 1.80
C SER A 765 10.89 19.59 0.30
N THR A 766 12.08 19.89 -0.23
CA THR A 766 12.33 19.67 -1.65
C THR A 766 12.42 18.19 -1.98
N GLU A 767 13.12 17.42 -1.14
CA GLU A 767 13.28 15.99 -1.42
C GLU A 767 11.95 15.26 -1.38
N CYS A 768 11.14 15.54 -0.36
CA CYS A 768 9.83 14.90 -0.27
C CYS A 768 8.93 15.33 -1.42
N SER A 769 8.91 16.62 -1.73
CA SER A 769 8.05 17.10 -2.81
C SER A 769 8.44 16.49 -4.14
N ASN A 770 9.75 16.40 -4.41
CA ASN A 770 10.20 15.78 -5.66
C ASN A 770 9.86 14.30 -5.69
N LEU A 771 9.78 13.66 -4.53
CA LEU A 771 9.40 12.26 -4.46
C LEU A 771 7.90 12.06 -4.44
N LEU A 772 7.13 13.13 -4.22
CA LEU A 772 5.67 13.01 -4.21
C LEU A 772 5.08 13.10 -5.61
N LEU A 773 5.71 13.87 -6.51
CA LEU A 773 5.15 14.06 -7.84
C LEU A 773 5.15 12.77 -8.65
N GLN A 774 5.94 11.77 -8.26
CA GLN A 774 5.99 10.50 -8.96
C GLN A 774 4.92 9.52 -8.47
N TYR A 775 4.06 9.95 -7.56
CA TYR A 775 2.91 9.15 -7.14
C TYR A 775 1.69 9.38 -8.02
N GLY A 776 1.82 10.16 -9.08
CA GLY A 776 0.72 10.43 -9.98
C GLY A 776 0.00 11.72 -9.66
N SER A 777 -1.21 11.84 -10.21
CA SER A 777 -2.03 13.03 -10.06
C SER A 777 -3.02 12.89 -8.91
N PHE A 778 -2.65 12.16 -7.86
CA PHE A 778 -3.49 12.07 -6.68
C PHE A 778 -3.79 13.46 -6.12
N CYS A 779 -2.75 14.28 -5.99
CA CYS A 779 -2.90 15.58 -5.33
C CYS A 779 -3.86 16.48 -6.09
N THR A 780 -3.81 16.45 -7.42
CA THR A 780 -4.77 17.22 -8.21
C THR A 780 -6.19 16.75 -7.92
N GLN A 781 -6.39 15.44 -7.77
CA GLN A 781 -7.71 14.93 -7.39
C GLN A 781 -8.11 15.44 -6.02
N LEU A 782 -7.19 15.44 -5.06
CA LEU A 782 -7.49 15.96 -3.73
C LEU A 782 -7.95 17.41 -3.80
N ASN A 783 -7.15 18.27 -4.44
CA ASN A 783 -7.52 19.68 -4.52
C ASN A 783 -8.80 19.87 -5.33
N ARG A 784 -8.93 19.15 -6.45
CA ARG A 784 -10.12 19.30 -7.28
C ARG A 784 -11.37 18.86 -6.54
N ALA A 785 -11.29 17.76 -5.80
CA ALA A 785 -12.45 17.27 -5.07
C ALA A 785 -12.89 18.27 -4.01
N LEU A 786 -11.94 18.81 -3.24
CA LEU A 786 -12.28 19.76 -2.18
C LEU A 786 -12.86 21.04 -2.76
N THR A 787 -12.26 21.55 -3.85
CA THR A 787 -12.82 22.75 -4.48
C THR A 787 -14.22 22.48 -4.98
N GLY A 788 -14.49 21.28 -5.50
CA GLY A 788 -15.84 20.93 -5.87
C GLY A 788 -16.79 20.99 -4.69
N ILE A 789 -16.32 20.58 -3.52
CA ILE A 789 -17.13 20.71 -2.30
C ILE A 789 -17.28 22.18 -1.92
N ALA A 790 -16.17 22.93 -1.97
CA ALA A 790 -16.20 24.31 -1.50
C ALA A 790 -17.19 25.15 -2.31
N VAL A 791 -17.15 25.02 -3.63
CA VAL A 791 -18.09 25.75 -4.47
C VAL A 791 -19.51 25.27 -4.21
N GLU A 792 -19.67 23.97 -3.94
CA GLU A 792 -20.99 23.43 -3.65
C GLU A 792 -21.58 24.05 -2.40
N GLN A 793 -20.76 24.26 -1.36
CA GLN A 793 -21.26 24.87 -0.13
C GLN A 793 -21.79 26.27 -0.40
N ASP A 794 -21.06 27.06 -1.19
CA ASP A 794 -21.56 28.36 -1.59
C ASP A 794 -22.86 28.22 -2.39
N LYS A 795 -22.91 27.24 -3.29
CA LYS A 795 -24.14 27.00 -4.04
C LYS A 795 -25.29 26.61 -3.12
N ASN A 796 -25.01 25.72 -2.16
CA ASN A 796 -26.07 25.23 -1.28
C ASN A 796 -26.82 26.38 -0.62
N THR A 797 -26.09 27.39 -0.15
CA THR A 797 -26.74 28.54 0.45
C THR A 797 -27.57 29.32 -0.57
N GLN A 798 -27.20 29.26 -1.85
CA GLN A 798 -27.91 30.05 -2.85
C GLN A 798 -29.34 29.56 -3.05
N GLU A 799 -29.51 28.26 -3.27
CA GLU A 799 -30.87 27.74 -3.45
C GLU A 799 -31.70 27.91 -2.19
N VAL A 800 -31.10 27.67 -1.03
CA VAL A 800 -31.84 27.72 0.22
C VAL A 800 -32.33 29.13 0.49
N PHE A 801 -31.48 30.13 0.28
CA PHE A 801 -31.79 31.51 0.66
C PHE A 801 -32.06 32.42 -0.54
N ALA A 802 -31.23 32.36 -1.57
CA ALA A 802 -31.38 33.28 -2.71
C ALA A 802 -32.50 32.80 -3.64
N GLN A 803 -33.71 32.77 -3.08
CA GLN A 803 -34.89 32.38 -3.84
C GLN A 803 -35.57 33.56 -4.52
N VAL A 804 -35.39 34.77 -3.98
CA VAL A 804 -36.00 35.98 -4.54
C VAL A 804 -34.90 36.99 -4.81
N LYS A 805 -34.92 37.56 -6.01
CA LYS A 805 -33.95 38.56 -6.41
C LYS A 805 -34.37 39.98 -6.02
N GLN A 806 -35.51 40.14 -5.36
CA GLN A 806 -35.99 41.43 -4.90
C GLN A 806 -35.91 41.47 -3.37
N ILE A 807 -35.23 42.48 -2.85
CA ILE A 807 -35.07 42.63 -1.40
C ILE A 807 -36.20 43.53 -0.93
N TYR A 808 -37.20 42.93 -0.28
CA TYR A 808 -38.33 43.67 0.24
C TYR A 808 -38.04 44.14 1.66
N LYS A 809 -38.68 45.24 2.04
CA LYS A 809 -38.55 45.80 3.38
C LYS A 809 -39.94 45.91 4.00
N THR A 810 -40.09 45.39 5.22
CA THR A 810 -41.34 45.52 5.92
C THR A 810 -41.62 46.99 6.22
N PRO A 811 -42.87 47.44 6.15
CA PRO A 811 -43.15 48.84 6.41
C PRO A 811 -42.84 49.18 7.85
N PRO A 812 -42.50 50.44 8.14
CA PRO A 812 -42.19 50.80 9.53
C PRO A 812 -43.34 50.57 10.49
N ILE A 813 -44.57 50.73 10.03
CA ILE A 813 -45.74 50.55 10.89
C ILE A 813 -46.04 49.06 10.99
N LYS A 814 -46.10 48.56 12.23
CA LYS A 814 -46.36 47.15 12.48
C LYS A 814 -47.84 46.98 12.77
N ASP A 815 -48.65 47.01 11.72
CA ASP A 815 -50.10 46.85 11.79
C ASP A 815 -50.46 45.62 10.97
N PHE A 816 -50.47 44.47 11.61
CA PHE A 816 -50.79 43.19 10.98
C PHE A 816 -51.96 42.51 11.69
N GLY A 817 -52.99 43.29 12.01
CA GLY A 817 -54.17 42.73 12.66
C GLY A 817 -53.88 42.12 14.01
N GLY A 818 -52.98 42.73 14.78
CA GLY A 818 -52.64 42.26 16.10
C GLY A 818 -51.51 41.26 16.15
N PHE A 819 -51.04 40.76 15.01
CA PHE A 819 -49.92 39.83 15.01
C PHE A 819 -48.64 40.56 15.40
N ASN A 820 -47.78 39.89 16.16
CA ASN A 820 -46.62 40.50 16.79
C ASN A 820 -45.37 39.95 16.11
N PHE A 821 -44.82 40.72 15.17
CA PHE A 821 -43.69 40.29 14.36
C PHE A 821 -42.37 40.93 14.77
N SER A 822 -42.38 41.84 15.74
CA SER A 822 -41.17 42.61 16.04
C SER A 822 -40.03 41.73 16.51
N GLN A 823 -40.34 40.58 17.11
CA GLN A 823 -39.33 39.72 17.70
C GLN A 823 -38.76 38.70 16.72
N ILE A 824 -39.16 38.75 15.45
CA ILE A 824 -38.51 37.95 14.41
C ILE A 824 -38.05 38.78 13.22
N LEU A 825 -38.59 39.97 13.00
CA LEU A 825 -38.07 40.86 11.98
C LEU A 825 -36.78 41.51 12.47
N PRO A 826 -35.92 41.96 11.55
CA PRO A 826 -34.64 42.54 11.99
C PRO A 826 -34.86 43.76 12.87
N ASP A 827 -34.02 43.88 13.89
CA ASP A 827 -34.07 44.99 14.85
C ASP A 827 -32.85 45.88 14.65
N PRO A 828 -32.99 47.11 14.14
CA PRO A 828 -31.80 47.96 13.94
C PRO A 828 -31.17 48.48 15.22
N SER A 829 -31.66 48.10 16.40
CA SER A 829 -31.11 48.58 17.66
C SER A 829 -29.87 47.80 18.10
N LYS A 830 -29.25 47.05 17.21
CA LYS A 830 -28.03 46.29 17.48
C LYS A 830 -27.05 46.53 16.35
N PRO A 831 -25.74 46.37 16.61
CA PRO A 831 -24.77 46.55 15.52
C PRO A 831 -24.99 45.61 14.36
N SER A 832 -25.46 44.40 14.62
CA SER A 832 -25.81 43.45 13.57
C SER A 832 -27.27 43.64 13.18
N LYS A 833 -27.59 43.46 11.89
CA LYS A 833 -28.97 43.66 11.37
C LYS A 833 -29.69 42.32 11.33
N ARG A 834 -29.34 41.38 12.21
CA ARG A 834 -30.07 40.10 12.37
C ARG A 834 -31.30 40.44 13.21
N SER A 835 -32.16 39.48 13.53
CA SER A 835 -33.37 39.67 14.36
C SER A 835 -33.14 39.01 15.69
N PHE A 836 -34.11 39.04 16.62
CA PHE A 836 -33.90 38.51 17.99
C PHE A 836 -33.78 37.00 17.95
N ILE A 837 -34.76 36.30 17.40
CA ILE A 837 -34.76 34.80 17.38
C ILE A 837 -33.52 34.36 16.63
N GLU A 838 -33.05 35.14 15.67
CA GLU A 838 -31.83 34.82 14.89
C GLU A 838 -30.62 34.92 15.79
N ASP A 839 -30.59 35.86 16.74
CA ASP A 839 -29.42 36.08 17.62
C ASP A 839 -29.35 35.00 18.68
N LEU A 840 -30.47 34.50 19.19
CA LEU A 840 -30.46 33.37 20.15
C LEU A 840 -29.71 32.22 19.51
N LEU A 841 -29.93 31.94 18.23
CA LEU A 841 -29.34 30.81 17.52
C LEU A 841 -27.83 30.94 17.39
N PHE A 842 -27.36 32.14 17.05
CA PHE A 842 -25.92 32.33 16.87
C PHE A 842 -25.16 32.14 18.17
N ASN A 843 -25.76 32.51 19.31
CA ASN A 843 -25.10 32.35 20.59
C ASN A 843 -25.14 30.92 21.12
N LYS A 844 -26.01 30.07 20.58
CA LYS A 844 -26.18 28.71 21.07
C LYS A 844 -25.38 27.69 20.27
N VAL A 845 -24.57 28.12 19.31
CA VAL A 845 -23.69 27.24 18.55
C VAL A 845 -22.26 27.67 18.84
N THR A 846 -21.47 26.76 19.42
CA THR A 846 -20.09 27.04 19.78
C THR A 846 -19.18 26.59 18.64
N LEU A 847 -18.45 27.53 18.06
CA LEU A 847 -17.57 27.24 16.94
C LEU A 847 -16.17 26.89 17.42
N LEU A 868 -7.41 26.20 20.18
CA LEU A 868 -6.36 25.87 19.23
C LEU A 868 -6.92 25.64 17.83
N ILE A 869 -8.13 26.15 17.58
CA ILE A 869 -8.74 25.99 16.26
C ILE A 869 -7.91 26.71 15.21
N CYS A 870 -7.46 27.93 15.52
CA CYS A 870 -6.64 28.69 14.59
C CYS A 870 -5.26 28.06 14.39
N ALA A 871 -4.77 27.29 15.36
CA ALA A 871 -3.47 26.66 15.21
C ALA A 871 -3.47 25.67 14.05
N GLN A 872 -4.56 24.90 13.92
CA GLN A 872 -4.63 23.91 12.84
C GLN A 872 -4.63 24.58 11.47
N LYS A 873 -5.07 25.84 11.39
CA LYS A 873 -5.13 26.55 10.12
C LYS A 873 -3.74 26.84 9.55
N PHE A 874 -2.68 26.65 10.33
CA PHE A 874 -1.32 26.95 9.89
C PHE A 874 -0.52 25.68 9.60
N ASN A 875 -1.19 24.55 9.39
CA ASN A 875 -0.51 23.29 9.09
C ASN A 875 -0.96 22.74 7.75
N GLY A 876 -1.05 23.61 6.73
CA GLY A 876 -1.53 23.21 5.43
C GLY A 876 -3.03 23.19 5.28
N LEU A 877 -3.77 23.51 6.33
CA LEU A 877 -5.23 23.53 6.31
C LEU A 877 -5.72 24.96 6.25
N THR A 878 -6.61 25.25 5.32
CA THR A 878 -7.18 26.58 5.16
C THR A 878 -8.71 26.47 5.15
N VAL A 879 -9.36 27.45 5.76
CA VAL A 879 -10.81 27.51 5.84
C VAL A 879 -11.26 28.71 5.01
N LEU A 880 -11.77 28.45 3.82
CA LEU A 880 -12.21 29.52 2.94
C LEU A 880 -13.50 30.14 3.48
N PRO A 881 -13.62 31.46 3.54
CA PRO A 881 -14.83 32.05 4.11
C PRO A 881 -16.02 31.81 3.20
N PRO A 882 -17.24 31.77 3.74
CA PRO A 882 -18.41 31.59 2.87
C PRO A 882 -18.58 32.76 1.90
N LEU A 883 -19.13 32.47 0.73
CA LEU A 883 -19.37 33.52 -0.25
C LEU A 883 -20.36 34.55 0.30
N LEU A 884 -21.40 34.10 0.99
CA LEU A 884 -22.39 34.98 1.59
C LEU A 884 -22.11 35.06 3.08
N THR A 885 -21.89 36.28 3.58
CA THR A 885 -21.63 36.45 5.00
C THR A 885 -22.93 36.41 5.79
N ASP A 886 -22.80 36.30 7.11
CA ASP A 886 -23.97 36.13 7.96
C ASP A 886 -24.92 37.31 7.85
N GLU A 887 -24.37 38.53 7.80
CA GLU A 887 -25.23 39.72 7.71
C GLU A 887 -26.06 39.70 6.44
N MET A 888 -25.46 39.26 5.32
CA MET A 888 -26.19 39.25 4.06
C MET A 888 -27.23 38.14 4.02
N ILE A 889 -26.90 36.97 4.58
CA ILE A 889 -27.89 35.90 4.65
C ILE A 889 -29.08 36.35 5.48
N ALA A 890 -28.82 37.08 6.56
CA ALA A 890 -29.92 37.60 7.37
C ALA A 890 -30.78 38.57 6.57
N GLN A 891 -30.19 39.26 5.59
CA GLN A 891 -30.98 40.17 4.77
C GLN A 891 -31.91 39.40 3.84
N TYR A 892 -31.47 38.24 3.33
CA TYR A 892 -32.34 37.41 2.53
C TYR A 892 -33.57 36.98 3.31
N THR A 893 -33.36 36.51 4.54
CA THR A 893 -34.48 36.08 5.37
C THR A 893 -35.42 37.25 5.66
N SER A 894 -34.86 38.43 5.95
CA SER A 894 -35.70 39.60 6.14
C SER A 894 -36.50 39.92 4.88
N ALA A 895 -35.85 39.81 3.71
CA ALA A 895 -36.58 40.00 2.45
C ALA A 895 -37.68 38.96 2.29
N LEU A 896 -37.37 37.69 2.60
CA LEU A 896 -38.38 36.65 2.51
C LEU A 896 -39.54 36.92 3.45
N LEU A 897 -39.24 37.30 4.69
CA LEU A 897 -40.30 37.63 5.64
C LEU A 897 -41.12 38.81 5.15
N ALA A 898 -40.45 39.91 4.76
CA ALA A 898 -41.16 41.10 4.33
C ALA A 898 -42.13 40.77 3.20
N GLY A 899 -41.73 39.90 2.28
CA GLY A 899 -42.66 39.45 1.26
C GLY A 899 -43.79 38.60 1.83
N THR A 900 -43.46 37.72 2.77
CA THR A 900 -44.47 36.81 3.30
C THR A 900 -45.54 37.56 4.08
N ILE A 901 -45.15 38.41 5.00
CA ILE A 901 -46.13 39.19 5.76
C ILE A 901 -46.88 40.14 4.84
N THR A 902 -46.15 40.89 4.01
CA THR A 902 -46.79 41.90 3.19
C THR A 902 -47.56 41.28 2.02
N SER A 903 -46.98 40.29 1.34
CA SER A 903 -47.54 39.76 0.11
C SER A 903 -47.94 38.29 0.19
N GLY A 904 -47.58 37.58 1.24
CA GLY A 904 -47.95 36.18 1.33
C GLY A 904 -47.19 35.34 0.33
N TRP A 905 -47.92 34.50 -0.41
CA TRP A 905 -47.34 33.58 -1.36
C TRP A 905 -47.22 34.16 -2.76
N THR A 906 -47.80 35.33 -3.01
CA THR A 906 -47.79 35.89 -4.36
C THR A 906 -46.36 36.21 -4.81
N PHE A 907 -45.54 36.75 -3.91
CA PHE A 907 -44.19 37.14 -4.29
C PHE A 907 -43.36 35.93 -4.73
N GLY A 908 -43.70 34.75 -4.26
CA GLY A 908 -43.01 33.55 -4.70
C GLY A 908 -43.46 33.02 -6.04
N ALA A 909 -44.59 33.50 -6.56
CA ALA A 909 -45.13 33.07 -7.84
C ALA A 909 -45.07 34.17 -8.89
N GLY A 910 -44.22 35.17 -8.70
CA GLY A 910 -44.10 36.27 -9.64
C GLY A 910 -43.95 37.61 -8.93
N ALA A 911 -44.61 38.63 -9.45
CA ALA A 911 -44.55 39.95 -8.84
C ALA A 911 -45.23 39.92 -7.46
N ALA A 912 -44.57 40.55 -6.49
CA ALA A 912 -45.14 40.62 -5.15
C ALA A 912 -46.42 41.43 -5.17
N LEU A 913 -47.43 40.93 -4.47
CA LEU A 913 -48.76 41.57 -4.41
C LEU A 913 -49.10 41.85 -2.96
N GLN A 914 -49.03 43.11 -2.58
CA GLN A 914 -49.37 43.51 -1.22
C GLN A 914 -50.82 43.19 -0.90
N ILE A 915 -51.03 42.63 0.30
CA ILE A 915 -52.35 42.22 0.77
C ILE A 915 -52.34 42.31 2.30
N PRO A 916 -53.44 42.70 2.95
CA PRO A 916 -53.43 42.76 4.42
C PRO A 916 -53.15 41.38 5.02
N PHE A 917 -52.40 41.37 6.12
CA PHE A 917 -52.07 40.10 6.75
C PHE A 917 -53.30 39.41 7.31
N ALA A 918 -54.32 40.18 7.69
CA ALA A 918 -55.56 39.57 8.15
C ALA A 918 -56.20 38.73 7.05
N MET A 919 -56.16 39.23 5.82
CA MET A 919 -56.71 38.48 4.69
C MET A 919 -55.78 37.35 4.27
N GLN A 920 -54.46 37.56 4.37
CA GLN A 920 -53.52 36.48 4.03
C GLN A 920 -53.77 35.27 4.89
N MET A 921 -53.90 35.46 6.21
CA MET A 921 -54.22 34.35 7.09
C MET A 921 -55.62 33.83 6.81
N ALA A 922 -56.55 34.73 6.47
CA ALA A 922 -57.92 34.31 6.24
C ALA A 922 -58.02 33.31 5.09
N TYR A 923 -57.31 33.58 3.99
CA TYR A 923 -57.30 32.61 2.89
C TYR A 923 -56.53 31.36 3.28
N ARG A 924 -55.45 31.52 4.04
CA ARG A 924 -54.65 30.36 4.43
C ARG A 924 -55.49 29.36 5.20
N PHE A 925 -56.41 29.84 6.05
CA PHE A 925 -57.41 28.96 6.63
C PHE A 925 -58.29 28.35 5.54
N ASN A 926 -58.67 29.16 4.56
CA ASN A 926 -59.49 28.65 3.47
C ASN A 926 -58.79 27.51 2.72
N GLY A 927 -57.46 27.54 2.66
CA GLY A 927 -56.74 26.44 2.05
C GLY A 927 -56.72 25.18 2.89
N ILE A 928 -56.82 25.31 4.21
CA ILE A 928 -56.95 24.14 5.08
C ILE A 928 -58.34 23.54 5.02
N GLY A 929 -59.27 24.19 4.34
CA GLY A 929 -60.67 23.82 4.41
C GLY A 929 -61.45 24.55 5.47
N VAL A 930 -60.91 25.65 6.00
CA VAL A 930 -61.53 26.40 7.09
C VAL A 930 -62.05 27.71 6.53
N THR A 931 -63.34 27.95 6.70
CA THR A 931 -63.95 29.14 6.12
C THR A 931 -63.35 30.39 6.75
N GLN A 932 -63.35 31.47 5.97
CA GLN A 932 -62.73 32.71 6.43
C GLN A 932 -63.41 33.25 7.68
N ASN A 933 -64.72 33.02 7.81
CA ASN A 933 -65.44 33.57 8.96
C ASN A 933 -64.90 33.07 10.29
N VAL A 934 -64.24 31.92 10.31
CA VAL A 934 -63.67 31.41 11.55
C VAL A 934 -62.59 32.37 12.06
N LEU A 935 -61.71 32.82 11.16
CA LEU A 935 -60.62 33.70 11.58
C LEU A 935 -61.14 35.05 12.03
N TYR A 936 -61.97 35.70 11.22
CA TYR A 936 -62.37 37.07 11.52
C TYR A 936 -63.22 37.15 12.78
N GLU A 937 -64.04 36.13 13.05
CA GLU A 937 -64.85 36.14 14.25
C GLU A 937 -64.01 36.05 15.52
N ASN A 938 -62.81 35.50 15.44
CA ASN A 938 -61.92 35.39 16.59
C ASN A 938 -60.48 35.74 16.19
N GLN A 939 -60.33 36.85 15.46
CA GLN A 939 -59.00 37.25 15.02
C GLN A 939 -58.11 37.57 16.20
N LYS A 940 -58.64 38.26 17.21
CA LYS A 940 -57.84 38.60 18.38
C LYS A 940 -57.32 37.34 19.08
N LEU A 941 -58.17 36.32 19.17
CA LEU A 941 -57.74 35.07 19.81
C LEU A 941 -56.57 34.45 19.05
N ILE A 942 -56.65 34.43 17.72
CA ILE A 942 -55.59 33.82 16.92
C ILE A 942 -54.28 34.59 17.12
N ALA A 943 -54.35 35.91 17.08
CA ALA A 943 -53.14 36.71 17.24
C ALA A 943 -52.48 36.46 18.59
N ASN A 944 -53.29 36.39 19.66
CA ASN A 944 -52.73 36.14 20.98
C ASN A 944 -52.04 34.78 21.03
N GLN A 945 -52.66 33.76 20.45
CA GLN A 945 -52.02 32.45 20.42
C GLN A 945 -50.73 32.48 19.64
N PHE A 946 -50.72 33.16 18.49
CA PHE A 946 -49.49 33.26 17.71
C PHE A 946 -48.43 34.04 18.47
N ASN A 947 -48.81 35.16 19.09
CA ASN A 947 -47.85 35.96 19.84
C ASN A 947 -47.27 35.15 20.99
N SER A 948 -48.12 34.45 21.73
CA SER A 948 -47.64 33.60 22.81
C SER A 948 -46.79 32.46 22.27
N ALA A 949 -47.18 31.91 21.12
CA ALA A 949 -46.44 30.79 20.55
C ALA A 949 -45.00 31.19 20.23
N ILE A 950 -44.80 32.37 19.65
CA ILE A 950 -43.45 32.85 19.36
C ILE A 950 -42.68 33.05 20.66
N GLY A 951 -43.34 33.58 21.69
CA GLY A 951 -42.67 33.80 22.96
C GLY A 951 -42.11 32.52 23.54
N LYS A 952 -42.87 31.43 23.47
CA LYS A 952 -42.39 30.16 24.00
C LYS A 952 -41.16 29.67 23.26
N ILE A 953 -41.03 30.01 21.98
CA ILE A 953 -39.82 29.65 21.24
C ILE A 953 -38.61 30.34 21.84
N GLN A 954 -38.75 31.62 22.19
CA GLN A 954 -37.65 32.36 22.81
C GLN A 954 -37.25 31.71 24.13
N ASP A 955 -38.24 31.36 24.96
CA ASP A 955 -37.95 30.71 26.24
C ASP A 955 -37.32 29.35 26.02
N SER A 956 -37.81 28.59 25.05
CA SER A 956 -37.24 27.26 24.79
C SER A 956 -35.78 27.37 24.38
N LEU A 957 -35.45 28.32 23.50
CA LEU A 957 -34.07 28.48 23.07
C LEU A 957 -33.24 29.19 24.13
N SER A 958 -33.82 30.17 24.83
CA SER A 958 -33.08 30.93 25.82
C SER A 958 -32.61 30.08 26.99
N SER A 959 -33.31 28.98 27.28
CA SER A 959 -32.97 28.12 28.39
C SER A 959 -31.76 27.26 28.02
N THR A 960 -31.41 26.32 28.90
CA THR A 960 -30.28 25.42 28.67
C THR A 960 -30.63 24.28 27.73
N ALA A 961 -31.89 24.14 27.33
CA ALA A 961 -32.29 23.07 26.42
C ALA A 961 -31.75 23.34 25.02
N SER A 962 -30.59 22.78 24.71
CA SER A 962 -29.94 23.00 23.41
C SER A 962 -30.57 22.07 22.39
N ALA A 963 -31.55 22.58 21.65
CA ALA A 963 -32.24 21.81 20.62
C ALA A 963 -31.54 21.91 19.27
N LEU A 964 -30.46 22.67 19.15
CA LEU A 964 -29.73 22.80 17.89
C LEU A 964 -28.68 21.71 17.76
N GLY A 965 -29.11 20.46 17.93
CA GLY A 965 -28.18 19.34 17.81
C GLY A 965 -27.65 19.18 16.41
N LYS A 966 -28.51 19.37 15.41
CA LYS A 966 -28.10 19.14 14.02
C LYS A 966 -27.02 20.13 13.60
N LEU A 967 -27.25 21.42 13.81
CA LEU A 967 -26.25 22.42 13.43
C LEU A 967 -24.97 22.24 14.24
N GLN A 968 -25.10 22.03 15.55
CA GLN A 968 -23.92 21.82 16.37
C GLN A 968 -23.18 20.56 15.97
N ASP A 969 -23.90 19.53 15.51
CA ASP A 969 -23.25 18.31 15.06
C ASP A 969 -22.37 18.58 13.84
N VAL A 970 -22.85 19.44 12.92
CA VAL A 970 -22.07 19.74 11.73
C VAL A 970 -20.73 20.36 12.10
N VAL A 971 -20.74 21.30 13.04
CA VAL A 971 -19.49 21.91 13.49
C VAL A 971 -18.62 20.87 14.16
N ASN A 972 -19.20 20.05 15.04
CA ASN A 972 -18.43 19.03 15.73
C ASN A 972 -17.87 18.01 14.75
N GLN A 973 -18.67 17.58 13.79
CA GLN A 973 -18.21 16.59 12.82
C GLN A 973 -17.03 17.11 12.02
N ASN A 974 -17.12 18.36 11.54
CA ASN A 974 -16.01 18.93 10.81
C ASN A 974 -14.79 19.12 11.71
N ALA A 975 -15.00 19.56 12.94
CA ALA A 975 -13.89 19.85 13.84
C ALA A 975 -13.08 18.58 14.13
N GLN A 976 -13.76 17.47 14.44
CA GLN A 976 -13.06 16.24 14.74
C GLN A 976 -12.35 15.70 13.51
N ALA A 977 -12.96 15.85 12.33
CA ALA A 977 -12.31 15.40 11.11
C ALA A 977 -11.01 16.15 10.88
N LEU A 978 -11.04 17.47 11.01
CA LEU A 978 -9.81 18.26 10.88
C LEU A 978 -8.84 17.95 12.00
N ASN A 979 -9.34 17.84 13.23
CA ASN A 979 -8.45 17.54 14.35
C ASN A 979 -7.77 16.19 14.16
N THR A 980 -8.52 15.18 13.71
CA THR A 980 -7.92 13.89 13.43
C THR A 980 -6.90 14.00 12.29
N LEU A 981 -7.23 14.77 11.26
CA LEU A 981 -6.36 14.86 10.10
C LEU A 981 -5.00 15.42 10.48
N VAL A 982 -4.98 16.52 11.24
CA VAL A 982 -3.71 17.11 11.67
C VAL A 982 -3.00 16.16 12.64
N LYS A 983 -3.77 15.46 13.47
CA LYS A 983 -3.15 14.56 14.45
C LYS A 983 -2.39 13.43 13.77
N GLN A 984 -2.80 13.02 12.58
CA GLN A 984 -2.11 11.94 11.89
C GLN A 984 -0.69 12.31 11.50
N LEU A 985 -0.36 13.60 11.45
CA LEU A 985 1.00 14.02 11.15
C LEU A 985 1.98 13.60 12.24
N SER A 986 1.51 13.23 13.42
CA SER A 986 2.37 12.80 14.51
C SER A 986 2.66 11.31 14.48
N SER A 987 2.06 10.56 13.55
CA SER A 987 2.26 9.13 13.44
C SER A 987 3.35 8.86 12.43
N ASN A 988 4.28 7.96 12.77
CA ASN A 988 5.41 7.66 11.89
C ASN A 988 5.08 6.63 10.81
N PHE A 989 3.95 5.93 10.93
CA PHE A 989 3.55 4.94 9.92
C PHE A 989 4.66 3.93 9.68
N GLY A 990 5.35 3.54 10.74
CA GLY A 990 6.47 2.63 10.64
C GLY A 990 7.80 3.27 10.36
N ALA A 991 7.84 4.59 10.17
CA ALA A 991 9.10 5.28 9.97
C ALA A 991 9.79 5.53 11.30
N ILE A 992 11.06 5.92 11.23
CA ILE A 992 11.82 6.17 12.45
C ILE A 992 11.34 7.42 13.17
N SER A 993 10.72 8.36 12.46
CA SER A 993 10.24 9.58 13.08
C SER A 993 9.02 10.08 12.31
N SER A 994 8.22 10.90 12.99
CA SER A 994 7.00 11.46 12.42
C SER A 994 7.20 12.87 11.87
N VAL A 995 8.43 13.38 11.87
CA VAL A 995 8.73 14.72 11.36
C VAL A 995 9.75 14.59 10.24
N LEU A 996 9.42 15.18 9.09
CA LEU A 996 10.30 15.08 7.93
C LEU A 996 11.64 15.76 8.18
N ASN A 997 11.63 16.90 8.87
CA ASN A 997 12.84 17.68 9.03
C ASN A 997 13.93 16.88 9.74
N ASP A 998 13.57 16.15 10.79
CA ASP A 998 14.56 15.35 11.51
C ASP A 998 15.15 14.28 10.59
N ILE A 999 14.31 13.59 9.84
CA ILE A 999 14.77 12.50 8.99
C ILE A 999 15.78 13.01 7.97
N LEU A 1000 15.47 14.14 7.34
CA LEU A 1000 16.39 14.74 6.38
C LEU A 1000 17.70 15.17 7.05
N SER A 1001 17.68 15.42 8.35
CA SER A 1001 18.86 15.86 9.06
C SER A 1001 19.73 14.70 9.53
N ARG A 1002 19.12 13.58 9.91
CA ARG A 1002 19.85 12.44 10.43
C ARG A 1002 20.10 11.36 9.39
N LEU A 1003 19.58 11.52 8.17
CA LEU A 1003 19.76 10.52 7.12
C LEU A 1003 19.96 11.20 5.78
N ASP A 1004 20.89 10.66 4.99
CA ASP A 1004 21.13 11.15 3.65
C ASP A 1004 20.07 10.61 2.69
N PRO A 1005 19.93 11.21 1.51
CA PRO A 1005 18.86 10.83 0.58
C PRO A 1005 18.85 9.34 0.27
N PRO A 1006 19.99 8.71 -0.07
CA PRO A 1006 19.90 7.34 -0.61
C PRO A 1006 19.20 6.34 0.30
N GLU A 1007 19.39 6.44 1.61
CA GLU A 1007 18.69 5.57 2.55
C GLU A 1007 17.54 6.25 3.26
N ALA A 1008 17.41 7.58 3.14
CA ALA A 1008 16.24 8.28 3.64
C ALA A 1008 15.05 8.14 2.71
N GLU A 1009 15.25 7.67 1.49
CA GLU A 1009 14.13 7.48 0.57
C GLU A 1009 13.16 6.45 1.11
N VAL A 1010 13.67 5.39 1.73
CA VAL A 1010 12.79 4.36 2.28
C VAL A 1010 11.91 4.93 3.38
N GLN A 1011 12.51 5.72 4.27
CA GLN A 1011 11.75 6.26 5.40
C GLN A 1011 10.77 7.33 4.94
N ILE A 1012 11.21 8.25 4.09
CA ILE A 1012 10.36 9.35 3.66
C ILE A 1012 9.17 8.81 2.86
N ASP A 1013 9.40 7.77 2.06
CA ASP A 1013 8.31 7.19 1.30
C ASP A 1013 7.25 6.60 2.22
N ARG A 1014 7.67 6.02 3.35
CA ARG A 1014 6.71 5.44 4.27
C ARG A 1014 5.74 6.47 4.81
N LEU A 1015 6.25 7.65 5.19
CA LEU A 1015 5.40 8.70 5.71
C LEU A 1015 4.41 9.20 4.66
N ILE A 1016 4.86 9.34 3.42
CA ILE A 1016 4.00 9.86 2.36
C ILE A 1016 2.80 8.93 2.16
N THR A 1017 3.06 7.63 2.10
CA THR A 1017 1.96 6.68 1.92
C THR A 1017 0.96 6.78 3.06
N GLY A 1018 1.45 6.82 4.30
CA GLY A 1018 0.55 6.97 5.43
C GLY A 1018 -0.18 8.29 5.43
N ARG A 1019 0.55 9.39 5.23
CA ARG A 1019 -0.08 10.70 5.21
C ARG A 1019 -1.04 10.84 4.04
N LEU A 1020 -0.63 10.36 2.86
CA LEU A 1020 -1.51 10.42 1.69
C LEU A 1020 -2.78 9.63 1.93
N GLN A 1021 -2.65 8.44 2.52
CA GLN A 1021 -3.83 7.63 2.80
C GLN A 1021 -4.76 8.33 3.79
N SER A 1022 -4.19 8.94 4.84
CA SER A 1022 -5.01 9.64 5.81
C SER A 1022 -5.72 10.82 5.16
N LEU A 1023 -5.02 11.57 4.31
CA LEU A 1023 -5.67 12.65 3.58
C LEU A 1023 -6.73 12.12 2.63
N GLN A 1024 -6.46 10.98 1.99
CA GLN A 1024 -7.44 10.37 1.12
C GLN A 1024 -8.69 9.95 1.91
N THR A 1025 -8.49 9.49 3.14
CA THR A 1025 -9.64 9.16 3.98
C THR A 1025 -10.45 10.40 4.31
N TYR A 1026 -9.78 11.53 4.55
CA TYR A 1026 -10.48 12.74 4.94
C TYR A 1026 -11.37 13.25 3.81
N VAL A 1027 -10.84 13.31 2.59
CA VAL A 1027 -11.62 13.83 1.47
C VAL A 1027 -12.78 12.89 1.15
N THR A 1028 -12.53 11.57 1.18
CA THR A 1028 -13.61 10.63 0.90
C THR A 1028 -14.72 10.75 1.93
N GLN A 1029 -14.36 10.88 3.20
CA GLN A 1029 -15.37 11.10 4.24
C GLN A 1029 -16.06 12.44 4.03
N GLN A 1030 -15.30 13.48 3.65
CA GLN A 1030 -15.90 14.77 3.41
C GLN A 1030 -16.87 14.72 2.23
N LEU A 1031 -16.50 14.01 1.16
CA LEU A 1031 -17.38 13.92 0.01
C LEU A 1031 -18.71 13.29 0.38
N ILE A 1032 -18.68 12.24 1.21
CA ILE A 1032 -19.92 11.61 1.66
C ILE A 1032 -20.74 12.59 2.49
N ARG A 1033 -20.06 13.33 3.38
CA ARG A 1033 -20.78 14.32 4.18
C ARG A 1033 -21.39 15.40 3.31
N ALA A 1034 -20.68 15.82 2.27
CA ALA A 1034 -21.22 16.82 1.35
C ALA A 1034 -22.54 16.34 0.76
N ALA A 1035 -22.63 15.05 0.43
CA ALA A 1035 -23.89 14.51 -0.04
C ALA A 1035 -24.97 14.60 1.04
N GLU A 1036 -24.59 14.33 2.30
CA GLU A 1036 -25.54 14.47 3.39
C GLU A 1036 -26.05 15.89 3.49
N ILE A 1037 -25.15 16.86 3.40
CA ILE A 1037 -25.56 18.27 3.47
C ILE A 1037 -26.32 18.65 2.21
N ARG A 1038 -25.89 18.16 1.05
CA ARG A 1038 -26.57 18.50 -0.19
C ARG A 1038 -28.02 18.02 -0.17
N ALA A 1039 -28.26 16.82 0.34
CA ALA A 1039 -29.62 16.35 0.51
C ALA A 1039 -30.40 17.24 1.47
N SER A 1040 -29.76 17.64 2.57
CA SER A 1040 -30.40 18.57 3.49
C SER A 1040 -30.62 19.92 2.84
N ALA A 1041 -29.63 20.41 2.09
CA ALA A 1041 -29.78 21.71 1.43
C ALA A 1041 -30.94 21.68 0.44
N ASN A 1042 -31.06 20.61 -0.34
CA ASN A 1042 -32.19 20.48 -1.25
C ASN A 1042 -33.50 20.42 -0.48
N LEU A 1043 -33.52 19.69 0.63
CA LEU A 1043 -34.72 19.66 1.47
C LEU A 1043 -35.03 21.05 2.02
N ALA A 1044 -34.00 21.78 2.47
CA ALA A 1044 -34.23 23.14 2.95
C ALA A 1044 -34.76 24.03 1.86
N ALA A 1045 -34.18 23.94 0.65
CA ALA A 1045 -34.68 24.73 -0.47
C ALA A 1045 -36.11 24.33 -0.81
N THR A 1046 -36.41 23.03 -0.79
CA THR A 1046 -37.76 22.57 -1.06
C THR A 1046 -38.75 23.10 -0.03
N LYS A 1047 -38.36 23.07 1.25
CA LYS A 1047 -39.28 23.53 2.30
C LYS A 1047 -39.58 25.01 2.15
N MET A 1048 -38.57 25.83 1.90
CA MET A 1048 -38.81 27.25 1.73
C MET A 1048 -39.66 27.52 0.51
N SER A 1049 -39.41 26.79 -0.58
CA SER A 1049 -40.20 26.99 -1.79
C SER A 1049 -41.67 26.69 -1.54
N GLU A 1050 -41.97 25.65 -0.77
CA GLU A 1050 -43.34 25.25 -0.49
C GLU A 1050 -43.86 25.78 0.83
N CYS A 1051 -43.14 25.56 1.93
CA CYS A 1051 -43.64 25.97 3.24
C CYS A 1051 -43.66 27.50 3.37
N VAL A 1052 -42.57 28.15 2.99
CA VAL A 1052 -42.46 29.60 3.20
C VAL A 1052 -43.16 30.35 2.08
N LEU A 1053 -42.75 30.11 0.84
CA LEU A 1053 -43.29 30.85 -0.30
C LEU A 1053 -44.74 30.50 -0.59
N GLY A 1054 -45.30 29.47 0.05
CA GLY A 1054 -46.68 29.12 -0.16
C GLY A 1054 -47.21 28.28 0.97
N GLN A 1055 -48.42 27.78 0.78
CA GLN A 1055 -49.05 26.85 1.72
C GLN A 1055 -49.01 25.46 1.12
N SER A 1056 -48.45 24.51 1.86
CA SER A 1056 -48.23 23.16 1.38
C SER A 1056 -49.25 22.21 1.99
N LYS A 1057 -49.91 21.43 1.13
CA LYS A 1057 -50.85 20.42 1.59
C LYS A 1057 -50.18 19.16 2.10
N ARG A 1058 -48.88 19.01 1.87
CA ARG A 1058 -48.16 17.81 2.31
C ARG A 1058 -48.21 17.70 3.82
N VAL A 1059 -48.73 16.60 4.31
CA VAL A 1059 -48.92 16.41 5.75
C VAL A 1059 -47.58 16.13 6.40
N ASP A 1060 -47.33 16.81 7.53
CA ASP A 1060 -46.14 16.59 8.33
C ASP A 1060 -44.87 16.87 7.51
N PHE A 1061 -44.97 17.78 6.55
CA PHE A 1061 -43.82 18.27 5.80
C PHE A 1061 -43.42 19.67 6.20
N CYS A 1062 -44.40 20.53 6.44
CA CYS A 1062 -44.17 21.92 6.86
C CYS A 1062 -44.70 22.14 8.27
N GLY A 1063 -44.40 21.22 9.16
CA GLY A 1063 -44.83 21.29 10.55
C GLY A 1063 -45.93 20.28 10.86
N LYS A 1064 -46.12 20.07 12.16
CA LYS A 1064 -47.12 19.12 12.64
C LYS A 1064 -48.49 19.78 12.62
N GLY A 1065 -49.46 19.09 12.02
CA GLY A 1065 -50.79 19.63 11.87
C GLY A 1065 -50.98 20.30 10.52
N TYR A 1066 -52.16 20.90 10.36
CA TYR A 1066 -52.48 21.60 9.13
C TYR A 1066 -51.61 22.85 9.02
N HIS A 1067 -50.62 22.80 8.12
CA HIS A 1067 -49.65 23.88 8.02
C HIS A 1067 -50.28 25.12 7.42
N LEU A 1068 -50.06 26.27 8.06
CA LEU A 1068 -50.53 27.55 7.56
C LEU A 1068 -49.45 28.29 6.77
N MET A 1069 -48.31 28.54 7.41
CA MET A 1069 -47.21 29.25 6.77
C MET A 1069 -46.00 29.27 7.68
N SER A 1070 -44.81 29.42 7.12
CA SER A 1070 -43.56 29.29 7.85
C SER A 1070 -42.76 30.58 7.77
N PHE A 1071 -41.79 30.71 8.66
CA PHE A 1071 -40.88 31.85 8.70
C PHE A 1071 -39.46 31.30 8.67
N PRO A 1072 -38.62 31.69 7.70
CA PRO A 1072 -37.23 31.24 7.73
C PRO A 1072 -36.38 32.10 8.64
N GLN A 1073 -35.41 31.46 9.29
CA GLN A 1073 -34.49 32.16 10.18
C GLN A 1073 -33.09 31.63 9.94
N SER A 1074 -32.15 32.54 9.71
CA SER A 1074 -30.77 32.14 9.49
C SER A 1074 -30.16 31.61 10.78
N ALA A 1075 -29.35 30.57 10.66
CA ALA A 1075 -28.63 29.98 11.78
C ALA A 1075 -27.24 29.60 11.31
N PRO A 1076 -26.30 29.44 12.22
CA PRO A 1076 -24.93 29.08 11.80
C PRO A 1076 -24.91 27.77 11.03
N HIS A 1077 -24.42 27.83 9.79
CA HIS A 1077 -24.28 26.65 8.95
C HIS A 1077 -25.62 25.94 8.74
N GLY A 1078 -26.70 26.71 8.65
CA GLY A 1078 -28.01 26.10 8.44
C GLY A 1078 -29.10 27.14 8.45
N VAL A 1079 -30.34 26.66 8.43
CA VAL A 1079 -31.52 27.50 8.43
C VAL A 1079 -32.53 26.91 9.40
N VAL A 1080 -33.26 27.77 10.10
CA VAL A 1080 -34.27 27.37 11.06
C VAL A 1080 -35.62 27.88 10.58
N PHE A 1081 -36.59 26.98 10.47
CA PHE A 1081 -37.94 27.32 10.06
C PHE A 1081 -38.85 27.38 11.26
N LEU A 1082 -39.77 28.33 11.26
CA LEU A 1082 -40.80 28.46 12.29
C LEU A 1082 -42.14 28.15 11.64
N HIS A 1083 -42.48 26.87 11.58
CA HIS A 1083 -43.73 26.47 10.95
C HIS A 1083 -44.91 26.84 11.82
N VAL A 1084 -45.86 27.56 11.26
CA VAL A 1084 -47.10 27.92 11.94
C VAL A 1084 -48.18 26.96 11.45
N THR A 1085 -48.69 26.14 12.36
CA THR A 1085 -49.63 25.08 12.01
C THR A 1085 -50.94 25.26 12.77
N TYR A 1086 -52.03 24.85 12.13
CA TYR A 1086 -53.37 24.93 12.71
C TYR A 1086 -53.71 23.57 13.29
N VAL A 1087 -53.57 23.44 14.60
CA VAL A 1087 -53.78 22.17 15.30
C VAL A 1087 -55.20 22.16 15.83
N PRO A 1088 -56.03 21.18 15.48
CA PRO A 1088 -57.37 21.11 16.07
C PRO A 1088 -57.32 20.91 17.58
N ALA A 1089 -58.33 21.41 18.26
CA ALA A 1089 -58.39 21.46 19.71
C ALA A 1089 -59.69 20.80 20.15
N GLN A 1090 -60.09 21.05 21.40
CA GLN A 1090 -61.12 20.31 22.12
C GLN A 1090 -62.26 19.81 21.24
N GLU A 1091 -62.59 18.53 21.37
CA GLU A 1091 -63.56 17.85 20.52
C GLU A 1091 -64.90 17.73 21.25
N LYS A 1092 -65.85 17.10 20.57
CA LYS A 1092 -67.15 16.81 21.17
C LYS A 1092 -67.79 15.63 20.42
N ASN A 1093 -68.46 14.77 21.16
CA ASN A 1093 -69.18 13.66 20.54
C ASN A 1093 -70.28 14.19 19.63
N PHE A 1094 -70.52 13.49 18.53
CA PHE A 1094 -71.57 13.86 17.61
C PHE A 1094 -72.05 12.63 16.85
N THR A 1095 -73.37 12.52 16.69
CA THR A 1095 -73.97 11.46 15.90
C THR A 1095 -74.12 11.92 14.47
N THR A 1096 -73.57 11.15 13.53
CA THR A 1096 -73.51 11.55 12.13
C THR A 1096 -74.18 10.49 11.26
N ALA A 1097 -74.73 10.94 10.14
CA ALA A 1097 -75.28 10.06 9.11
C ALA A 1097 -74.71 10.46 7.77
N PRO A 1098 -74.47 9.49 6.87
CA PRO A 1098 -73.87 9.84 5.57
C PRO A 1098 -74.73 10.78 4.74
N ALA A 1099 -76.05 10.69 4.84
CA ALA A 1099 -76.94 11.49 4.00
C ALA A 1099 -78.21 11.78 4.78
N ILE A 1100 -79.12 12.53 4.14
CA ILE A 1100 -80.39 12.91 4.72
C ILE A 1100 -81.49 12.67 3.70
N CYS A 1101 -82.62 12.16 4.16
CA CYS A 1101 -83.76 11.83 3.30
C CYS A 1101 -84.95 12.69 3.72
N HIS A 1102 -85.38 13.60 2.86
CA HIS A 1102 -86.51 14.47 3.15
C HIS A 1102 -87.70 14.23 2.25
N ASP A 1103 -87.58 14.43 0.95
CA ASP A 1103 -88.64 14.09 0.00
C ASP A 1103 -88.30 12.79 -0.74
N GLY A 1104 -88.13 11.71 0.03
CA GLY A 1104 -87.77 10.44 -0.56
C GLY A 1104 -86.55 10.51 -1.45
N LYS A 1105 -85.66 11.47 -1.18
CA LYS A 1105 -84.45 11.67 -1.98
C LYS A 1105 -83.30 12.00 -1.03
N ALA A 1106 -82.15 11.37 -1.27
CA ALA A 1106 -81.02 11.53 -0.38
C ALA A 1106 -80.33 12.87 -0.60
N HIS A 1107 -80.06 13.58 0.49
CA HIS A 1107 -79.35 14.84 0.47
C HIS A 1107 -77.96 14.65 1.06
N PHE A 1108 -76.94 15.13 0.35
CA PHE A 1108 -75.56 15.02 0.78
C PHE A 1108 -74.98 16.41 1.03
N PRO A 1109 -73.98 16.52 1.91
CA PRO A 1109 -73.45 17.85 2.23
C PRO A 1109 -72.49 18.34 1.15
N ARG A 1110 -72.70 19.58 0.70
CA ARG A 1110 -71.82 20.15 -0.30
C ARG A 1110 -70.40 20.24 0.22
N GLU A 1111 -70.23 20.73 1.44
CA GLU A 1111 -68.92 20.80 2.07
C GLU A 1111 -69.15 20.78 3.58
N GLY A 1112 -68.91 19.62 4.18
CA GLY A 1112 -69.13 19.41 5.59
C GLY A 1112 -69.67 18.02 5.82
N VAL A 1113 -70.09 17.77 7.06
CA VAL A 1113 -70.66 16.50 7.46
C VAL A 1113 -71.95 16.76 8.23
N PHE A 1114 -72.88 15.82 8.14
CA PHE A 1114 -74.12 15.92 8.88
C PHE A 1114 -73.89 15.42 10.30
N VAL A 1115 -74.22 16.26 11.29
CA VAL A 1115 -74.01 15.94 12.69
C VAL A 1115 -75.29 16.23 13.45
N SER A 1116 -75.46 15.54 14.58
CA SER A 1116 -76.55 15.79 15.50
C SER A 1116 -76.02 15.73 16.92
N ASN A 1117 -76.32 16.75 17.69
CA ASN A 1117 -75.90 16.81 19.09
C ASN A 1117 -76.89 16.14 20.03
N GLY A 1118 -77.87 15.41 19.50
CA GLY A 1118 -78.76 14.62 20.32
C GLY A 1118 -80.22 14.70 19.89
N THR A 1119 -80.67 15.86 19.42
CA THR A 1119 -82.07 16.07 19.07
C THR A 1119 -82.28 16.57 17.66
N HIS A 1120 -81.42 17.46 17.17
CA HIS A 1120 -81.57 18.07 15.86
C HIS A 1120 -80.33 17.83 15.02
N TRP A 1121 -80.54 17.58 13.72
CA TRP A 1121 -79.44 17.34 12.80
C TRP A 1121 -78.94 18.67 12.23
N PHE A 1122 -77.63 18.74 12.03
CA PHE A 1122 -77.00 19.94 11.50
C PHE A 1122 -75.90 19.52 10.52
N VAL A 1123 -75.63 20.39 9.57
CA VAL A 1123 -74.50 20.24 8.65
C VAL A 1123 -73.42 21.22 9.12
N THR A 1124 -72.22 20.69 9.37
CA THR A 1124 -71.15 21.47 9.97
C THR A 1124 -69.85 21.26 9.20
N GLN A 1125 -68.99 22.26 9.32
CA GLN A 1125 -67.61 22.14 8.88
C GLN A 1125 -66.93 20.88 9.43
N ARG A 1126 -66.01 20.33 8.64
CA ARG A 1126 -65.29 19.14 9.06
C ARG A 1126 -64.24 19.47 10.11
N ASN A 1127 -63.50 20.56 9.95
CA ASN A 1127 -62.42 20.93 10.84
C ASN A 1127 -62.83 21.91 11.93
N PHE A 1128 -64.10 22.28 12.00
CA PHE A 1128 -64.58 23.20 13.03
C PHE A 1128 -66.07 22.95 13.20
N TYR A 1129 -66.62 23.46 14.30
CA TYR A 1129 -68.03 23.22 14.63
C TYR A 1129 -68.78 24.54 14.63
N GLU A 1130 -69.42 24.86 13.50
CA GLU A 1130 -70.44 25.89 13.44
C GLU A 1130 -71.72 25.24 12.91
N PRO A 1131 -72.64 24.82 13.77
CA PRO A 1131 -73.85 24.19 13.26
C PRO A 1131 -74.61 25.13 12.35
N GLN A 1132 -75.15 24.57 11.26
CA GLN A 1132 -75.90 25.33 10.28
C GLN A 1132 -77.12 24.51 9.87
N ILE A 1133 -78.24 25.20 9.68
CA ILE A 1133 -79.47 24.50 9.32
C ILE A 1133 -79.29 23.81 7.97
N ILE A 1134 -79.96 22.67 7.82
CA ILE A 1134 -79.90 21.92 6.57
C ILE A 1134 -80.77 22.65 5.55
N THR A 1135 -80.19 23.03 4.42
CA THR A 1135 -80.91 23.75 3.38
C THR A 1135 -80.54 23.18 2.02
N THR A 1136 -81.46 23.35 1.06
CA THR A 1136 -81.22 22.83 -0.28
C THR A 1136 -80.01 23.46 -0.93
N ASP A 1137 -79.68 24.71 -0.57
CA ASP A 1137 -78.49 25.35 -1.11
C ASP A 1137 -77.22 24.86 -0.44
N ASN A 1138 -77.33 24.24 0.73
CA ASN A 1138 -76.19 23.71 1.46
C ASN A 1138 -75.97 22.22 1.20
N THR A 1139 -76.85 21.58 0.44
CA THR A 1139 -76.76 20.15 0.15
C THR A 1139 -77.13 19.92 -1.30
N PHE A 1140 -76.58 18.85 -1.88
CA PHE A 1140 -76.88 18.44 -3.24
C PHE A 1140 -77.51 17.06 -3.21
N VAL A 1141 -78.61 16.91 -3.95
CA VAL A 1141 -79.38 15.67 -3.97
C VAL A 1141 -78.82 14.75 -5.05
N SER A 1142 -78.80 13.45 -4.76
CA SER A 1142 -78.31 12.47 -5.72
C SER A 1142 -78.96 11.13 -5.38
N GLY A 1143 -79.82 10.65 -6.27
CA GLY A 1143 -80.45 9.36 -6.07
C GLY A 1143 -81.60 9.41 -5.08
N ASN A 1144 -81.99 8.23 -4.62
CA ASN A 1144 -83.07 8.06 -3.66
C ASN A 1144 -82.52 7.41 -2.39
N CYS A 1145 -83.41 7.22 -1.41
CA CYS A 1145 -83.00 6.89 -0.04
C CYS A 1145 -82.87 5.39 0.20
N ASP A 1146 -83.23 4.55 -0.76
CA ASP A 1146 -83.20 3.10 -0.55
C ASP A 1146 -81.87 2.46 -0.94
N VAL A 1147 -80.89 3.26 -1.37
CA VAL A 1147 -79.59 2.75 -1.77
C VAL A 1147 -78.53 3.02 -0.71
N VAL A 1148 -78.54 4.21 -0.12
CA VAL A 1148 -77.54 4.58 0.87
C VAL A 1148 -77.81 3.83 2.16
N ILE A 1149 -76.75 3.47 2.88
CA ILE A 1149 -76.85 2.81 4.17
C ILE A 1149 -76.52 3.84 5.25
N GLY A 1150 -77.37 3.90 6.28
CA GLY A 1150 -77.21 4.87 7.34
C GLY A 1150 -77.97 6.16 7.15
N ILE A 1151 -78.70 6.33 6.04
CA ILE A 1151 -79.49 7.52 5.85
C ILE A 1151 -80.53 7.63 6.98
N VAL A 1152 -80.95 8.86 7.25
CA VAL A 1152 -81.84 9.16 8.38
C VAL A 1152 -82.90 10.16 7.93
N ASN A 1153 -84.13 9.94 8.39
CA ASN A 1153 -85.19 10.90 8.14
C ASN A 1153 -84.84 12.25 8.77
N ASN A 1154 -85.18 13.33 8.06
CA ASN A 1154 -85.03 14.67 8.57
C ASN A 1154 -85.62 15.63 7.54
N THR A 1155 -86.03 16.81 8.02
CA THR A 1155 -86.64 17.83 7.18
C THR A 1155 -85.59 18.86 6.79
N VAL A 1156 -85.46 19.10 5.50
CA VAL A 1156 -84.51 20.08 4.97
C VAL A 1156 -85.27 21.38 4.72
N TYR A 1157 -84.84 22.45 5.38
CA TYR A 1157 -85.52 23.73 5.25
C TYR A 1157 -85.28 24.32 3.86
N ASP A 1158 -86.35 24.76 3.21
CA ASP A 1158 -86.24 25.38 1.91
C ASP A 1158 -86.05 26.88 2.08
N PRO A 1159 -84.97 27.48 1.54
CA PRO A 1159 -84.67 28.88 1.86
C PRO A 1159 -85.62 29.89 1.25
N LEU A 1160 -86.39 29.52 0.22
CA LEU A 1160 -87.26 30.46 -0.48
C LEU A 1160 -88.74 30.18 -0.30
N GLN A 1161 -89.10 29.07 0.34
CA GLN A 1161 -90.53 28.78 0.55
C GLN A 1161 -91.23 29.86 1.34
N PRO A 1162 -90.71 30.34 2.48
CA PRO A 1162 -91.41 31.41 3.22
C PRO A 1162 -91.10 32.79 2.68
N GLU A 1163 -91.16 32.94 1.34
CA GLU A 1163 -90.96 34.24 0.71
C GLU A 1163 -91.88 34.45 -0.48
N LEU A 1164 -92.78 33.51 -0.77
CA LEU A 1164 -93.68 33.60 -1.92
C LEU A 1164 -95.11 33.94 -1.51
N ASP A 1165 -95.37 34.13 -0.22
CA ASP A 1165 -96.71 34.45 0.25
C ASP A 1165 -97.06 35.93 0.10
N SER A 1166 -96.09 36.77 -0.25
CA SER A 1166 -96.33 38.19 -0.42
C SER A 1166 -96.72 38.50 -1.86
N GLN B 33 11.30 -65.38 -15.96
CA GLN B 33 9.92 -65.43 -15.50
C GLN B 33 8.98 -64.94 -16.59
N CYS B 34 9.44 -63.99 -17.40
CA CYS B 34 8.59 -63.33 -18.37
C CYS B 34 8.37 -64.20 -19.61
N VAL B 35 7.40 -63.80 -20.41
CA VAL B 35 7.01 -64.50 -21.63
C VAL B 35 6.80 -63.46 -22.72
N ASN B 36 6.37 -63.91 -23.90
CA ASN B 36 6.09 -63.04 -25.03
C ASN B 36 4.64 -63.31 -25.48
N LEU B 37 3.69 -62.66 -24.80
CA LEU B 37 2.29 -62.71 -25.17
C LEU B 37 1.91 -61.46 -25.96
N THR B 38 2.50 -61.34 -27.16
CA THR B 38 2.27 -60.17 -27.99
C THR B 38 2.28 -60.62 -29.46
N THR B 39 1.09 -60.86 -30.01
CA THR B 39 0.95 -61.11 -31.44
C THR B 39 -0.49 -60.73 -31.81
N ARG B 40 -0.66 -59.53 -32.38
CA ARG B 40 -1.98 -59.01 -32.70
C ARG B 40 -1.80 -57.76 -33.54
N THR B 41 -2.93 -57.13 -33.88
CA THR B 41 -2.96 -55.81 -34.49
C THR B 41 -3.76 -54.91 -33.55
N GLN B 42 -3.07 -54.02 -32.85
CA GLN B 42 -3.72 -53.22 -31.82
C GLN B 42 -4.82 -52.35 -32.41
N LEU B 43 -5.92 -52.24 -31.67
CA LEU B 43 -7.03 -51.36 -32.06
C LEU B 43 -6.76 -49.98 -31.46
N PRO B 44 -6.45 -48.97 -32.26
CA PRO B 44 -6.06 -47.67 -31.69
C PRO B 44 -7.13 -47.04 -30.82
N PRO B 45 -8.37 -46.83 -31.33
CA PRO B 45 -9.30 -45.94 -30.63
C PRO B 45 -9.59 -46.35 -29.19
N ALA B 46 -10.23 -47.51 -29.02
CA ALA B 46 -10.48 -48.14 -27.72
C ALA B 46 -10.76 -47.11 -26.62
N TYR B 47 -11.82 -46.32 -26.83
CA TYR B 47 -12.14 -45.24 -25.90
C TYR B 47 -13.64 -45.24 -25.59
N THR B 48 -13.97 -44.61 -24.47
CA THR B 48 -15.33 -44.27 -24.10
C THR B 48 -15.31 -42.88 -23.46
N ASN B 49 -16.42 -42.50 -22.84
CA ASN B 49 -16.56 -41.19 -22.19
C ASN B 49 -16.69 -41.39 -20.70
N SER B 50 -15.95 -40.58 -19.94
CA SER B 50 -16.06 -40.53 -18.48
C SER B 50 -16.95 -39.36 -18.13
N PHE B 51 -18.20 -39.65 -17.76
CA PHE B 51 -19.19 -38.60 -17.58
C PHE B 51 -18.87 -37.72 -16.39
N THR B 52 -18.83 -38.31 -15.19
CA THR B 52 -18.58 -37.54 -13.97
C THR B 52 -17.83 -38.44 -12.99
N ARG B 53 -16.50 -38.35 -13.02
CA ARG B 53 -15.65 -39.13 -12.12
C ARG B 53 -14.32 -38.39 -11.96
N GLY B 54 -13.49 -38.93 -11.09
CA GLY B 54 -12.15 -38.40 -10.87
C GLY B 54 -12.03 -37.35 -9.79
N VAL B 55 -13.14 -36.92 -9.20
CA VAL B 55 -13.08 -35.93 -8.13
C VAL B 55 -12.56 -36.59 -6.86
N TYR B 56 -11.55 -35.96 -6.24
CA TYR B 56 -10.92 -36.50 -5.05
C TYR B 56 -10.67 -35.38 -4.06
N TYR B 57 -10.52 -35.75 -2.80
CA TYR B 57 -10.24 -34.77 -1.75
C TYR B 57 -8.83 -34.22 -1.95
N PRO B 58 -8.65 -32.90 -2.10
CA PRO B 58 -7.32 -32.37 -2.38
C PRO B 58 -6.47 -32.06 -1.16
N ASP B 59 -7.06 -31.96 0.03
CA ASP B 59 -6.33 -31.58 1.24
C ASP B 59 -6.81 -32.43 2.40
N LYS B 60 -6.17 -32.22 3.56
CA LYS B 60 -6.41 -33.02 4.75
C LYS B 60 -7.25 -32.27 5.78
N VAL B 61 -8.15 -31.41 5.32
CA VAL B 61 -8.95 -30.56 6.20
C VAL B 61 -10.42 -30.93 6.03
N PHE B 62 -11.12 -31.08 7.14
CA PHE B 62 -12.55 -31.40 7.13
C PHE B 62 -13.36 -30.15 6.82
N ARG B 63 -14.29 -30.28 5.88
CA ARG B 63 -15.19 -29.19 5.51
C ARG B 63 -16.59 -29.75 5.33
N SER B 64 -17.58 -28.94 5.69
CA SER B 64 -18.97 -29.36 5.61
C SER B 64 -19.85 -28.14 5.36
N SER B 65 -20.84 -28.30 4.48
CA SER B 65 -21.80 -27.25 4.17
C SER B 65 -21.09 -25.98 3.72
N VAL B 66 -20.03 -26.14 2.93
CA VAL B 66 -19.28 -25.02 2.39
C VAL B 66 -18.81 -25.39 0.99
N LEU B 67 -18.70 -24.39 0.13
CA LEU B 67 -18.22 -24.55 -1.24
C LEU B 67 -16.82 -23.98 -1.34
N HIS B 68 -15.87 -24.81 -1.75
CA HIS B 68 -14.46 -24.43 -1.82
C HIS B 68 -13.96 -24.60 -3.26
N SER B 69 -13.20 -23.62 -3.72
CA SER B 69 -12.60 -23.63 -5.05
C SER B 69 -11.15 -24.07 -4.94
N THR B 70 -10.81 -25.17 -5.60
CA THR B 70 -9.47 -25.76 -5.55
C THR B 70 -8.91 -25.86 -6.96
N GLN B 71 -7.68 -25.41 -7.13
CA GLN B 71 -6.97 -25.53 -8.41
C GLN B 71 -5.97 -26.67 -8.27
N ASP B 72 -6.29 -27.82 -8.84
CA ASP B 72 -5.44 -29.00 -8.72
C ASP B 72 -5.69 -29.92 -9.91
N LEU B 73 -4.78 -30.86 -10.09
CA LEU B 73 -4.92 -31.84 -11.16
C LEU B 73 -6.20 -32.64 -10.98
N PHE B 74 -7.12 -32.48 -11.93
CA PHE B 74 -8.40 -33.18 -11.88
C PHE B 74 -8.72 -33.74 -13.27
N LEU B 75 -9.54 -34.78 -13.29
CA LEU B 75 -10.01 -35.33 -14.54
C LEU B 75 -11.13 -34.45 -15.09
N PRO B 76 -11.01 -33.89 -16.31
CA PRO B 76 -12.09 -33.07 -16.83
C PRO B 76 -13.39 -33.86 -16.95
N PHE B 77 -14.49 -33.20 -16.61
CA PHE B 77 -15.80 -33.84 -16.71
C PHE B 77 -16.15 -34.09 -18.17
N PHE B 78 -16.73 -35.26 -18.45
CA PHE B 78 -17.11 -35.64 -19.81
C PHE B 78 -15.90 -35.62 -20.73
N SER B 79 -14.88 -36.40 -20.38
CA SER B 79 -13.62 -36.43 -21.11
C SER B 79 -13.49 -37.73 -21.89
N ASN B 80 -12.52 -37.74 -22.81
CA ASN B 80 -12.21 -38.92 -23.61
C ASN B 80 -11.30 -39.83 -22.79
N VAL B 81 -11.77 -41.04 -22.51
CA VAL B 81 -11.03 -42.01 -21.72
C VAL B 81 -10.93 -43.31 -22.49
N THR B 82 -9.77 -43.97 -22.37
CA THR B 82 -9.55 -45.22 -23.08
C THR B 82 -10.44 -46.32 -22.51
N TRP B 83 -10.62 -47.37 -23.29
CA TRP B 83 -11.46 -48.50 -22.93
C TRP B 83 -10.74 -49.81 -23.24
N PHE B 84 -9.47 -49.90 -22.84
CA PHE B 84 -8.70 -51.10 -23.11
C PHE B 84 -9.38 -52.32 -22.51
N HIS B 85 -9.50 -53.37 -23.32
CA HIS B 85 -10.11 -54.63 -22.89
C HIS B 85 -9.06 -55.65 -22.47
N ALA B 86 -8.08 -55.92 -23.32
CA ALA B 86 -6.95 -56.80 -23.00
C ALA B 86 -7.34 -58.27 -22.98
N ILE B 87 -8.62 -58.58 -23.07
CA ILE B 87 -9.10 -59.95 -23.21
C ILE B 87 -10.28 -59.94 -24.17
N HIS B 88 -10.04 -60.33 -25.42
CA HIS B 88 -11.05 -60.30 -26.47
C HIS B 88 -11.48 -61.74 -26.75
N VAL B 89 -12.54 -62.17 -26.07
CA VAL B 89 -13.11 -63.50 -26.26
C VAL B 89 -14.14 -63.39 -27.37
N SER B 90 -13.73 -63.63 -28.61
CA SER B 90 -14.59 -63.52 -29.77
C SER B 90 -14.27 -64.64 -30.74
N GLY B 91 -15.27 -64.99 -31.55
CA GLY B 91 -15.15 -66.06 -32.52
C GLY B 91 -16.04 -67.23 -32.17
N THR B 92 -15.97 -68.26 -33.02
CA THR B 92 -16.77 -69.46 -32.80
C THR B 92 -16.42 -70.14 -31.49
N ASN B 93 -15.12 -70.25 -31.19
CA ASN B 93 -14.65 -70.85 -29.96
C ASN B 93 -14.01 -69.85 -29.01
N GLY B 94 -13.82 -68.60 -29.43
CA GLY B 94 -13.23 -67.59 -28.59
C GLY B 94 -11.71 -67.61 -28.62
N THR B 95 -11.13 -66.56 -28.04
CA THR B 95 -9.68 -66.45 -27.94
C THR B 95 -9.34 -65.64 -26.70
N LYS B 96 -8.05 -65.46 -26.45
CA LYS B 96 -7.55 -64.77 -25.26
C LYS B 96 -6.50 -63.74 -25.65
N ARG B 97 -6.83 -62.91 -26.63
CA ARG B 97 -5.91 -61.85 -27.06
C ARG B 97 -5.55 -60.96 -25.88
N PHE B 98 -4.25 -60.73 -25.70
CA PHE B 98 -3.72 -59.95 -24.59
C PHE B 98 -3.29 -58.58 -25.09
N ASP B 99 -3.63 -57.54 -24.34
CA ASP B 99 -3.29 -56.18 -24.74
C ASP B 99 -3.22 -55.32 -23.48
N ASN B 100 -2.00 -55.06 -23.01
CA ASN B 100 -1.76 -54.16 -21.88
C ASN B 100 -0.61 -53.21 -22.23
N PRO B 101 -0.81 -52.33 -23.22
CA PRO B 101 0.28 -51.50 -23.68
C PRO B 101 0.69 -50.46 -22.65
N VAL B 102 1.97 -50.10 -22.66
CA VAL B 102 2.46 -49.00 -21.84
C VAL B 102 1.83 -47.71 -22.34
N LEU B 103 1.42 -46.86 -21.39
CA LEU B 103 0.73 -45.62 -21.72
C LEU B 103 1.41 -44.45 -21.01
N PRO B 104 1.34 -43.24 -21.58
CA PRO B 104 2.00 -42.10 -20.93
C PRO B 104 1.36 -41.75 -19.60
N PHE B 105 2.17 -41.20 -18.70
CA PHE B 105 1.64 -40.71 -17.43
C PHE B 105 0.90 -39.39 -17.62
N ASN B 106 1.44 -38.51 -18.46
CA ASN B 106 0.81 -37.21 -18.75
C ASN B 106 0.60 -36.40 -17.47
N ASP B 107 1.52 -36.53 -16.53
CA ASP B 107 1.48 -35.77 -15.28
C ASP B 107 0.14 -35.95 -14.56
N GLY B 108 -0.34 -37.19 -14.53
CA GLY B 108 -1.60 -37.50 -13.87
C GLY B 108 -2.38 -38.56 -14.61
N VAL B 109 -2.83 -39.58 -13.88
CA VAL B 109 -3.54 -40.72 -14.47
C VAL B 109 -4.74 -41.05 -13.60
N TYR B 110 -5.87 -41.33 -14.26
CA TYR B 110 -7.07 -41.82 -13.59
C TYR B 110 -7.36 -43.21 -14.11
N PHE B 111 -7.47 -44.17 -13.21
CA PHE B 111 -7.57 -45.59 -13.56
C PHE B 111 -8.82 -46.19 -12.93
N ALA B 112 -9.50 -47.05 -13.67
CA ALA B 112 -10.63 -47.81 -13.18
C ALA B 112 -10.44 -49.28 -13.53
N SER B 113 -10.96 -50.15 -12.67
CA SER B 113 -10.77 -51.60 -12.81
C SER B 113 -12.05 -52.36 -13.14
N THR B 114 -13.15 -52.02 -12.48
CA THR B 114 -14.46 -52.66 -12.68
C THR B 114 -14.32 -54.17 -12.88
N GLU B 115 -13.52 -54.79 -12.03
CA GLU B 115 -13.25 -56.21 -12.09
C GLU B 115 -14.28 -57.00 -11.29
N LYS B 116 -14.52 -58.24 -11.71
CA LYS B 116 -15.45 -59.13 -11.04
C LYS B 116 -14.77 -60.25 -10.27
N SER B 117 -13.55 -60.63 -10.64
CA SER B 117 -12.84 -61.73 -10.00
C SER B 117 -11.48 -61.29 -9.43
N ASN B 118 -11.24 -60.00 -9.30
CA ASN B 118 -10.00 -59.48 -8.71
C ASN B 118 -8.78 -60.00 -9.47
N ILE B 119 -8.68 -59.60 -10.74
CA ILE B 119 -7.63 -60.06 -11.62
C ILE B 119 -6.54 -59.00 -11.84
N ILE B 120 -6.86 -57.73 -11.69
CA ILE B 120 -5.84 -56.68 -11.72
C ILE B 120 -5.18 -56.63 -10.35
N ARG B 121 -3.85 -56.64 -10.34
CA ARG B 121 -3.08 -56.73 -9.10
C ARG B 121 -1.90 -55.77 -9.13
N GLY B 122 -2.14 -54.53 -9.51
CA GLY B 122 -1.16 -53.46 -9.38
C GLY B 122 -0.84 -52.83 -10.73
N TRP B 123 0.14 -51.93 -10.70
CA TRP B 123 0.55 -51.18 -11.87
C TRP B 123 2.06 -51.02 -11.85
N ILE B 124 2.61 -50.62 -13.00
CA ILE B 124 4.04 -50.36 -13.16
C ILE B 124 4.20 -48.95 -13.69
N PHE B 125 5.17 -48.22 -13.12
CA PHE B 125 5.49 -46.87 -13.55
C PHE B 125 7.00 -46.76 -13.76
N GLY B 126 7.38 -45.97 -14.75
CA GLY B 126 8.80 -45.79 -15.04
C GLY B 126 9.01 -44.86 -16.21
N THR B 127 10.28 -44.63 -16.52
CA THR B 127 10.66 -43.75 -17.62
C THR B 127 10.86 -44.53 -18.91
N THR B 128 11.81 -45.46 -18.90
CA THR B 128 12.02 -46.39 -20.01
C THR B 128 11.87 -47.84 -19.59
N LEU B 129 11.82 -48.13 -18.29
CA LEU B 129 11.48 -49.46 -17.78
C LEU B 129 12.48 -50.52 -18.24
N ASP B 130 13.74 -50.15 -18.42
CA ASP B 130 14.77 -51.14 -18.73
C ASP B 130 16.10 -50.67 -18.14
N SER B 131 16.34 -51.05 -16.89
CA SER B 131 17.63 -50.89 -16.23
C SER B 131 18.31 -49.55 -16.47
N LYS B 132 17.52 -48.46 -16.49
CA LYS B 132 18.07 -47.11 -16.63
C LYS B 132 17.83 -46.27 -15.38
N THR B 133 16.57 -46.13 -14.95
CA THR B 133 16.21 -45.28 -13.83
C THR B 133 15.25 -46.03 -12.91
N GLN B 134 14.92 -45.40 -11.79
CA GLN B 134 14.04 -46.01 -10.81
C GLN B 134 12.64 -46.18 -11.39
N SER B 135 11.99 -47.27 -11.02
CA SER B 135 10.63 -47.58 -11.45
C SER B 135 9.81 -48.04 -10.26
N LEU B 136 8.54 -47.65 -10.24
CA LEU B 136 7.63 -48.00 -9.17
C LEU B 136 6.84 -49.25 -9.54
N LEU B 137 6.83 -50.22 -8.63
CA LEU B 137 6.14 -51.49 -8.84
C LEU B 137 5.14 -51.70 -7.71
N ILE B 138 3.90 -52.03 -8.07
CA ILE B 138 2.84 -52.32 -7.12
C ILE B 138 2.32 -53.72 -7.39
N VAL B 139 2.26 -54.53 -6.34
CA VAL B 139 1.67 -55.87 -6.41
C VAL B 139 0.79 -56.06 -5.18
N ASN B 140 -0.41 -56.60 -5.39
CA ASN B 140 -1.41 -56.77 -4.34
C ASN B 140 -1.75 -58.26 -4.24
N ASN B 141 -1.06 -58.96 -3.34
CA ASN B 141 -1.34 -60.35 -3.06
C ASN B 141 -2.35 -60.42 -1.90
N ALA B 142 -2.50 -61.60 -1.30
CA ALA B 142 -3.50 -61.83 -0.27
C ALA B 142 -3.45 -60.75 0.82
N THR B 143 -2.32 -60.66 1.52
CA THR B 143 -2.20 -59.74 2.66
C THR B 143 -0.84 -59.06 2.65
N ASN B 144 -0.40 -58.58 1.49
CA ASN B 144 0.85 -57.83 1.41
C ASN B 144 0.88 -57.04 0.12
N VAL B 145 0.83 -55.71 0.24
CA VAL B 145 1.03 -54.83 -0.90
C VAL B 145 2.53 -54.54 -1.03
N VAL B 146 3.09 -54.87 -2.18
CA VAL B 146 4.52 -54.75 -2.40
C VAL B 146 4.78 -53.45 -3.17
N ILE B 147 5.54 -52.55 -2.54
CA ILE B 147 5.96 -51.29 -3.16
C ILE B 147 7.47 -51.32 -3.29
N LYS B 148 7.97 -51.05 -4.48
CA LYS B 148 9.40 -51.14 -4.76
C LYS B 148 9.78 -50.07 -5.79
N VAL B 149 10.34 -48.97 -5.30
CA VAL B 149 10.97 -47.97 -6.18
C VAL B 149 12.41 -48.41 -6.33
N CYS B 150 12.63 -49.33 -7.27
CA CYS B 150 13.92 -49.99 -7.42
C CYS B 150 14.19 -50.19 -8.91
N GLU B 151 15.48 -50.15 -9.26
CA GLU B 151 15.89 -50.14 -10.66
C GLU B 151 15.99 -51.56 -11.18
N PHE B 152 15.10 -51.91 -12.11
CA PHE B 152 15.18 -53.20 -12.78
C PHE B 152 14.37 -53.11 -14.08
N GLN B 153 14.61 -54.07 -14.96
CA GLN B 153 14.02 -54.06 -16.29
C GLN B 153 12.71 -54.84 -16.31
N PHE B 154 11.74 -54.33 -17.04
CA PHE B 154 10.45 -54.96 -17.22
C PHE B 154 10.33 -55.50 -18.64
N CYS B 155 9.80 -56.71 -18.76
CA CYS B 155 9.63 -57.33 -20.06
C CYS B 155 8.51 -56.62 -20.84
N ASN B 156 8.25 -57.11 -22.05
CA ASN B 156 7.24 -56.49 -22.91
C ASN B 156 5.83 -56.73 -22.42
N ASP B 157 5.61 -57.66 -21.49
CA ASP B 157 4.27 -57.96 -20.97
C ASP B 157 4.37 -58.53 -19.57
N PRO B 158 4.69 -57.70 -18.58
CA PRO B 158 4.68 -58.17 -17.20
C PRO B 158 3.28 -58.58 -16.77
N PHE B 159 3.21 -59.59 -15.90
CA PHE B 159 1.93 -60.10 -15.41
C PHE B 159 2.21 -60.96 -14.19
N LEU B 160 1.15 -61.56 -13.65
CA LEU B 160 1.24 -62.39 -12.46
C LEU B 160 0.47 -63.69 -12.69
N GLY B 161 0.97 -64.77 -12.09
CA GLY B 161 0.33 -66.07 -12.15
C GLY B 161 -0.31 -66.40 -10.80
N VAL B 162 -1.59 -66.75 -10.85
CA VAL B 162 -2.41 -66.96 -9.66
C VAL B 162 -2.99 -68.36 -9.69
N TYR B 163 -3.06 -69.00 -8.53
CA TYR B 163 -3.68 -70.30 -8.37
C TYR B 163 -4.57 -70.28 -7.12
N TYR B 164 -5.58 -71.15 -7.12
CA TYR B 164 -6.67 -71.07 -6.15
C TYR B 164 -6.67 -72.20 -5.13
N HIS B 165 -5.63 -73.04 -5.10
CA HIS B 165 -5.49 -74.07 -4.07
C HIS B 165 -6.69 -75.03 -4.09
N LYS B 166 -6.77 -75.79 -5.19
CA LYS B 166 -7.81 -76.80 -5.37
C LYS B 166 -9.18 -76.15 -5.50
N ASN B 167 -9.22 -74.97 -6.13
CA ASN B 167 -10.46 -74.20 -6.28
C ASN B 167 -11.04 -73.78 -4.93
N ASN B 168 -10.23 -73.80 -3.87
CA ASN B 168 -10.72 -73.41 -2.56
C ASN B 168 -10.90 -71.90 -2.45
N LYS B 169 -10.18 -71.12 -3.25
CA LYS B 169 -10.30 -69.66 -3.25
C LYS B 169 -9.95 -69.07 -1.89
N SER B 170 -9.05 -69.73 -1.16
CA SER B 170 -8.64 -69.29 0.17
C SER B 170 -7.18 -68.88 0.23
N TRP B 171 -6.26 -69.76 -0.17
CA TRP B 171 -4.84 -69.42 -0.12
C TRP B 171 -4.51 -68.28 -1.06
N MET B 172 -4.95 -68.38 -2.31
CA MET B 172 -4.82 -67.30 -3.29
C MET B 172 -3.35 -66.87 -3.43
N GLU B 173 -2.53 -67.81 -3.89
CA GLU B 173 -1.12 -67.54 -4.08
C GLU B 173 -0.87 -66.85 -5.41
N SER B 174 0.31 -66.23 -5.53
CA SER B 174 0.69 -65.48 -6.72
C SER B 174 2.15 -65.76 -7.06
N GLU B 175 2.47 -65.57 -8.33
CA GLU B 175 3.83 -65.73 -8.85
C GLU B 175 4.29 -64.40 -9.42
N PHE B 176 5.52 -63.99 -9.05
CA PHE B 176 6.04 -62.68 -9.41
C PHE B 176 6.77 -62.77 -10.76
N ARG B 177 5.98 -62.84 -11.82
CA ARG B 177 6.51 -62.82 -13.19
C ARG B 177 6.40 -61.41 -13.77
N VAL B 178 7.11 -60.48 -13.14
CA VAL B 178 7.00 -59.06 -13.49
C VAL B 178 8.36 -58.49 -13.87
N TYR B 179 9.44 -59.10 -13.37
CA TYR B 179 10.77 -58.56 -13.60
C TYR B 179 11.78 -59.69 -13.40
N SER B 180 13.06 -59.33 -13.53
CA SER B 180 14.14 -60.30 -13.36
C SER B 180 15.34 -59.72 -12.60
N SER B 181 15.19 -58.55 -11.96
CA SER B 181 16.30 -57.95 -11.24
C SER B 181 15.76 -57.04 -10.15
N ALA B 182 16.64 -56.73 -9.19
CA ALA B 182 16.33 -55.78 -8.12
C ALA B 182 17.52 -54.89 -7.80
N ASN B 183 18.35 -54.59 -8.79
CA ASN B 183 19.57 -53.84 -8.55
C ASN B 183 19.27 -52.40 -8.17
N ASN B 184 20.11 -51.84 -7.30
CA ASN B 184 20.01 -50.45 -6.86
C ASN B 184 18.60 -50.15 -6.35
N CYS B 185 18.18 -50.96 -5.37
CA CYS B 185 16.83 -50.89 -4.83
C CYS B 185 16.81 -49.90 -3.68
N THR B 186 15.96 -48.88 -3.78
CA THR B 186 16.01 -47.71 -2.90
C THR B 186 14.93 -47.70 -1.84
N PHE B 187 13.65 -47.78 -2.23
CA PHE B 187 12.54 -47.59 -1.33
C PHE B 187 11.64 -48.82 -1.32
N GLU B 188 11.03 -49.06 -0.16
CA GLU B 188 10.08 -50.17 0.01
C GLU B 188 8.99 -49.72 0.96
N TYR B 189 7.82 -50.33 0.82
CA TYR B 189 6.69 -50.01 1.68
C TYR B 189 5.71 -51.19 1.69
N VAL B 190 5.12 -51.45 2.85
CA VAL B 190 4.15 -52.52 3.02
C VAL B 190 3.05 -52.03 3.95
N SER B 191 1.83 -52.47 3.68
CA SER B 191 0.65 -52.09 4.47
C SER B 191 -0.48 -53.02 4.07
N GLN B 192 -1.68 -52.72 4.54
CA GLN B 192 -2.85 -53.51 4.19
C GLN B 192 -3.06 -53.45 2.68
N PRO B 193 -3.40 -54.57 2.01
CA PRO B 193 -3.62 -54.50 0.56
C PRO B 193 -4.74 -53.55 0.21
N PHE B 194 -4.56 -52.83 -0.90
CA PHE B 194 -5.57 -51.88 -1.34
C PHE B 194 -6.87 -52.58 -1.73
N LEU B 195 -6.75 -53.73 -2.40
CA LEU B 195 -7.93 -54.46 -2.87
C LEU B 195 -8.46 -55.35 -1.77
N MET B 196 -9.76 -55.25 -1.52
CA MET B 196 -10.40 -56.04 -0.48
C MET B 196 -11.19 -57.19 -1.10
N PHE B 205 -24.00 -56.72 -8.86
CA PHE B 205 -22.78 -56.04 -8.44
C PHE B 205 -21.68 -56.20 -9.48
N LYS B 206 -20.81 -55.18 -9.57
CA LYS B 206 -19.70 -55.19 -10.50
C LYS B 206 -18.38 -54.78 -9.87
N ASN B 207 -18.39 -54.17 -8.69
CA ASN B 207 -17.17 -53.80 -7.99
C ASN B 207 -16.36 -52.78 -8.80
N LEU B 208 -16.98 -51.63 -9.04
CA LEU B 208 -16.33 -50.54 -9.75
C LEU B 208 -15.28 -49.91 -8.85
N ARG B 209 -14.00 -50.09 -9.21
CA ARG B 209 -12.90 -49.46 -8.50
C ARG B 209 -12.33 -48.32 -9.33
N GLU B 210 -11.88 -47.28 -8.66
CA GLU B 210 -11.30 -46.11 -9.29
C GLU B 210 -9.96 -45.79 -8.62
N PHE B 211 -9.02 -45.28 -9.41
CA PHE B 211 -7.69 -44.98 -8.93
C PHE B 211 -7.19 -43.69 -9.57
N VAL B 212 -6.37 -42.96 -8.82
CA VAL B 212 -5.77 -41.71 -9.29
C VAL B 212 -4.31 -41.70 -8.87
N PHE B 213 -3.42 -41.32 -9.78
CA PHE B 213 -1.99 -41.25 -9.52
C PHE B 213 -1.51 -39.85 -9.84
N LYS B 214 -0.75 -39.26 -8.91
CA LYS B 214 -0.21 -37.91 -9.07
C LYS B 214 1.23 -37.92 -8.60
N ASN B 215 2.16 -37.76 -9.56
CA ASN B 215 3.58 -37.63 -9.26
C ASN B 215 3.96 -36.16 -9.38
N ILE B 216 3.73 -35.42 -8.29
CA ILE B 216 3.96 -33.99 -8.25
C ILE B 216 5.00 -33.67 -7.19
N ASP B 217 5.79 -32.64 -7.45
CA ASP B 217 6.77 -32.04 -6.55
C ASP B 217 7.47 -33.06 -5.64
N GLY B 218 7.93 -34.16 -6.23
CA GLY B 218 8.68 -35.16 -5.49
C GLY B 218 7.84 -36.06 -4.61
N TYR B 219 6.52 -35.91 -4.62
CA TYR B 219 5.63 -36.73 -3.80
C TYR B 219 4.66 -37.48 -4.71
N PHE B 220 4.60 -38.80 -4.55
CA PHE B 220 3.66 -39.64 -5.28
C PHE B 220 2.49 -39.96 -4.37
N LYS B 221 1.29 -39.53 -4.76
CA LYS B 221 0.09 -39.75 -3.98
C LYS B 221 -0.87 -40.61 -4.78
N ILE B 222 -1.39 -41.66 -4.14
CA ILE B 222 -2.33 -42.59 -4.76
C ILE B 222 -3.67 -42.46 -4.03
N TYR B 223 -4.73 -42.24 -4.80
CA TYR B 223 -6.08 -42.14 -4.29
C TYR B 223 -6.92 -43.26 -4.89
N SER B 224 -8.01 -43.61 -4.20
CA SER B 224 -8.81 -44.76 -4.62
C SER B 224 -10.24 -44.61 -4.11
N LYS B 225 -11.13 -45.43 -4.69
CA LYS B 225 -12.51 -45.52 -4.24
C LYS B 225 -13.06 -46.86 -4.67
N HIS B 226 -13.73 -47.56 -3.75
CA HIS B 226 -14.35 -48.86 -4.01
C HIS B 226 -15.85 -48.68 -3.93
N THR B 227 -16.53 -48.79 -5.07
CA THR B 227 -17.98 -48.67 -5.15
C THR B 227 -18.55 -49.75 -6.05
N PRO B 228 -19.68 -50.36 -5.69
CA PRO B 228 -20.30 -51.34 -6.60
C PRO B 228 -21.34 -50.71 -7.50
N ILE B 229 -21.40 -51.21 -8.73
CA ILE B 229 -22.42 -50.80 -9.70
C ILE B 229 -23.11 -52.05 -10.23
N ASN B 230 -24.44 -52.01 -10.29
CA ASN B 230 -25.19 -53.16 -10.80
C ASN B 230 -25.06 -53.27 -12.32
N LEU B 231 -25.08 -52.14 -13.02
CA LEU B 231 -25.03 -52.16 -14.47
C LEU B 231 -23.68 -52.67 -14.96
N VAL B 232 -23.71 -53.40 -16.08
CA VAL B 232 -22.50 -53.88 -16.74
C VAL B 232 -22.07 -52.95 -17.87
N ARG B 233 -22.75 -51.82 -18.05
CA ARG B 233 -22.43 -50.88 -19.12
C ARG B 233 -21.25 -50.01 -18.70
N ASP B 234 -21.03 -48.91 -19.42
CA ASP B 234 -19.96 -47.99 -19.10
C ASP B 234 -20.22 -47.33 -17.76
N LEU B 235 -19.32 -46.41 -17.37
CA LEU B 235 -19.37 -45.73 -16.08
C LEU B 235 -20.78 -45.23 -15.79
N PRO B 236 -21.21 -45.24 -14.53
CA PRO B 236 -22.62 -45.04 -14.21
C PRO B 236 -23.03 -43.58 -14.31
N GLN B 237 -24.36 -43.37 -14.29
CA GLN B 237 -24.95 -42.04 -14.31
C GLN B 237 -25.03 -41.50 -12.88
N GLY B 238 -23.86 -41.30 -12.29
CA GLY B 238 -23.79 -40.84 -10.91
C GLY B 238 -22.42 -40.29 -10.60
N PHE B 239 -22.32 -39.72 -9.40
CA PHE B 239 -21.09 -39.11 -8.90
C PHE B 239 -20.72 -39.73 -7.56
N SER B 240 -19.42 -39.89 -7.34
CA SER B 240 -18.92 -40.43 -6.09
C SER B 240 -17.59 -39.78 -5.76
N ALA B 241 -17.34 -39.55 -4.47
CA ALA B 241 -16.06 -39.01 -4.05
C ALA B 241 -14.96 -40.04 -4.28
N LEU B 242 -13.72 -39.66 -3.96
CA LEU B 242 -12.59 -40.56 -4.16
C LEU B 242 -11.50 -40.14 -3.17
N GLU B 243 -11.38 -40.91 -2.09
CA GLU B 243 -10.51 -40.54 -0.98
C GLU B 243 -9.08 -41.00 -1.21
N PRO B 244 -8.11 -40.39 -0.53
CA PRO B 244 -6.72 -40.87 -0.61
C PRO B 244 -6.54 -42.16 0.18
N LEU B 245 -5.45 -42.85 -0.13
CA LEU B 245 -5.04 -44.04 0.59
C LEU B 245 -3.68 -43.88 1.26
N VAL B 246 -2.66 -43.46 0.50
CA VAL B 246 -1.31 -43.33 1.05
C VAL B 246 -0.54 -42.36 0.16
N ASP B 247 0.43 -41.69 0.76
CA ASP B 247 1.35 -40.80 0.04
C ASP B 247 2.75 -41.38 0.12
N LEU B 248 3.37 -41.60 -1.04
CA LEU B 248 4.70 -42.18 -1.12
C LEU B 248 5.69 -41.11 -1.54
N PRO B 249 6.65 -40.70 -0.69
CA PRO B 249 7.67 -39.73 -1.14
C PRO B 249 8.77 -40.39 -1.97
N ILE B 250 8.38 -40.97 -3.10
CA ILE B 250 9.32 -41.70 -3.93
C ILE B 250 10.35 -40.75 -4.54
N GLY B 251 9.91 -39.58 -4.97
CA GLY B 251 10.83 -38.60 -5.55
C GLY B 251 11.55 -39.08 -6.78
N ILE B 252 10.84 -39.71 -7.71
CA ILE B 252 11.41 -40.18 -8.96
C ILE B 252 10.67 -39.54 -10.12
N ASN B 253 11.09 -39.87 -11.34
CA ASN B 253 10.54 -39.28 -12.57
C ASN B 253 9.78 -40.35 -13.33
N ILE B 254 8.56 -40.03 -13.76
CA ILE B 254 7.67 -40.98 -14.42
C ILE B 254 7.15 -40.34 -15.71
N THR B 255 7.16 -41.12 -16.80
CA THR B 255 6.60 -40.66 -18.07
C THR B 255 5.61 -41.68 -18.62
N ARG B 256 5.84 -42.96 -18.35
CA ARG B 256 5.01 -44.04 -18.85
C ARG B 256 4.65 -44.98 -17.71
N PHE B 257 3.51 -45.67 -17.87
CA PHE B 257 3.07 -46.64 -16.88
C PHE B 257 2.44 -47.82 -17.57
N GLN B 258 2.41 -48.96 -16.87
CA GLN B 258 1.83 -50.19 -17.38
C GLN B 258 0.97 -50.82 -16.29
N THR B 259 0.01 -51.63 -16.72
CA THR B 259 -0.90 -52.31 -15.82
C THR B 259 -0.48 -53.76 -15.63
N LEU B 260 -0.59 -54.24 -14.39
CA LEU B 260 -0.26 -55.61 -14.05
C LEU B 260 -1.55 -56.42 -13.94
N LEU B 261 -1.62 -57.52 -14.69
CA LEU B 261 -2.79 -58.39 -14.72
C LEU B 261 -2.42 -59.75 -14.16
N ALA B 262 -3.25 -60.27 -13.27
CA ALA B 262 -3.07 -61.61 -12.73
C ALA B 262 -3.82 -62.60 -13.61
N LEU B 263 -3.09 -63.51 -14.22
CA LEU B 263 -3.65 -64.46 -15.19
C LEU B 263 -3.51 -65.88 -14.66
N HIS B 264 -4.56 -66.67 -14.84
CA HIS B 264 -4.58 -68.07 -14.45
C HIS B 264 -4.25 -68.94 -15.65
N ARG B 265 -3.37 -69.92 -15.45
CA ARG B 265 -2.90 -70.78 -16.53
C ARG B 265 -4.05 -71.69 -16.96
N SER B 266 -4.71 -71.34 -18.05
CA SER B 266 -5.78 -72.19 -18.57
C SER B 266 -5.25 -73.54 -19.00
N TYR B 267 -4.08 -73.58 -19.64
CA TYR B 267 -3.47 -74.82 -20.06
C TYR B 267 -1.98 -74.61 -20.21
N LEU B 268 -1.22 -75.65 -19.87
CA LEU B 268 0.24 -75.63 -19.94
C LEU B 268 0.70 -76.43 -21.14
N THR B 269 1.67 -75.89 -21.88
CA THR B 269 2.19 -76.52 -23.08
C THR B 269 3.61 -77.01 -22.85
N PRO B 270 3.97 -78.22 -23.26
CA PRO B 270 5.36 -78.67 -23.10
C PRO B 270 6.28 -77.90 -24.03
N GLY B 271 7.54 -77.76 -23.60
CA GLY B 271 8.44 -76.87 -24.29
C GLY B 271 7.81 -75.48 -24.35
N ASP B 272 7.70 -74.85 -23.19
CA ASP B 272 6.86 -73.69 -22.97
C ASP B 272 7.02 -72.65 -24.08
N SER B 273 5.93 -72.41 -24.81
CA SER B 273 5.87 -71.39 -25.84
C SER B 273 4.94 -70.24 -25.42
N SER B 274 4.89 -69.95 -24.12
CA SER B 274 4.02 -68.90 -23.58
C SER B 274 2.55 -69.23 -23.86
N SER B 275 2.11 -70.35 -23.29
CA SER B 275 0.73 -70.81 -23.50
C SER B 275 -0.25 -69.78 -22.96
N GLY B 276 -1.46 -69.80 -23.52
CA GLY B 276 -2.47 -68.83 -23.14
C GLY B 276 -2.93 -69.01 -21.71
N TRP B 277 -3.39 -67.90 -21.12
CA TRP B 277 -3.90 -67.87 -19.76
C TRP B 277 -5.35 -67.40 -19.79
N THR B 278 -5.92 -67.17 -18.60
CA THR B 278 -7.30 -66.70 -18.51
C THR B 278 -7.50 -65.96 -17.20
N ALA B 279 -8.04 -64.75 -17.29
CA ALA B 279 -8.46 -63.97 -16.13
C ALA B 279 -9.89 -63.46 -16.26
N GLY B 280 -10.30 -63.05 -17.45
CA GLY B 280 -11.68 -62.71 -17.75
C GLY B 280 -11.91 -61.23 -18.02
N ALA B 281 -11.88 -60.89 -19.31
CA ALA B 281 -12.36 -59.62 -19.86
C ALA B 281 -11.51 -58.40 -19.50
N ALA B 282 -10.62 -58.52 -18.49
CA ALA B 282 -9.59 -57.52 -18.17
C ALA B 282 -10.02 -56.08 -18.45
N ALA B 283 -11.24 -55.72 -18.06
CA ALA B 283 -11.85 -54.46 -18.51
C ALA B 283 -11.43 -53.34 -17.57
N TYR B 284 -10.47 -52.52 -18.02
CA TYR B 284 -9.99 -51.38 -17.26
C TYR B 284 -9.97 -50.14 -18.13
N TYR B 285 -10.01 -48.98 -17.46
CA TYR B 285 -10.07 -47.68 -18.12
C TYR B 285 -8.88 -46.84 -17.69
N VAL B 286 -8.56 -45.84 -18.50
CA VAL B 286 -7.48 -44.90 -18.19
C VAL B 286 -7.94 -43.49 -18.54
N GLY B 287 -7.60 -42.54 -17.69
CA GLY B 287 -7.90 -41.15 -17.94
C GLY B 287 -6.73 -40.28 -17.54
N TYR B 288 -6.59 -39.15 -18.23
CA TYR B 288 -5.45 -38.26 -18.06
C TYR B 288 -5.91 -36.97 -17.38
N LEU B 289 -5.17 -36.58 -16.34
CA LEU B 289 -5.50 -35.39 -15.57
C LEU B 289 -4.74 -34.19 -16.13
N GLN B 290 -5.41 -33.04 -16.11
CA GLN B 290 -4.80 -31.77 -16.49
C GLN B 290 -5.17 -30.72 -15.44
N PRO B 291 -4.31 -29.71 -15.24
CA PRO B 291 -4.57 -28.73 -14.18
C PRO B 291 -5.86 -27.97 -14.45
N ARG B 292 -6.80 -28.05 -13.51
CA ARG B 292 -8.10 -27.44 -13.68
C ARG B 292 -8.62 -26.99 -12.32
N THR B 293 -9.50 -25.99 -12.34
CA THR B 293 -10.10 -25.44 -11.13
C THR B 293 -11.47 -26.07 -10.94
N PHE B 294 -11.68 -26.69 -9.78
CA PHE B 294 -12.93 -27.35 -9.44
C PHE B 294 -13.56 -26.70 -8.23
N LEU B 295 -14.87 -26.57 -8.24
CA LEU B 295 -15.64 -26.08 -7.11
C LEU B 295 -16.25 -27.28 -6.41
N LEU B 296 -15.82 -27.51 -5.17
CA LEU B 296 -16.23 -28.70 -4.41
C LEU B 296 -17.25 -28.31 -3.36
N LYS B 297 -18.38 -29.01 -3.35
CA LYS B 297 -19.44 -28.78 -2.39
C LYS B 297 -19.44 -29.91 -1.36
N TYR B 298 -19.40 -29.53 -0.08
CA TYR B 298 -19.38 -30.49 1.01
C TYR B 298 -20.71 -30.46 1.76
N ASN B 299 -21.26 -31.64 2.01
CA ASN B 299 -22.52 -31.76 2.73
C ASN B 299 -22.28 -31.60 4.22
N GLU B 300 -23.35 -31.71 5.01
CA GLU B 300 -23.22 -31.59 6.46
C GLU B 300 -22.35 -32.71 7.03
N ASN B 301 -22.35 -33.87 6.39
CA ASN B 301 -21.53 -34.99 6.85
C ASN B 301 -20.09 -34.89 6.38
N GLY B 302 -19.75 -33.90 5.56
CA GLY B 302 -18.40 -33.72 5.07
C GLY B 302 -18.10 -34.41 3.77
N THR B 303 -19.03 -35.19 3.21
CA THR B 303 -18.82 -35.89 1.96
C THR B 303 -19.18 -34.97 0.79
N ILE B 304 -18.53 -35.21 -0.34
CA ILE B 304 -18.77 -34.42 -1.54
C ILE B 304 -19.99 -34.98 -2.26
N THR B 305 -20.95 -34.10 -2.56
CA THR B 305 -22.15 -34.48 -3.27
C THR B 305 -22.06 -34.26 -4.77
N ASP B 306 -21.36 -33.22 -5.22
CA ASP B 306 -21.19 -32.96 -6.64
C ASP B 306 -20.11 -31.91 -6.81
N ALA B 307 -19.57 -31.83 -8.02
CA ALA B 307 -18.55 -30.84 -8.37
C ALA B 307 -18.80 -30.36 -9.79
N VAL B 308 -18.28 -29.16 -10.09
CA VAL B 308 -18.46 -28.53 -11.39
C VAL B 308 -17.09 -28.15 -11.93
N ASP B 309 -16.82 -28.51 -13.19
CA ASP B 309 -15.58 -28.15 -13.86
C ASP B 309 -15.73 -26.77 -14.48
N CYS B 310 -14.93 -25.82 -14.00
CA CYS B 310 -15.12 -24.43 -14.38
C CYS B 310 -14.96 -24.16 -15.86
N ALA B 311 -14.28 -25.06 -16.60
CA ALA B 311 -13.97 -24.83 -18.01
C ALA B 311 -14.82 -25.66 -18.97
N LEU B 312 -15.65 -26.57 -18.46
CA LEU B 312 -16.40 -27.44 -19.36
C LEU B 312 -17.38 -26.64 -20.22
N ASP B 313 -18.08 -25.69 -19.62
CA ASP B 313 -19.12 -24.92 -20.30
C ASP B 313 -19.34 -23.63 -19.54
N PRO B 314 -19.99 -22.63 -20.15
CA PRO B 314 -20.24 -21.35 -19.47
C PRO B 314 -21.42 -21.37 -18.50
N LEU B 315 -21.53 -22.48 -17.75
CA LEU B 315 -22.37 -22.54 -16.56
C LEU B 315 -21.56 -22.84 -15.32
N SER B 316 -20.68 -23.83 -15.38
CA SER B 316 -19.75 -24.06 -14.29
C SER B 316 -18.84 -22.84 -14.09
N GLU B 317 -18.40 -22.24 -15.19
CA GLU B 317 -17.62 -21.00 -15.09
C GLU B 317 -18.45 -19.92 -14.41
N THR B 318 -19.73 -19.81 -14.77
CA THR B 318 -20.63 -18.90 -14.07
C THR B 318 -20.80 -19.32 -12.61
N LYS B 319 -20.92 -20.62 -12.36
CA LYS B 319 -21.04 -21.09 -10.99
C LYS B 319 -19.76 -20.86 -10.20
N CYS B 320 -18.60 -21.09 -10.84
CA CYS B 320 -17.34 -20.97 -10.11
C CYS B 320 -17.11 -19.53 -9.64
N THR B 321 -17.39 -18.55 -10.48
CA THR B 321 -17.20 -17.16 -10.08
C THR B 321 -18.27 -16.70 -9.08
N LEU B 322 -19.44 -17.33 -9.08
CA LEU B 322 -20.49 -16.99 -8.13
C LEU B 322 -20.40 -17.77 -6.83
N LYS B 323 -19.53 -18.79 -6.76
CA LYS B 323 -19.40 -19.61 -5.57
C LYS B 323 -20.74 -20.21 -5.17
N SER B 324 -21.52 -20.63 -6.16
CA SER B 324 -22.82 -21.22 -5.93
C SER B 324 -23.12 -22.23 -7.02
N PHE B 325 -23.66 -23.39 -6.63
CA PHE B 325 -24.00 -24.43 -7.58
C PHE B 325 -25.33 -24.19 -8.27
N THR B 326 -26.08 -23.18 -7.84
CA THR B 326 -27.32 -22.77 -8.51
C THR B 326 -27.17 -21.32 -8.94
N VAL B 327 -27.58 -21.04 -10.18
CA VAL B 327 -27.44 -19.72 -10.79
C VAL B 327 -28.84 -19.15 -11.03
N GLU B 328 -29.07 -17.95 -10.52
CA GLU B 328 -30.35 -17.27 -10.71
C GLU B 328 -30.43 -16.70 -12.12
N LYS B 329 -31.66 -16.50 -12.60
CA LYS B 329 -31.89 -15.92 -13.91
C LYS B 329 -31.27 -14.53 -13.98
N GLY B 330 -30.63 -14.25 -15.10
CA GLY B 330 -30.06 -12.94 -15.34
C GLY B 330 -28.82 -13.04 -16.21
N ILE B 331 -28.07 -11.94 -16.24
CA ILE B 331 -26.82 -11.84 -16.98
C ILE B 331 -25.69 -11.57 -15.99
N TYR B 332 -24.62 -12.34 -16.11
CA TYR B 332 -23.47 -12.21 -15.22
C TYR B 332 -22.19 -12.10 -16.04
N GLN B 333 -21.39 -11.08 -15.74
CA GLN B 333 -20.09 -10.91 -16.37
C GLN B 333 -19.14 -11.95 -15.80
N THR B 334 -19.02 -13.08 -16.48
CA THR B 334 -18.28 -14.22 -15.93
C THR B 334 -16.78 -13.96 -15.90
N SER B 335 -16.18 -13.72 -17.07
CA SER B 335 -14.74 -13.57 -17.17
C SER B 335 -14.43 -12.61 -18.31
N ASN B 336 -13.16 -12.58 -18.72
CA ASN B 336 -12.70 -11.73 -19.80
C ASN B 336 -11.87 -12.56 -20.77
N PHE B 337 -11.84 -12.11 -22.03
CA PHE B 337 -11.13 -12.79 -23.08
C PHE B 337 -10.17 -11.83 -23.77
N ARG B 338 -9.14 -12.41 -24.39
CA ARG B 338 -8.10 -11.62 -25.06
C ARG B 338 -7.56 -12.42 -26.23
N VAL B 339 -7.33 -11.73 -27.35
CA VAL B 339 -6.77 -12.37 -28.54
C VAL B 339 -5.27 -12.56 -28.29
N GLN B 340 -4.85 -13.81 -28.14
CA GLN B 340 -3.47 -14.08 -27.79
C GLN B 340 -2.54 -13.68 -28.94
N PRO B 341 -1.34 -13.18 -28.65
CA PRO B 341 -0.40 -12.88 -29.73
C PRO B 341 0.11 -14.15 -30.39
N THR B 342 0.50 -14.01 -31.66
CA THR B 342 1.00 -15.13 -32.47
C THR B 342 2.50 -15.04 -32.72
N GLU B 343 2.97 -13.89 -33.20
CA GLU B 343 4.37 -13.69 -33.54
C GLU B 343 5.07 -12.85 -32.49
N SER B 344 6.39 -12.77 -32.61
CA SER B 344 7.26 -12.00 -31.72
C SER B 344 8.25 -11.19 -32.55
N ILE B 345 7.74 -10.48 -33.56
CA ILE B 345 8.60 -9.76 -34.49
C ILE B 345 9.41 -8.71 -33.74
N VAL B 346 10.66 -8.55 -34.15
CA VAL B 346 11.56 -7.55 -33.60
C VAL B 346 12.04 -6.67 -34.75
N ARG B 347 11.87 -5.36 -34.60
CA ARG B 347 12.28 -4.39 -35.61
C ARG B 347 13.32 -3.46 -35.01
N PHE B 348 14.45 -3.34 -35.69
CA PHE B 348 15.54 -2.46 -35.28
C PHE B 348 16.10 -1.77 -36.51
N PRO B 349 16.79 -0.64 -36.33
CA PRO B 349 17.26 0.12 -37.49
C PRO B 349 18.28 -0.66 -38.32
N ASN B 350 18.46 -0.19 -39.56
CA ASN B 350 19.47 -0.73 -40.45
C ASN B 350 20.84 -0.70 -39.77
N ILE B 351 21.59 -1.79 -39.91
CA ILE B 351 22.94 -1.89 -39.38
C ILE B 351 23.92 -1.81 -40.53
N THR B 352 24.79 -0.78 -40.50
CA THR B 352 25.78 -0.57 -41.54
C THR B 352 27.14 -0.16 -40.99
N ASN B 353 27.31 -0.02 -39.68
CA ASN B 353 28.55 0.49 -39.10
C ASN B 353 29.49 -0.69 -38.81
N LEU B 354 29.98 -1.29 -39.90
CA LEU B 354 30.95 -2.37 -39.79
C LEU B 354 32.35 -1.78 -39.59
N CYS B 355 33.28 -2.64 -39.21
CA CYS B 355 34.66 -2.27 -38.92
C CYS B 355 35.62 -3.20 -39.65
N PRO B 356 36.85 -2.73 -39.96
CA PRO B 356 37.81 -3.61 -40.65
C PRO B 356 38.37 -4.74 -39.77
N PHE B 357 37.58 -5.81 -39.64
CA PHE B 357 38.02 -7.02 -38.95
C PHE B 357 38.56 -8.07 -39.90
N GLY B 358 38.63 -7.78 -41.20
CA GLY B 358 39.12 -8.73 -42.18
C GLY B 358 40.60 -8.62 -42.49
N GLU B 359 41.24 -7.52 -42.10
CA GLU B 359 42.66 -7.29 -42.37
C GLU B 359 43.53 -7.59 -41.15
N VAL B 360 42.96 -8.16 -40.09
CA VAL B 360 43.72 -8.38 -38.86
C VAL B 360 44.80 -9.42 -39.07
N PHE B 361 44.45 -10.54 -39.71
CA PHE B 361 45.35 -11.69 -39.84
C PHE B 361 45.99 -11.80 -41.21
N ASN B 362 45.81 -10.79 -42.08
CA ASN B 362 46.40 -10.80 -43.41
C ASN B 362 47.70 -9.98 -43.46
N ALA B 363 48.21 -9.54 -42.33
CA ALA B 363 49.46 -8.79 -42.31
C ALA B 363 50.65 -9.73 -42.50
N THR B 364 51.78 -9.15 -42.91
CA THR B 364 53.02 -9.89 -43.14
C THR B 364 54.18 -9.25 -42.40
N ARG B 365 53.91 -8.63 -41.26
CA ARG B 365 54.93 -7.96 -40.46
C ARG B 365 54.78 -8.36 -39.00
N PHE B 366 55.91 -8.41 -38.29
CA PHE B 366 55.95 -8.79 -36.89
C PHE B 366 56.50 -7.64 -36.05
N ALA B 367 56.03 -7.56 -34.82
CA ALA B 367 56.44 -6.54 -33.86
C ALA B 367 57.03 -7.21 -32.62
N SER B 368 57.43 -6.39 -31.65
CA SER B 368 58.05 -6.84 -30.42
C SER B 368 57.37 -6.18 -29.24
N VAL B 369 57.85 -6.50 -28.03
CA VAL B 369 57.30 -5.89 -26.83
C VAL B 369 57.66 -4.41 -26.77
N TYR B 370 58.89 -4.06 -27.18
CA TYR B 370 59.32 -2.67 -27.13
C TYR B 370 58.46 -1.81 -28.05
N ALA B 371 58.15 -2.29 -29.24
CA ALA B 371 57.30 -1.56 -30.18
C ALA B 371 55.84 -1.81 -29.83
N TRP B 372 55.06 -0.74 -29.72
CA TRP B 372 53.66 -0.80 -29.33
C TRP B 372 52.78 -0.36 -30.48
N ASN B 373 51.74 -1.15 -30.78
CA ASN B 373 50.74 -0.82 -31.78
C ASN B 373 49.38 -0.77 -31.12
N ARG B 374 48.67 0.34 -31.31
CA ARG B 374 47.39 0.58 -30.65
C ARG B 374 46.27 0.58 -31.67
N LYS B 375 45.17 -0.10 -31.33
CA LYS B 375 43.99 -0.18 -32.17
C LYS B 375 42.91 0.74 -31.62
N ARG B 376 42.39 1.62 -32.48
CA ARG B 376 41.35 2.57 -32.08
C ARG B 376 40.00 1.89 -32.27
N ILE B 377 39.49 1.33 -31.18
CA ILE B 377 38.18 0.64 -31.18
C ILE B 377 37.21 1.59 -30.48
N SER B 378 36.51 2.39 -31.27
CA SER B 378 35.52 3.33 -30.76
C SER B 378 34.43 3.52 -31.80
N ASN B 379 33.19 3.64 -31.33
CA ASN B 379 32.04 3.82 -32.19
C ASN B 379 31.98 2.70 -33.25
N CYS B 380 32.26 1.48 -32.81
CA CYS B 380 32.31 0.31 -33.69
C CYS B 380 31.16 -0.61 -33.32
N VAL B 381 30.00 -0.37 -33.94
CA VAL B 381 28.81 -1.19 -33.70
C VAL B 381 28.79 -2.25 -34.79
N ALA B 382 29.46 -3.37 -34.53
CA ALA B 382 29.54 -4.47 -35.47
C ALA B 382 29.43 -5.78 -34.71
N ASP B 383 28.86 -6.79 -35.37
CA ASP B 383 28.67 -8.08 -34.73
C ASP B 383 30.02 -8.76 -34.49
N TYR B 384 30.18 -9.30 -33.29
CA TYR B 384 31.39 -10.02 -32.91
C TYR B 384 31.23 -11.53 -32.99
N SER B 385 30.11 -12.01 -33.53
CA SER B 385 29.91 -13.46 -33.65
C SER B 385 30.96 -14.09 -34.54
N VAL B 386 31.52 -13.34 -35.49
CA VAL B 386 32.54 -13.88 -36.38
C VAL B 386 33.75 -14.33 -35.59
N LEU B 387 34.15 -13.55 -34.58
CA LEU B 387 35.33 -13.90 -33.80
C LEU B 387 35.18 -15.25 -33.11
N TYR B 388 33.95 -15.64 -32.77
CA TYR B 388 33.69 -16.91 -32.10
C TYR B 388 33.17 -17.97 -33.06
N ASN B 389 32.33 -17.57 -34.02
CA ASN B 389 31.73 -18.51 -34.96
C ASN B 389 32.62 -18.80 -36.17
N SER B 390 33.91 -18.52 -36.07
CA SER B 390 34.85 -18.82 -37.14
C SER B 390 35.40 -20.24 -36.97
N ALA B 391 36.01 -20.74 -38.05
CA ALA B 391 36.60 -22.07 -38.07
C ALA B 391 38.12 -22.04 -38.09
N SER B 392 38.72 -20.93 -37.68
CA SER B 392 40.17 -20.76 -37.71
C SER B 392 40.81 -20.67 -36.33
N PHE B 393 40.01 -20.76 -35.26
CA PHE B 393 40.52 -20.68 -33.90
C PHE B 393 40.06 -21.90 -33.11
N SER B 394 40.97 -22.46 -32.31
CA SER B 394 40.70 -23.68 -31.57
C SER B 394 40.35 -23.43 -30.11
N THR B 395 41.18 -22.66 -29.39
CA THR B 395 41.04 -22.48 -27.95
C THR B 395 40.45 -21.11 -27.66
N PHE B 396 39.30 -21.09 -26.99
CA PHE B 396 38.68 -19.86 -26.49
C PHE B 396 38.31 -20.10 -25.03
N LYS B 397 38.96 -19.37 -24.13
CA LYS B 397 38.70 -19.45 -22.70
C LYS B 397 38.48 -18.03 -22.17
N CYS B 398 37.39 -17.84 -21.42
CA CYS B 398 37.06 -16.54 -20.87
C CYS B 398 36.53 -16.71 -19.46
N TYR B 399 36.93 -15.80 -18.57
CA TYR B 399 36.49 -15.78 -17.18
C TYR B 399 35.59 -14.60 -16.86
N GLY B 400 35.84 -13.44 -17.45
CA GLY B 400 35.04 -12.27 -17.11
C GLY B 400 33.59 -12.41 -17.48
N VAL B 401 33.31 -12.96 -18.66
CA VAL B 401 31.94 -13.12 -19.14
C VAL B 401 31.94 -14.19 -20.22
N SER B 402 30.78 -14.81 -20.42
CA SER B 402 30.64 -15.79 -21.48
C SER B 402 30.81 -15.11 -22.84
N PRO B 403 31.64 -15.64 -23.74
CA PRO B 403 31.77 -14.99 -25.06
C PRO B 403 30.47 -14.89 -25.83
N THR B 404 29.55 -15.84 -25.64
CA THR B 404 28.30 -15.83 -26.39
C THR B 404 27.49 -14.57 -26.09
N LYS B 405 27.39 -14.20 -24.83
CA LYS B 405 26.58 -13.04 -24.43
C LYS B 405 27.42 -11.78 -24.57
N LEU B 406 27.13 -11.01 -25.63
CA LEU B 406 27.81 -9.74 -25.88
C LEU B 406 26.88 -8.59 -26.21
N ASN B 407 25.61 -8.86 -26.54
CA ASN B 407 24.68 -7.77 -26.85
C ASN B 407 24.31 -6.98 -25.60
N ASP B 408 24.18 -7.66 -24.46
CA ASP B 408 23.78 -6.98 -23.24
C ASP B 408 24.89 -6.08 -22.71
N LEU B 409 26.03 -6.67 -22.36
CA LEU B 409 27.18 -5.91 -21.88
C LEU B 409 28.08 -5.56 -23.06
N CYS B 410 28.57 -4.32 -23.07
CA CYS B 410 29.35 -3.79 -24.17
C CYS B 410 30.78 -3.49 -23.72
N PHE B 411 31.75 -4.01 -24.46
CA PHE B 411 33.15 -3.83 -24.14
C PHE B 411 33.60 -2.44 -24.53
N THR B 412 34.49 -1.85 -23.71
CA THR B 412 35.03 -0.53 -23.95
C THR B 412 36.54 -0.56 -23.78
N ASN B 413 37.24 0.13 -24.67
CA ASN B 413 38.70 0.27 -24.62
C ASN B 413 39.38 -1.09 -24.64
N VAL B 414 39.19 -1.81 -25.74
CA VAL B 414 39.85 -3.09 -25.97
C VAL B 414 41.12 -2.83 -26.77
N TYR B 415 42.22 -3.43 -26.33
CA TYR B 415 43.53 -3.20 -26.91
C TYR B 415 44.16 -4.51 -27.36
N ALA B 416 44.92 -4.45 -28.45
CA ALA B 416 45.66 -5.60 -28.95
C ALA B 416 47.09 -5.18 -29.22
N ASP B 417 48.05 -5.96 -28.70
CA ASP B 417 49.46 -5.66 -28.89
C ASP B 417 50.23 -6.96 -29.03
N SER B 418 51.28 -6.93 -29.84
CA SER B 418 52.12 -8.09 -30.08
C SER B 418 53.19 -8.21 -29.01
N PHE B 419 53.46 -9.44 -28.59
CA PHE B 419 54.48 -9.74 -27.58
C PHE B 419 55.38 -10.84 -28.13
N VAL B 420 56.47 -11.12 -27.42
CA VAL B 420 57.45 -12.11 -27.80
C VAL B 420 57.38 -13.26 -26.80
N ILE B 421 57.04 -14.45 -27.29
CA ILE B 421 57.00 -15.66 -26.48
C ILE B 421 57.61 -16.79 -27.29
N ARG B 422 58.48 -17.59 -26.66
CA ARG B 422 59.12 -18.70 -27.34
C ARG B 422 58.11 -19.83 -27.56
N GLY B 423 58.53 -20.82 -28.35
CA GLY B 423 57.70 -21.98 -28.61
C GLY B 423 57.62 -22.98 -27.48
N ASP B 424 58.44 -22.82 -26.45
CA ASP B 424 58.43 -23.71 -25.30
C ASP B 424 57.42 -23.29 -24.23
N GLU B 425 56.73 -22.16 -24.42
CA GLU B 425 55.74 -21.68 -23.46
C GLU B 425 54.36 -21.62 -24.12
N VAL B 426 54.00 -22.68 -24.83
CA VAL B 426 52.73 -22.70 -25.56
C VAL B 426 51.56 -22.53 -24.59
N ARG B 427 51.60 -23.27 -23.48
CA ARG B 427 50.55 -23.20 -22.46
C ARG B 427 51.11 -22.96 -21.07
N GLN B 428 52.39 -22.59 -20.95
CA GLN B 428 53.00 -22.27 -19.66
C GLN B 428 52.96 -20.78 -19.36
N ILE B 429 52.25 -19.99 -20.16
CA ILE B 429 52.14 -18.54 -19.98
C ILE B 429 50.74 -18.25 -19.46
N ALA B 430 50.68 -17.55 -18.33
CA ALA B 430 49.41 -17.20 -17.70
C ALA B 430 49.65 -16.01 -16.78
N PRO B 431 48.61 -15.21 -16.50
CA PRO B 431 48.79 -14.07 -15.60
C PRO B 431 49.15 -14.53 -14.19
N GLY B 432 49.94 -13.70 -13.50
CA GLY B 432 50.36 -14.01 -12.15
C GLY B 432 51.40 -15.10 -12.09
N GLN B 433 52.57 -14.85 -12.68
CA GLN B 433 53.67 -15.80 -12.70
C GLN B 433 54.80 -15.29 -11.80
N THR B 434 55.24 -16.14 -10.88
CA THR B 434 56.27 -15.79 -9.91
C THR B 434 57.43 -16.79 -9.98
N GLY B 435 57.76 -17.24 -11.18
CA GLY B 435 58.84 -18.17 -11.40
C GLY B 435 60.11 -17.49 -11.86
N LYS B 436 60.96 -18.23 -12.56
CA LYS B 436 62.21 -17.70 -13.09
C LYS B 436 62.00 -16.90 -14.37
N ILE B 437 60.82 -16.97 -14.98
CA ILE B 437 60.55 -16.27 -16.24
C ILE B 437 59.77 -14.98 -16.04
N ALA B 438 59.43 -14.63 -14.80
CA ALA B 438 58.62 -13.44 -14.55
C ALA B 438 59.38 -12.15 -14.81
N ASP B 439 60.71 -12.20 -14.89
CA ASP B 439 61.48 -10.98 -15.08
C ASP B 439 61.15 -10.31 -16.42
N TYR B 440 61.06 -11.10 -17.48
CA TYR B 440 60.72 -10.57 -18.80
C TYR B 440 59.24 -10.77 -19.15
N ASN B 441 58.45 -11.30 -18.23
CA ASN B 441 57.04 -11.58 -18.47
C ASN B 441 56.13 -10.43 -18.08
N TYR B 442 56.69 -9.30 -17.64
CA TYR B 442 55.93 -8.15 -17.14
C TYR B 442 54.78 -8.62 -16.25
N LYS B 443 55.15 -9.26 -15.14
CA LYS B 443 54.20 -9.91 -14.25
C LYS B 443 53.06 -8.96 -13.88
N LEU B 444 51.84 -9.43 -14.08
CA LEU B 444 50.63 -8.65 -13.86
C LEU B 444 49.64 -9.45 -13.05
N PRO B 445 48.74 -8.80 -12.31
CA PRO B 445 47.78 -9.52 -11.47
C PRO B 445 46.65 -10.10 -12.31
N ASP B 446 45.79 -10.87 -11.65
CA ASP B 446 44.66 -11.51 -12.30
C ASP B 446 43.44 -10.61 -12.39
N ASP B 447 43.53 -9.36 -11.92
CA ASP B 447 42.40 -8.46 -11.96
C ASP B 447 41.93 -8.16 -13.38
N PHE B 448 42.80 -8.35 -14.37
CA PHE B 448 42.46 -8.10 -15.78
C PHE B 448 41.61 -9.26 -16.28
N THR B 449 40.32 -9.20 -15.97
CA THR B 449 39.40 -10.23 -16.43
C THR B 449 39.09 -10.06 -17.91
N GLY B 450 38.99 -11.17 -18.61
CA GLY B 450 38.69 -11.13 -20.03
C GLY B 450 38.96 -12.46 -20.69
N CYS B 451 38.70 -12.50 -21.99
CA CYS B 451 38.90 -13.70 -22.79
C CYS B 451 40.33 -13.76 -23.33
N VAL B 452 40.65 -14.89 -23.94
CA VAL B 452 41.97 -15.13 -24.54
C VAL B 452 41.76 -15.65 -25.95
N ILE B 453 42.64 -15.24 -26.86
CA ILE B 453 42.60 -15.65 -28.26
C ILE B 453 43.81 -16.52 -28.56
N ALA B 454 43.58 -17.65 -29.21
CA ALA B 454 44.62 -18.59 -29.58
C ALA B 454 44.55 -18.81 -31.09
N TRP B 455 45.38 -18.07 -31.83
CA TRP B 455 45.37 -18.19 -33.28
C TRP B 455 46.02 -19.50 -33.72
N ASN B 456 45.62 -19.98 -34.89
CA ASN B 456 46.15 -21.19 -35.50
C ASN B 456 46.44 -20.88 -36.97
N SER B 457 47.70 -20.51 -37.25
CA SER B 457 48.14 -20.15 -38.59
C SER B 457 49.05 -21.24 -39.14
N ASN B 458 48.84 -21.60 -40.39
CA ASN B 458 49.62 -22.65 -41.05
C ASN B 458 50.60 -22.13 -42.10
N ASN B 459 50.29 -21.02 -42.74
CA ASN B 459 51.13 -20.45 -43.79
C ASN B 459 51.92 -19.24 -43.34
N LEU B 460 51.32 -18.36 -42.55
CA LEU B 460 52.03 -17.17 -42.08
C LEU B 460 53.20 -17.54 -41.20
N ASP B 461 53.03 -18.56 -40.35
CA ASP B 461 54.10 -18.96 -39.45
C ASP B 461 55.32 -19.45 -40.21
N SER B 462 55.10 -20.22 -41.28
CA SER B 462 56.21 -20.75 -42.05
C SER B 462 56.94 -19.64 -42.79
N LYS B 463 58.16 -19.96 -43.21
CA LYS B 463 59.01 -19.00 -43.93
C LYS B 463 59.28 -17.76 -43.09
N GLY B 466 67.85 -11.01 -42.84
CA GLY B 466 67.06 -12.23 -42.84
C GLY B 466 65.91 -12.17 -41.85
N ASN B 467 66.18 -12.57 -40.61
CA ASN B 467 65.20 -12.57 -39.53
C ASN B 467 65.77 -11.90 -38.29
N TYR B 468 66.44 -10.77 -38.48
CA TYR B 468 67.04 -10.01 -37.39
C TYR B 468 66.12 -8.94 -36.83
N ASN B 469 64.88 -8.87 -37.32
CA ASN B 469 63.93 -7.86 -36.85
C ASN B 469 63.39 -8.16 -35.46
N TYR B 470 63.64 -9.34 -34.91
CA TYR B 470 63.15 -9.67 -33.58
C TYR B 470 64.00 -8.98 -32.52
N LEU B 471 63.35 -8.24 -31.63
CA LEU B 471 64.00 -7.55 -30.53
C LEU B 471 63.34 -7.98 -29.22
N TYR B 472 64.17 -8.35 -28.24
CA TYR B 472 63.66 -8.80 -26.95
C TYR B 472 64.82 -8.80 -25.96
N ARG B 473 64.48 -9.00 -24.69
CA ARG B 473 65.44 -9.02 -23.60
C ARG B 473 65.44 -10.40 -22.95
N LEU B 474 66.64 -10.90 -22.66
CA LEU B 474 66.77 -12.22 -22.06
C LEU B 474 66.52 -12.18 -20.56
N PHE B 475 67.37 -11.45 -19.83
CA PHE B 475 67.28 -11.41 -18.38
C PHE B 475 68.01 -10.19 -17.87
N ARG B 476 67.71 -9.83 -16.62
CA ARG B 476 68.41 -8.75 -15.94
C ARG B 476 68.14 -8.89 -14.44
N LYS B 477 68.75 -8.00 -13.65
CA LYS B 477 68.70 -8.15 -12.20
C LYS B 477 67.27 -8.03 -11.67
N SER B 478 66.50 -7.07 -12.17
CA SER B 478 65.18 -6.75 -11.65
C SER B 478 64.16 -6.76 -12.78
N ASN B 479 62.92 -6.42 -12.45
CA ASN B 479 61.82 -6.36 -13.40
C ASN B 479 61.19 -4.98 -13.36
N LEU B 480 60.63 -4.57 -14.51
CA LEU B 480 60.05 -3.24 -14.67
C LEU B 480 58.53 -3.30 -14.54
N LYS B 481 57.92 -2.13 -14.55
CA LYS B 481 56.47 -2.04 -14.43
C LYS B 481 55.81 -2.63 -15.69
N PRO B 482 54.75 -3.42 -15.55
CA PRO B 482 54.02 -3.88 -16.75
C PRO B 482 53.40 -2.72 -17.50
N PHE B 483 53.27 -2.90 -18.81
CA PHE B 483 52.72 -1.86 -19.69
C PHE B 483 53.52 -0.57 -19.57
N GLU B 484 54.85 -0.71 -19.55
CA GLU B 484 55.76 0.42 -19.44
C GLU B 484 56.86 0.26 -20.49
N ARG B 485 57.52 1.38 -20.80
CA ARG B 485 58.60 1.37 -21.78
C ARG B 485 59.67 0.37 -21.39
N ASP B 486 60.07 -0.46 -22.35
CA ASP B 486 61.06 -1.52 -22.11
C ASP B 486 62.46 -0.98 -22.44
N ILE B 487 62.89 -0.03 -21.64
CA ILE B 487 64.23 0.55 -21.75
C ILE B 487 65.17 -0.24 -20.86
N SER B 488 66.24 -0.78 -21.43
CA SER B 488 67.20 -1.56 -20.66
C SER B 488 68.51 -1.62 -21.44
N THR B 489 69.55 -0.96 -20.90
CA THR B 489 70.90 -1.07 -21.44
C THR B 489 71.59 -2.22 -20.71
N GLU B 490 71.38 -3.43 -21.23
CA GLU B 490 71.77 -4.65 -20.54
C GLU B 490 73.27 -4.83 -20.62
N ILE B 491 73.99 -4.05 -19.81
CA ILE B 491 75.42 -4.25 -19.57
C ILE B 491 75.58 -4.19 -18.05
N TYR B 492 75.52 -5.35 -17.39
CA TYR B 492 75.53 -5.43 -15.94
C TYR B 492 76.24 -6.71 -15.52
N GLN B 493 76.64 -6.74 -14.25
CA GLN B 493 77.23 -7.91 -13.64
C GLN B 493 76.50 -8.23 -12.34
N ALA B 494 76.25 -9.52 -12.12
CA ALA B 494 75.52 -10.00 -10.94
C ALA B 494 76.45 -10.52 -9.87
N GLY B 495 77.76 -10.28 -9.99
CA GLY B 495 78.73 -10.77 -9.02
C GLY B 495 79.18 -9.69 -8.06
N SER B 496 80.44 -9.29 -8.17
CA SER B 496 81.02 -8.29 -7.28
C SER B 496 81.71 -7.18 -8.07
N THR B 497 82.14 -7.48 -9.29
CA THR B 497 82.87 -6.52 -10.12
C THR B 497 81.96 -6.01 -11.23
N PRO B 498 81.51 -4.74 -11.20
CA PRO B 498 80.77 -4.20 -12.35
C PRO B 498 81.69 -3.94 -13.54
N CYS B 499 81.99 -5.00 -14.29
CA CYS B 499 82.92 -4.92 -15.40
C CYS B 499 82.42 -3.95 -16.47
N ASN B 500 83.11 -2.82 -16.62
CA ASN B 500 82.76 -1.81 -17.62
C ASN B 500 84.05 -1.19 -18.13
N GLY B 501 84.36 -1.43 -19.41
CA GLY B 501 85.51 -0.82 -20.05
C GLY B 501 86.56 -1.82 -20.50
N VAL B 502 86.80 -2.84 -19.68
CA VAL B 502 87.81 -3.86 -19.95
C VAL B 502 87.09 -5.18 -20.24
N GLU B 503 87.45 -5.80 -21.36
CA GLU B 503 86.84 -7.08 -21.76
C GLU B 503 87.72 -8.21 -21.23
N GLY B 504 87.51 -8.54 -19.96
CA GLY B 504 88.29 -9.59 -19.31
C GLY B 504 87.61 -10.94 -19.34
N PHE B 505 87.26 -11.47 -18.17
CA PHE B 505 86.63 -12.77 -18.03
C PHE B 505 85.17 -12.59 -17.66
N ASN B 506 84.29 -13.32 -18.34
CA ASN B 506 82.85 -13.26 -18.09
C ASN B 506 82.34 -11.83 -18.26
N CYS B 507 82.73 -11.19 -19.35
CA CYS B 507 82.32 -9.82 -19.65
C CYS B 507 82.15 -9.71 -21.16
N TYR B 508 80.90 -9.68 -21.62
CA TYR B 508 80.61 -9.61 -23.04
C TYR B 508 79.18 -9.09 -23.21
N PHE B 509 78.77 -8.93 -24.46
CA PHE B 509 77.43 -8.45 -24.75
C PHE B 509 76.43 -9.60 -24.58
N PRO B 510 75.47 -9.51 -23.67
CA PRO B 510 74.51 -10.60 -23.47
C PRO B 510 73.25 -10.52 -24.30
N LEU B 511 73.18 -9.64 -25.30
CA LEU B 511 71.98 -9.41 -26.08
C LEU B 511 72.15 -10.02 -27.47
N GLN B 512 71.16 -10.80 -27.90
CA GLN B 512 71.16 -11.39 -29.23
C GLN B 512 69.70 -11.59 -29.67
N SER B 513 69.53 -12.02 -30.91
CA SER B 513 68.22 -12.22 -31.50
C SER B 513 67.91 -13.72 -31.58
N TYR B 514 66.72 -14.03 -32.10
CA TYR B 514 66.30 -15.42 -32.24
C TYR B 514 67.17 -16.14 -33.27
N GLY B 515 67.40 -17.43 -33.01
CA GLY B 515 68.20 -18.26 -33.90
C GLY B 515 67.39 -18.90 -35.00
N PHE B 516 66.90 -18.10 -35.93
CA PHE B 516 66.10 -18.59 -37.05
C PHE B 516 66.94 -18.55 -38.33
N GLN B 517 66.87 -19.64 -39.11
CA GLN B 517 67.59 -19.77 -40.35
C GLN B 517 66.64 -20.17 -41.46
N PRO B 518 66.97 -19.87 -42.72
CA PRO B 518 66.07 -20.21 -43.83
C PRO B 518 66.11 -21.67 -44.24
N THR B 519 67.00 -22.47 -43.67
CA THR B 519 67.13 -23.88 -44.04
C THR B 519 66.87 -24.77 -42.83
N ASN B 520 65.82 -24.48 -42.08
CA ASN B 520 65.41 -25.25 -40.91
C ASN B 520 64.00 -25.76 -41.10
N GLY B 521 63.77 -27.01 -40.68
CA GLY B 521 62.47 -27.64 -40.80
C GLY B 521 61.61 -27.47 -39.57
N VAL B 522 60.72 -28.43 -39.36
CA VAL B 522 59.82 -28.37 -38.21
C VAL B 522 60.62 -28.52 -36.93
N GLY B 523 60.21 -27.78 -35.89
CA GLY B 523 60.89 -27.82 -34.61
C GLY B 523 61.03 -26.44 -33.98
N TYR B 524 60.90 -25.39 -34.79
CA TYR B 524 61.01 -24.01 -34.35
C TYR B 524 59.80 -23.21 -34.82
N GLN B 525 58.61 -23.76 -34.59
CA GLN B 525 57.38 -23.10 -35.00
C GLN B 525 57.26 -21.74 -34.31
N PRO B 526 57.10 -20.63 -35.05
CA PRO B 526 56.97 -19.34 -34.37
C PRO B 526 55.62 -19.19 -33.66
N TYR B 527 55.47 -19.86 -32.52
CA TYR B 527 54.26 -19.72 -31.73
C TYR B 527 54.24 -18.36 -31.04
N ARG B 528 53.04 -17.79 -30.93
CA ARG B 528 52.88 -16.48 -30.32
C ARG B 528 51.47 -16.35 -29.78
N VAL B 529 51.34 -15.62 -28.68
CA VAL B 529 50.04 -15.38 -28.03
C VAL B 529 49.93 -13.90 -27.71
N VAL B 530 48.68 -13.44 -27.58
CA VAL B 530 48.37 -12.05 -27.26
C VAL B 530 47.49 -12.02 -26.02
N VAL B 531 47.85 -11.19 -25.06
CA VAL B 531 47.11 -11.06 -23.81
C VAL B 531 46.10 -9.94 -23.96
N LEU B 532 44.86 -10.20 -23.55
CA LEU B 532 43.80 -9.21 -23.69
C LEU B 532 44.07 -8.01 -22.77
N SER B 533 43.29 -6.95 -22.98
CA SER B 533 43.51 -5.69 -22.29
C SER B 533 43.09 -5.79 -20.82
N PHE B 534 43.20 -4.66 -20.13
CA PHE B 534 42.88 -4.57 -18.71
C PHE B 534 41.37 -4.41 -18.54
N GLU B 535 40.94 -4.04 -17.33
CA GLU B 535 39.53 -3.95 -16.99
C GLU B 535 38.80 -3.00 -17.95
N LEU B 536 37.48 -3.04 -17.86
CA LEU B 536 36.58 -2.33 -18.77
C LEU B 536 35.75 -1.32 -17.99
N LEU B 537 34.75 -0.73 -18.67
CA LEU B 537 33.84 0.24 -18.09
C LEU B 537 34.60 1.50 -17.65
N HIS B 538 35.23 2.14 -18.63
CA HIS B 538 35.99 3.37 -18.40
C HIS B 538 35.23 4.63 -18.82
N ALA B 539 34.43 4.56 -19.87
CA ALA B 539 33.69 5.71 -20.37
C ALA B 539 32.23 5.34 -20.59
N PRO B 540 31.32 6.32 -20.56
CA PRO B 540 29.91 6.01 -20.84
C PRO B 540 29.68 5.41 -22.21
N ALA B 541 30.49 5.78 -23.21
CA ALA B 541 30.29 5.28 -24.56
C ALA B 541 30.44 3.77 -24.59
N THR B 542 29.61 3.13 -25.42
CA THR B 542 29.55 1.68 -25.51
C THR B 542 29.88 1.23 -26.92
N VAL B 543 30.65 0.14 -27.01
CA VAL B 543 31.07 -0.44 -28.28
C VAL B 543 30.76 -1.94 -28.20
N CYS B 544 29.81 -2.39 -29.00
CA CYS B 544 29.33 -3.78 -28.95
C CYS B 544 28.45 -4.03 -30.17
N GLY B 545 27.86 -5.22 -30.22
CA GLY B 545 27.21 -5.70 -31.42
C GLY B 545 25.85 -5.08 -31.64
N PRO B 546 25.25 -5.37 -32.82
CA PRO B 546 23.95 -4.78 -33.14
C PRO B 546 22.78 -5.53 -32.53
N LYS B 547 21.57 -5.11 -32.89
CA LYS B 547 20.34 -5.80 -32.52
C LYS B 547 19.64 -6.23 -33.79
N LYS B 548 19.50 -7.54 -33.97
CA LYS B 548 18.94 -8.07 -35.22
C LYS B 548 17.46 -7.74 -35.34
N SER B 549 16.98 -7.70 -36.58
CA SER B 549 15.60 -7.37 -36.90
C SER B 549 14.89 -8.60 -37.48
N THR B 550 13.59 -8.45 -37.68
CA THR B 550 12.76 -9.53 -38.22
C THR B 550 11.69 -8.91 -39.12
N ASN B 551 11.19 -9.72 -40.05
CA ASN B 551 10.17 -9.25 -40.98
C ASN B 551 8.91 -8.86 -40.23
N LEU B 552 8.24 -7.82 -40.73
CA LEU B 552 7.08 -7.25 -40.08
C LEU B 552 5.79 -7.89 -40.59
N VAL B 553 4.81 -8.02 -39.70
CA VAL B 553 3.50 -8.55 -40.03
C VAL B 553 2.44 -7.61 -39.46
N LYS B 554 1.35 -7.45 -40.19
CA LYS B 554 0.32 -6.47 -39.86
C LYS B 554 -1.05 -7.13 -39.77
N ASN B 555 -1.99 -6.43 -39.13
CA ASN B 555 -3.39 -6.82 -39.09
C ASN B 555 -3.60 -8.08 -38.23
N LYS B 556 -2.92 -8.16 -37.10
CA LYS B 556 -3.12 -9.24 -36.15
C LYS B 556 -2.33 -8.94 -34.88
N CYS B 557 -2.86 -9.39 -33.75
CA CYS B 557 -2.23 -9.14 -32.46
C CYS B 557 -0.86 -9.80 -32.43
N VAL B 558 0.19 -8.99 -32.31
CA VAL B 558 1.56 -9.49 -32.34
C VAL B 558 2.40 -8.70 -31.34
N ASN B 559 3.26 -9.40 -30.62
CA ASN B 559 4.24 -8.73 -29.77
C ASN B 559 5.33 -8.12 -30.64
N PHE B 560 5.82 -6.95 -30.25
CA PHE B 560 6.75 -6.18 -31.05
C PHE B 560 7.84 -5.59 -30.17
N ASN B 561 8.95 -5.22 -30.80
CA ASN B 561 10.07 -4.55 -30.14
C ASN B 561 10.59 -3.49 -31.10
N PHE B 562 10.08 -2.27 -30.96
CA PHE B 562 10.44 -1.15 -31.82
C PHE B 562 11.48 -0.30 -31.08
N ASN B 563 12.75 -0.48 -31.45
CA ASN B 563 13.85 0.25 -30.81
C ASN B 563 13.83 0.07 -29.30
N GLY B 564 13.55 -1.16 -28.87
CA GLY B 564 13.42 -1.46 -27.46
C GLY B 564 12.05 -1.22 -26.87
N LEU B 565 11.10 -0.69 -27.65
CA LEU B 565 9.75 -0.45 -27.19
C LEU B 565 8.97 -1.76 -27.25
N THR B 566 8.76 -2.39 -26.11
CA THR B 566 8.06 -3.67 -26.03
C THR B 566 6.59 -3.44 -25.75
N GLY B 567 5.75 -4.23 -26.41
CA GLY B 567 4.31 -4.12 -26.23
C GLY B 567 3.59 -5.13 -27.09
N THR B 568 2.26 -5.05 -27.03
CA THR B 568 1.40 -5.94 -27.82
C THR B 568 0.25 -5.13 -28.38
N GLY B 569 -0.10 -5.41 -29.63
CA GLY B 569 -1.19 -4.70 -30.27
C GLY B 569 -1.32 -5.11 -31.72
N VAL B 570 -2.20 -4.40 -32.43
CA VAL B 570 -2.46 -4.64 -33.84
C VAL B 570 -1.76 -3.57 -34.65
N LEU B 571 -0.78 -3.97 -35.45
CA LEU B 571 -0.03 -3.05 -36.28
C LEU B 571 -0.76 -2.88 -37.61
N THR B 572 -1.06 -1.64 -37.98
CA THR B 572 -1.83 -1.35 -39.19
C THR B 572 -1.33 -0.05 -39.80
N GLU B 573 -1.28 -0.02 -41.13
CA GLU B 573 -0.89 1.20 -41.83
C GLU B 573 -1.92 2.29 -41.58
N SER B 574 -1.45 3.52 -41.45
CA SER B 574 -2.29 4.66 -41.10
C SER B 574 -2.14 5.76 -42.13
N ASN B 575 -3.22 6.51 -42.34
CA ASN B 575 -3.21 7.67 -43.23
C ASN B 575 -2.57 8.89 -42.59
N LYS B 576 -2.29 8.85 -41.29
CA LYS B 576 -1.67 9.98 -40.63
C LYS B 576 -0.23 10.16 -41.12
N LYS B 577 0.34 11.32 -40.79
CA LYS B 577 1.73 11.60 -41.11
C LYS B 577 2.24 12.68 -40.17
N PHE B 578 3.51 12.60 -39.81
CA PHE B 578 4.11 13.56 -38.90
C PHE B 578 5.57 13.76 -39.28
N LEU B 579 6.27 14.54 -38.46
CA LEU B 579 7.62 14.96 -38.82
C LEU B 579 8.56 13.76 -38.87
N PRO B 580 9.51 13.73 -39.81
CA PRO B 580 10.32 12.51 -39.99
C PRO B 580 11.12 12.09 -38.77
N PHE B 581 11.66 13.06 -38.02
CA PHE B 581 12.58 12.70 -36.94
C PHE B 581 11.86 11.98 -35.80
N GLN B 582 10.58 12.27 -35.60
CA GLN B 582 9.84 11.62 -34.52
C GLN B 582 9.84 10.11 -34.70
N GLN B 583 10.27 9.39 -33.66
CA GLN B 583 10.41 7.95 -33.76
C GLN B 583 9.05 7.26 -33.78
N PHE B 584 8.14 7.68 -32.91
CA PHE B 584 6.82 7.05 -32.80
C PHE B 584 5.82 8.13 -32.39
N GLY B 585 4.62 7.71 -32.01
CA GLY B 585 3.55 8.62 -31.67
C GLY B 585 2.99 8.34 -30.29
N ARG B 586 2.04 9.19 -29.90
CA ARG B 586 1.37 9.06 -28.61
C ARG B 586 0.00 9.71 -28.71
N ASP B 587 -0.83 9.44 -27.71
CA ASP B 587 -2.21 9.91 -27.67
C ASP B 587 -2.39 10.84 -26.48
N ILE B 588 -3.66 11.21 -26.23
CA ILE B 588 -3.96 12.16 -25.16
C ILE B 588 -3.53 11.60 -23.80
N ALA B 589 -3.70 10.29 -23.61
CA ALA B 589 -3.41 9.64 -22.33
C ALA B 589 -1.97 9.16 -22.23
N ASP B 590 -1.06 9.70 -23.04
CA ASP B 590 0.35 9.33 -23.02
C ASP B 590 0.53 7.83 -23.18
N THR B 591 -0.13 7.29 -24.20
CA THR B 591 0.02 5.89 -24.59
C THR B 591 0.32 5.82 -26.08
N THR B 592 1.15 4.86 -26.47
CA THR B 592 1.56 4.74 -27.86
C THR B 592 0.37 4.56 -28.78
N ASP B 593 0.34 5.31 -29.87
CA ASP B 593 -0.72 5.22 -30.86
C ASP B 593 -0.21 5.19 -32.29
N ALA B 594 1.07 5.46 -32.53
CA ALA B 594 1.65 5.39 -33.86
C ALA B 594 3.14 5.09 -33.72
N VAL B 595 3.68 4.31 -34.64
CA VAL B 595 5.08 3.91 -34.62
C VAL B 595 5.61 3.89 -36.05
N ARG B 596 6.91 4.13 -36.18
CA ARG B 596 7.59 4.05 -37.46
C ARG B 596 8.49 2.82 -37.50
N ASP B 597 8.48 2.12 -38.62
CA ASP B 597 9.39 1.00 -38.80
C ASP B 597 10.83 1.51 -38.77
N PRO B 598 11.69 1.02 -37.88
CA PRO B 598 13.07 1.55 -37.84
C PRO B 598 13.86 1.31 -39.11
N GLN B 599 13.47 0.33 -39.92
CA GLN B 599 14.19 0.04 -41.17
C GLN B 599 13.71 0.92 -42.31
N THR B 600 12.40 0.94 -42.55
CA THR B 600 11.80 1.72 -43.63
C THR B 600 10.93 2.82 -43.03
N LEU B 601 10.90 3.96 -43.71
CA LEU B 601 10.21 5.15 -43.21
C LEU B 601 8.74 5.08 -43.64
N GLU B 602 7.90 4.56 -42.74
CA GLU B 602 6.46 4.59 -42.93
C GLU B 602 5.79 4.73 -41.58
N ILE B 603 4.52 5.14 -41.61
CA ILE B 603 3.72 5.36 -40.42
C ILE B 603 2.65 4.28 -40.34
N LEU B 604 2.55 3.63 -39.19
CA LEU B 604 1.53 2.61 -38.94
C LEU B 604 0.97 2.84 -37.54
N ASP B 605 -0.35 2.96 -37.44
CA ASP B 605 -1.00 3.15 -36.15
C ASP B 605 -1.15 1.80 -35.44
N ILE B 606 -1.17 1.85 -34.12
CA ILE B 606 -1.26 0.67 -33.27
C ILE B 606 -2.52 0.78 -32.42
N THR B 607 -3.30 -0.29 -32.42
CA THR B 607 -4.48 -0.40 -31.59
C THR B 607 -4.48 -1.74 -30.87
N PRO B 608 -5.07 -1.82 -29.68
CA PRO B 608 -5.10 -3.10 -28.96
C PRO B 608 -5.99 -4.09 -29.69
N CYS B 609 -5.55 -5.35 -29.71
CA CYS B 609 -6.36 -6.37 -30.36
C CYS B 609 -7.64 -6.62 -29.57
N SER B 610 -8.64 -7.17 -30.25
CA SER B 610 -9.99 -7.22 -29.71
C SER B 610 -10.01 -7.92 -28.35
N PHE B 611 -10.67 -7.28 -27.38
CA PHE B 611 -10.82 -7.84 -26.06
C PHE B 611 -12.09 -7.26 -25.44
N GLY B 612 -12.61 -7.93 -24.42
CA GLY B 612 -13.80 -7.46 -23.76
C GLY B 612 -14.25 -8.44 -22.71
N GLY B 613 -15.43 -8.15 -22.14
CA GLY B 613 -15.99 -9.02 -21.14
C GLY B 613 -16.77 -10.17 -21.74
N VAL B 614 -16.95 -11.21 -20.92
CA VAL B 614 -17.73 -12.38 -21.29
C VAL B 614 -18.93 -12.42 -20.35
N SER B 615 -20.13 -12.30 -20.91
CA SER B 615 -21.37 -12.29 -20.16
C SER B 615 -22.20 -13.51 -20.55
N VAL B 616 -22.70 -14.23 -19.55
CA VAL B 616 -23.47 -15.44 -19.77
C VAL B 616 -24.95 -15.12 -19.60
N ILE B 617 -25.75 -15.51 -20.59
CA ILE B 617 -27.20 -15.37 -20.53
C ILE B 617 -27.75 -16.71 -20.08
N THR B 618 -28.32 -16.75 -18.88
CA THR B 618 -28.85 -17.99 -18.32
C THR B 618 -30.29 -17.75 -17.85
N PRO B 619 -31.25 -18.58 -18.27
CA PRO B 619 -32.60 -18.45 -17.70
C PRO B 619 -32.71 -18.91 -16.26
N GLY B 620 -31.67 -19.58 -15.74
CA GLY B 620 -31.69 -20.09 -14.39
C GLY B 620 -31.52 -21.59 -14.33
N THR B 621 -30.63 -22.07 -13.46
CA THR B 621 -30.44 -23.51 -13.31
C THR B 621 -31.75 -24.18 -12.93
N ASN B 622 -32.55 -23.52 -12.09
CA ASN B 622 -33.85 -24.06 -11.70
C ASN B 622 -34.81 -24.21 -12.87
N THR B 623 -34.60 -23.47 -13.96
CA THR B 623 -35.50 -23.50 -15.10
C THR B 623 -34.95 -24.29 -16.29
N SER B 624 -33.65 -24.21 -16.54
CA SER B 624 -33.05 -24.91 -17.67
C SER B 624 -31.53 -24.84 -17.52
N ASN B 625 -30.83 -25.37 -18.52
CA ASN B 625 -29.38 -25.37 -18.55
C ASN B 625 -28.81 -24.82 -19.85
N GLN B 626 -29.65 -24.44 -20.81
CA GLN B 626 -29.17 -23.81 -22.03
C GLN B 626 -28.83 -22.36 -21.76
N VAL B 627 -27.69 -21.90 -22.27
CA VAL B 627 -27.22 -20.55 -22.04
C VAL B 627 -26.62 -19.98 -23.32
N ALA B 628 -26.56 -18.65 -23.38
CA ALA B 628 -25.95 -17.93 -24.48
C ALA B 628 -24.87 -17.02 -23.93
N VAL B 629 -23.72 -16.99 -24.60
CA VAL B 629 -22.57 -16.21 -24.17
C VAL B 629 -22.47 -14.96 -25.02
N LEU B 630 -22.23 -13.82 -24.38
CA LEU B 630 -22.09 -12.54 -25.05
C LEU B 630 -20.65 -12.06 -24.94
N TYR B 631 -20.05 -11.71 -26.08
CA TYR B 631 -18.71 -11.16 -26.14
C TYR B 631 -18.84 -9.67 -26.43
N GLN B 632 -18.57 -8.85 -25.42
CA GLN B 632 -18.92 -7.43 -25.49
C GLN B 632 -18.03 -6.68 -26.46
N ASP B 633 -18.65 -5.95 -27.39
CA ASP B 633 -17.96 -5.01 -28.26
C ASP B 633 -16.83 -5.69 -29.04
N VAL B 634 -17.15 -6.83 -29.64
CA VAL B 634 -16.17 -7.62 -30.37
C VAL B 634 -16.90 -8.35 -31.50
N ASN B 635 -16.29 -8.34 -32.68
CA ASN B 635 -16.81 -9.08 -33.83
C ASN B 635 -16.94 -10.57 -33.55
N CYS B 636 -17.74 -11.25 -34.39
CA CYS B 636 -17.92 -12.68 -34.24
C CYS B 636 -16.81 -13.49 -34.90
N THR B 637 -15.94 -12.86 -35.70
CA THR B 637 -14.91 -13.60 -36.40
C THR B 637 -13.78 -14.03 -35.48
N GLU B 638 -13.51 -13.25 -34.43
CA GLU B 638 -12.47 -13.57 -33.45
C GLU B 638 -13.01 -14.22 -32.19
N VAL B 639 -14.23 -14.75 -32.22
CA VAL B 639 -14.66 -15.64 -31.15
C VAL B 639 -13.79 -16.89 -31.07
N PRO B 640 -13.52 -17.61 -32.16
CA PRO B 640 -12.71 -18.85 -32.02
C PRO B 640 -11.31 -18.61 -31.49
N VAL B 641 -10.64 -17.53 -31.92
CA VAL B 641 -9.27 -17.30 -31.51
C VAL B 641 -9.19 -17.02 -30.01
N ALA B 642 -10.19 -16.35 -29.45
CA ALA B 642 -10.15 -16.00 -28.04
C ALA B 642 -10.09 -17.25 -27.16
N ILE B 643 -10.85 -18.29 -27.52
CA ILE B 643 -10.90 -19.52 -26.74
C ILE B 643 -9.93 -20.52 -27.36
N HIS B 644 -9.54 -21.50 -26.55
CA HIS B 644 -8.69 -22.60 -27.00
C HIS B 644 -9.56 -23.79 -27.40
N ALA B 645 -10.35 -23.57 -28.45
CA ALA B 645 -11.35 -24.56 -28.86
C ALA B 645 -10.71 -25.90 -29.19
N ASP B 646 -9.57 -25.88 -29.87
CA ASP B 646 -8.90 -27.14 -30.21
C ASP B 646 -8.47 -27.89 -28.95
N GLN B 647 -7.95 -27.17 -27.96
CA GLN B 647 -7.45 -27.78 -26.72
C GLN B 647 -8.48 -27.80 -25.60
N LEU B 648 -9.70 -27.33 -25.85
CA LEU B 648 -10.74 -27.30 -24.83
C LEU B 648 -11.70 -28.47 -25.02
N THR B 649 -12.62 -28.60 -24.07
CA THR B 649 -13.65 -29.63 -24.17
C THR B 649 -14.50 -29.37 -25.41
N PRO B 650 -14.88 -30.41 -26.17
CA PRO B 650 -15.62 -30.17 -27.42
C PRO B 650 -16.92 -29.42 -27.23
N THR B 651 -17.51 -29.44 -26.03
CA THR B 651 -18.72 -28.68 -25.79
C THR B 651 -18.51 -27.19 -26.04
N TRP B 652 -17.29 -26.70 -25.85
CA TRP B 652 -17.01 -25.29 -26.09
C TRP B 652 -17.16 -24.92 -27.57
N ARG B 653 -16.89 -25.87 -28.46
CA ARG B 653 -17.04 -25.59 -29.89
C ARG B 653 -18.48 -25.24 -30.24
N VAL B 654 -19.44 -25.87 -29.57
CA VAL B 654 -20.84 -25.54 -29.78
C VAL B 654 -21.11 -24.09 -29.38
N TYR B 655 -20.53 -23.65 -28.26
CA TYR B 655 -20.66 -22.28 -27.78
C TYR B 655 -19.57 -21.37 -28.33
N SER B 656 -18.99 -21.69 -29.49
CA SER B 656 -18.00 -20.87 -30.15
C SER B 656 -18.45 -20.36 -31.51
N THR B 657 -19.08 -21.22 -32.32
CA THR B 657 -19.59 -20.82 -33.62
C THR B 657 -20.83 -21.64 -33.92
N GLY B 658 -21.49 -21.32 -35.02
CA GLY B 658 -22.69 -22.01 -35.46
C GLY B 658 -23.66 -21.04 -36.08
N SER B 659 -24.86 -21.55 -36.39
CA SER B 659 -25.88 -20.71 -37.01
C SER B 659 -26.43 -19.68 -36.02
N ASN B 660 -26.45 -20.01 -34.73
CA ASN B 660 -26.99 -19.11 -33.71
C ASN B 660 -25.89 -18.11 -33.30
N VAL B 661 -25.54 -17.27 -34.26
CA VAL B 661 -24.56 -16.20 -34.06
C VAL B 661 -25.18 -14.91 -34.56
N PHE B 662 -25.26 -13.91 -33.68
CA PHE B 662 -25.86 -12.63 -34.01
C PHE B 662 -24.92 -11.51 -33.59
N GLN B 663 -24.66 -10.58 -34.51
CA GLN B 663 -23.80 -9.44 -34.24
C GLN B 663 -24.67 -8.28 -33.73
N THR B 664 -24.31 -7.74 -32.57
CA THR B 664 -25.08 -6.69 -31.92
C THR B 664 -24.15 -5.57 -31.51
N ARG B 665 -24.71 -4.35 -31.41
CA ARG B 665 -23.91 -3.21 -30.99
C ARG B 665 -23.29 -3.43 -29.61
N ALA B 666 -23.97 -4.18 -28.74
CA ALA B 666 -23.38 -4.54 -27.46
C ALA B 666 -22.24 -5.53 -27.62
N GLY B 667 -22.29 -6.38 -28.64
CA GLY B 667 -21.24 -7.35 -28.87
C GLY B 667 -21.79 -8.52 -29.67
N CYS B 668 -20.94 -9.54 -29.83
CA CYS B 668 -21.30 -10.75 -30.54
C CYS B 668 -21.98 -11.71 -29.57
N LEU B 669 -23.24 -12.01 -29.83
CA LEU B 669 -24.03 -12.91 -29.00
C LEU B 669 -24.16 -14.25 -29.69
N ILE B 670 -23.84 -15.33 -28.96
CA ILE B 670 -23.89 -16.68 -29.49
C ILE B 670 -24.68 -17.54 -28.51
N GLY B 671 -25.51 -18.44 -29.06
CA GLY B 671 -26.36 -19.29 -28.27
C GLY B 671 -27.80 -18.84 -28.18
N ALA B 672 -28.16 -17.74 -28.83
CA ALA B 672 -29.53 -17.24 -28.85
C ALA B 672 -29.94 -16.98 -30.29
N GLU B 673 -31.22 -17.23 -30.58
CA GLU B 673 -31.76 -17.10 -31.92
C GLU B 673 -32.40 -15.71 -32.06
N HIS B 674 -31.92 -14.94 -33.03
CA HIS B 674 -32.49 -13.63 -33.30
C HIS B 674 -33.90 -13.78 -33.84
N VAL B 675 -34.82 -12.97 -33.33
CA VAL B 675 -36.21 -13.00 -33.74
C VAL B 675 -36.68 -11.57 -33.97
N ASN B 676 -37.46 -11.36 -35.03
CA ASN B 676 -37.93 -10.03 -35.38
C ASN B 676 -38.92 -9.47 -34.35
N ASN B 677 -39.61 -10.32 -33.62
CA ASN B 677 -40.64 -9.87 -32.70
C ASN B 677 -40.03 -9.08 -31.55
N SER B 678 -40.86 -8.29 -30.89
CA SER B 678 -40.46 -7.47 -29.76
C SER B 678 -41.36 -7.78 -28.57
N TYR B 679 -40.75 -8.01 -27.41
CA TYR B 679 -41.48 -8.31 -26.18
C TYR B 679 -40.89 -7.47 -25.06
N GLU B 680 -41.49 -7.58 -23.88
CA GLU B 680 -40.97 -6.89 -22.70
C GLU B 680 -39.61 -7.46 -22.34
N CYS B 681 -38.71 -6.57 -21.91
CA CYS B 681 -37.35 -7.00 -21.57
C CYS B 681 -37.38 -7.94 -20.36
N ASP B 682 -36.64 -9.05 -20.47
CA ASP B 682 -36.51 -10.01 -19.39
C ASP B 682 -35.08 -10.08 -18.85
N ILE B 683 -34.10 -10.30 -19.73
CA ILE B 683 -32.69 -10.29 -19.36
C ILE B 683 -32.01 -9.21 -20.19
N PRO B 684 -31.85 -7.99 -19.69
CA PRO B 684 -31.32 -6.92 -20.54
C PRO B 684 -29.91 -7.24 -21.03
N ILE B 685 -29.64 -6.84 -22.27
CA ILE B 685 -28.35 -7.02 -22.90
C ILE B 685 -27.64 -5.69 -23.10
N GLY B 686 -28.28 -4.76 -23.79
CA GLY B 686 -27.71 -3.45 -24.08
C GLY B 686 -28.10 -3.00 -25.48
N ALA B 687 -28.07 -1.70 -25.68
CA ALA B 687 -28.41 -1.10 -26.97
C ALA B 687 -29.81 -1.47 -27.42
N GLY B 688 -30.72 -1.63 -26.47
CA GLY B 688 -32.11 -1.92 -26.77
C GLY B 688 -32.43 -3.38 -26.99
N ILE B 689 -31.46 -4.28 -26.87
CA ILE B 689 -31.67 -5.71 -27.07
C ILE B 689 -31.84 -6.39 -25.72
N CYS B 690 -32.71 -7.38 -25.68
CA CYS B 690 -32.94 -8.17 -24.47
C CYS B 690 -33.09 -9.63 -24.86
N ALA B 691 -32.81 -10.51 -23.89
CA ALA B 691 -32.88 -11.95 -24.09
C ALA B 691 -33.95 -12.54 -23.19
N SER B 692 -34.52 -13.67 -23.64
CA SER B 692 -35.56 -14.35 -22.89
C SER B 692 -35.57 -15.81 -23.28
N TYR B 693 -36.22 -16.62 -22.45
CA TYR B 693 -36.38 -18.05 -22.67
C TYR B 693 -37.83 -18.33 -23.00
N GLN B 694 -38.09 -18.80 -24.22
CA GLN B 694 -39.43 -19.02 -24.70
C GLN B 694 -39.53 -20.39 -25.37
N THR B 695 -40.72 -20.97 -25.32
CA THR B 695 -40.96 -22.28 -25.92
C THR B 695 -41.33 -22.13 -27.39
N SER B 708 -39.63 -26.66 -29.73
CA SER B 708 -38.33 -26.06 -30.02
C SER B 708 -38.01 -24.96 -29.01
N GLN B 709 -38.01 -25.32 -27.73
CA GLN B 709 -37.70 -24.35 -26.68
C GLN B 709 -36.24 -23.97 -26.73
N SER B 710 -35.97 -22.67 -26.65
CA SER B 710 -34.61 -22.14 -26.72
C SER B 710 -34.61 -20.72 -26.19
N ILE B 711 -33.47 -20.05 -26.27
CA ILE B 711 -33.31 -18.68 -25.81
C ILE B 711 -33.47 -17.75 -27.01
N ILE B 712 -34.27 -16.71 -26.84
CA ILE B 712 -34.58 -15.75 -27.90
C ILE B 712 -33.95 -14.41 -27.54
N ALA B 713 -33.28 -13.80 -28.52
CA ALA B 713 -32.71 -12.46 -28.39
C ALA B 713 -33.48 -11.52 -29.30
N TYR B 714 -33.99 -10.42 -28.74
CA TYR B 714 -34.88 -9.55 -29.46
C TYR B 714 -34.73 -8.12 -28.97
N THR B 715 -35.19 -7.18 -29.80
CA THR B 715 -35.26 -5.78 -29.39
C THR B 715 -36.46 -5.59 -28.48
N MET B 716 -36.22 -5.02 -27.31
CA MET B 716 -37.28 -4.87 -26.33
C MET B 716 -38.38 -3.95 -26.85
N SER B 717 -39.62 -4.28 -26.52
CA SER B 717 -40.77 -3.47 -26.91
C SER B 717 -40.98 -2.39 -25.87
N LEU B 718 -41.00 -1.13 -26.31
CA LEU B 718 -41.21 -0.03 -25.38
C LEU B 718 -42.57 -0.14 -24.69
N GLY B 719 -43.55 -0.70 -25.37
CA GLY B 719 -44.86 -0.87 -24.78
C GLY B 719 -45.89 -1.14 -25.86
N ALA B 720 -47.11 -1.40 -25.41
CA ALA B 720 -48.21 -1.66 -26.32
C ALA B 720 -48.53 -0.41 -27.12
N GLU B 721 -48.40 -0.51 -28.45
CA GLU B 721 -48.71 0.63 -29.31
C GLU B 721 -50.15 1.07 -29.10
N ASN B 722 -50.35 2.37 -28.93
CA ASN B 722 -51.66 2.92 -28.64
C ASN B 722 -51.83 4.23 -29.41
N SER B 723 -53.08 4.51 -29.77
CA SER B 723 -53.44 5.76 -30.42
C SER B 723 -54.69 6.31 -29.74
N VAL B 724 -54.66 7.60 -29.42
CA VAL B 724 -55.75 8.26 -28.71
C VAL B 724 -56.65 8.93 -29.74
N ALA B 725 -57.93 8.61 -29.70
CA ALA B 725 -58.89 9.17 -30.65
C ALA B 725 -59.18 10.62 -30.30
N TYR B 726 -58.18 11.48 -30.43
CA TYR B 726 -58.32 12.87 -30.03
C TYR B 726 -59.11 13.65 -31.06
N SER B 727 -59.97 14.54 -30.57
CA SER B 727 -60.69 15.48 -31.41
C SER B 727 -61.03 16.70 -30.58
N ASN B 728 -61.05 17.86 -31.23
CA ASN B 728 -61.25 19.10 -30.49
C ASN B 728 -62.68 19.31 -30.03
N ASN B 729 -63.57 18.36 -30.28
CA ASN B 729 -64.94 18.44 -29.76
C ASN B 729 -65.43 17.08 -29.26
N SER B 730 -64.50 16.21 -28.84
CA SER B 730 -64.85 14.88 -28.35
C SER B 730 -64.10 14.63 -27.04
N ILE B 731 -64.84 14.21 -26.02
CA ILE B 731 -64.28 13.89 -24.72
C ILE B 731 -64.73 12.50 -24.31
N ALA B 732 -63.92 11.85 -23.47
CA ALA B 732 -64.24 10.56 -22.90
C ALA B 732 -64.34 10.73 -21.38
N ILE B 733 -65.38 10.17 -20.80
CA ILE B 733 -65.61 10.26 -19.35
C ILE B 733 -65.86 8.86 -18.80
N PRO B 734 -65.12 8.41 -17.79
CA PRO B 734 -65.38 7.06 -17.25
C PRO B 734 -66.79 6.94 -16.71
N THR B 735 -67.39 5.77 -16.93
CA THR B 735 -68.68 5.42 -16.36
C THR B 735 -68.57 4.45 -15.20
N ASN B 736 -67.36 4.18 -14.72
CA ASN B 736 -67.10 3.09 -13.81
C ASN B 736 -65.73 3.32 -13.17
N PHE B 737 -65.39 2.51 -12.18
CA PHE B 737 -64.11 2.65 -11.49
C PHE B 737 -63.68 1.30 -10.94
N THR B 738 -62.40 1.20 -10.61
CA THR B 738 -61.84 0.02 -9.97
C THR B 738 -60.90 0.46 -8.87
N ILE B 739 -61.08 -0.08 -7.67
CA ILE B 739 -60.21 0.23 -6.54
C ILE B 739 -59.00 -0.70 -6.63
N SER B 740 -57.83 -0.14 -6.91
CA SER B 740 -56.61 -0.91 -7.09
C SER B 740 -55.68 -0.68 -5.91
N VAL B 741 -55.19 -1.76 -5.32
CA VAL B 741 -54.24 -1.72 -4.22
C VAL B 741 -52.92 -2.30 -4.74
N THR B 742 -51.84 -1.53 -4.59
CA THR B 742 -50.53 -1.93 -5.03
C THR B 742 -49.55 -1.85 -3.87
N THR B 743 -48.53 -2.69 -3.92
CA THR B 743 -47.54 -2.80 -2.85
C THR B 743 -46.27 -2.09 -3.26
N GLU B 744 -45.77 -1.22 -2.39
CA GLU B 744 -44.51 -0.51 -2.59
C GLU B 744 -43.57 -0.85 -1.45
N ILE B 745 -42.39 -1.35 -1.78
CA ILE B 745 -41.41 -1.81 -0.79
C ILE B 745 -40.23 -0.85 -0.80
N LEU B 746 -39.85 -0.37 0.38
CA LEU B 746 -38.77 0.59 0.52
C LEU B 746 -37.85 0.13 1.65
N PRO B 747 -36.55 0.00 1.42
CA PRO B 747 -35.65 -0.27 2.56
C PRO B 747 -35.65 0.90 3.53
N VAL B 748 -35.45 0.57 4.80
CA VAL B 748 -35.42 1.56 5.88
C VAL B 748 -34.11 1.49 6.65
N SER B 749 -33.76 0.31 7.14
CA SER B 749 -32.57 0.11 7.94
C SER B 749 -31.78 -1.08 7.40
N MET B 750 -30.47 -1.03 7.60
CA MET B 750 -29.57 -2.10 7.21
C MET B 750 -28.91 -2.67 8.45
N THR B 751 -28.25 -3.83 8.29
CA THR B 751 -27.65 -4.50 9.42
C THR B 751 -26.62 -3.61 10.09
N LYS B 752 -26.71 -3.50 11.42
CA LYS B 752 -25.80 -2.69 12.20
C LYS B 752 -24.59 -3.54 12.57
N THR B 753 -23.44 -3.22 11.99
CA THR B 753 -22.22 -3.99 12.17
C THR B 753 -21.15 -3.14 12.84
N SER B 754 -20.41 -3.76 13.76
CA SER B 754 -19.28 -3.12 14.42
C SER B 754 -18.09 -4.05 14.33
N VAL B 755 -16.91 -3.47 14.14
CA VAL B 755 -15.67 -4.22 13.94
C VAL B 755 -14.65 -3.76 14.97
N ASP B 756 -14.02 -4.71 15.65
CA ASP B 756 -12.93 -4.43 16.58
C ASP B 756 -11.64 -4.45 15.77
N CYS B 757 -11.10 -3.27 15.47
CA CYS B 757 -9.97 -3.18 14.55
C CYS B 757 -8.75 -3.92 15.10
N THR B 758 -8.49 -3.76 16.39
CA THR B 758 -7.33 -4.44 16.98
C THR B 758 -7.45 -5.95 16.82
N MET B 759 -8.64 -6.50 17.05
CA MET B 759 -8.85 -7.93 16.84
C MET B 759 -8.79 -8.29 15.36
N TYR B 760 -9.47 -7.52 14.51
CA TYR B 760 -9.55 -7.88 13.10
C TYR B 760 -8.17 -7.90 12.45
N ILE B 761 -7.35 -6.89 12.76
CA ILE B 761 -6.04 -6.76 12.13
C ILE B 761 -4.95 -7.43 12.95
N CYS B 762 -5.11 -7.43 14.28
CA CYS B 762 -4.07 -7.94 15.17
C CYS B 762 -4.66 -8.89 16.20
N GLY B 763 -5.46 -9.84 15.75
CA GLY B 763 -6.16 -10.74 16.65
C GLY B 763 -5.26 -11.41 17.67
N ASP B 764 -5.44 -11.04 18.95
CA ASP B 764 -4.75 -11.64 20.08
C ASP B 764 -3.22 -11.58 19.96
N SER B 765 -2.68 -10.69 19.12
CA SER B 765 -1.25 -10.57 18.92
C SER B 765 -0.78 -9.26 19.54
N THR B 766 -0.05 -9.35 20.65
CA THR B 766 0.48 -8.16 21.29
C THR B 766 1.49 -7.45 20.39
N GLU B 767 2.34 -8.22 19.70
CA GLU B 767 3.33 -7.61 18.82
C GLU B 767 2.67 -6.82 17.71
N CYS B 768 1.62 -7.38 17.11
CA CYS B 768 0.91 -6.68 16.04
C CYS B 768 0.24 -5.42 16.57
N SER B 769 -0.32 -5.49 17.78
CA SER B 769 -1.03 -4.34 18.33
C SER B 769 -0.10 -3.13 18.46
N ASN B 770 1.14 -3.35 18.90
CA ASN B 770 2.10 -2.25 18.98
C ASN B 770 2.35 -1.64 17.61
N LEU B 771 2.51 -2.48 16.59
CA LEU B 771 2.74 -1.97 15.24
C LEU B 771 1.52 -1.20 14.73
N LEU B 772 0.32 -1.58 15.16
CA LEU B 772 -0.88 -0.89 14.70
C LEU B 772 -0.88 0.55 15.19
N LEU B 773 -0.44 0.79 16.43
CA LEU B 773 -0.41 2.15 16.96
C LEU B 773 0.50 3.05 16.14
N GLN B 774 1.54 2.48 15.52
CA GLN B 774 2.43 3.28 14.68
C GLN B 774 1.71 3.86 13.47
N TYR B 775 0.55 3.31 13.12
CA TYR B 775 -0.22 3.79 11.98
C TYR B 775 -1.18 4.91 12.35
N GLY B 776 -1.15 5.38 13.60
CA GLY B 776 -2.02 6.46 14.01
C GLY B 776 -3.42 5.97 14.34
N SER B 777 -4.30 6.95 14.55
CA SER B 777 -5.69 6.66 14.93
C SER B 777 -6.55 6.46 13.69
N PHE B 778 -6.13 5.52 12.85
CA PHE B 778 -6.96 5.14 11.70
C PHE B 778 -8.26 4.51 12.16
N CYS B 779 -8.19 3.37 12.84
CA CYS B 779 -9.41 2.64 13.12
C CYS B 779 -10.25 3.27 14.22
N THR B 780 -9.73 4.27 14.94
CA THR B 780 -10.60 5.06 15.81
C THR B 780 -11.67 5.75 14.98
N GLN B 781 -11.30 6.22 13.78
CA GLN B 781 -12.30 6.75 12.86
C GLN B 781 -13.25 5.67 12.40
N LEU B 782 -12.71 4.47 12.09
CA LEU B 782 -13.55 3.40 11.56
C LEU B 782 -14.64 3.02 12.56
N ASN B 783 -14.26 2.83 13.83
CA ASN B 783 -15.26 2.56 14.85
C ASN B 783 -16.21 3.74 15.00
N ARG B 784 -15.67 4.96 14.95
CA ARG B 784 -16.52 6.15 15.00
C ARG B 784 -17.43 6.21 13.78
N ALA B 785 -16.90 5.86 12.60
CA ALA B 785 -17.71 5.90 11.38
C ALA B 785 -18.80 4.84 11.42
N LEU B 786 -18.43 3.60 11.75
CA LEU B 786 -19.41 2.53 11.83
C LEU B 786 -20.45 2.80 12.92
N THR B 787 -20.00 3.32 14.07
CA THR B 787 -20.93 3.66 15.13
C THR B 787 -21.92 4.71 14.67
N GLY B 788 -21.45 5.71 13.92
CA GLY B 788 -22.36 6.70 13.36
C GLY B 788 -23.41 6.07 12.47
N ILE B 789 -23.00 5.09 11.65
CA ILE B 789 -23.96 4.38 10.83
C ILE B 789 -24.93 3.58 11.71
N ALA B 790 -24.41 2.93 12.75
CA ALA B 790 -25.25 2.10 13.61
C ALA B 790 -26.37 2.91 14.23
N VAL B 791 -26.04 4.07 14.81
CA VAL B 791 -27.07 4.92 15.40
C VAL B 791 -27.99 5.45 14.32
N GLU B 792 -27.48 5.64 13.10
CA GLU B 792 -28.31 6.18 12.02
C GLU B 792 -29.46 5.24 11.70
N GLN B 793 -29.22 3.93 11.71
CA GLN B 793 -30.26 2.97 11.37
C GLN B 793 -31.43 3.08 12.35
N ASP B 794 -31.13 3.20 13.65
CA ASP B 794 -32.20 3.38 14.63
C ASP B 794 -32.96 4.67 14.37
N LYS B 795 -32.25 5.74 14.03
CA LYS B 795 -32.92 6.99 13.67
C LYS B 795 -33.77 6.81 12.43
N ASN B 796 -33.27 6.04 11.45
CA ASN B 796 -34.04 5.81 10.23
C ASN B 796 -35.35 5.10 10.55
N THR B 797 -35.30 4.06 11.37
CA THR B 797 -36.50 3.33 11.72
C THR B 797 -37.46 4.19 12.52
N GLN B 798 -36.94 4.99 13.45
CA GLN B 798 -37.81 5.79 14.31
C GLN B 798 -38.56 6.84 13.52
N GLU B 799 -37.88 7.54 12.61
CA GLU B 799 -38.50 8.67 11.92
C GLU B 799 -39.57 8.24 10.93
N VAL B 800 -39.61 6.97 10.55
CA VAL B 800 -40.60 6.48 9.60
C VAL B 800 -41.77 5.80 10.31
N PHE B 801 -41.50 5.08 11.40
CA PHE B 801 -42.54 4.38 12.15
C PHE B 801 -43.01 5.17 13.36
N ALA B 802 -42.10 5.68 14.17
CA ALA B 802 -42.46 6.39 15.40
C ALA B 802 -42.89 7.82 15.08
N GLN B 803 -43.98 7.91 14.31
CA GLN B 803 -44.55 9.19 13.94
C GLN B 803 -45.76 9.57 14.80
N VAL B 804 -46.33 8.61 15.54
CA VAL B 804 -47.43 8.86 16.46
C VAL B 804 -47.03 8.35 17.82
N LYS B 805 -47.20 9.18 18.85
CA LYS B 805 -46.86 8.81 20.22
C LYS B 805 -48.02 8.16 20.95
N GLN B 806 -49.15 7.97 20.30
CA GLN B 806 -50.30 7.27 20.87
C GLN B 806 -50.44 5.93 20.17
N ILE B 807 -50.42 4.85 20.94
CA ILE B 807 -50.52 3.49 20.39
C ILE B 807 -52.01 3.16 20.33
N TYR B 808 -52.64 3.54 19.23
CA TYR B 808 -54.05 3.25 19.04
C TYR B 808 -54.28 1.75 18.88
N LYS B 809 -55.45 1.30 19.32
CA LYS B 809 -55.86 -0.09 19.18
C LYS B 809 -57.18 -0.15 18.42
N THR B 810 -57.28 -1.12 17.52
CA THR B 810 -58.50 -1.27 16.73
C THR B 810 -59.67 -1.62 17.66
N PRO B 811 -60.88 -1.12 17.37
CA PRO B 811 -62.01 -1.45 18.22
C PRO B 811 -62.36 -2.92 18.12
N PRO B 812 -62.96 -3.51 19.17
CA PRO B 812 -63.28 -4.94 19.11
C PRO B 812 -64.22 -5.30 17.97
N ILE B 813 -65.14 -4.41 17.62
CA ILE B 813 -66.11 -4.68 16.56
C ILE B 813 -65.55 -4.15 15.24
N LYS B 814 -65.45 -5.04 14.25
CA LYS B 814 -64.90 -4.69 12.94
C LYS B 814 -66.04 -4.40 11.97
N ASP B 815 -66.70 -3.26 12.20
CA ASP B 815 -67.80 -2.79 11.37
C ASP B 815 -67.34 -1.52 10.66
N PHE B 816 -66.73 -1.69 9.49
CA PHE B 816 -66.17 -0.60 8.71
C PHE B 816 -66.91 -0.46 7.39
N GLY B 817 -68.23 -0.55 7.43
CA GLY B 817 -69.02 -0.39 6.23
C GLY B 817 -68.76 -1.44 5.17
N GLY B 818 -68.48 -2.67 5.57
CA GLY B 818 -68.23 -3.75 4.65
C GLY B 818 -66.78 -3.98 4.30
N PHE B 819 -65.90 -3.06 4.68
CA PHE B 819 -64.47 -3.23 4.40
C PHE B 819 -63.89 -4.31 5.28
N ASN B 820 -62.86 -4.98 4.78
CA ASN B 820 -62.33 -6.20 5.39
C ASN B 820 -60.84 -6.00 5.65
N PHE B 821 -60.49 -5.71 6.91
CA PHE B 821 -59.13 -5.38 7.30
C PHE B 821 -58.46 -6.48 8.09
N SER B 822 -59.07 -7.67 8.18
CA SER B 822 -58.49 -8.73 9.00
C SER B 822 -57.11 -9.14 8.48
N GLN B 823 -56.88 -9.03 7.18
CA GLN B 823 -55.65 -9.53 6.60
C GLN B 823 -54.47 -8.56 6.79
N ILE B 824 -54.71 -7.36 7.30
CA ILE B 824 -53.65 -6.42 7.60
C ILE B 824 -53.61 -6.03 9.07
N LEU B 825 -54.72 -6.14 9.80
CA LEU B 825 -54.72 -5.82 11.21
C LEU B 825 -54.01 -6.92 12.00
N PRO B 826 -53.50 -6.60 13.19
CA PRO B 826 -52.80 -7.63 13.98
C PRO B 826 -53.72 -8.77 14.36
N ASP B 827 -53.14 -9.97 14.47
CA ASP B 827 -53.89 -11.15 14.84
C ASP B 827 -53.60 -11.48 16.30
N PRO B 828 -54.51 -11.25 17.24
CA PRO B 828 -54.21 -11.57 18.65
C PRO B 828 -53.96 -13.04 18.90
N SER B 829 -54.49 -13.91 18.05
CA SER B 829 -54.31 -15.35 18.26
C SER B 829 -52.83 -15.73 18.16
N LYS B 830 -52.11 -15.15 17.20
CA LYS B 830 -50.70 -15.45 17.06
C LYS B 830 -49.94 -14.96 18.29
N PRO B 831 -48.87 -15.64 18.70
CA PRO B 831 -48.12 -15.17 19.88
C PRO B 831 -47.62 -13.74 19.74
N SER B 832 -47.18 -13.35 18.54
CA SER B 832 -46.75 -11.98 18.29
C SER B 832 -47.87 -11.20 17.61
N LYS B 833 -47.77 -9.88 17.70
CA LYS B 833 -48.80 -8.99 17.18
C LYS B 833 -48.69 -8.75 15.68
N ARG B 834 -47.83 -9.48 14.98
CA ARG B 834 -47.69 -9.30 13.54
C ARG B 834 -48.98 -9.71 12.83
N SER B 835 -49.40 -8.89 11.87
CA SER B 835 -50.60 -9.20 11.10
C SER B 835 -50.31 -10.33 10.12
N PHE B 836 -51.37 -10.82 9.49
CA PHE B 836 -51.25 -12.00 8.64
C PHE B 836 -50.34 -11.74 7.46
N ILE B 837 -50.45 -10.56 6.85
CA ILE B 837 -49.60 -10.24 5.71
C ILE B 837 -48.16 -10.04 6.15
N GLU B 838 -47.94 -9.41 7.31
CA GLU B 838 -46.58 -9.24 7.79
C GLU B 838 -45.88 -10.58 7.99
N ASP B 839 -46.63 -11.63 8.31
CA ASP B 839 -46.04 -12.96 8.40
C ASP B 839 -45.50 -13.39 7.05
N LEU B 840 -46.24 -13.12 5.97
CA LEU B 840 -45.76 -13.48 4.64
C LEU B 840 -44.48 -12.74 4.30
N LEU B 841 -44.41 -11.44 4.63
CA LEU B 841 -43.23 -10.66 4.30
C LEU B 841 -41.99 -11.19 5.02
N PHE B 842 -42.14 -11.55 6.30
CA PHE B 842 -40.98 -12.06 7.04
C PHE B 842 -40.50 -13.38 6.46
N ASN B 843 -41.39 -14.17 5.87
CA ASN B 843 -41.02 -15.45 5.29
C ASN B 843 -40.40 -15.30 3.89
N LYS B 844 -40.53 -14.13 3.26
CA LYS B 844 -39.95 -13.90 1.95
C LYS B 844 -38.47 -13.56 2.00
N VAL B 845 -37.95 -13.20 3.17
CA VAL B 845 -36.54 -12.86 3.35
C VAL B 845 -35.90 -13.95 4.20
N THR B 846 -34.83 -14.54 3.69
CA THR B 846 -34.17 -15.66 4.33
C THR B 846 -32.68 -15.40 4.43
N LEU B 847 -32.07 -15.97 5.47
CA LEU B 847 -30.63 -15.89 5.70
C LEU B 847 -29.91 -17.17 5.28
N ALA B 848 -30.59 -18.08 4.57
CA ALA B 848 -29.97 -19.35 4.20
C ALA B 848 -28.75 -19.12 3.31
N ASP B 849 -28.84 -18.21 2.35
CA ASP B 849 -27.72 -17.92 1.45
C ASP B 849 -26.79 -16.91 2.11
N ALA B 850 -26.20 -17.34 3.22
CA ALA B 850 -25.27 -16.51 3.97
C ALA B 850 -24.49 -17.40 4.93
N GLY B 851 -23.16 -17.31 4.87
CA GLY B 851 -22.32 -18.13 5.73
C GLY B 851 -22.06 -17.48 7.06
N PHE B 852 -21.60 -16.22 7.05
CA PHE B 852 -21.26 -15.54 8.29
C PHE B 852 -22.50 -15.32 9.16
N ILE B 853 -23.57 -14.79 8.56
CA ILE B 853 -24.75 -14.42 9.34
C ILE B 853 -25.46 -15.68 9.85
N LYS B 854 -25.64 -16.68 8.98
CA LYS B 854 -26.41 -17.85 9.36
C LYS B 854 -25.78 -18.57 10.54
N GLN B 855 -24.46 -18.76 10.50
CA GLN B 855 -23.77 -19.41 11.63
C GLN B 855 -23.67 -18.49 12.84
N TYR B 856 -23.82 -17.17 12.64
CA TYR B 856 -23.79 -16.25 13.77
C TYR B 856 -24.95 -16.52 14.73
N GLY B 857 -26.15 -16.72 14.18
CA GLY B 857 -27.31 -16.93 15.03
C GLY B 857 -27.27 -18.22 15.82
N ASP B 858 -26.72 -19.29 15.22
CA ASP B 858 -26.71 -20.59 15.88
C ASP B 858 -25.95 -20.59 17.19
N CYS B 859 -25.04 -19.62 17.39
CA CYS B 859 -24.23 -19.60 18.60
C CYS B 859 -25.09 -19.41 19.85
N LEU B 860 -26.08 -18.51 19.78
CA LEU B 860 -26.94 -18.28 20.93
C LEU B 860 -27.74 -19.52 21.31
N GLY B 861 -27.98 -20.41 20.35
CA GLY B 861 -28.68 -21.65 20.60
C GLY B 861 -27.79 -22.83 20.95
N ASP B 862 -26.48 -22.59 21.15
CA ASP B 862 -25.53 -23.65 21.45
C ASP B 862 -25.20 -23.61 22.94
N ILE B 863 -25.39 -24.73 23.62
CA ILE B 863 -25.10 -24.85 25.04
C ILE B 863 -24.06 -25.95 25.26
N ALA B 864 -24.01 -26.92 24.33
CA ALA B 864 -23.05 -28.01 24.48
C ALA B 864 -21.62 -27.51 24.46
N ALA B 865 -21.31 -26.58 23.56
CA ALA B 865 -19.95 -26.06 23.45
C ALA B 865 -19.56 -25.33 24.73
N ARG B 866 -18.30 -25.51 25.14
CA ARG B 866 -17.78 -24.90 26.36
C ARG B 866 -17.13 -23.56 26.02
N ASP B 867 -17.52 -22.52 26.74
CA ASP B 867 -16.97 -21.17 26.56
C ASP B 867 -17.13 -20.71 25.12
N LEU B 868 -18.32 -20.92 24.56
CA LEU B 868 -18.63 -20.53 23.19
C LEU B 868 -18.99 -19.05 23.18
N ILE B 869 -17.96 -18.21 23.07
CA ILE B 869 -18.13 -16.76 23.01
C ILE B 869 -18.01 -16.39 21.54
N CYS B 870 -19.14 -16.32 20.84
CA CYS B 870 -19.13 -16.04 19.40
C CYS B 870 -19.06 -14.56 19.07
N ALA B 871 -19.09 -13.68 20.07
CA ALA B 871 -18.70 -12.30 19.82
C ALA B 871 -17.22 -12.18 19.51
N GLN B 872 -16.44 -13.24 19.77
CA GLN B 872 -15.00 -13.24 19.59
C GLN B 872 -14.53 -14.18 18.47
N LYS B 873 -15.36 -15.13 18.04
CA LYS B 873 -14.95 -16.12 17.05
C LYS B 873 -14.88 -15.56 15.64
N PHE B 874 -15.58 -14.46 15.35
CA PHE B 874 -15.71 -13.94 14.00
C PHE B 874 -14.74 -12.79 13.72
N ASN B 875 -13.55 -12.84 14.33
CA ASN B 875 -12.51 -11.84 14.06
C ASN B 875 -13.01 -10.42 14.38
N GLY B 876 -13.80 -10.29 15.43
CA GLY B 876 -14.28 -9.00 15.86
C GLY B 876 -15.47 -8.46 15.09
N LEU B 877 -15.99 -9.20 14.12
CA LEU B 877 -17.15 -8.77 13.36
C LEU B 877 -18.41 -9.19 14.10
N THR B 878 -19.20 -8.21 14.52
CA THR B 878 -20.43 -8.46 15.26
C THR B 878 -21.55 -7.61 14.68
N VAL B 879 -22.78 -8.10 14.82
CA VAL B 879 -23.97 -7.44 14.31
C VAL B 879 -24.78 -6.98 15.52
N LEU B 880 -24.89 -5.67 15.69
CA LEU B 880 -25.65 -5.14 16.81
C LEU B 880 -27.14 -5.39 16.58
N PRO B 881 -27.93 -5.58 17.64
CA PRO B 881 -29.36 -5.76 17.45
C PRO B 881 -30.05 -4.43 17.20
N PRO B 882 -31.11 -4.41 16.38
CA PRO B 882 -31.85 -3.16 16.20
C PRO B 882 -32.44 -2.68 17.51
N LEU B 883 -32.48 -1.35 17.67
CA LEU B 883 -33.07 -0.79 18.88
C LEU B 883 -34.53 -1.14 19.00
N LEU B 884 -35.27 -1.06 17.89
CA LEU B 884 -36.68 -1.40 17.85
C LEU B 884 -36.81 -2.84 17.34
N THR B 885 -37.27 -3.73 18.20
CA THR B 885 -37.46 -5.11 17.80
C THR B 885 -38.68 -5.23 16.89
N ASP B 886 -38.80 -6.40 16.25
CA ASP B 886 -39.89 -6.60 15.29
C ASP B 886 -41.25 -6.45 15.95
N GLU B 887 -41.41 -6.98 17.17
CA GLU B 887 -42.68 -6.86 17.86
C GLU B 887 -43.01 -5.39 18.14
N MET B 888 -42.00 -4.61 18.54
CA MET B 888 -42.23 -3.19 18.78
C MET B 888 -42.66 -2.46 17.52
N ILE B 889 -42.00 -2.76 16.40
CA ILE B 889 -42.36 -2.10 15.14
C ILE B 889 -43.77 -2.47 14.74
N ALA B 890 -44.15 -3.74 14.91
CA ALA B 890 -45.49 -4.17 14.55
C ALA B 890 -46.55 -3.38 15.31
N GLN B 891 -46.28 -2.99 16.55
CA GLN B 891 -47.23 -2.19 17.31
C GLN B 891 -47.42 -0.81 16.67
N TYR B 892 -46.34 -0.22 16.17
CA TYR B 892 -46.47 1.07 15.49
C TYR B 892 -47.38 0.95 14.27
N THR B 893 -47.16 -0.06 13.44
CA THR B 893 -48.00 -0.23 12.25
C THR B 893 -49.45 -0.48 12.64
N SER B 894 -49.68 -1.32 13.66
CA SER B 894 -51.04 -1.53 14.13
C SER B 894 -51.66 -0.24 14.63
N ALA B 895 -50.88 0.57 15.35
CA ALA B 895 -51.37 1.87 15.79
C ALA B 895 -51.68 2.77 14.59
N LEU B 896 -50.80 2.78 13.61
CA LEU B 896 -51.04 3.59 12.41
C LEU B 896 -52.27 3.11 11.67
N LEU B 897 -52.43 1.79 11.52
CA LEU B 897 -53.62 1.27 10.86
C LEU B 897 -54.87 1.59 11.66
N ALA B 898 -54.80 1.46 12.98
CA ALA B 898 -55.97 1.75 13.80
C ALA B 898 -56.35 3.22 13.69
N GLY B 899 -55.36 4.12 13.73
CA GLY B 899 -55.66 5.53 13.58
C GLY B 899 -56.22 5.86 12.21
N THR B 900 -55.61 5.32 11.17
CA THR B 900 -56.08 5.58 9.81
C THR B 900 -57.48 5.02 9.61
N ILE B 901 -57.74 3.82 10.13
CA ILE B 901 -59.04 3.20 9.93
C ILE B 901 -60.13 3.96 10.66
N THR B 902 -59.88 4.31 11.92
CA THR B 902 -60.90 4.94 12.76
C THR B 902 -60.87 6.46 12.71
N SER B 903 -59.77 7.06 12.23
CA SER B 903 -59.65 8.51 12.19
C SER B 903 -59.14 9.06 10.86
N GLY B 904 -58.58 8.22 9.99
CA GLY B 904 -58.12 8.69 8.71
C GLY B 904 -56.84 9.50 8.79
N TRP B 905 -56.96 10.82 8.60
CA TRP B 905 -55.83 11.71 8.53
C TRP B 905 -55.71 12.64 9.72
N THR B 906 -56.76 12.80 10.51
CA THR B 906 -56.72 13.74 11.62
C THR B 906 -55.69 13.33 12.66
N PHE B 907 -55.60 12.04 12.97
CA PHE B 907 -54.71 11.59 14.04
C PHE B 907 -53.25 11.96 13.75
N GLY B 908 -52.88 12.06 12.48
CA GLY B 908 -51.56 12.53 12.13
C GLY B 908 -51.41 14.03 12.14
N ALA B 909 -52.49 14.78 12.37
CA ALA B 909 -52.49 16.23 12.38
C ALA B 909 -53.10 16.77 13.67
N GLY B 910 -52.99 16.01 14.75
CA GLY B 910 -53.55 16.39 16.03
C GLY B 910 -54.14 15.19 16.73
N ALA B 911 -55.07 15.44 17.63
CA ALA B 911 -55.75 14.36 18.33
C ALA B 911 -56.60 13.54 17.36
N ALA B 912 -56.60 12.22 17.55
CA ALA B 912 -57.38 11.36 16.69
C ALA B 912 -58.86 11.66 16.81
N LEU B 913 -59.55 11.69 15.67
CA LEU B 913 -60.97 12.02 15.60
C LEU B 913 -61.71 10.81 15.04
N GLN B 914 -62.58 10.21 15.86
CA GLN B 914 -63.36 9.08 15.39
C GLN B 914 -64.30 9.51 14.27
N ILE B 915 -64.51 8.61 13.32
CA ILE B 915 -65.40 8.88 12.19
C ILE B 915 -65.72 7.56 11.50
N PRO B 916 -66.96 7.32 11.07
CA PRO B 916 -67.25 6.06 10.38
C PRO B 916 -66.40 5.92 9.13
N PHE B 917 -65.95 4.70 8.85
CA PHE B 917 -65.08 4.48 7.71
C PHE B 917 -65.77 4.83 6.40
N ALA B 918 -67.08 4.64 6.32
CA ALA B 918 -67.81 5.03 5.12
C ALA B 918 -67.68 6.53 4.88
N MET B 919 -67.81 7.33 5.94
CA MET B 919 -67.65 8.77 5.80
C MET B 919 -66.21 9.14 5.44
N GLN B 920 -65.23 8.43 6.02
CA GLN B 920 -63.84 8.74 5.75
C GLN B 920 -63.51 8.57 4.27
N MET B 921 -63.95 7.46 3.68
CA MET B 921 -63.71 7.24 2.26
C MET B 921 -64.48 8.25 1.41
N ALA B 922 -65.68 8.63 1.85
CA ALA B 922 -66.45 9.62 1.10
C ALA B 922 -65.68 10.93 0.99
N TYR B 923 -65.05 11.36 2.10
CA TYR B 923 -64.21 12.55 2.02
C TYR B 923 -63.00 12.30 1.12
N ARG B 924 -62.39 11.11 1.23
CA ARG B 924 -61.24 10.82 0.39
C ARG B 924 -61.60 10.82 -1.08
N PHE B 925 -62.79 10.30 -1.42
CA PHE B 925 -63.29 10.46 -2.78
C PHE B 925 -63.47 11.93 -3.12
N ASN B 926 -64.01 12.71 -2.19
CA ASN B 926 -64.20 14.13 -2.44
C ASN B 926 -62.88 14.83 -2.73
N GLY B 927 -61.77 14.31 -2.21
CA GLY B 927 -60.47 14.85 -2.52
C GLY B 927 -59.96 14.49 -3.90
N ILE B 928 -60.51 13.44 -4.50
CA ILE B 928 -60.15 13.06 -5.86
C ILE B 928 -60.94 13.83 -6.92
N GLY B 929 -62.00 14.53 -6.53
CA GLY B 929 -62.84 15.24 -7.45
C GLY B 929 -64.12 14.53 -7.83
N VAL B 930 -64.47 13.43 -7.16
CA VAL B 930 -65.72 12.72 -7.38
C VAL B 930 -66.61 12.94 -6.16
N THR B 931 -67.86 13.31 -6.40
CA THR B 931 -68.74 13.66 -5.31
C THR B 931 -68.94 12.47 -4.37
N GLN B 932 -69.44 12.77 -3.17
CA GLN B 932 -69.62 11.74 -2.16
C GLN B 932 -70.66 10.71 -2.58
N ASN B 933 -71.71 11.14 -3.28
CA ASN B 933 -72.80 10.23 -3.62
C ASN B 933 -72.33 9.04 -4.44
N VAL B 934 -71.19 9.15 -5.12
CA VAL B 934 -70.65 8.02 -5.86
C VAL B 934 -70.35 6.87 -4.91
N LEU B 935 -69.69 7.17 -3.79
CA LEU B 935 -69.31 6.11 -2.85
C LEU B 935 -70.53 5.48 -2.20
N TYR B 936 -71.43 6.31 -1.65
CA TYR B 936 -72.55 5.76 -0.89
C TYR B 936 -73.50 5.00 -1.80
N GLU B 937 -73.72 5.49 -3.03
CA GLU B 937 -74.65 4.82 -3.92
C GLU B 937 -74.20 3.40 -4.25
N ASN B 938 -72.89 3.14 -4.21
CA ASN B 938 -72.36 1.80 -4.46
C ASN B 938 -71.28 1.49 -3.44
N GLN B 939 -71.57 1.77 -2.17
CA GLN B 939 -70.61 1.46 -1.11
C GLN B 939 -70.33 -0.03 -1.03
N LYS B 940 -71.37 -0.85 -1.13
CA LYS B 940 -71.18 -2.30 -1.04
C LYS B 940 -70.28 -2.79 -2.17
N LEU B 941 -70.46 -2.25 -3.37
CA LEU B 941 -69.63 -2.64 -4.50
C LEU B 941 -68.17 -2.28 -4.25
N ILE B 942 -67.92 -1.09 -3.69
CA ILE B 942 -66.55 -0.67 -3.41
C ILE B 942 -65.90 -1.59 -2.39
N ALA B 943 -66.65 -1.95 -1.34
CA ALA B 943 -66.10 -2.82 -0.31
C ALA B 943 -65.66 -4.16 -0.89
N ASN B 944 -66.49 -4.73 -1.77
CA ASN B 944 -66.12 -6.00 -2.39
C ASN B 944 -64.86 -5.84 -3.25
N GLN B 945 -64.75 -4.73 -3.97
CA GLN B 945 -63.58 -4.49 -4.80
C GLN B 945 -62.32 -4.41 -3.95
N PHE B 946 -62.38 -3.69 -2.83
CA PHE B 946 -61.21 -3.57 -1.96
C PHE B 946 -60.84 -4.92 -1.35
N ASN B 947 -61.82 -5.66 -0.86
CA ASN B 947 -61.53 -6.95 -0.24
C ASN B 947 -60.91 -7.91 -1.24
N SER B 948 -61.46 -7.99 -2.45
CA SER B 948 -60.85 -8.82 -3.49
C SER B 948 -59.46 -8.32 -3.84
N ALA B 949 -59.28 -6.99 -3.88
CA ALA B 949 -57.96 -6.44 -4.19
C ALA B 949 -56.93 -6.86 -3.15
N ILE B 950 -57.32 -6.85 -1.88
CA ILE B 950 -56.41 -7.33 -0.83
C ILE B 950 -56.11 -8.81 -1.04
N GLY B 951 -57.10 -9.58 -1.49
CA GLY B 951 -56.88 -10.99 -1.72
C GLY B 951 -55.83 -11.26 -2.79
N LYS B 952 -55.73 -10.37 -3.79
CA LYS B 952 -54.76 -10.58 -4.85
C LYS B 952 -53.33 -10.48 -4.34
N ILE B 953 -53.09 -9.60 -3.36
CA ILE B 953 -51.76 -9.49 -2.77
C ILE B 953 -51.36 -10.82 -2.14
N GLN B 954 -52.31 -11.56 -1.59
CA GLN B 954 -52.00 -12.83 -0.96
C GLN B 954 -51.37 -13.80 -1.94
N ASP B 955 -51.98 -13.93 -3.12
CA ASP B 955 -51.45 -14.85 -4.12
C ASP B 955 -50.06 -14.42 -4.58
N SER B 956 -49.85 -13.12 -4.77
CA SER B 956 -48.54 -12.65 -5.21
C SER B 956 -47.47 -12.95 -4.15
N LEU B 957 -47.80 -12.78 -2.88
CA LEU B 957 -46.84 -12.99 -1.81
C LEU B 957 -46.81 -14.42 -1.30
N SER B 958 -47.95 -15.11 -1.28
CA SER B 958 -48.00 -16.47 -0.76
C SER B 958 -47.55 -17.51 -1.78
N SER B 959 -47.29 -17.12 -3.03
CA SER B 959 -46.83 -18.02 -4.06
C SER B 959 -45.32 -17.91 -4.23
N THR B 960 -44.79 -18.62 -5.22
CA THR B 960 -43.36 -18.59 -5.48
C THR B 960 -42.88 -17.23 -5.95
N ALA B 961 -43.78 -16.35 -6.38
CA ALA B 961 -43.39 -15.02 -6.82
C ALA B 961 -42.74 -14.26 -5.67
N SER B 962 -41.49 -13.84 -5.87
CA SER B 962 -40.71 -13.13 -4.86
C SER B 962 -40.63 -11.67 -5.27
N ALA B 963 -41.52 -10.85 -4.72
CA ALA B 963 -41.54 -9.42 -4.99
C ALA B 963 -40.72 -8.61 -4.00
N LEU B 964 -40.10 -9.26 -3.02
CA LEU B 964 -39.28 -8.56 -2.02
C LEU B 964 -37.83 -8.47 -2.47
N GLY B 965 -37.62 -7.98 -3.69
CA GLY B 965 -36.27 -7.88 -4.22
C GLY B 965 -35.51 -6.70 -3.67
N LYS B 966 -36.21 -5.63 -3.28
CA LYS B 966 -35.56 -4.45 -2.76
C LYS B 966 -35.09 -4.61 -1.32
N LEU B 967 -35.55 -5.63 -0.61
CA LEU B 967 -35.09 -5.93 0.74
C LEU B 967 -34.10 -7.09 0.77
N GLN B 968 -34.31 -8.11 -0.05
CA GLN B 968 -33.38 -9.23 -0.09
C GLN B 968 -32.00 -8.77 -0.54
N ASP B 969 -31.95 -7.85 -1.50
CA ASP B 969 -30.67 -7.33 -1.95
C ASP B 969 -29.94 -6.60 -0.82
N VAL B 970 -30.68 -5.91 0.04
CA VAL B 970 -30.08 -5.24 1.18
C VAL B 970 -29.39 -6.26 2.08
N VAL B 971 -30.08 -7.36 2.38
CA VAL B 971 -29.46 -8.43 3.16
C VAL B 971 -28.32 -9.05 2.38
N ASN B 972 -28.50 -9.29 1.09
CA ASN B 972 -27.45 -9.88 0.27
C ASN B 972 -26.24 -8.96 0.22
N GLN B 973 -26.45 -7.67 0.06
CA GLN B 973 -25.33 -6.73 -0.02
C GLN B 973 -24.50 -6.76 1.25
N ASN B 974 -25.16 -6.77 2.40
CA ASN B 974 -24.43 -6.85 3.67
C ASN B 974 -23.73 -8.19 3.80
N ALA B 975 -24.39 -9.29 3.42
CA ALA B 975 -23.79 -10.60 3.55
C ALA B 975 -22.55 -10.73 2.68
N GLN B 976 -22.65 -10.33 1.41
CA GLN B 976 -21.50 -10.43 0.53
C GLN B 976 -20.38 -9.48 0.96
N ALA B 977 -20.74 -8.28 1.41
CA ALA B 977 -19.73 -7.33 1.87
C ALA B 977 -18.97 -7.90 3.06
N LEU B 978 -19.70 -8.41 4.06
CA LEU B 978 -19.05 -9.03 5.21
C LEU B 978 -18.30 -10.29 4.79
N ASN B 979 -18.90 -11.09 3.90
CA ASN B 979 -18.23 -12.30 3.44
C ASN B 979 -16.90 -11.97 2.75
N THR B 980 -16.90 -10.94 1.91
CA THR B 980 -15.65 -10.52 1.28
C THR B 980 -14.64 -10.05 2.32
N LEU B 981 -15.12 -9.31 3.33
CA LEU B 981 -14.22 -8.83 4.37
C LEU B 981 -13.61 -10.00 5.14
N VAL B 982 -14.43 -11.00 5.48
CA VAL B 982 -13.93 -12.14 6.24
C VAL B 982 -12.92 -12.93 5.41
N LYS B 983 -13.21 -13.15 4.14
CA LYS B 983 -12.30 -13.90 3.28
C LYS B 983 -10.97 -13.19 3.08
N GLN B 984 -10.92 -11.87 3.28
CA GLN B 984 -9.68 -11.14 3.06
C GLN B 984 -8.62 -11.49 4.09
N LEU B 985 -9.01 -12.08 5.23
CA LEU B 985 -8.02 -12.52 6.21
C LEU B 985 -7.14 -13.65 5.70
N SER B 986 -7.54 -14.32 4.63
CA SER B 986 -6.77 -15.43 4.07
C SER B 986 -5.74 -14.99 3.04
N SER B 987 -5.61 -13.69 2.81
CA SER B 987 -4.66 -13.16 1.83
C SER B 987 -3.39 -12.71 2.54
N ASN B 988 -2.25 -13.15 2.03
CA ASN B 988 -0.97 -12.81 2.65
C ASN B 988 -0.47 -11.43 2.25
N PHE B 989 -1.04 -10.83 1.20
CA PHE B 989 -0.64 -9.48 0.77
C PHE B 989 0.86 -9.40 0.54
N GLY B 990 1.44 -10.47 0.01
CA GLY B 990 2.87 -10.54 -0.19
C GLY B 990 3.65 -11.08 0.98
N ALA B 991 3.02 -11.30 2.13
CA ALA B 991 3.70 -11.87 3.27
C ALA B 991 3.90 -13.37 3.06
N ILE B 992 4.73 -13.96 3.92
CA ILE B 992 5.01 -15.39 3.81
C ILE B 992 3.74 -16.20 4.09
N SER B 993 2.90 -15.73 5.01
CA SER B 993 1.66 -16.43 5.33
C SER B 993 0.62 -15.41 5.75
N SER B 994 -0.65 -15.81 5.65
CA SER B 994 -1.77 -14.95 6.00
C SER B 994 -2.19 -15.08 7.45
N VAL B 995 -1.48 -15.88 8.25
CA VAL B 995 -1.80 -16.09 9.65
C VAL B 995 -0.71 -15.42 10.47
N LEU B 996 -1.09 -14.46 11.31
CA LEU B 996 -0.11 -13.76 12.14
C LEU B 996 0.60 -14.70 13.09
N ASN B 997 -0.11 -15.72 13.59
CA ASN B 997 0.51 -16.67 14.52
C ASN B 997 1.66 -17.40 13.86
N ASP B 998 1.50 -17.80 12.60
CA ASP B 998 2.58 -18.49 11.89
C ASP B 998 3.80 -17.59 11.75
N ILE B 999 3.60 -16.32 11.42
CA ILE B 999 4.73 -15.41 11.26
C ILE B 999 5.46 -15.25 12.58
N LEU B 1000 4.71 -15.05 13.67
CA LEU B 1000 5.34 -14.86 14.97
C LEU B 1000 5.96 -16.13 15.51
N SER B 1001 5.54 -17.30 15.02
CA SER B 1001 6.05 -18.57 15.50
C SER B 1001 7.22 -19.10 14.68
N ARG B 1002 7.66 -18.37 13.66
CA ARG B 1002 8.78 -18.81 12.83
C ARG B 1002 9.83 -17.72 12.67
N LEU B 1003 9.42 -16.45 12.76
CA LEU B 1003 10.29 -15.32 12.53
C LEU B 1003 10.48 -14.54 13.82
N ASP B 1004 11.72 -14.21 14.14
CA ASP B 1004 12.00 -13.36 15.28
C ASP B 1004 11.54 -11.94 14.98
N PRO B 1005 11.38 -11.10 16.01
CA PRO B 1005 10.81 -9.77 15.80
C PRO B 1005 11.53 -8.96 14.74
N PRO B 1006 12.90 -8.97 14.70
CA PRO B 1006 13.60 -8.09 13.75
C PRO B 1006 13.04 -8.07 12.34
N GLU B 1007 12.92 -9.22 11.69
CA GLU B 1007 12.34 -9.29 10.36
C GLU B 1007 10.85 -9.64 10.37
N ALA B 1008 10.26 -9.84 11.55
CA ALA B 1008 8.84 -10.15 11.61
C ALA B 1008 7.99 -8.94 11.28
N GLU B 1009 8.45 -7.73 11.60
CA GLU B 1009 7.66 -6.54 11.28
C GLU B 1009 7.47 -6.40 9.78
N VAL B 1010 8.51 -6.69 9.00
CA VAL B 1010 8.41 -6.52 7.54
C VAL B 1010 7.29 -7.39 6.99
N GLN B 1011 7.24 -8.66 7.41
CA GLN B 1011 6.15 -9.52 6.99
C GLN B 1011 4.83 -9.07 7.58
N ILE B 1012 4.84 -8.72 8.87
CA ILE B 1012 3.60 -8.33 9.54
C ILE B 1012 3.08 -7.01 8.99
N ASP B 1013 3.97 -6.04 8.78
CA ASP B 1013 3.53 -4.72 8.33
C ASP B 1013 2.72 -4.80 7.05
N ARG B 1014 3.07 -5.75 6.18
CA ARG B 1014 2.28 -5.94 4.96
C ARG B 1014 0.85 -6.35 5.30
N LEU B 1015 0.70 -7.22 6.30
CA LEU B 1015 -0.63 -7.72 6.65
C LEU B 1015 -1.54 -6.58 7.14
N ILE B 1016 -1.02 -5.69 7.98
CA ILE B 1016 -1.82 -4.58 8.46
C ILE B 1016 -2.26 -3.70 7.29
N THR B 1017 -1.34 -3.36 6.41
CA THR B 1017 -1.67 -2.49 5.28
C THR B 1017 -2.77 -3.12 4.42
N GLY B 1018 -2.63 -4.41 4.12
CA GLY B 1018 -3.65 -5.08 3.34
C GLY B 1018 -4.96 -5.21 4.10
N ARG B 1019 -4.90 -5.69 5.34
CA ARG B 1019 -6.11 -5.86 6.13
C ARG B 1019 -6.76 -4.51 6.43
N LEU B 1020 -5.96 -3.51 6.78
CA LEU B 1020 -6.50 -2.18 7.05
C LEU B 1020 -7.20 -1.61 5.82
N GLN B 1021 -6.56 -1.73 4.66
CA GLN B 1021 -7.19 -1.25 3.44
C GLN B 1021 -8.47 -2.02 3.15
N SER B 1022 -8.45 -3.33 3.39
CA SER B 1022 -9.67 -4.12 3.23
C SER B 1022 -10.76 -3.64 4.19
N LEU B 1023 -10.40 -3.42 5.45
CA LEU B 1023 -11.37 -2.89 6.40
C LEU B 1023 -11.80 -1.48 6.03
N GLN B 1024 -10.85 -0.65 5.60
CA GLN B 1024 -11.20 0.71 5.20
C GLN B 1024 -12.14 0.70 3.99
N THR B 1025 -11.88 -0.16 3.02
CA THR B 1025 -12.73 -0.25 1.85
C THR B 1025 -14.16 -0.64 2.23
N TYR B 1026 -14.28 -1.63 3.13
CA TYR B 1026 -15.61 -2.05 3.56
C TYR B 1026 -16.35 -0.91 4.26
N VAL B 1027 -15.66 -0.17 5.12
CA VAL B 1027 -16.30 0.93 5.83
C VAL B 1027 -16.76 1.99 4.84
N THR B 1028 -15.91 2.32 3.85
CA THR B 1028 -16.28 3.32 2.86
C THR B 1028 -17.52 2.87 2.09
N GLN B 1029 -17.56 1.60 1.67
CA GLN B 1029 -18.73 1.10 0.95
C GLN B 1029 -19.96 1.15 1.84
N GLN B 1030 -19.81 0.87 3.13
CA GLN B 1030 -20.94 0.94 4.04
C GLN B 1030 -21.50 2.36 4.11
N LEU B 1031 -20.62 3.37 4.12
CA LEU B 1031 -21.10 4.74 4.17
C LEU B 1031 -21.94 5.08 2.94
N ILE B 1032 -21.48 4.66 1.76
CA ILE B 1032 -22.26 4.91 0.54
C ILE B 1032 -23.59 4.20 0.62
N ARG B 1033 -23.59 2.94 1.04
CA ARG B 1033 -24.84 2.21 1.17
C ARG B 1033 -25.73 2.83 2.25
N ALA B 1034 -25.13 3.36 3.30
CA ALA B 1034 -25.91 4.01 4.35
C ALA B 1034 -26.68 5.20 3.78
N ALA B 1035 -26.02 6.00 2.95
CA ALA B 1035 -26.69 7.15 2.35
C ALA B 1035 -27.87 6.72 1.48
N GLU B 1036 -27.67 5.68 0.67
CA GLU B 1036 -28.77 5.21 -0.17
C GLU B 1036 -29.93 4.69 0.67
N ILE B 1037 -29.63 3.90 1.70
CA ILE B 1037 -30.68 3.45 2.60
C ILE B 1037 -31.31 4.63 3.33
N ARG B 1038 -30.49 5.55 3.82
CA ARG B 1038 -31.00 6.72 4.51
C ARG B 1038 -31.85 7.57 3.57
N ALA B 1039 -31.43 7.72 2.32
CA ALA B 1039 -32.26 8.41 1.34
C ALA B 1039 -33.58 7.69 1.15
N SER B 1040 -33.54 6.36 1.09
CA SER B 1040 -34.78 5.59 1.01
C SER B 1040 -35.62 5.75 2.27
N ALA B 1041 -34.96 5.77 3.43
CA ALA B 1041 -35.69 5.95 4.69
C ALA B 1041 -36.41 7.29 4.71
N ASN B 1042 -35.74 8.36 4.26
CA ASN B 1042 -36.39 9.67 4.20
C ASN B 1042 -37.58 9.63 3.27
N LEU B 1043 -37.44 8.97 2.12
CA LEU B 1043 -38.58 8.81 1.22
C LEU B 1043 -39.70 8.02 1.89
N ALA B 1044 -39.35 6.96 2.62
CA ALA B 1044 -40.36 6.17 3.30
C ALA B 1044 -41.11 7.01 4.33
N ALA B 1045 -40.38 7.83 5.10
CA ALA B 1045 -41.04 8.70 6.06
C ALA B 1045 -41.95 9.69 5.35
N THR B 1046 -41.48 10.24 4.21
CA THR B 1046 -42.31 11.17 3.46
C THR B 1046 -43.59 10.49 2.97
N LYS B 1047 -43.46 9.27 2.45
CA LYS B 1047 -44.65 8.54 2.00
C LYS B 1047 -45.57 8.24 3.18
N MET B 1048 -45.00 7.81 4.31
CA MET B 1048 -45.82 7.57 5.49
C MET B 1048 -46.45 8.87 5.97
N SER B 1049 -45.70 9.96 5.96
CA SER B 1049 -46.25 11.23 6.40
C SER B 1049 -47.39 11.69 5.50
N GLU B 1050 -47.25 11.49 4.20
CA GLU B 1050 -48.23 11.99 3.23
C GLU B 1050 -49.24 10.93 2.81
N CYS B 1051 -48.78 9.74 2.40
CA CYS B 1051 -49.71 8.74 1.88
C CYS B 1051 -50.55 8.13 3.00
N VAL B 1052 -49.93 7.82 4.13
CA VAL B 1052 -50.64 7.12 5.21
C VAL B 1052 -51.40 8.09 6.10
N LEU B 1053 -50.73 9.11 6.62
CA LEU B 1053 -51.36 10.05 7.54
C LEU B 1053 -52.26 11.05 6.83
N GLY B 1054 -52.33 11.01 5.51
CA GLY B 1054 -53.19 11.93 4.77
C GLY B 1054 -53.39 11.45 3.34
N GLN B 1055 -54.07 12.28 2.57
CA GLN B 1055 -54.29 12.02 1.15
C GLN B 1055 -53.39 12.93 0.34
N SER B 1056 -52.63 12.35 -0.57
CA SER B 1056 -51.63 13.07 -1.35
C SER B 1056 -52.11 13.23 -2.78
N LYS B 1057 -52.05 14.46 -3.29
CA LYS B 1057 -52.36 14.75 -4.67
C LYS B 1057 -51.15 14.60 -5.59
N ARG B 1058 -49.99 14.26 -5.06
CA ARG B 1058 -48.80 14.05 -5.87
C ARG B 1058 -48.99 12.80 -6.72
N VAL B 1059 -49.04 12.98 -8.04
CA VAL B 1059 -49.32 11.86 -8.93
C VAL B 1059 -48.18 10.85 -8.86
N ASP B 1060 -48.55 9.57 -8.82
CA ASP B 1060 -47.61 8.46 -8.83
C ASP B 1060 -46.67 8.47 -7.64
N PHE B 1061 -47.01 9.22 -6.59
CA PHE B 1061 -46.21 9.21 -5.37
C PHE B 1061 -46.73 8.24 -4.32
N CYS B 1062 -48.04 8.03 -4.28
CA CYS B 1062 -48.69 7.14 -3.32
C CYS B 1062 -49.53 6.11 -4.06
N GLY B 1063 -48.93 5.48 -5.07
CA GLY B 1063 -49.59 4.43 -5.82
C GLY B 1063 -49.64 4.72 -7.30
N LYS B 1064 -50.53 4.03 -8.01
CA LYS B 1064 -50.76 4.25 -9.43
C LYS B 1064 -52.22 4.63 -9.62
N GLY B 1065 -52.47 5.89 -9.95
CA GLY B 1065 -53.82 6.39 -10.08
C GLY B 1065 -54.13 7.45 -9.04
N TYR B 1066 -55.41 7.73 -8.82
CA TYR B 1066 -55.83 8.69 -7.82
C TYR B 1066 -55.75 8.03 -6.45
N HIS B 1067 -54.77 8.46 -5.64
CA HIS B 1067 -54.54 7.81 -4.36
C HIS B 1067 -55.64 8.14 -3.36
N LEU B 1068 -56.12 7.12 -2.67
CA LEU B 1068 -57.13 7.26 -1.62
C LEU B 1068 -56.55 7.13 -0.23
N MET B 1069 -55.82 6.05 0.05
CA MET B 1069 -55.19 5.87 1.36
C MET B 1069 -54.15 4.77 1.23
N SER B 1070 -53.26 4.72 2.22
CA SER B 1070 -52.19 3.75 2.27
C SER B 1070 -52.15 3.07 3.62
N PHE B 1071 -51.78 1.80 3.62
CA PHE B 1071 -51.70 0.99 4.83
C PHE B 1071 -50.29 0.48 5.02
N PRO B 1072 -49.51 0.99 5.96
CA PRO B 1072 -48.13 0.51 6.11
C PRO B 1072 -48.10 -0.93 6.63
N GLN B 1073 -47.02 -1.63 6.28
CA GLN B 1073 -46.81 -2.99 6.73
C GLN B 1073 -45.33 -3.19 6.96
N SER B 1074 -44.96 -3.58 8.17
CA SER B 1074 -43.56 -3.79 8.51
C SER B 1074 -43.00 -4.97 7.73
N ALA B 1075 -41.77 -4.84 7.28
CA ALA B 1075 -41.05 -5.90 6.58
C ALA B 1075 -39.64 -5.96 7.11
N PRO B 1076 -38.95 -7.08 6.92
CA PRO B 1076 -37.57 -7.18 7.42
C PRO B 1076 -36.67 -6.16 6.75
N HIS B 1077 -36.07 -5.29 7.56
CA HIS B 1077 -35.16 -4.25 7.06
C HIS B 1077 -35.86 -3.36 6.04
N GLY B 1078 -37.13 -3.04 6.29
CA GLY B 1078 -37.85 -2.17 5.38
C GLY B 1078 -39.29 -2.06 5.79
N VAL B 1079 -40.06 -1.36 4.95
CA VAL B 1079 -41.49 -1.15 5.15
C VAL B 1079 -42.20 -1.38 3.83
N VAL B 1080 -43.46 -1.81 3.91
CA VAL B 1080 -44.29 -2.07 2.75
C VAL B 1080 -45.55 -1.22 2.86
N PHE B 1081 -45.88 -0.51 1.78
CA PHE B 1081 -47.05 0.34 1.72
C PHE B 1081 -48.08 -0.29 0.79
N LEU B 1082 -49.33 -0.38 1.25
CA LEU B 1082 -50.44 -0.87 0.43
C LEU B 1082 -51.22 0.33 -0.06
N HIS B 1083 -50.74 0.93 -1.14
CA HIS B 1083 -51.35 2.13 -1.69
C HIS B 1083 -52.69 1.79 -2.33
N VAL B 1084 -53.78 2.21 -1.69
CA VAL B 1084 -55.11 2.05 -2.25
C VAL B 1084 -55.38 3.23 -3.18
N THR B 1085 -55.67 2.95 -4.44
CA THR B 1085 -55.81 3.97 -5.46
C THR B 1085 -57.12 3.79 -6.22
N TYR B 1086 -57.62 4.88 -6.75
CA TYR B 1086 -58.87 4.91 -7.52
C TYR B 1086 -58.50 5.01 -9.00
N VAL B 1087 -58.62 3.90 -9.71
CA VAL B 1087 -58.26 3.81 -11.12
C VAL B 1087 -59.54 3.88 -11.95
N PRO B 1088 -59.72 4.90 -12.80
CA PRO B 1088 -60.94 4.94 -13.62
C PRO B 1088 -61.06 3.72 -14.52
N ALA B 1089 -62.29 3.23 -14.65
CA ALA B 1089 -62.63 2.04 -15.41
C ALA B 1089 -63.26 2.44 -16.74
N GLN B 1090 -63.89 1.47 -17.41
CA GLN B 1090 -64.40 1.58 -18.78
C GLN B 1090 -64.95 2.96 -19.12
N GLU B 1091 -64.52 3.49 -20.26
CA GLU B 1091 -64.83 4.85 -20.69
C GLU B 1091 -66.00 4.85 -21.66
N LYS B 1092 -66.30 6.02 -22.21
CA LYS B 1092 -67.38 6.16 -23.18
C LYS B 1092 -67.14 7.39 -24.03
N ASN B 1093 -67.44 7.28 -25.32
CA ASN B 1093 -67.37 8.42 -26.22
C ASN B 1093 -68.42 9.46 -25.87
N PHE B 1094 -68.07 10.73 -26.04
CA PHE B 1094 -69.01 11.81 -25.84
C PHE B 1094 -68.63 12.99 -26.73
N THR B 1095 -69.63 13.79 -27.09
CA THR B 1095 -69.44 15.05 -27.78
C THR B 1095 -69.55 16.19 -26.77
N THR B 1096 -68.61 17.12 -26.83
CA THR B 1096 -68.42 18.11 -25.77
C THR B 1096 -68.30 19.50 -26.37
N ALA B 1097 -68.60 20.50 -25.53
CA ALA B 1097 -68.46 21.90 -25.89
C ALA B 1097 -67.85 22.63 -24.71
N PRO B 1098 -66.84 23.46 -24.92
CA PRO B 1098 -66.22 24.15 -23.76
C PRO B 1098 -67.19 25.03 -23.00
N ALA B 1099 -68.13 25.66 -23.69
CA ALA B 1099 -69.10 26.55 -23.06
C ALA B 1099 -70.47 26.29 -23.68
N ILE B 1100 -71.47 27.01 -23.18
CA ILE B 1100 -72.84 26.89 -23.65
C ILE B 1100 -73.46 28.28 -23.73
N CYS B 1101 -74.28 28.50 -24.74
CA CYS B 1101 -75.00 29.75 -24.95
C CYS B 1101 -76.49 29.52 -24.79
N HIS B 1102 -77.14 30.37 -24.00
CA HIS B 1102 -78.58 30.30 -23.79
C HIS B 1102 -79.31 31.53 -24.32
N ASP B 1103 -78.90 32.72 -23.91
CA ASP B 1103 -79.50 33.98 -24.34
C ASP B 1103 -78.41 34.96 -24.73
N GLY B 1104 -77.45 34.49 -25.53
CA GLY B 1104 -76.32 35.31 -25.91
C GLY B 1104 -75.28 35.48 -24.81
N LYS B 1105 -75.40 34.75 -23.71
CA LYS B 1105 -74.48 34.82 -22.59
C LYS B 1105 -73.83 33.46 -22.41
N ALA B 1106 -72.49 33.43 -22.42
CA ALA B 1106 -71.77 32.17 -22.31
C ALA B 1106 -71.98 31.56 -20.92
N HIS B 1107 -72.27 30.27 -20.90
CA HIS B 1107 -72.48 29.52 -19.67
C HIS B 1107 -71.35 28.52 -19.49
N PHE B 1108 -70.84 28.41 -18.27
CA PHE B 1108 -69.70 27.56 -17.97
C PHE B 1108 -70.04 26.64 -16.81
N PRO B 1109 -69.37 25.48 -16.71
CA PRO B 1109 -69.68 24.56 -15.61
C PRO B 1109 -68.88 24.87 -14.36
N ARG B 1110 -69.56 24.98 -13.22
CA ARG B 1110 -68.86 25.26 -11.97
C ARG B 1110 -67.90 24.14 -11.63
N GLU B 1111 -68.35 22.90 -11.74
CA GLU B 1111 -67.51 21.73 -11.42
C GLU B 1111 -67.92 20.60 -12.35
N GLY B 1112 -67.06 20.29 -13.32
CA GLY B 1112 -67.30 19.23 -14.28
C GLY B 1112 -67.07 19.72 -15.68
N VAL B 1113 -67.57 18.95 -16.64
CA VAL B 1113 -67.47 19.27 -18.05
C VAL B 1113 -68.86 19.13 -18.67
N PHE B 1114 -69.07 19.85 -19.76
CA PHE B 1114 -70.32 19.76 -20.50
C PHE B 1114 -70.24 18.59 -21.47
N VAL B 1115 -71.17 17.66 -21.35
CA VAL B 1115 -71.13 16.40 -22.08
C VAL B 1115 -72.46 16.20 -22.79
N SER B 1116 -72.41 15.50 -23.92
CA SER B 1116 -73.61 15.13 -24.65
C SER B 1116 -73.43 13.73 -25.21
N ASN B 1117 -74.49 12.93 -25.13
CA ASN B 1117 -74.46 11.56 -25.63
C ASN B 1117 -75.05 11.43 -27.03
N GLY B 1118 -75.30 12.54 -27.72
CA GLY B 1118 -75.71 12.50 -29.11
C GLY B 1118 -76.84 13.47 -29.45
N THR B 1119 -77.80 13.65 -28.54
CA THR B 1119 -78.93 14.53 -28.78
C THR B 1119 -79.27 15.44 -27.61
N HIS B 1120 -78.74 15.19 -26.41
CA HIS B 1120 -79.01 16.02 -25.25
C HIS B 1120 -77.70 16.44 -24.61
N TRP B 1121 -77.71 17.63 -24.01
CA TRP B 1121 -76.52 18.22 -23.41
C TRP B 1121 -76.63 18.16 -21.90
N PHE B 1122 -75.60 17.62 -21.27
CA PHE B 1122 -75.55 17.45 -19.82
C PHE B 1122 -74.24 17.96 -19.27
N VAL B 1123 -74.24 18.33 -18.00
CA VAL B 1123 -73.04 18.67 -17.26
C VAL B 1123 -72.79 17.55 -16.27
N THR B 1124 -71.57 17.01 -16.29
CA THR B 1124 -71.26 15.78 -15.58
C THR B 1124 -69.94 15.90 -14.83
N GLN B 1125 -69.79 15.07 -13.80
CA GLN B 1125 -68.54 14.98 -13.07
C GLN B 1125 -67.40 14.63 -14.03
N ARG B 1126 -66.19 15.08 -13.70
CA ARG B 1126 -65.06 14.87 -14.60
C ARG B 1126 -64.62 13.42 -14.60
N ASN B 1127 -64.53 12.78 -13.44
CA ASN B 1127 -63.92 11.47 -13.30
C ASN B 1127 -64.93 10.33 -13.18
N PHE B 1128 -66.21 10.60 -13.40
CA PHE B 1128 -67.24 9.57 -13.29
C PHE B 1128 -68.49 10.07 -13.99
N TYR B 1129 -69.03 9.28 -14.91
CA TYR B 1129 -70.16 9.74 -15.71
C TYR B 1129 -71.39 9.85 -14.81
N GLU B 1130 -71.72 11.09 -14.44
CA GLU B 1130 -72.88 11.40 -13.61
C GLU B 1130 -73.66 12.50 -14.31
N PRO B 1131 -74.37 12.19 -15.39
CA PRO B 1131 -75.04 13.24 -16.16
C PRO B 1131 -76.06 13.98 -15.32
N GLN B 1132 -76.14 15.29 -15.53
CA GLN B 1132 -77.09 16.15 -14.83
C GLN B 1132 -77.63 17.19 -15.79
N ILE B 1133 -78.87 17.61 -15.55
CA ILE B 1133 -79.48 18.62 -16.39
C ILE B 1133 -78.75 19.95 -16.21
N ILE B 1134 -78.64 20.71 -17.30
CA ILE B 1134 -77.98 22.00 -17.23
C ILE B 1134 -78.87 22.96 -16.45
N THR B 1135 -78.37 23.44 -15.32
CA THR B 1135 -79.11 24.36 -14.47
C THR B 1135 -78.16 25.45 -13.96
N THR B 1136 -78.74 26.59 -13.59
CA THR B 1136 -77.95 27.69 -13.07
C THR B 1136 -77.26 27.34 -11.76
N ASP B 1137 -77.76 26.33 -11.03
CA ASP B 1137 -77.13 25.94 -9.79
C ASP B 1137 -75.72 25.41 -10.02
N ASN B 1138 -75.53 24.62 -11.06
CA ASN B 1138 -74.24 24.04 -11.41
C ASN B 1138 -73.61 24.71 -12.63
N THR B 1139 -74.03 25.94 -12.95
CA THR B 1139 -73.57 26.64 -14.13
C THR B 1139 -73.47 28.13 -13.81
N PHE B 1140 -72.37 28.76 -14.20
CA PHE B 1140 -72.14 30.18 -13.95
C PHE B 1140 -71.88 30.89 -15.27
N VAL B 1141 -72.37 32.13 -15.37
CA VAL B 1141 -72.33 32.90 -16.60
C VAL B 1141 -71.12 33.82 -16.58
N SER B 1142 -70.51 34.02 -17.74
CA SER B 1142 -69.37 34.93 -17.86
C SER B 1142 -69.26 35.38 -19.31
N GLY B 1143 -69.58 36.64 -19.58
CA GLY B 1143 -69.41 37.20 -20.90
C GLY B 1143 -70.54 36.84 -21.85
N ASN B 1144 -70.32 37.16 -23.12
CA ASN B 1144 -71.27 36.91 -24.19
C ASN B 1144 -70.73 35.86 -25.14
N CYS B 1145 -71.60 35.42 -26.05
CA CYS B 1145 -71.27 34.33 -26.97
C CYS B 1145 -70.69 34.87 -28.27
N ASP B 1146 -69.61 35.64 -28.12
CA ASP B 1146 -68.93 36.21 -29.28
C ASP B 1146 -67.41 36.10 -29.21
N VAL B 1147 -66.85 35.51 -28.16
CA VAL B 1147 -65.40 35.41 -28.01
C VAL B 1147 -64.92 33.99 -27.76
N VAL B 1148 -65.75 33.10 -27.23
CA VAL B 1148 -65.35 31.72 -26.98
C VAL B 1148 -65.61 30.89 -28.23
N ILE B 1149 -64.71 29.96 -28.51
CA ILE B 1149 -64.80 29.09 -29.67
C ILE B 1149 -65.27 27.71 -29.21
N GLY B 1150 -66.29 27.17 -29.89
CA GLY B 1150 -66.85 25.89 -29.55
C GLY B 1150 -68.16 25.96 -28.77
N ILE B 1151 -68.68 27.16 -28.53
CA ILE B 1151 -69.95 27.27 -27.81
C ILE B 1151 -71.06 26.62 -28.63
N VAL B 1152 -72.06 26.10 -27.92
CA VAL B 1152 -73.14 25.33 -28.52
C VAL B 1152 -74.47 25.84 -27.99
N ASN B 1153 -75.51 25.72 -28.82
CA ASN B 1153 -76.82 26.24 -28.46
C ASN B 1153 -77.66 25.18 -27.77
N ASN B 1154 -78.38 25.58 -26.72
CA ASN B 1154 -79.38 24.73 -26.08
C ASN B 1154 -80.11 25.60 -25.07
N THR B 1155 -80.98 24.97 -24.28
CA THR B 1155 -81.69 25.64 -23.21
C THR B 1155 -81.11 25.20 -21.86
N VAL B 1156 -80.95 26.17 -20.97
CA VAL B 1156 -80.49 25.92 -19.60
C VAL B 1156 -81.71 26.00 -18.69
N TYR B 1157 -82.10 24.85 -18.14
CA TYR B 1157 -83.28 24.80 -17.27
C TYR B 1157 -83.07 25.69 -16.06
N ASP B 1158 -84.09 26.49 -15.74
CA ASP B 1158 -84.03 27.39 -14.60
C ASP B 1158 -84.85 26.80 -13.46
N PRO B 1159 -84.23 26.35 -12.36
CA PRO B 1159 -85.01 25.78 -11.26
C PRO B 1159 -85.66 26.79 -10.34
N LEU B 1160 -85.67 28.07 -10.70
CA LEU B 1160 -86.23 29.09 -9.83
C LEU B 1160 -87.74 29.17 -9.98
N GLN B 1161 -88.22 29.37 -11.20
CA GLN B 1161 -89.65 29.53 -11.49
C GLN B 1161 -90.05 28.67 -12.69
N PRO B 1162 -90.08 27.34 -12.53
CA PRO B 1162 -90.66 26.51 -13.59
C PRO B 1162 -92.17 26.58 -13.60
N GLU B 1163 -92.78 26.60 -12.41
CA GLU B 1163 -94.22 26.64 -12.27
C GLU B 1163 -94.67 27.56 -11.13
N LEU B 1164 -93.79 28.44 -10.65
CA LEU B 1164 -94.07 29.25 -9.48
C LEU B 1164 -94.74 30.58 -9.84
N ASP B 1165 -95.48 30.62 -10.94
CA ASP B 1165 -96.18 31.83 -11.35
C ASP B 1165 -97.34 32.09 -10.39
N SER B 1166 -97.12 33.01 -9.45
CA SER B 1166 -98.14 33.33 -8.46
C SER B 1166 -99.22 34.23 -9.06
N GLN C 33 48.04 29.33 -36.21
CA GLN C 33 47.14 29.85 -37.23
C GLN C 33 46.31 31.02 -36.71
N CYS C 34 46.49 31.37 -35.43
CA CYS C 34 45.68 32.36 -34.77
C CYS C 34 46.35 33.72 -34.80
N VAL C 35 45.59 34.73 -34.38
CA VAL C 35 46.00 36.13 -34.42
C VAL C 35 45.55 36.80 -33.13
N ASN C 36 45.80 38.10 -33.01
CA ASN C 36 45.39 38.90 -31.86
C ASN C 36 44.56 40.08 -32.36
N LEU C 37 43.26 39.83 -32.58
CA LEU C 37 42.31 40.88 -32.91
C LEU C 37 41.50 41.25 -31.67
N THR C 38 42.21 41.84 -30.70
CA THR C 38 41.58 42.21 -29.43
C THR C 38 42.21 43.52 -28.95
N THR C 39 41.57 44.64 -29.28
CA THR C 39 41.99 45.94 -28.77
C THR C 39 40.74 46.84 -28.80
N ARG C 40 40.07 46.96 -27.67
CA ARG C 40 38.84 47.73 -27.58
C ARG C 40 38.47 47.85 -26.11
N THR C 41 37.31 48.47 -25.86
CA THR C 41 36.68 48.50 -24.54
C THR C 41 35.29 47.90 -24.68
N GLN C 42 35.11 46.71 -24.12
CA GLN C 42 33.86 45.97 -24.31
C GLN C 42 32.69 46.75 -23.72
N LEU C 43 31.56 46.70 -24.43
CA LEU C 43 30.32 47.28 -23.93
C LEU C 43 29.62 46.21 -23.08
N PRO C 44 29.50 46.39 -21.76
CA PRO C 44 28.98 45.30 -20.92
C PRO C 44 27.58 44.88 -21.31
N PRO C 45 26.58 45.79 -21.31
CA PRO C 45 25.18 45.32 -21.45
C PRO C 45 24.92 44.52 -22.71
N ALA C 46 25.05 45.16 -23.87
CA ALA C 46 24.90 44.53 -25.19
C ALA C 46 23.79 43.48 -25.19
N TYR C 47 22.56 43.92 -24.87
CA TYR C 47 21.44 43.00 -24.76
C TYR C 47 20.18 43.59 -25.36
N THR C 48 19.26 42.70 -25.70
CA THR C 48 17.90 43.05 -26.10
C THR C 48 16.96 42.03 -25.47
N ASN C 49 15.70 42.03 -25.91
CA ASN C 49 14.67 41.16 -25.34
C ASN C 49 14.26 40.10 -26.35
N SER C 50 14.15 38.86 -25.88
CA SER C 50 13.64 37.74 -26.68
C SER C 50 12.18 37.52 -26.29
N PHE C 51 11.27 37.81 -27.21
CA PHE C 51 9.85 37.84 -26.86
C PHE C 51 9.27 36.44 -26.71
N THR C 52 9.26 35.66 -27.80
CA THR C 52 8.71 34.31 -27.75
C THR C 52 9.47 33.46 -28.77
N ARG C 53 10.54 32.82 -28.30
CA ARG C 53 11.35 31.93 -29.13
C ARG C 53 11.90 30.83 -28.23
N GLY C 54 12.70 29.95 -28.83
CA GLY C 54 13.39 28.92 -28.10
C GLY C 54 12.59 27.66 -27.81
N VAL C 55 11.33 27.62 -28.22
CA VAL C 55 10.53 26.42 -27.99
C VAL C 55 10.95 25.35 -28.98
N TYR C 56 11.25 24.16 -28.46
CA TYR C 56 11.73 23.05 -29.28
C TYR C 56 11.04 21.77 -28.83
N TYR C 57 11.00 20.80 -29.74
CA TYR C 57 10.40 19.51 -29.42
C TYR C 57 11.28 18.80 -28.40
N PRO C 58 10.77 18.47 -27.20
CA PRO C 58 11.64 17.84 -26.19
C PRO C 58 11.78 16.34 -26.37
N ASP C 59 11.00 15.71 -27.24
CA ASP C 59 11.07 14.26 -27.43
C ASP C 59 10.76 13.94 -28.88
N LYS C 60 10.94 12.67 -29.23
CA LYS C 60 10.73 12.17 -30.58
C LYS C 60 9.35 11.55 -30.77
N VAL C 61 8.35 12.05 -30.04
CA VAL C 61 6.99 11.50 -30.05
C VAL C 61 6.07 12.48 -30.74
N PHE C 62 5.21 11.97 -31.61
CA PHE C 62 4.26 12.78 -32.35
C PHE C 62 2.94 12.88 -31.59
N ARG C 63 2.44 14.10 -31.47
CA ARG C 63 1.15 14.38 -30.84
C ARG C 63 0.41 15.40 -31.68
N SER C 64 -0.92 15.35 -31.62
CA SER C 64 -1.73 16.25 -32.42
C SER C 64 -3.06 16.52 -31.71
N SER C 65 -3.54 17.75 -31.83
CA SER C 65 -4.82 18.15 -31.24
C SER C 65 -4.84 17.88 -29.74
N VAL C 66 -3.71 18.13 -29.07
CA VAL C 66 -3.58 17.88 -27.64
C VAL C 66 -2.52 18.83 -27.09
N LEU C 67 -2.74 19.26 -25.85
CA LEU C 67 -1.82 20.14 -25.14
C LEU C 67 -1.06 19.31 -24.12
N HIS C 68 0.27 19.31 -24.22
CA HIS C 68 1.13 18.53 -23.35
C HIS C 68 2.02 19.45 -22.55
N SER C 69 2.14 19.18 -21.26
CA SER C 69 2.98 19.97 -20.36
C SER C 69 4.31 19.23 -20.17
N THR C 70 5.41 19.92 -20.46
CA THR C 70 6.75 19.34 -20.38
C THR C 70 7.60 20.18 -19.44
N GLN C 71 8.31 19.50 -18.53
CA GLN C 71 9.25 20.14 -17.61
C GLN C 71 10.65 19.87 -18.13
N ASP C 72 11.24 20.87 -18.79
CA ASP C 72 12.54 20.70 -19.42
C ASP C 72 13.20 22.06 -19.54
N LEU C 73 14.52 22.05 -19.76
CA LEU C 73 15.28 23.27 -19.95
C LEU C 73 14.71 24.07 -21.12
N PHE C 74 14.17 25.25 -20.84
CA PHE C 74 13.56 26.10 -21.85
C PHE C 74 14.01 27.54 -21.66
N LEU C 75 14.00 28.30 -22.75
CA LEU C 75 14.24 29.73 -22.68
C LEU C 75 12.97 30.41 -22.19
N PRO C 76 12.99 31.15 -21.07
CA PRO C 76 11.76 31.80 -20.61
C PRO C 76 11.21 32.77 -21.64
N PHE C 77 9.89 32.84 -21.72
CA PHE C 77 9.24 33.78 -22.62
C PHE C 77 9.53 35.21 -22.17
N PHE C 78 9.67 36.10 -23.15
CA PHE C 78 9.99 37.51 -22.89
C PHE C 78 11.26 37.65 -22.06
N SER C 79 12.24 36.77 -22.31
CA SER C 79 13.49 36.80 -21.56
C SER C 79 14.40 37.90 -22.10
N ASN C 80 15.63 37.93 -21.59
CA ASN C 80 16.61 38.94 -21.93
C ASN C 80 17.85 38.23 -22.47
N VAL C 81 18.11 38.42 -23.77
CA VAL C 81 19.24 37.78 -24.44
C VAL C 81 20.24 38.87 -24.82
N THR C 82 21.51 38.47 -24.89
CA THR C 82 22.54 39.42 -25.27
C THR C 82 22.41 39.78 -26.75
N TRP C 83 23.09 40.85 -27.14
CA TRP C 83 22.96 41.45 -28.46
C TRP C 83 24.35 41.77 -29.02
N PHE C 84 25.25 40.80 -28.93
CA PHE C 84 26.60 41.00 -29.44
C PHE C 84 26.57 41.28 -30.94
N HIS C 85 27.32 42.29 -31.36
CA HIS C 85 27.48 42.64 -32.76
C HIS C 85 28.76 42.07 -33.36
N ALA C 86 29.91 42.34 -32.73
CA ALA C 86 31.20 41.81 -33.14
C ALA C 86 31.74 42.48 -34.40
N ILE C 87 30.94 43.31 -35.05
CA ILE C 87 31.39 44.13 -36.16
C ILE C 87 30.71 45.49 -36.04
N HIS C 88 31.43 46.47 -35.53
CA HIS C 88 30.89 47.80 -35.26
C HIS C 88 31.45 48.76 -36.31
N VAL C 89 30.71 48.91 -37.40
CA VAL C 89 31.09 49.82 -38.48
C VAL C 89 30.51 51.18 -38.14
N SER C 90 31.34 52.06 -37.57
CA SER C 90 30.89 53.39 -37.18
C SER C 90 32.04 54.37 -37.37
N GLY C 91 31.68 55.63 -37.56
CA GLY C 91 32.63 56.70 -37.80
C GLY C 91 32.50 57.26 -39.20
N THR C 92 33.37 58.23 -39.50
CA THR C 92 33.34 58.86 -40.81
C THR C 92 33.66 57.85 -41.90
N ASN C 93 34.67 57.00 -41.67
CA ASN C 93 35.06 55.97 -42.63
C ASN C 93 34.72 54.56 -42.16
N GLY C 94 34.28 54.38 -40.93
CA GLY C 94 33.93 53.08 -40.41
C GLY C 94 35.14 52.34 -39.86
N THR C 95 34.86 51.22 -39.20
CA THR C 95 35.89 50.36 -38.64
C THR C 95 35.38 48.94 -38.63
N LYS C 96 36.21 48.02 -38.14
CA LYS C 96 35.91 46.59 -38.11
C LYS C 96 36.21 46.02 -36.73
N ARG C 97 35.70 46.67 -35.69
CA ARG C 97 35.89 46.22 -34.33
C ARG C 97 35.41 44.78 -34.17
N PHE C 98 36.25 43.95 -33.56
CA PHE C 98 36.02 42.52 -33.43
C PHE C 98 35.71 42.20 -31.97
N ASP C 99 34.65 41.42 -31.74
CA ASP C 99 34.23 41.08 -30.38
C ASP C 99 33.46 39.77 -30.42
N ASN C 100 34.13 38.69 -30.02
CA ASN C 100 33.49 37.37 -29.86
C ASN C 100 33.95 36.76 -28.54
N PRO C 101 33.57 37.34 -27.41
CA PRO C 101 34.04 36.83 -26.12
C PRO C 101 33.43 35.48 -25.78
N VAL C 102 34.18 34.70 -25.01
CA VAL C 102 33.66 33.45 -24.48
C VAL C 102 32.55 33.76 -23.48
N LEU C 103 31.51 32.94 -23.47
CA LEU C 103 30.37 33.12 -22.58
C LEU C 103 30.10 31.84 -21.80
N PRO C 104 29.63 31.96 -20.56
CA PRO C 104 29.33 30.73 -19.79
C PRO C 104 28.19 29.95 -20.42
N PHE C 105 28.30 28.61 -20.34
CA PHE C 105 27.25 27.76 -20.90
C PHE C 105 25.97 27.86 -20.09
N ASN C 106 26.08 27.91 -18.77
CA ASN C 106 24.93 28.05 -17.88
C ASN C 106 23.93 26.91 -18.07
N ASP C 107 24.44 25.71 -18.35
CA ASP C 107 23.63 24.51 -18.46
C ASP C 107 22.52 24.68 -19.50
N GLY C 108 22.87 25.30 -20.62
CA GLY C 108 21.92 25.50 -21.70
C GLY C 108 22.14 26.81 -22.42
N VAL C 109 22.14 26.78 -23.75
CA VAL C 109 22.41 27.94 -24.58
C VAL C 109 21.38 28.01 -25.70
N TYR C 110 20.86 29.20 -25.95
CA TYR C 110 20.01 29.49 -27.10
C TYR C 110 20.73 30.49 -27.98
N PHE C 111 20.91 30.16 -29.26
CA PHE C 111 21.70 30.96 -30.18
C PHE C 111 20.91 31.24 -31.44
N ALA C 112 21.06 32.46 -31.96
CA ALA C 112 20.48 32.85 -33.24
C ALA C 112 21.56 33.56 -34.06
N SER C 113 21.42 33.48 -35.38
CA SER C 113 22.44 33.99 -36.30
C SER C 113 21.95 35.15 -37.15
N THR C 114 20.74 35.07 -37.71
CA THR C 114 20.15 36.10 -38.56
C THR C 114 21.18 36.71 -39.50
N GLU C 115 21.96 35.85 -40.15
CA GLU C 115 23.02 36.29 -41.04
C GLU C 115 22.51 36.44 -42.47
N LYS C 116 23.07 37.42 -43.18
CA LYS C 116 22.74 37.66 -44.57
C LYS C 116 23.80 37.14 -45.53
N SER C 117 25.07 37.15 -45.14
CA SER C 117 26.17 36.72 -45.99
C SER C 117 26.72 35.35 -45.61
N ASN C 118 26.08 34.65 -44.68
CA ASN C 118 26.48 33.30 -44.28
C ASN C 118 27.93 33.30 -43.78
N ILE C 119 28.12 34.00 -42.66
CA ILE C 119 29.45 34.23 -42.12
C ILE C 119 29.70 33.47 -40.82
N ILE C 120 28.67 33.17 -40.04
CA ILE C 120 28.85 32.36 -38.84
C ILE C 120 29.05 30.92 -39.26
N ARG C 121 30.15 30.31 -38.81
CA ARG C 121 30.56 28.98 -39.29
C ARG C 121 30.98 28.10 -38.12
N GLY C 122 30.14 28.05 -37.08
CA GLY C 122 30.29 27.08 -36.02
C GLY C 122 30.42 27.74 -34.65
N TRP C 123 30.64 26.89 -33.65
CA TRP C 123 30.77 27.31 -32.27
C TRP C 123 31.91 26.56 -31.61
N ILE C 124 32.19 26.94 -30.36
CA ILE C 124 33.26 26.36 -29.56
C ILE C 124 32.69 26.04 -28.18
N PHE C 125 33.12 24.92 -27.60
CA PHE C 125 32.70 24.52 -26.26
C PHE C 125 33.88 23.92 -25.52
N GLY C 126 33.84 24.05 -24.20
CA GLY C 126 34.90 23.51 -23.36
C GLY C 126 34.82 24.05 -21.96
N THR C 127 35.76 23.60 -21.13
CA THR C 127 35.84 24.05 -19.74
C THR C 127 36.77 25.25 -19.61
N THR C 128 38.04 25.08 -19.99
CA THR C 128 39.01 26.16 -19.98
C THR C 128 39.63 26.43 -21.36
N LEU C 129 39.43 25.53 -22.32
CA LEU C 129 39.79 25.76 -23.72
C LEU C 129 41.30 25.92 -23.91
N ASP C 130 42.11 25.30 -23.05
CA ASP C 130 43.56 25.36 -23.23
C ASP C 130 44.17 24.05 -22.69
N SER C 131 44.28 23.06 -23.57
CA SER C 131 45.03 21.83 -23.32
C SER C 131 44.85 21.24 -21.93
N LYS C 132 43.62 21.28 -21.40
CA LYS C 132 43.31 20.63 -20.13
C LYS C 132 42.29 19.51 -20.28
N THR C 133 41.15 19.79 -20.91
CA THR C 133 40.08 18.82 -21.07
C THR C 133 39.60 18.83 -22.52
N GLN C 134 38.69 17.92 -22.82
CA GLN C 134 38.15 17.81 -24.17
C GLN C 134 37.31 19.04 -24.49
N SER C 135 37.39 19.49 -25.74
CA SER C 135 36.65 20.64 -26.21
C SER C 135 35.97 20.31 -27.53
N LEU C 136 34.71 20.72 -27.65
CA LEU C 136 33.91 20.44 -28.84
C LEU C 136 34.12 21.56 -29.87
N LEU C 137 34.28 21.16 -31.12
CA LEU C 137 34.52 22.09 -32.22
C LEU C 137 33.54 21.81 -33.34
N ILE C 138 32.89 22.86 -33.84
CA ILE C 138 31.96 22.77 -34.96
C ILE C 138 32.40 23.76 -36.02
N VAL C 139 32.43 23.30 -37.28
CA VAL C 139 32.67 24.16 -38.43
C VAL C 139 31.85 23.63 -39.60
N ASN C 140 31.20 24.52 -40.33
CA ASN C 140 30.29 24.18 -41.41
C ASN C 140 30.82 24.77 -42.71
N ASN C 141 31.62 24.00 -43.44
CA ASN C 141 32.12 24.41 -44.73
C ASN C 141 31.09 24.02 -45.80
N ALA C 142 31.49 24.06 -47.08
CA ALA C 142 30.58 23.81 -48.19
C ALA C 142 29.73 22.56 -48.01
N THR C 143 30.37 21.40 -47.88
CA THR C 143 29.64 20.13 -47.79
C THR C 143 30.30 19.22 -46.76
N ASN C 144 30.62 19.76 -45.59
CA ASN C 144 31.20 18.95 -44.52
C ASN C 144 31.10 19.71 -43.21
N VAL C 145 30.39 19.13 -42.24
CA VAL C 145 30.36 19.66 -40.88
C VAL C 145 31.39 18.89 -40.06
N VAL C 146 32.33 19.60 -39.46
CA VAL C 146 33.43 18.99 -38.73
C VAL C 146 33.11 19.03 -37.25
N ILE C 147 33.03 17.85 -36.63
CA ILE C 147 32.80 17.70 -35.20
C ILE C 147 34.03 17.05 -34.60
N LYS C 148 34.57 17.67 -33.55
CA LYS C 148 35.79 17.17 -32.93
C LYS C 148 35.74 17.49 -31.43
N VAL C 149 35.31 16.52 -30.64
CA VAL C 149 35.41 16.63 -29.17
C VAL C 149 36.78 16.08 -28.81
N CYS C 150 37.78 16.95 -28.90
CA CYS C 150 39.17 16.56 -28.79
C CYS C 150 39.93 17.65 -28.05
N GLU C 151 41.02 17.27 -27.41
CA GLU C 151 41.76 18.16 -26.52
C GLU C 151 42.83 18.91 -27.30
N PHE C 152 42.67 20.22 -27.42
CA PHE C 152 43.66 21.06 -28.09
C PHE C 152 43.37 22.51 -27.75
N GLN C 153 44.45 23.27 -27.56
CA GLN C 153 44.35 24.63 -27.04
C GLN C 153 43.72 25.57 -28.05
N PHE C 154 42.95 26.53 -27.53
CA PHE C 154 42.25 27.54 -28.33
C PHE C 154 42.89 28.90 -28.06
N CYS C 155 42.97 29.72 -29.09
CA CYS C 155 43.53 31.06 -28.95
C CYS C 155 42.48 32.02 -28.39
N ASN C 156 42.87 33.28 -28.26
CA ASN C 156 41.98 34.30 -27.67
C ASN C 156 40.91 34.78 -28.64
N ASP C 157 41.02 34.49 -29.94
CA ASP C 157 40.03 34.91 -30.92
C ASP C 157 40.04 33.94 -32.09
N PRO C 158 39.57 32.72 -31.88
CA PRO C 158 39.43 31.78 -33.00
C PRO C 158 38.46 32.30 -34.04
N PHE C 159 38.75 32.02 -35.30
CA PHE C 159 37.91 32.46 -36.40
C PHE C 159 38.25 31.64 -37.64
N LEU C 160 37.53 31.90 -38.72
CA LEU C 160 37.71 31.20 -39.99
C LEU C 160 38.06 32.21 -41.08
N GLY C 161 38.98 31.83 -41.96
CA GLY C 161 39.31 32.64 -43.12
C GLY C 161 38.70 32.05 -44.38
N VAL C 162 37.86 32.82 -45.06
CA VAL C 162 37.07 32.33 -46.19
C VAL C 162 37.41 33.13 -47.43
N TYR C 163 37.51 32.45 -48.56
CA TYR C 163 37.72 33.07 -49.86
C TYR C 163 36.76 32.46 -50.87
N TYR C 164 36.39 33.25 -51.88
CA TYR C 164 35.29 32.92 -52.76
C TYR C 164 35.73 32.46 -54.15
N HIS C 165 37.04 32.29 -54.38
CA HIS C 165 37.54 31.83 -55.67
C HIS C 165 37.11 32.76 -56.80
N LYS C 166 37.64 34.00 -56.72
CA LYS C 166 37.48 34.99 -57.77
C LYS C 166 36.04 35.49 -57.86
N ASN C 167 35.39 35.62 -56.70
CA ASN C 167 34.08 36.25 -56.57
C ASN C 167 32.96 35.45 -57.23
N ASN C 168 33.21 34.20 -57.62
CA ASN C 168 32.14 33.38 -58.18
C ASN C 168 31.19 32.88 -57.10
N LYS C 169 31.61 32.91 -55.84
CA LYS C 169 30.77 32.49 -54.72
C LYS C 169 30.34 31.02 -54.84
N SER C 170 31.22 30.18 -55.38
CA SER C 170 30.94 28.77 -55.58
C SER C 170 31.86 27.88 -54.76
N TRP C 171 33.17 28.05 -54.87
CA TRP C 171 34.11 27.23 -54.10
C TRP C 171 33.93 27.45 -52.61
N MET C 172 33.97 28.71 -52.18
CA MET C 172 33.90 29.09 -50.77
C MET C 172 34.95 28.31 -49.98
N GLU C 173 36.21 28.54 -50.34
CA GLU C 173 37.32 27.92 -49.64
C GLU C 173 37.46 28.52 -48.24
N SER C 174 37.85 27.68 -47.28
CA SER C 174 37.93 28.07 -45.88
C SER C 174 39.29 27.67 -45.31
N GLU C 175 39.74 28.45 -44.33
CA GLU C 175 40.99 28.21 -43.62
C GLU C 175 40.70 27.96 -42.16
N PHE C 176 41.26 26.87 -41.61
CA PHE C 176 40.97 26.46 -40.24
C PHE C 176 41.94 27.17 -39.29
N ARG C 177 41.68 28.46 -39.09
CA ARG C 177 42.45 29.26 -38.13
C ARG C 177 41.74 29.30 -36.78
N VAL C 178 41.57 28.10 -36.20
CA VAL C 178 40.80 27.94 -34.97
C VAL C 178 41.66 27.39 -33.86
N TYR C 179 42.71 26.65 -34.21
CA TYR C 179 43.51 25.95 -33.21
C TYR C 179 44.87 25.60 -33.81
N SER C 180 45.70 24.94 -33.01
CA SER C 180 47.03 24.54 -33.44
C SER C 180 47.41 23.14 -32.98
N SER C 181 46.46 22.32 -32.53
CA SER C 181 46.78 20.97 -32.06
C SER C 181 45.55 20.08 -32.21
N ALA C 182 45.80 18.77 -32.17
CA ALA C 182 44.72 17.78 -32.21
C ALA C 182 45.02 16.60 -31.30
N ASN C 183 45.73 16.84 -30.19
CA ASN C 183 46.17 15.75 -29.33
C ASN C 183 45.00 15.13 -28.57
N ASN C 184 45.14 13.84 -28.26
CA ASN C 184 44.17 13.11 -27.43
C ASN C 184 42.76 13.28 -27.95
N CYS C 185 42.58 12.98 -29.24
CA CYS C 185 41.33 13.23 -29.93
C CYS C 185 40.45 11.98 -29.87
N THR C 186 39.22 12.16 -29.38
CA THR C 186 38.35 11.04 -29.03
C THR C 186 37.22 10.83 -30.02
N PHE C 187 36.41 11.85 -30.28
CA PHE C 187 35.16 11.71 -31.03
C PHE C 187 35.22 12.54 -32.31
N GLU C 188 34.55 12.03 -33.34
CA GLU C 188 34.48 12.69 -34.63
C GLU C 188 33.16 12.34 -35.30
N TYR C 189 32.66 13.25 -36.12
CA TYR C 189 31.36 13.08 -36.76
C TYR C 189 31.23 14.01 -37.94
N VAL C 190 30.68 13.50 -39.05
CA VAL C 190 30.44 14.27 -40.26
C VAL C 190 29.04 13.94 -40.76
N SER C 191 28.42 14.91 -41.41
CA SER C 191 27.09 14.75 -41.99
C SER C 191 26.83 15.96 -42.90
N GLN C 192 25.60 16.07 -43.38
CA GLN C 192 25.22 17.21 -44.20
C GLN C 192 25.36 18.49 -43.39
N PRO C 193 25.99 19.55 -43.93
CA PRO C 193 26.20 20.76 -43.12
C PRO C 193 24.89 21.37 -42.66
N PHE C 194 24.90 21.92 -41.44
CA PHE C 194 23.70 22.51 -40.88
C PHE C 194 23.23 23.71 -41.68
N LEU C 195 24.17 24.57 -42.10
CA LEU C 195 23.82 25.75 -42.87
C LEU C 195 23.54 25.37 -44.32
N MET C 196 22.45 25.90 -44.86
CA MET C 196 22.06 25.64 -46.25
C MET C 196 22.31 26.87 -47.10
N PHE C 205 14.04 39.39 -46.90
CA PHE C 205 14.56 38.18 -46.27
C PHE C 205 15.76 38.51 -45.39
N LYS C 206 15.90 37.76 -44.29
CA LYS C 206 17.02 37.92 -43.37
C LYS C 206 17.65 36.61 -42.94
N ASN C 207 17.00 35.47 -43.15
CA ASN C 207 17.55 34.17 -42.80
C ASN C 207 17.78 34.07 -41.29
N LEU C 208 16.69 34.18 -40.53
CA LEU C 208 16.73 34.05 -39.09
C LEU C 208 16.90 32.58 -38.72
N ARG C 209 18.04 32.25 -38.14
CA ARG C 209 18.33 30.90 -37.67
C ARG C 209 18.24 30.85 -36.15
N GLU C 210 17.89 29.68 -35.63
CA GLU C 210 17.81 29.45 -34.20
C GLU C 210 18.58 28.17 -33.88
N PHE C 211 19.18 28.13 -32.69
CA PHE C 211 19.97 26.97 -32.28
C PHE C 211 19.84 26.82 -30.77
N VAL C 212 19.81 25.55 -30.32
CA VAL C 212 19.72 25.22 -28.91
C VAL C 212 20.74 24.14 -28.62
N PHE C 213 21.50 24.32 -27.54
CA PHE C 213 22.53 23.37 -27.13
C PHE C 213 22.27 22.97 -25.68
N LYS C 214 22.28 21.65 -25.43
CA LYS C 214 22.01 21.12 -24.09
C LYS C 214 23.00 20.00 -23.81
N ASN C 215 23.81 20.17 -22.77
CA ASN C 215 24.72 19.13 -22.29
C ASN C 215 24.09 18.48 -21.06
N ILE C 216 23.20 17.54 -21.30
CA ILE C 216 22.39 16.91 -20.27
C ILE C 216 22.77 15.44 -20.19
N ASP C 217 22.99 14.95 -18.96
CA ASP C 217 23.32 13.56 -18.68
C ASP C 217 24.34 12.99 -19.65
N GLY C 218 25.34 13.80 -20.04
CA GLY C 218 26.36 13.35 -20.95
C GLY C 218 25.92 13.26 -22.41
N TYR C 219 24.72 13.71 -22.73
CA TYR C 219 24.20 13.70 -24.10
C TYR C 219 24.11 15.13 -24.59
N PHE C 220 24.83 15.43 -25.68
CA PHE C 220 24.82 16.77 -26.26
C PHE C 220 23.87 16.75 -27.46
N LYS C 221 22.74 17.44 -27.32
CA LYS C 221 21.72 17.49 -28.36
C LYS C 221 21.66 18.90 -28.93
N ILE C 222 21.80 19.01 -30.24
CA ILE C 222 21.77 20.29 -30.94
C ILE C 222 20.48 20.35 -31.73
N TYR C 223 19.60 21.27 -31.34
CA TYR C 223 18.37 21.56 -32.07
C TYR C 223 18.58 22.82 -32.90
N SER C 224 17.75 22.97 -33.93
CA SER C 224 17.95 24.06 -34.88
C SER C 224 16.64 24.37 -35.59
N LYS C 225 16.65 25.51 -36.29
CA LYS C 225 15.51 25.93 -37.10
C LYS C 225 15.97 27.00 -38.07
N HIS C 226 15.42 26.99 -39.28
CA HIS C 226 15.71 27.99 -40.30
C HIS C 226 14.40 28.69 -40.65
N THR C 227 14.40 30.02 -40.55
CA THR C 227 13.21 30.81 -40.83
C THR C 227 13.64 32.16 -41.40
N PRO C 228 13.05 32.63 -42.50
CA PRO C 228 13.35 33.97 -42.99
C PRO C 228 12.39 35.02 -42.45
N ILE C 229 12.94 36.18 -42.14
CA ILE C 229 12.15 37.33 -41.68
C ILE C 229 12.47 38.51 -42.56
N ASN C 230 11.43 39.23 -43.01
CA ASN C 230 11.64 40.39 -43.86
C ASN C 230 12.19 41.57 -43.07
N LEU C 231 11.67 41.79 -41.85
CA LEU C 231 12.12 42.92 -41.05
C LEU C 231 13.56 42.73 -40.61
N VAL C 232 14.33 43.83 -40.63
CA VAL C 232 15.72 43.81 -40.19
C VAL C 232 15.87 44.19 -38.73
N ARG C 233 14.77 44.37 -38.00
CA ARG C 233 14.81 44.77 -36.61
C ARG C 233 15.11 43.56 -35.74
N ASP C 234 14.89 43.69 -34.43
CA ASP C 234 15.12 42.58 -33.51
C ASP C 234 14.13 41.47 -33.79
N LEU C 235 14.20 40.41 -32.97
CA LEU C 235 13.43 39.18 -33.16
C LEU C 235 11.97 39.49 -33.47
N PRO C 236 11.33 38.73 -34.34
CA PRO C 236 10.02 39.14 -34.87
C PRO C 236 8.89 38.97 -33.86
N GLN C 237 7.77 39.61 -34.17
CA GLN C 237 6.53 39.48 -33.39
C GLN C 237 5.79 38.23 -33.84
N GLY C 238 6.42 37.08 -33.60
CA GLY C 238 5.84 35.82 -34.01
C GLY C 238 6.50 34.67 -33.28
N PHE C 239 5.93 33.48 -33.51
CA PHE C 239 6.40 32.25 -32.89
C PHE C 239 6.70 31.21 -33.96
N SER C 240 7.73 30.41 -33.71
CA SER C 240 8.10 29.34 -34.63
C SER C 240 8.65 28.17 -33.81
N ALA C 241 8.33 26.95 -34.25
CA ALA C 241 8.87 25.77 -33.61
C ALA C 241 10.38 25.69 -33.84
N LEU C 242 11.01 24.67 -33.26
CA LEU C 242 12.44 24.49 -33.40
C LEU C 242 12.73 22.99 -33.28
N GLU C 243 12.95 22.35 -34.43
CA GLU C 243 13.07 20.89 -34.48
C GLU C 243 14.49 20.45 -34.09
N PRO C 244 14.65 19.22 -33.60
CA PRO C 244 15.99 18.70 -33.36
C PRO C 244 16.72 18.40 -34.67
N LEU C 245 18.05 18.42 -34.60
CA LEU C 245 18.89 18.06 -35.74
C LEU C 245 19.73 16.82 -35.46
N VAL C 246 20.54 16.82 -34.39
CA VAL C 246 21.46 15.73 -34.12
C VAL C 246 21.67 15.61 -32.62
N ASP C 247 22.14 14.44 -32.19
CA ASP C 247 22.52 14.17 -30.81
C ASP C 247 23.89 13.51 -30.81
N LEU C 248 24.73 13.90 -29.85
CA LEU C 248 26.10 13.42 -29.76
C LEU C 248 26.36 12.92 -28.35
N PRO C 249 26.83 11.67 -28.16
CA PRO C 249 27.19 11.21 -26.80
C PRO C 249 28.61 11.61 -26.42
N ILE C 250 28.85 12.91 -26.31
CA ILE C 250 30.21 13.40 -26.08
C ILE C 250 30.69 13.03 -24.68
N GLY C 251 29.80 13.06 -23.70
CA GLY C 251 30.15 12.66 -22.35
C GLY C 251 31.21 13.51 -21.69
N ILE C 252 31.08 14.84 -21.79
CA ILE C 252 32.00 15.78 -21.16
C ILE C 252 31.19 16.88 -20.49
N ASN C 253 31.86 17.68 -19.67
CA ASN C 253 31.26 18.83 -19.02
C ASN C 253 31.69 20.11 -19.74
N ILE C 254 30.73 20.98 -20.00
CA ILE C 254 30.96 22.25 -20.68
C ILE C 254 30.53 23.39 -19.77
N THR C 255 31.40 24.37 -19.59
CA THR C 255 31.12 25.54 -18.79
C THR C 255 31.16 26.85 -19.57
N ARG C 256 31.92 26.92 -20.65
CA ARG C 256 32.00 28.12 -21.48
C ARG C 256 31.94 27.72 -22.95
N PHE C 257 31.50 28.66 -23.78
CA PHE C 257 31.42 28.44 -25.21
C PHE C 257 31.79 29.73 -25.93
N GLN C 258 32.22 29.57 -27.18
CA GLN C 258 32.61 30.70 -28.03
C GLN C 258 32.01 30.50 -29.42
N THR C 259 31.88 31.61 -30.12
CA THR C 259 31.30 31.62 -31.47
C THR C 259 32.40 31.75 -32.51
N LEU C 260 32.30 30.95 -33.57
CA LEU C 260 33.23 30.99 -34.68
C LEU C 260 32.62 31.79 -35.84
N LEU C 261 33.37 32.78 -36.32
CA LEU C 261 32.91 33.66 -37.38
C LEU C 261 33.90 33.61 -38.54
N ALA C 262 33.39 33.42 -39.75
CA ALA C 262 34.22 33.42 -40.94
C ALA C 262 34.40 34.85 -41.44
N LEU C 263 35.65 35.23 -41.69
CA LEU C 263 35.99 36.58 -42.10
C LEU C 263 36.74 36.55 -43.42
N HIS C 264 36.48 37.55 -44.26
CA HIS C 264 37.19 37.74 -45.52
C HIS C 264 38.30 38.76 -45.30
N ARG C 265 39.48 38.47 -45.84
CA ARG C 265 40.64 39.34 -45.63
C ARG C 265 40.48 40.59 -46.48
N SER C 266 40.04 41.69 -45.86
CA SER C 266 39.92 42.95 -46.58
C SER C 266 41.27 43.45 -47.06
N TYR C 267 42.29 43.35 -46.22
CA TYR C 267 43.63 43.78 -46.59
C TYR C 267 44.65 43.10 -45.69
N LEU C 268 45.90 43.09 -46.14
CA LEU C 268 47.00 42.42 -45.45
C LEU C 268 48.12 43.42 -45.20
N THR C 269 49.03 43.04 -44.31
CA THR C 269 50.17 43.86 -43.93
C THR C 269 51.40 42.97 -43.89
N PRO C 270 52.59 43.52 -44.15
CA PRO C 270 53.80 42.68 -44.13
C PRO C 270 54.36 42.55 -42.72
N GLY C 271 54.92 41.39 -42.44
CA GLY C 271 55.21 41.04 -41.07
C GLY C 271 53.92 41.06 -40.28
N ASP C 272 53.04 40.10 -40.60
CA ASP C 272 51.63 40.13 -40.23
C ASP C 272 51.41 40.60 -38.80
N SER C 273 50.64 41.69 -38.67
CA SER C 273 50.26 42.25 -37.37
C SER C 273 48.76 42.07 -37.12
N SER C 274 48.18 40.99 -37.65
CA SER C 274 46.76 40.68 -37.47
C SER C 274 45.89 41.79 -38.07
N SER C 275 46.02 41.95 -39.39
CA SER C 275 45.24 42.96 -40.10
C SER C 275 43.75 42.64 -40.03
N GLY C 276 42.94 43.68 -40.24
CA GLY C 276 41.51 43.51 -40.13
C GLY C 276 40.93 42.70 -41.27
N TRP C 277 39.73 42.17 -41.01
CA TRP C 277 38.98 41.35 -41.96
C TRP C 277 37.60 41.99 -42.16
N THR C 278 36.75 41.30 -42.90
CA THR C 278 35.39 41.78 -43.15
C THR C 278 34.45 40.60 -43.36
N ALA C 279 33.38 40.54 -42.57
CA ALA C 279 32.30 39.57 -42.74
C ALA C 279 30.94 40.25 -42.83
N GLY C 280 30.69 41.27 -42.01
CA GLY C 280 29.53 42.13 -42.12
C GLY C 280 28.55 41.98 -40.97
N ALA C 281 28.70 42.85 -39.97
CA ALA C 281 27.73 43.12 -38.92
C ALA C 281 27.56 41.99 -37.89
N ALA C 282 28.02 40.77 -38.23
CA ALA C 282 28.14 39.65 -37.30
C ALA C 282 27.06 39.62 -36.22
N ALA C 283 25.81 39.83 -36.60
CA ALA C 283 24.74 40.06 -35.64
C ALA C 283 24.15 38.72 -35.19
N TYR C 284 24.45 38.33 -33.95
CA TYR C 284 23.97 37.08 -33.38
C TYR C 284 23.48 37.31 -31.95
N TYR C 285 22.56 36.47 -31.53
CA TYR C 285 22.02 36.49 -30.18
C TYR C 285 22.58 35.33 -29.38
N VAL C 286 22.47 35.45 -28.05
CA VAL C 286 22.82 34.36 -27.15
C VAL C 286 21.86 34.41 -25.96
N GLY C 287 21.32 33.24 -25.61
CA GLY C 287 20.40 33.15 -24.50
C GLY C 287 20.75 31.95 -23.63
N TYR C 288 20.25 31.99 -22.40
CA TYR C 288 20.50 30.95 -21.40
C TYR C 288 19.20 30.26 -21.05
N LEU C 289 19.21 28.94 -21.07
CA LEU C 289 18.04 28.14 -20.73
C LEU C 289 17.98 27.91 -19.23
N GLN C 290 16.76 27.80 -18.71
CA GLN C 290 16.52 27.53 -17.31
C GLN C 290 15.49 26.43 -17.16
N PRO C 291 15.52 25.67 -16.06
CA PRO C 291 14.52 24.62 -15.86
C PRO C 291 13.13 25.20 -15.69
N ARG C 292 12.25 24.95 -16.65
CA ARG C 292 10.93 25.55 -16.67
C ARG C 292 9.91 24.55 -17.19
N THR C 293 8.67 24.74 -16.77
CA THR C 293 7.53 23.95 -17.25
C THR C 293 6.87 24.70 -18.39
N PHE C 294 6.69 24.02 -19.52
CA PHE C 294 6.10 24.62 -20.72
C PHE C 294 4.91 23.78 -21.17
N LEU C 295 3.86 24.48 -21.58
CA LEU C 295 2.67 23.84 -22.15
C LEU C 295 2.71 24.05 -23.66
N LEU C 296 2.85 22.95 -24.40
CA LEU C 296 2.95 22.97 -25.85
C LEU C 296 1.66 22.45 -26.46
N LYS C 297 1.10 23.18 -27.40
CA LYS C 297 -0.11 22.79 -28.10
C LYS C 297 0.26 22.27 -29.49
N TYR C 298 -0.19 21.06 -29.80
CA TYR C 298 0.07 20.43 -31.09
C TYR C 298 -1.17 20.54 -31.97
N ASN C 299 -0.97 21.00 -33.20
CA ASN C 299 -2.06 21.09 -34.15
C ASN C 299 -2.33 19.72 -34.76
N GLU C 300 -3.36 19.66 -35.62
CA GLU C 300 -3.67 18.40 -36.29
C GLU C 300 -2.50 17.90 -37.12
N ASN C 301 -1.65 18.80 -37.60
CA ASN C 301 -0.49 18.41 -38.40
C ASN C 301 0.70 18.02 -37.55
N GLY C 302 0.61 18.15 -36.22
CA GLY C 302 1.70 17.81 -35.33
C GLY C 302 2.66 18.93 -35.04
N THR C 303 2.50 20.10 -35.66
CA THR C 303 3.37 21.23 -35.42
C THR C 303 2.86 22.06 -34.26
N ILE C 304 3.78 22.72 -33.56
CA ILE C 304 3.43 23.57 -32.43
C ILE C 304 3.02 24.94 -32.94
N THR C 305 1.81 25.36 -32.60
CA THR C 305 1.31 26.68 -33.00
C THR C 305 1.73 27.76 -32.01
N ASP C 306 1.79 27.43 -30.72
CA ASP C 306 2.20 28.38 -29.70
C ASP C 306 2.34 27.62 -28.39
N ALA C 307 2.95 28.30 -27.41
CA ALA C 307 3.15 27.72 -26.09
C ALA C 307 3.06 28.83 -25.06
N VAL C 308 2.82 28.44 -23.81
CA VAL C 308 2.70 29.38 -22.70
C VAL C 308 3.64 28.92 -21.58
N ASP C 309 4.44 29.85 -21.07
CA ASP C 309 5.32 29.55 -19.95
C ASP C 309 4.52 29.60 -18.66
N CYS C 310 4.68 28.55 -17.84
CA CYS C 310 3.85 28.42 -16.64
C CYS C 310 4.20 29.45 -15.58
N ALA C 311 5.42 30.00 -15.58
CA ALA C 311 5.87 30.91 -14.53
C ALA C 311 6.10 32.33 -15.04
N LEU C 312 5.70 32.64 -16.27
CA LEU C 312 5.89 34.00 -16.78
C LEU C 312 4.99 34.98 -16.03
N ASP C 313 3.72 34.64 -15.84
CA ASP C 313 2.77 35.52 -15.20
C ASP C 313 1.60 34.66 -14.70
N PRO C 314 0.82 35.15 -13.74
CA PRO C 314 -0.28 34.32 -13.21
C PRO C 314 -1.26 33.88 -14.27
N LEU C 315 -1.52 34.72 -15.29
CA LEU C 315 -2.44 34.32 -16.35
C LEU C 315 -1.93 33.06 -17.06
N SER C 316 -0.65 33.06 -17.44
CA SER C 316 -0.09 31.88 -18.09
C SER C 316 -0.07 30.69 -17.14
N GLU C 317 0.25 30.94 -15.86
CA GLU C 317 0.24 29.85 -14.88
C GLU C 317 -1.15 29.24 -14.75
N THR C 318 -2.19 30.07 -14.90
CA THR C 318 -3.55 29.54 -14.88
C THR C 318 -3.78 28.55 -16.01
N LYS C 319 -3.34 28.92 -17.23
CA LYS C 319 -3.48 28.01 -18.36
C LYS C 319 -2.67 26.74 -18.14
N CYS C 320 -1.44 26.88 -17.62
CA CYS C 320 -0.61 25.71 -17.39
C CYS C 320 -1.27 24.75 -16.42
N THR C 321 -1.75 25.26 -15.28
CA THR C 321 -2.45 24.42 -14.32
C THR C 321 -3.76 23.91 -14.91
N LEU C 322 -4.49 24.77 -15.61
CA LEU C 322 -5.77 24.39 -16.21
C LEU C 322 -5.61 23.53 -17.45
N LYS C 323 -4.40 23.45 -18.02
CA LYS C 323 -4.15 22.65 -19.22
C LYS C 323 -5.07 23.08 -20.37
N SER C 324 -5.19 24.39 -20.56
CA SER C 324 -6.01 24.92 -21.64
C SER C 324 -5.65 26.38 -21.86
N PHE C 325 -5.35 26.74 -23.11
CA PHE C 325 -5.03 28.13 -23.43
C PHE C 325 -6.20 29.05 -23.16
N THR C 326 -7.40 28.65 -23.59
CA THR C 326 -8.59 29.46 -23.34
C THR C 326 -9.03 29.29 -21.90
N VAL C 327 -9.33 30.41 -21.24
CA VAL C 327 -9.73 30.43 -19.85
C VAL C 327 -11.11 31.07 -19.75
N GLU C 328 -12.04 30.37 -19.10
CA GLU C 328 -13.38 30.89 -18.91
C GLU C 328 -13.41 31.85 -17.73
N LYS C 329 -14.42 32.72 -17.74
CA LYS C 329 -14.57 33.69 -16.66
C LYS C 329 -14.77 33.00 -15.33
N GLY C 330 -14.07 33.47 -14.32
CA GLY C 330 -14.19 32.93 -12.98
C GLY C 330 -12.88 33.10 -12.22
N ILE C 331 -12.84 32.45 -11.06
CA ILE C 331 -11.67 32.47 -10.18
C ILE C 331 -11.16 31.04 -10.05
N TYR C 332 -9.86 30.86 -10.31
CA TYR C 332 -9.23 29.54 -10.31
C TYR C 332 -8.08 29.53 -9.31
N GLN C 333 -7.97 28.44 -8.55
CA GLN C 333 -6.85 28.25 -7.64
C GLN C 333 -5.66 27.74 -8.44
N THR C 334 -4.63 28.58 -8.57
CA THR C 334 -3.48 28.24 -9.40
C THR C 334 -2.42 27.48 -8.59
N SER C 335 -1.93 28.07 -7.52
CA SER C 335 -0.89 27.45 -6.71
C SER C 335 -0.95 28.08 -5.32
N ASN C 336 0.08 27.85 -4.52
CA ASN C 336 0.23 28.49 -3.21
C ASN C 336 1.65 29.02 -3.09
N PHE C 337 1.82 29.97 -2.18
CA PHE C 337 3.08 30.67 -1.99
C PHE C 337 3.59 30.48 -0.57
N ARG C 338 4.91 30.58 -0.42
CA ARG C 338 5.57 30.52 0.87
C ARG C 338 6.63 31.61 0.90
N VAL C 339 6.43 32.63 1.74
CA VAL C 339 7.44 33.69 1.83
C VAL C 339 8.71 33.09 2.41
N GLN C 340 9.77 33.11 1.61
CA GLN C 340 10.99 32.40 1.98
C GLN C 340 11.68 33.09 3.15
N PRO C 341 12.40 32.33 3.98
CA PRO C 341 13.15 32.96 5.07
C PRO C 341 14.27 33.83 4.55
N THR C 342 14.56 34.91 5.30
CA THR C 342 15.60 35.83 4.88
C THR C 342 16.99 35.25 5.11
N GLU C 343 17.20 34.56 6.22
CA GLU C 343 18.49 33.98 6.54
C GLU C 343 18.29 32.77 7.44
N SER C 344 19.38 32.03 7.65
CA SER C 344 19.40 30.85 8.50
C SER C 344 20.14 31.15 9.79
N ILE C 345 19.62 30.64 10.90
CA ILE C 345 20.20 30.84 12.23
C ILE C 345 20.48 29.48 12.83
N VAL C 346 21.67 29.33 13.40
CA VAL C 346 22.09 28.11 14.09
C VAL C 346 22.49 28.50 15.51
N ARG C 347 21.81 27.92 16.50
CA ARG C 347 22.13 28.14 17.90
C ARG C 347 22.53 26.79 18.50
N PHE C 348 23.77 26.72 19.00
CA PHE C 348 24.33 25.50 19.54
C PHE C 348 24.96 25.78 20.90
N PRO C 349 25.08 24.78 21.76
CA PRO C 349 25.82 24.96 23.01
C PRO C 349 27.28 25.32 22.73
N ASN C 350 27.84 26.15 23.60
CA ASN C 350 29.24 26.58 23.46
C ASN C 350 30.14 25.59 24.18
N ILE C 351 30.91 24.84 23.41
CA ILE C 351 31.87 23.89 23.94
C ILE C 351 33.14 23.94 23.10
N THR C 352 34.28 23.94 23.76
CA THR C 352 35.57 23.92 23.07
C THR C 352 36.55 22.93 23.69
N ASN C 353 36.09 22.08 24.60
CA ASN C 353 36.96 21.11 25.27
C ASN C 353 36.82 19.75 24.59
N LEU C 354 37.95 19.17 24.20
CA LEU C 354 37.98 17.86 23.57
C LEU C 354 38.38 16.82 24.60
N CYS C 355 37.42 16.01 25.02
CA CYS C 355 37.68 14.92 25.93
C CYS C 355 38.46 13.80 25.24
N PRO C 356 39.23 13.01 26.01
CA PRO C 356 40.23 12.14 25.39
C PRO C 356 39.64 10.94 24.67
N PHE C 357 39.21 11.14 23.42
CA PHE C 357 38.75 10.03 22.59
C PHE C 357 39.85 9.00 22.38
N GLY C 358 41.12 9.41 22.46
CA GLY C 358 42.21 8.45 22.38
C GLY C 358 42.10 7.38 23.46
N GLU C 359 41.68 7.78 24.67
CA GLU C 359 41.41 6.80 25.71
C GLU C 359 40.30 5.84 25.30
N VAL C 360 39.46 6.24 24.36
CA VAL C 360 38.43 5.34 23.84
C VAL C 360 38.91 4.55 22.62
N PHE C 361 39.84 5.12 21.85
CA PHE C 361 40.35 4.50 20.64
C PHE C 361 41.83 4.13 20.72
N ASN C 362 42.67 5.05 21.20
CA ASN C 362 44.10 4.80 21.33
C ASN C 362 44.47 4.07 22.60
N ALA C 363 43.48 3.67 23.41
CA ALA C 363 43.78 3.01 24.68
C ALA C 363 44.61 1.76 24.45
N THR C 364 45.66 1.60 25.26
CA THR C 364 46.55 0.46 25.11
C THR C 364 45.81 -0.85 25.36
N ARG C 365 44.94 -0.88 26.37
CA ARG C 365 44.22 -2.08 26.76
C ARG C 365 42.72 -1.82 26.70
N PHE C 366 42.00 -2.69 26.00
CA PHE C 366 40.54 -2.68 25.99
C PHE C 366 40.00 -3.79 26.88
N ALA C 367 38.85 -3.52 27.48
CA ALA C 367 38.21 -4.51 28.33
C ALA C 367 37.76 -5.70 27.50
N SER C 368 37.65 -6.85 28.16
CA SER C 368 37.24 -8.07 27.48
C SER C 368 35.78 -7.98 27.06
N VAL C 369 35.42 -8.84 26.11
CA VAL C 369 34.06 -8.78 25.55
C VAL C 369 33.03 -9.21 26.59
N TYR C 370 33.35 -10.21 27.41
CA TYR C 370 32.38 -10.67 28.40
C TYR C 370 32.11 -9.59 29.43
N ALA C 371 33.14 -8.85 29.83
CA ALA C 371 33.01 -7.73 30.77
C ALA C 371 33.52 -6.49 30.03
N TRP C 372 32.62 -5.83 29.30
CA TRP C 372 32.98 -4.69 28.48
C TRP C 372 32.79 -3.40 29.25
N ASN C 373 33.60 -2.39 28.90
CA ASN C 373 33.62 -1.11 29.58
C ASN C 373 32.81 -0.08 28.80
N ARG C 374 32.02 0.69 29.51
CA ARG C 374 31.20 1.75 28.95
C ARG C 374 31.67 3.09 29.49
N LYS C 375 31.94 4.03 28.59
CA LYS C 375 32.36 5.38 28.95
C LYS C 375 31.34 6.37 28.41
N ARG C 376 30.78 7.18 29.31
CA ARG C 376 29.82 8.20 28.91
C ARG C 376 30.56 9.42 28.37
N ILE C 377 30.14 9.89 27.19
CA ILE C 377 30.74 11.03 26.53
C ILE C 377 29.78 12.20 26.67
N SER C 378 30.21 13.24 27.38
CA SER C 378 29.38 14.42 27.61
C SER C 378 30.28 15.65 27.64
N ASN C 379 29.70 16.79 27.28
CA ASN C 379 30.42 18.06 27.24
C ASN C 379 31.69 17.93 26.40
N CYS C 380 31.58 17.18 25.30
CA CYS C 380 32.71 16.88 24.43
C CYS C 380 32.45 17.52 23.07
N VAL C 381 33.52 18.05 22.47
CA VAL C 381 33.43 18.64 21.12
C VAL C 381 33.61 17.46 20.16
N ALA C 382 32.52 16.77 19.91
CA ALA C 382 32.56 15.57 19.08
C ALA C 382 32.98 15.92 17.66
N ASP C 383 33.96 15.18 17.14
CA ASP C 383 34.45 15.34 15.77
C ASP C 383 34.48 13.96 15.14
N TYR C 384 33.36 13.56 14.54
CA TYR C 384 33.26 12.26 13.89
C TYR C 384 33.95 12.23 12.53
N SER C 385 34.43 13.38 12.04
CA SER C 385 35.08 13.45 10.75
C SER C 385 36.54 13.02 10.79
N VAL C 386 37.09 12.74 11.96
CA VAL C 386 38.47 12.29 12.09
C VAL C 386 38.56 10.77 12.17
N LEU C 387 37.51 10.06 11.79
CA LEU C 387 37.45 8.61 11.92
C LEU C 387 37.42 7.91 10.57
N TYR C 388 36.45 8.23 9.71
CA TYR C 388 36.32 7.50 8.45
C TYR C 388 37.43 7.87 7.48
N ASN C 389 37.84 9.14 7.46
CA ASN C 389 38.89 9.59 6.57
C ASN C 389 40.29 9.41 7.15
N SER C 390 40.40 8.98 8.41
CA SER C 390 41.71 8.76 9.01
C SER C 390 42.45 7.64 8.28
N ALA C 391 43.74 7.85 8.07
CA ALA C 391 44.58 6.86 7.40
C ALA C 391 45.04 5.75 8.32
N SER C 392 44.78 5.86 9.62
CA SER C 392 45.18 4.84 10.59
C SER C 392 44.16 3.74 10.76
N PHE C 393 42.91 3.96 10.33
CA PHE C 393 41.86 2.96 10.41
C PHE C 393 41.36 2.63 9.02
N SER C 394 40.95 1.37 8.84
CA SER C 394 40.48 0.89 7.55
C SER C 394 39.16 0.14 7.66
N THR C 395 38.35 0.45 8.69
CA THR C 395 37.08 -0.23 8.88
C THR C 395 36.19 0.66 9.75
N PHE C 396 35.12 1.18 9.17
CA PHE C 396 34.21 2.10 9.83
C PHE C 396 32.76 1.71 9.57
N LYS C 397 32.44 0.44 9.79
CA LYS C 397 31.12 -0.06 9.44
C LYS C 397 30.05 0.54 10.35
N CYS C 398 29.43 1.62 9.92
CA CYS C 398 28.36 2.22 10.70
C CYS C 398 27.05 1.46 10.46
N TYR C 399 26.14 1.59 11.43
CA TYR C 399 24.88 0.86 11.42
C TYR C 399 23.68 1.76 11.65
N GLY C 400 23.81 2.79 12.47
CA GLY C 400 22.67 3.59 12.89
C GLY C 400 22.18 4.59 11.85
N VAL C 401 23.02 5.56 11.52
CA VAL C 401 22.67 6.66 10.63
C VAL C 401 23.85 6.97 9.73
N SER C 402 23.69 7.95 8.85
CA SER C 402 24.74 8.32 7.92
C SER C 402 25.86 9.03 8.66
N PRO C 403 27.10 8.54 8.63
CA PRO C 403 28.17 9.23 9.36
C PRO C 403 28.46 10.62 8.87
N THR C 404 28.12 10.94 7.61
CA THR C 404 28.43 12.26 7.07
C THR C 404 27.65 13.35 7.81
N LYS C 405 26.40 13.09 8.16
CA LYS C 405 25.54 14.05 8.82
C LYS C 405 25.69 14.04 10.34
N LEU C 406 26.76 13.45 10.86
CA LEU C 406 26.98 13.43 12.30
C LEU C 406 27.65 14.69 12.82
N ASN C 407 28.14 15.56 11.95
CA ASN C 407 28.85 16.75 12.36
C ASN C 407 27.95 17.96 12.56
N ASP C 408 26.64 17.80 12.39
CA ASP C 408 25.68 18.89 12.58
C ASP C 408 24.49 18.41 13.39
N LEU C 409 24.75 17.61 14.42
CA LEU C 409 23.72 17.12 15.31
C LEU C 409 24.16 17.30 16.76
N CYS C 410 23.19 17.58 17.62
CA CYS C 410 23.42 17.67 19.07
C CYS C 410 22.87 16.42 19.72
N PHE C 411 23.71 15.73 20.48
CA PHE C 411 23.38 14.44 21.05
C PHE C 411 23.36 14.53 22.57
N THR C 412 22.51 13.72 23.19
CA THR C 412 22.40 13.66 24.64
C THR C 412 22.79 12.27 25.11
N ASN C 413 23.68 12.21 26.09
CA ASN C 413 24.10 10.94 26.69
C ASN C 413 24.65 9.98 25.65
N VAL C 414 25.78 10.38 25.05
CA VAL C 414 26.47 9.53 24.10
C VAL C 414 27.31 8.51 24.86
N TYR C 415 27.33 7.28 24.38
CA TYR C 415 28.05 6.18 25.03
C TYR C 415 28.87 5.41 24.01
N ALA C 416 29.98 4.86 24.47
CA ALA C 416 30.84 4.02 23.66
C ALA C 416 31.24 2.78 24.47
N ASP C 417 31.41 1.67 23.76
CA ASP C 417 31.84 0.41 24.37
C ASP C 417 33.01 -0.15 23.58
N SER C 418 34.01 -0.64 24.31
CA SER C 418 35.22 -1.18 23.72
C SER C 418 35.38 -2.64 24.11
N PHE C 419 35.60 -3.50 23.13
CA PHE C 419 35.84 -4.92 23.39
C PHE C 419 36.57 -5.52 22.21
N VAL C 420 37.15 -6.69 22.43
CA VAL C 420 37.95 -7.39 21.43
C VAL C 420 37.37 -8.78 21.25
N ILE C 421 37.18 -9.17 19.99
CA ILE C 421 36.69 -10.49 19.63
C ILE C 421 37.81 -11.24 18.91
N ARG C 422 37.61 -12.55 18.70
CA ARG C 422 38.61 -13.31 17.98
C ARG C 422 38.78 -12.84 16.54
N GLY C 423 37.75 -12.24 15.96
CA GLY C 423 37.87 -11.63 14.65
C GLY C 423 37.01 -12.18 13.54
N ASP C 424 36.85 -13.49 13.46
CA ASP C 424 35.93 -14.05 12.50
C ASP C 424 34.47 -13.83 12.89
N GLU C 425 34.22 -13.15 14.01
CA GLU C 425 32.88 -12.84 14.46
C GLU C 425 32.47 -11.39 14.14
N VAL C 426 33.28 -10.66 13.37
CA VAL C 426 32.92 -9.29 13.03
C VAL C 426 31.62 -9.26 12.24
N ARG C 427 31.48 -10.16 11.27
CA ARG C 427 30.22 -10.31 10.55
C ARG C 427 29.11 -10.80 11.48
N GLN C 428 29.46 -11.41 12.60
CA GLN C 428 28.51 -11.98 13.54
C GLN C 428 28.03 -10.98 14.58
N ILE C 429 28.20 -9.68 14.33
CA ILE C 429 27.77 -8.64 15.27
C ILE C 429 26.37 -8.17 14.88
N ALA C 430 25.70 -8.90 14.00
CA ALA C 430 24.38 -8.50 13.53
C ALA C 430 23.36 -8.61 14.66
N PRO C 431 22.23 -7.89 14.56
CA PRO C 431 21.23 -7.96 15.64
C PRO C 431 20.53 -9.31 15.67
N GLY C 432 21.19 -10.30 16.26
CA GLY C 432 20.64 -11.64 16.36
C GLY C 432 21.41 -12.63 15.51
N GLN C 433 22.29 -13.40 16.13
CA GLN C 433 23.09 -14.39 15.43
C GLN C 433 23.41 -15.55 16.37
N THR C 434 23.74 -16.68 15.76
CA THR C 434 24.15 -17.86 16.52
C THR C 434 25.66 -17.84 16.70
N GLY C 435 26.11 -17.84 17.94
CA GLY C 435 27.53 -17.78 18.24
C GLY C 435 27.76 -17.65 19.74
N LYS C 436 29.03 -17.50 20.08
CA LYS C 436 29.45 -17.41 21.47
C LYS C 436 29.52 -15.98 21.99
N ILE C 437 29.18 -14.98 21.16
CA ILE C 437 29.19 -13.59 21.62
C ILE C 437 27.89 -12.86 21.36
N ALA C 438 27.07 -13.29 20.39
CA ALA C 438 25.84 -12.55 20.11
C ALA C 438 24.83 -12.67 21.24
N ASP C 439 24.84 -13.79 21.96
CA ASP C 439 23.91 -14.02 23.05
C ASP C 439 24.59 -14.33 24.38
N TYR C 440 25.91 -14.49 24.42
CA TYR C 440 26.62 -14.82 25.64
C TYR C 440 27.57 -13.74 26.13
N ASN C 441 28.01 -12.83 25.28
CA ASN C 441 28.91 -11.76 25.68
C ASN C 441 28.34 -10.37 25.45
N TYR C 442 27.77 -10.11 24.27
CA TYR C 442 27.25 -8.78 23.96
C TYR C 442 26.05 -8.93 23.03
N LYS C 443 25.03 -8.11 23.27
CA LYS C 443 23.80 -8.13 22.47
C LYS C 443 23.37 -6.70 22.20
N LEU C 444 23.25 -6.35 20.92
CA LEU C 444 22.79 -5.03 20.53
C LEU C 444 21.27 -5.02 20.38
N PRO C 445 20.56 -3.98 20.81
CA PRO C 445 19.12 -3.95 20.61
C PRO C 445 18.76 -3.79 19.15
N ASP C 446 17.58 -4.30 18.78
CA ASP C 446 17.12 -4.17 17.40
C ASP C 446 16.94 -2.71 17.02
N ASP C 447 16.39 -1.91 17.92
CA ASP C 447 16.20 -0.48 17.68
C ASP C 447 17.41 0.30 18.21
N PHE C 448 18.54 0.05 17.56
CA PHE C 448 19.80 0.68 17.92
C PHE C 448 20.10 1.84 16.98
N THR C 449 20.61 2.93 17.55
CA THR C 449 20.91 4.15 16.79
C THR C 449 22.35 4.53 17.06
N GLY C 450 23.27 3.97 16.28
CA GLY C 450 24.67 4.31 16.42
C GLY C 450 25.51 3.59 15.38
N CYS C 451 26.78 3.97 15.34
CA CYS C 451 27.75 3.40 14.42
C CYS C 451 28.65 2.42 15.15
N VAL C 452 29.30 1.54 14.38
CA VAL C 452 30.20 0.52 14.91
C VAL C 452 31.56 0.72 14.27
N ILE C 453 32.60 0.76 15.09
CA ILE C 453 33.97 1.00 14.63
C ILE C 453 34.82 -0.21 15.00
N ALA C 454 35.60 -0.69 14.04
CA ALA C 454 36.50 -1.81 14.26
C ALA C 454 37.79 -1.56 13.49
N TRP C 455 38.84 -2.30 13.86
CA TRP C 455 40.11 -2.22 13.16
C TRP C 455 40.99 -3.38 13.60
N ASN C 456 42.02 -3.65 12.80
CA ASN C 456 42.89 -4.78 13.04
C ASN C 456 43.87 -4.49 14.17
N SER C 457 44.07 -5.50 15.03
CA SER C 457 45.05 -5.44 16.12
C SER C 457 45.93 -6.68 16.01
N ASN C 458 46.95 -6.59 15.16
CA ASN C 458 47.91 -7.68 14.95
C ASN C 458 49.16 -7.49 15.79
N ASN C 459 49.82 -6.35 15.64
CA ASN C 459 51.01 -6.05 16.42
C ASN C 459 50.67 -5.72 17.87
N LEU C 460 49.40 -5.43 18.17
CA LEU C 460 49.00 -5.06 19.51
C LEU C 460 48.60 -6.25 20.37
N ASP C 461 48.17 -7.35 19.76
CA ASP C 461 47.74 -8.54 20.49
C ASP C 461 48.45 -9.82 20.09
N SER C 462 49.27 -9.79 19.03
CA SER C 462 49.99 -10.97 18.57
C SER C 462 51.43 -10.59 18.28
N LYS C 463 52.35 -11.48 18.65
CA LYS C 463 53.78 -11.25 18.39
C LYS C 463 54.49 -12.57 18.15
N GLY C 466 54.95 -15.17 19.85
CA GLY C 466 53.52 -15.26 20.12
C GLY C 466 53.20 -15.08 21.59
N ASN C 467 52.50 -13.99 21.90
CA ASN C 467 52.11 -13.69 23.27
C ASN C 467 50.74 -14.32 23.54
N TYR C 468 50.68 -15.21 24.53
CA TYR C 468 49.48 -15.96 24.85
C TYR C 468 48.87 -15.54 26.18
N ASN C 469 49.23 -14.37 26.69
CA ASN C 469 48.73 -13.89 27.98
C ASN C 469 47.46 -13.08 27.85
N TYR C 470 46.92 -12.91 26.64
CA TYR C 470 45.64 -12.24 26.42
C TYR C 470 44.55 -13.30 26.36
N LEU C 471 43.52 -13.15 27.19
CA LEU C 471 42.47 -14.14 27.33
C LEU C 471 41.10 -13.46 27.30
N TYR C 472 40.12 -14.23 26.85
CA TYR C 472 38.73 -13.79 26.82
C TYR C 472 37.84 -15.01 26.94
N ARG C 473 36.57 -14.77 27.29
CA ARG C 473 35.65 -15.87 27.51
C ARG C 473 35.48 -16.70 26.24
N LEU C 474 35.49 -18.03 26.41
CA LEU C 474 35.40 -18.96 25.30
C LEU C 474 34.05 -19.67 25.20
N PHE C 475 33.26 -19.68 26.27
CA PHE C 475 31.97 -20.36 26.24
C PHE C 475 31.12 -19.87 27.41
N ARG C 476 29.80 -19.96 27.23
CA ARG C 476 28.85 -19.63 28.27
C ARG C 476 27.59 -20.45 28.04
N LYS C 477 26.77 -20.56 29.09
CA LYS C 477 25.60 -21.44 29.06
C LYS C 477 24.33 -20.69 28.63
N SER C 478 23.94 -19.67 29.39
CA SER C 478 22.66 -19.01 29.21
C SER C 478 22.81 -17.73 28.38
N ASN C 479 21.67 -17.24 27.89
CA ASN C 479 21.63 -16.03 27.08
C ASN C 479 21.59 -14.79 27.97
N LEU C 480 21.73 -13.63 27.33
CA LEU C 480 21.69 -12.35 28.02
C LEU C 480 20.86 -11.36 27.22
N LYS C 481 20.31 -10.37 27.92
CA LYS C 481 19.51 -9.33 27.32
C LYS C 481 20.39 -8.22 26.77
N PRO C 482 19.87 -7.35 25.89
CA PRO C 482 20.71 -6.30 25.31
C PRO C 482 21.29 -5.39 26.38
N PHE C 483 22.54 -4.96 26.15
CA PHE C 483 23.25 -4.10 27.09
C PHE C 483 23.28 -4.71 28.49
N GLU C 484 23.67 -5.97 28.55
CA GLU C 484 23.76 -6.72 29.80
C GLU C 484 25.12 -7.40 29.89
N ARG C 485 25.65 -7.46 31.11
CA ARG C 485 26.93 -8.10 31.39
C ARG C 485 26.76 -9.12 32.51
N ASP C 486 27.53 -10.21 32.41
CA ASP C 486 27.52 -11.25 33.42
C ASP C 486 28.87 -11.96 33.41
N ILE C 487 29.35 -12.31 34.59
CA ILE C 487 30.64 -12.99 34.75
C ILE C 487 30.37 -14.26 35.56
N SER C 488 30.69 -15.41 34.95
CA SER C 488 30.53 -16.69 35.62
C SER C 488 31.25 -17.76 34.81
N THR C 489 32.14 -18.50 35.46
CA THR C 489 32.91 -19.55 34.82
C THR C 489 32.44 -20.91 35.34
N GLU C 490 31.94 -21.74 34.43
CA GLU C 490 31.47 -23.09 34.76
C GLU C 490 32.04 -24.06 33.74
N ILE C 491 32.40 -25.25 34.21
CA ILE C 491 33.04 -26.25 33.35
C ILE C 491 32.00 -26.82 32.40
N TYR C 492 32.34 -26.86 31.12
CA TYR C 492 31.47 -27.47 30.12
C TYR C 492 31.37 -28.97 30.37
N GLN C 493 30.16 -29.50 30.28
CA GLN C 493 29.92 -30.93 30.51
C GLN C 493 30.29 -31.68 29.25
N ALA C 494 31.43 -32.38 29.27
CA ALA C 494 31.89 -33.14 28.12
C ALA C 494 31.10 -34.42 27.90
N GLY C 495 30.28 -34.83 28.86
CA GLY C 495 29.46 -36.03 28.73
C GLY C 495 28.15 -35.85 29.47
N SER C 496 27.51 -36.98 29.79
CA SER C 496 26.23 -36.95 30.48
C SER C 496 26.37 -36.55 31.95
N THR C 497 27.44 -36.99 32.61
CA THR C 497 27.62 -36.67 34.02
C THR C 497 28.00 -35.20 34.17
N PRO C 498 27.29 -34.42 34.99
CA PRO C 498 27.65 -33.01 35.14
C PRO C 498 28.79 -32.83 36.13
N CYS C 499 29.83 -32.14 35.68
CA CYS C 499 31.02 -31.87 36.49
C CYS C 499 31.14 -30.37 36.68
N ASN C 500 30.90 -29.90 37.91
CA ASN C 500 30.99 -28.49 38.26
C ASN C 500 32.33 -28.25 38.95
N GLY C 501 33.38 -28.09 38.14
CA GLY C 501 34.70 -27.89 38.67
C GLY C 501 35.33 -29.12 39.27
N VAL C 502 34.88 -30.31 38.88
CA VAL C 502 35.38 -31.57 39.41
C VAL C 502 35.94 -32.38 38.25
N GLU C 503 37.17 -32.86 38.39
CA GLU C 503 37.81 -33.68 37.37
C GLU C 503 37.48 -35.14 37.63
N GLY C 504 36.94 -35.83 36.62
CA GLY C 504 36.57 -37.21 36.76
C GLY C 504 36.20 -37.88 35.45
N PHE C 505 35.31 -38.86 35.52
CA PHE C 505 34.91 -39.59 34.32
C PHE C 505 34.11 -38.71 33.38
N ASN C 506 34.41 -38.81 32.08
CA ASN C 506 33.75 -38.02 31.05
C ASN C 506 33.90 -36.52 31.31
N CYS C 507 34.97 -36.12 31.98
CA CYS C 507 35.21 -34.71 32.27
C CYS C 507 36.71 -34.52 32.49
N TYR C 508 37.35 -33.78 31.58
CA TYR C 508 38.78 -33.50 31.66
C TYR C 508 38.98 -32.05 31.27
N PHE C 509 40.24 -31.66 31.04
CA PHE C 509 40.57 -30.28 30.70
C PHE C 509 40.55 -30.13 29.17
N PRO C 510 39.56 -29.41 28.59
CA PRO C 510 39.55 -29.27 27.13
C PRO C 510 40.29 -28.03 26.65
N LEU C 511 40.51 -27.07 27.56
CA LEU C 511 41.11 -25.80 27.18
C LEU C 511 42.55 -25.99 26.70
N GLN C 512 42.95 -25.17 25.73
CA GLN C 512 44.28 -25.22 25.16
C GLN C 512 44.88 -23.82 25.16
N SER C 513 46.21 -23.75 25.25
CA SER C 513 46.90 -22.47 25.28
C SER C 513 46.71 -21.73 23.97
N TYR C 514 46.69 -20.40 24.06
CA TYR C 514 46.49 -19.57 22.89
C TYR C 514 47.70 -19.66 21.95
N GLY C 515 47.46 -19.34 20.69
CA GLY C 515 48.49 -19.41 19.66
C GLY C 515 48.55 -18.17 18.81
N PHE C 516 48.30 -17.00 19.41
CA PHE C 516 48.29 -15.75 18.66
C PHE C 516 49.62 -15.51 17.97
N GLN C 517 49.62 -15.57 16.64
CA GLN C 517 50.80 -15.29 15.84
C GLN C 517 50.35 -14.67 14.52
N PRO C 518 51.21 -13.89 13.87
CA PRO C 518 50.82 -13.34 12.56
C PRO C 518 50.57 -14.40 11.50
N THR C 519 51.12 -15.61 11.67
CA THR C 519 50.95 -16.65 10.66
C THR C 519 49.48 -17.04 10.50
N ASN C 520 48.69 -16.91 11.56
CA ASN C 520 47.27 -17.26 11.49
C ASN C 520 46.55 -16.36 10.48
N GLY C 521 45.57 -16.96 9.79
CA GLY C 521 44.88 -16.26 8.74
C GLY C 521 43.97 -15.16 9.25
N VAL C 522 43.48 -14.34 8.31
CA VAL C 522 42.60 -13.24 8.66
C VAL C 522 41.31 -13.80 9.24
N GLY C 523 40.90 -13.25 10.38
CA GLY C 523 39.73 -13.71 11.11
C GLY C 523 40.07 -14.29 12.47
N TYR C 524 41.21 -14.98 12.57
CA TYR C 524 41.68 -15.49 13.86
C TYR C 524 42.38 -14.43 14.69
N GLN C 525 42.97 -13.43 14.05
CA GLN C 525 43.66 -12.39 14.78
C GLN C 525 42.64 -11.51 15.51
N PRO C 526 42.91 -11.09 16.74
CA PRO C 526 41.97 -10.19 17.43
C PRO C 526 41.80 -8.87 16.68
N TYR C 527 40.57 -8.38 16.67
CA TYR C 527 40.20 -7.06 16.15
C TYR C 527 39.63 -6.22 17.27
N ARG C 528 40.13 -5.00 17.39
CA ARG C 528 39.62 -4.06 18.38
C ARG C 528 38.34 -3.42 17.86
N VAL C 529 37.24 -3.63 18.57
CA VAL C 529 35.92 -3.18 18.15
C VAL C 529 35.41 -2.14 19.15
N VAL C 530 35.02 -0.98 18.63
CA VAL C 530 34.44 0.09 19.42
C VAL C 530 33.13 0.49 18.77
N VAL C 531 32.06 0.52 19.56
CA VAL C 531 30.72 0.83 19.07
C VAL C 531 30.25 2.11 19.74
N LEU C 532 29.79 3.06 18.93
CA LEU C 532 29.26 4.32 19.43
C LEU C 532 27.74 4.21 19.56
N SER C 533 27.23 4.51 20.75
CA SER C 533 25.81 4.40 21.04
C SER C 533 25.28 5.74 21.52
N PHE C 534 24.12 6.12 21.01
CA PHE C 534 23.47 7.37 21.39
C PHE C 534 21.99 7.28 21.03
N GLU C 535 21.24 8.28 21.48
CA GLU C 535 19.80 8.35 21.25
C GLU C 535 19.43 9.76 20.84
N LEU C 536 18.30 9.88 20.12
CA LEU C 536 17.81 11.15 19.61
C LEU C 536 16.37 11.37 20.04
N LEU C 537 16.10 11.15 21.33
CA LEU C 537 14.78 11.40 21.90
C LEU C 537 14.53 12.87 22.22
N HIS C 538 15.41 13.77 21.76
CA HIS C 538 15.23 15.21 21.89
C HIS C 538 15.10 15.63 23.35
N ALA C 539 16.18 15.41 24.10
CA ALA C 539 16.33 15.91 25.46
C ALA C 539 17.44 16.96 25.44
N PRO C 540 17.64 17.69 26.54
CA PRO C 540 18.79 18.61 26.59
C PRO C 540 20.09 17.88 26.31
N ALA C 541 20.93 18.50 25.47
CA ALA C 541 22.11 17.85 24.93
C ALA C 541 23.36 18.63 25.30
N THR C 542 24.41 17.91 25.68
CA THR C 542 25.71 18.48 25.96
C THR C 542 26.77 18.06 24.95
N VAL C 543 26.42 17.20 23.99
CA VAL C 543 27.33 16.74 22.95
C VAL C 543 26.81 17.26 21.62
N CYS C 544 27.69 17.90 20.85
CA CYS C 544 27.30 18.44 19.55
C CYS C 544 28.49 18.37 18.61
N GLY C 545 28.19 18.42 17.32
CA GLY C 545 29.21 18.37 16.30
C GLY C 545 29.93 19.70 16.17
N PRO C 546 30.97 19.71 15.33
CA PRO C 546 31.78 20.92 15.14
C PRO C 546 31.09 21.96 14.25
N LYS C 547 29.94 22.43 14.70
CA LYS C 547 29.13 23.40 13.97
C LYS C 547 29.17 24.73 14.71
N LYS C 548 29.50 25.80 13.99
CA LYS C 548 29.63 27.12 14.60
C LYS C 548 28.26 27.79 14.68
N SER C 549 27.91 28.24 15.88
CA SER C 549 26.63 28.91 16.08
C SER C 549 26.67 30.32 15.50
N THR C 550 25.49 30.86 15.25
CA THR C 550 25.33 32.20 14.68
C THR C 550 24.44 33.04 15.57
N ASN C 551 24.33 34.32 15.24
CA ASN C 551 23.51 35.24 16.01
C ASN C 551 22.03 34.92 15.82
N LEU C 552 21.24 35.32 16.81
CA LEU C 552 19.81 35.07 16.82
C LEU C 552 19.07 36.33 16.34
N VAL C 553 18.14 36.14 15.43
CA VAL C 553 17.28 37.21 14.93
C VAL C 553 15.83 36.81 15.21
N LYS C 554 15.06 37.73 15.76
CA LYS C 554 13.72 37.44 16.26
C LYS C 554 12.67 38.23 15.48
N ASN C 555 11.47 37.67 15.42
CA ASN C 555 10.32 38.31 14.77
C ASN C 555 10.59 38.50 13.28
N LYS C 556 10.94 37.40 12.61
CA LYS C 556 11.22 37.43 11.18
C LYS C 556 11.30 36.00 10.67
N CYS C 557 10.69 35.74 9.52
CA CYS C 557 10.71 34.41 8.94
C CYS C 557 12.15 33.98 8.69
N VAL C 558 12.57 32.90 9.36
CA VAL C 558 13.95 32.44 9.33
C VAL C 558 13.96 30.92 9.19
N ASN C 559 15.13 30.41 8.79
CA ASN C 559 15.38 28.98 8.69
C ASN C 559 16.22 28.59 9.90
N PHE C 560 15.55 28.34 11.02
CA PHE C 560 16.24 28.10 12.28
C PHE C 560 16.81 26.69 12.34
N ASN C 561 17.77 26.51 13.25
CA ASN C 561 18.38 25.20 13.50
C ASN C 561 18.88 25.21 14.93
N PHE C 562 18.09 24.64 15.84
CA PHE C 562 18.41 24.58 17.26
C PHE C 562 18.75 23.14 17.64
N ASN C 563 19.99 22.93 18.08
CA ASN C 563 20.44 21.62 18.52
C ASN C 563 20.24 20.57 17.44
N GLY C 564 20.46 20.96 16.19
CA GLY C 564 20.26 20.07 15.07
C GLY C 564 18.84 19.93 14.61
N LEU C 565 17.89 20.62 15.24
CA LEU C 565 16.48 20.56 14.88
C LEU C 565 16.21 21.64 13.85
N THR C 566 16.36 21.30 12.57
CA THR C 566 16.13 22.27 11.51
C THR C 566 14.63 22.56 11.38
N GLY C 567 14.33 23.70 10.76
CA GLY C 567 12.96 24.10 10.55
C GLY C 567 12.89 25.52 10.04
N THR C 568 11.67 25.93 9.72
CA THR C 568 11.41 27.26 9.18
C THR C 568 10.20 27.85 9.89
N GLY C 569 10.29 29.13 10.22
CA GLY C 569 9.19 29.81 10.88
C GLY C 569 9.62 31.17 11.39
N VAL C 570 8.72 31.80 12.13
CA VAL C 570 8.95 33.11 12.72
C VAL C 570 9.20 32.92 14.20
N LEU C 571 10.28 33.52 14.72
CA LEU C 571 10.68 33.36 16.10
C LEU C 571 10.22 34.56 16.91
N THR C 572 9.54 34.29 18.03
CA THR C 572 9.06 35.32 18.93
C THR C 572 9.23 34.83 20.36
N GLU C 573 8.73 35.60 21.31
CA GLU C 573 8.75 35.24 22.73
C GLU C 573 7.38 34.76 23.18
N SER C 574 7.37 33.97 24.24
CA SER C 574 6.15 33.40 24.78
C SER C 574 6.15 33.51 26.30
N ASN C 575 4.94 33.53 26.86
CA ASN C 575 4.76 33.59 28.31
C ASN C 575 4.82 32.22 28.97
N LYS C 576 4.79 31.14 28.20
CA LYS C 576 4.87 29.80 28.77
C LYS C 576 6.24 29.58 29.39
N LYS C 577 6.26 28.79 30.47
CA LYS C 577 7.48 28.48 31.21
C LYS C 577 7.88 27.04 30.96
N PHE C 578 9.14 26.84 30.59
CA PHE C 578 9.68 25.50 30.37
C PHE C 578 10.37 25.02 31.64
N LEU C 579 10.12 23.77 32.00
CA LEU C 579 10.77 23.18 33.15
C LEU C 579 12.26 23.01 32.84
N PRO C 580 13.11 22.94 33.88
CA PRO C 580 14.56 22.89 33.63
C PRO C 580 14.99 21.73 32.76
N PHE C 581 14.27 20.60 32.80
CA PHE C 581 14.61 19.45 31.98
C PHE C 581 13.97 19.49 30.60
N GLN C 582 13.15 20.49 30.30
CA GLN C 582 12.46 20.61 29.03
C GLN C 582 13.13 21.65 28.16
N GLN C 583 13.24 21.35 26.86
CA GLN C 583 13.81 22.28 25.89
C GLN C 583 12.97 22.46 24.64
N PHE C 584 12.08 21.52 24.31
CA PHE C 584 11.25 21.61 23.12
C PHE C 584 9.78 21.45 23.50
N GLY C 585 8.95 22.33 22.97
CA GLY C 585 7.51 22.23 23.17
C GLY C 585 6.80 21.90 21.87
N ARG C 586 5.91 20.91 21.90
CA ARG C 586 5.24 20.40 20.72
C ARG C 586 3.75 20.68 20.80
N ASP C 587 3.12 20.67 19.63
CA ASP C 587 1.69 20.85 19.49
C ASP C 587 1.01 19.50 19.26
N ILE C 588 -0.28 19.52 18.94
CA ILE C 588 -1.02 18.28 18.75
C ILE C 588 -0.43 17.45 17.61
N ALA C 589 0.16 18.11 16.61
CA ALA C 589 0.73 17.42 15.45
C ALA C 589 2.19 17.06 15.66
N ASP C 590 2.69 17.12 16.89
CA ASP C 590 4.09 16.82 17.19
C ASP C 590 5.03 17.68 16.36
N THR C 591 4.65 18.95 16.19
CA THR C 591 5.49 19.95 15.54
C THR C 591 5.90 20.98 16.57
N THR C 592 7.19 21.24 16.68
CA THR C 592 7.70 22.11 17.74
C THR C 592 7.15 23.51 17.59
N ASP C 593 6.27 23.91 18.51
CA ASP C 593 5.73 25.26 18.56
C ASP C 593 6.42 26.13 19.60
N ALA C 594 7.45 25.62 20.27
CA ALA C 594 8.22 26.41 21.22
C ALA C 594 9.59 25.76 21.37
N VAL C 595 10.55 26.55 21.85
CA VAL C 595 11.93 26.09 21.96
C VAL C 595 12.64 26.99 22.96
N ARG C 596 13.75 26.49 23.50
CA ARG C 596 14.62 27.26 24.39
C ARG C 596 15.98 27.41 23.72
N ASP C 597 16.48 28.63 23.67
CA ASP C 597 17.78 28.89 23.06
C ASP C 597 18.86 28.18 23.86
N PRO C 598 19.67 27.30 23.27
CA PRO C 598 20.72 26.62 24.06
C PRO C 598 21.72 27.58 24.67
N GLN C 599 22.00 28.71 24.04
CA GLN C 599 23.01 29.63 24.56
C GLN C 599 22.51 30.36 25.80
N THR C 600 21.27 30.86 25.74
CA THR C 600 20.65 31.57 26.86
C THR C 600 19.35 30.89 27.23
N LEU C 601 19.15 30.63 28.52
CA LEU C 601 17.97 29.92 29.00
C LEU C 601 16.77 30.87 28.97
N GLU C 602 16.32 31.16 27.74
CA GLU C 602 15.14 31.98 27.51
C GLU C 602 14.15 31.20 26.67
N ILE C 603 12.88 31.22 27.07
CA ILE C 603 11.84 30.55 26.31
C ILE C 603 11.62 31.29 25.01
N LEU C 604 11.64 30.56 23.90
CA LEU C 604 11.50 31.13 22.57
C LEU C 604 10.39 30.43 21.82
N ASP C 605 9.57 31.21 21.14
CA ASP C 605 8.39 30.70 20.44
C ASP C 605 8.70 30.49 18.96
N ILE C 606 8.10 29.44 18.39
CA ILE C 606 8.16 29.16 16.97
C ILE C 606 6.74 29.14 16.44
N THR C 607 6.48 29.92 15.39
CA THR C 607 5.22 29.88 14.69
C THR C 607 5.50 29.72 13.20
N PRO C 608 4.71 28.91 12.48
CA PRO C 608 4.99 28.68 11.06
C PRO C 608 4.92 29.97 10.26
N CYS C 609 5.76 30.06 9.23
CA CYS C 609 5.83 31.26 8.42
C CYS C 609 4.52 31.47 7.68
N SER C 610 4.23 32.74 7.37
CA SER C 610 2.99 33.08 6.69
C SER C 610 2.89 32.36 5.35
N PHE C 611 1.72 31.80 5.07
CA PHE C 611 1.51 31.05 3.85
C PHE C 611 0.02 31.06 3.53
N GLY C 612 -0.29 30.69 2.30
CA GLY C 612 -1.67 30.59 1.86
C GLY C 612 -1.74 30.32 0.38
N GLY C 613 -2.95 30.02 -0.07
CA GLY C 613 -3.17 29.81 -1.48
C GLY C 613 -3.33 31.11 -2.24
N VAL C 614 -3.09 31.04 -3.55
CA VAL C 614 -3.22 32.19 -4.44
C VAL C 614 -4.22 31.83 -5.54
N SER C 615 -5.13 32.75 -5.83
CA SER C 615 -6.13 32.57 -6.86
C SER C 615 -6.04 33.74 -7.85
N VAL C 616 -6.48 33.48 -9.07
CA VAL C 616 -6.42 34.46 -10.16
C VAL C 616 -7.83 34.70 -10.66
N ILE C 617 -8.20 35.97 -10.79
CA ILE C 617 -9.49 36.38 -11.33
C ILE C 617 -9.27 36.75 -12.79
N THR C 618 -9.84 35.95 -13.68
CA THR C 618 -9.68 36.14 -15.12
C THR C 618 -11.03 36.43 -15.74
N PRO C 619 -11.27 37.61 -16.32
CA PRO C 619 -12.56 37.83 -16.99
C PRO C 619 -12.78 36.91 -18.18
N GLY C 620 -11.72 36.33 -18.73
CA GLY C 620 -11.83 35.44 -19.87
C GLY C 620 -10.88 35.81 -20.97
N THR C 621 -10.12 34.83 -21.49
CA THR C 621 -9.20 35.11 -22.58
C THR C 621 -9.92 35.72 -23.78
N ASN C 622 -11.17 35.33 -23.99
CA ASN C 622 -11.95 35.94 -25.06
C ASN C 622 -12.16 37.43 -24.82
N THR C 623 -12.40 37.81 -23.56
CA THR C 623 -12.64 39.21 -23.24
C THR C 623 -11.34 40.02 -23.27
N SER C 624 -10.40 39.66 -22.40
CA SER C 624 -9.13 40.37 -22.30
C SER C 624 -8.14 39.49 -21.56
N ASN C 625 -6.96 40.04 -21.27
CA ASN C 625 -5.90 39.34 -20.58
C ASN C 625 -5.57 39.92 -19.21
N GLN C 626 -6.22 41.01 -18.82
CA GLN C 626 -5.98 41.58 -17.50
C GLN C 626 -6.47 40.60 -16.43
N VAL C 627 -5.64 40.39 -15.40
CA VAL C 627 -5.91 39.42 -14.36
C VAL C 627 -5.62 40.03 -13.01
N ALA C 628 -6.48 39.75 -12.03
CA ALA C 628 -6.27 40.16 -10.65
C ALA C 628 -5.98 38.92 -9.82
N VAL C 629 -4.90 38.97 -9.05
CA VAL C 629 -4.44 37.83 -8.26
C VAL C 629 -4.84 38.05 -6.80
N LEU C 630 -5.39 37.02 -6.17
CA LEU C 630 -5.86 37.08 -4.80
C LEU C 630 -4.97 36.19 -3.93
N TYR C 631 -4.45 36.77 -2.85
CA TYR C 631 -3.67 36.04 -1.86
C TYR C 631 -4.60 35.75 -0.67
N GLN C 632 -5.08 34.52 -0.59
CA GLN C 632 -6.16 34.20 0.34
C GLN C 632 -5.68 34.28 1.78
N ASP C 633 -6.43 35.02 2.60
CA ASP C 633 -6.20 35.09 4.04
C ASP C 633 -4.74 35.45 4.34
N VAL C 634 -4.22 36.45 3.63
CA VAL C 634 -2.83 36.87 3.76
C VAL C 634 -2.81 38.39 3.89
N ASN C 635 -2.01 38.89 4.83
CA ASN C 635 -1.81 40.32 4.95
C ASN C 635 -1.11 40.86 3.71
N CYS C 636 -1.51 42.06 3.30
CA CYS C 636 -0.88 42.70 2.15
C CYS C 636 0.55 43.16 2.43
N THR C 637 0.97 43.15 3.69
CA THR C 637 2.28 43.67 4.07
C THR C 637 3.43 42.74 3.71
N GLU C 638 3.16 41.45 3.46
CA GLU C 638 4.19 40.49 3.13
C GLU C 638 3.90 39.80 1.80
N VAL C 639 3.30 40.54 0.85
CA VAL C 639 3.04 40.02 -0.49
C VAL C 639 4.32 40.00 -1.30
N PRO C 640 5.01 41.14 -1.51
CA PRO C 640 6.17 41.13 -2.41
C PRO C 640 7.27 40.18 -1.97
N VAL C 641 7.45 39.98 -0.67
CA VAL C 641 8.47 39.05 -0.19
C VAL C 641 8.18 37.61 -0.55
N ALA C 642 6.97 37.31 -1.04
CA ALA C 642 6.65 35.95 -1.42
C ALA C 642 7.54 35.46 -2.56
N ILE C 643 7.99 36.38 -3.41
CA ILE C 643 8.83 36.06 -4.55
C ILE C 643 10.00 37.02 -4.61
N HIS C 644 11.04 36.62 -5.32
CA HIS C 644 12.25 37.44 -5.50
C HIS C 644 12.08 38.36 -6.70
N ALA C 645 11.05 39.20 -6.63
CA ALA C 645 10.74 40.10 -7.73
C ALA C 645 11.83 41.14 -7.98
N ASP C 646 12.71 41.37 -7.00
CA ASP C 646 13.76 42.38 -7.18
C ASP C 646 14.69 42.00 -8.32
N GLN C 647 15.06 40.72 -8.43
CA GLN C 647 15.98 40.23 -9.45
C GLN C 647 15.27 39.40 -10.51
N LEU C 648 13.98 39.63 -10.72
CA LEU C 648 13.16 38.89 -11.66
C LEU C 648 12.85 39.77 -12.87
N THR C 649 12.05 39.24 -13.78
CA THR C 649 11.64 39.98 -14.97
C THR C 649 10.90 41.26 -14.55
N PRO C 650 11.04 42.34 -15.30
CA PRO C 650 10.31 43.58 -14.91
C PRO C 650 8.81 43.40 -14.80
N THR C 651 8.23 42.45 -15.52
CA THR C 651 6.79 42.22 -15.44
C THR C 651 6.36 41.83 -14.03
N TRP C 652 7.26 41.27 -13.23
CA TRP C 652 6.92 40.81 -11.88
C TRP C 652 7.08 41.91 -10.83
N ARG C 653 7.46 43.12 -11.24
CA ARG C 653 7.59 44.24 -10.31
C ARG C 653 6.26 44.89 -9.96
N VAL C 654 5.18 44.53 -10.65
CA VAL C 654 3.88 45.15 -10.41
C VAL C 654 3.39 44.87 -9.00
N TYR C 655 3.89 43.83 -8.35
CA TYR C 655 3.44 43.44 -7.02
C TYR C 655 4.15 44.21 -5.90
N SER C 656 5.20 44.96 -6.22
CA SER C 656 5.88 45.81 -5.26
C SER C 656 5.44 47.26 -5.33
N THR C 657 4.56 47.62 -6.26
CA THR C 657 4.09 48.99 -6.41
C THR C 657 2.69 48.96 -7.01
N GLY C 658 2.19 50.12 -7.38
CA GLY C 658 0.88 50.23 -8.00
C GLY C 658 -0.22 50.45 -6.98
N SER C 659 -1.28 51.13 -7.41
CA SER C 659 -2.43 51.39 -6.56
C SER C 659 -3.43 50.24 -6.54
N ASN C 660 -3.22 49.20 -7.33
CA ASN C 660 -4.13 48.06 -7.38
C ASN C 660 -3.76 47.03 -6.32
N VAL C 661 -3.82 47.47 -5.07
CA VAL C 661 -3.54 46.62 -3.92
C VAL C 661 -4.58 46.91 -2.84
N PHE C 662 -5.56 46.02 -2.71
CA PHE C 662 -6.67 46.21 -1.79
C PHE C 662 -6.82 45.00 -0.89
N GLN C 663 -7.05 45.26 0.40
CA GLN C 663 -7.18 44.21 1.40
C GLN C 663 -8.66 43.87 1.60
N THR C 664 -8.94 42.58 1.70
CA THR C 664 -10.30 42.09 1.91
C THR C 664 -10.28 41.01 2.97
N ARG C 665 -11.47 40.66 3.46
CA ARG C 665 -11.57 39.57 4.42
C ARG C 665 -11.10 38.26 3.82
N ALA C 666 -11.35 38.06 2.52
CA ALA C 666 -10.89 36.86 1.86
C ALA C 666 -9.37 36.81 1.77
N GLY C 667 -8.72 37.97 1.76
CA GLY C 667 -7.28 38.04 1.65
C GLY C 667 -6.87 39.32 0.95
N CYS C 668 -5.63 39.32 0.45
CA CYS C 668 -5.07 40.47 -0.25
C CYS C 668 -5.35 40.33 -1.74
N LEU C 669 -6.03 41.30 -2.31
CA LEU C 669 -6.39 41.30 -3.72
C LEU C 669 -5.51 42.29 -4.48
N ILE C 670 -4.90 41.83 -5.56
CA ILE C 670 -4.01 42.64 -6.38
C ILE C 670 -4.49 42.58 -7.82
N GLY C 671 -4.48 43.74 -8.49
CA GLY C 671 -4.92 43.85 -9.86
C GLY C 671 -6.34 44.35 -10.04
N ALA C 672 -7.04 44.66 -8.94
CA ALA C 672 -8.39 45.19 -9.00
C ALA C 672 -8.51 46.36 -8.03
N GLU C 673 -9.40 47.29 -8.35
CA GLU C 673 -9.62 48.49 -7.56
C GLU C 673 -10.97 48.41 -6.85
N HIS C 674 -10.97 48.77 -5.57
CA HIS C 674 -12.21 48.79 -4.81
C HIS C 674 -13.08 49.94 -5.28
N VAL C 675 -14.38 49.67 -5.42
CA VAL C 675 -15.35 50.65 -5.88
C VAL C 675 -16.51 50.70 -4.90
N ASN C 676 -16.94 51.91 -4.55
CA ASN C 676 -18.04 52.06 -3.60
C ASN C 676 -19.34 51.47 -4.13
N ASN C 677 -19.53 51.45 -5.44
CA ASN C 677 -20.79 50.98 -6.00
C ASN C 677 -20.97 49.49 -5.78
N SER C 678 -22.22 49.04 -5.91
CA SER C 678 -22.59 47.64 -5.75
C SER C 678 -23.26 47.15 -7.02
N TYR C 679 -22.86 45.97 -7.47
CA TYR C 679 -23.40 45.36 -8.68
C TYR C 679 -23.66 43.89 -8.44
N GLU C 680 -24.33 43.25 -9.40
CA GLU C 680 -24.56 41.82 -9.34
C GLU C 680 -23.24 41.07 -9.43
N CYS C 681 -23.17 39.94 -8.74
CA CYS C 681 -21.94 39.17 -8.69
C CYS C 681 -21.64 38.53 -10.04
N ASP C 682 -20.42 38.71 -10.53
CA ASP C 682 -19.95 38.07 -11.74
C ASP C 682 -18.96 36.96 -11.45
N ILE C 683 -17.88 37.25 -10.73
CA ILE C 683 -16.88 36.27 -10.32
C ILE C 683 -16.84 36.27 -8.80
N PRO C 684 -17.49 35.29 -8.14
CA PRO C 684 -17.48 35.28 -6.68
C PRO C 684 -16.06 35.15 -6.13
N ILE C 685 -15.80 35.85 -5.03
CA ILE C 685 -14.49 35.87 -4.39
C ILE C 685 -14.54 35.27 -3.00
N GLY C 686 -15.47 35.74 -2.18
CA GLY C 686 -15.60 35.29 -0.80
C GLY C 686 -15.86 36.48 0.11
N ALA C 687 -16.49 36.21 1.25
CA ALA C 687 -16.82 37.23 2.23
C ALA C 687 -17.74 38.30 1.66
N GLY C 688 -18.54 37.96 0.65
CA GLY C 688 -19.55 38.86 0.14
C GLY C 688 -19.08 39.84 -0.92
N ILE C 689 -17.83 39.76 -1.37
CA ILE C 689 -17.32 40.63 -2.42
C ILE C 689 -17.17 39.82 -3.70
N CYS C 690 -17.39 40.49 -4.83
CA CYS C 690 -17.29 39.86 -6.14
C CYS C 690 -16.51 40.77 -7.07
N ALA C 691 -15.87 40.17 -8.06
CA ALA C 691 -15.04 40.88 -9.03
C ALA C 691 -15.67 40.83 -10.41
N SER C 692 -15.52 41.91 -11.16
CA SER C 692 -16.04 42.00 -12.51
C SER C 692 -15.17 42.94 -13.32
N TYR C 693 -15.25 42.79 -14.64
CA TYR C 693 -14.47 43.61 -15.58
C TYR C 693 -15.41 44.56 -16.29
N GLN C 694 -15.07 45.85 -16.26
CA GLN C 694 -15.87 46.88 -16.91
C GLN C 694 -14.96 48.03 -17.32
N THR C 695 -15.55 49.05 -17.92
CA THR C 695 -14.80 50.21 -18.39
C THR C 695 -14.78 51.30 -17.33
N SER C 708 -8.66 53.30 -17.92
CA SER C 708 -9.89 53.23 -18.70
C SER C 708 -10.58 51.89 -18.52
N GLN C 709 -9.83 50.81 -18.73
CA GLN C 709 -10.32 49.45 -18.59
C GLN C 709 -9.58 48.77 -17.44
N SER C 710 -10.33 48.23 -16.49
CA SER C 710 -9.74 47.57 -15.34
C SER C 710 -10.77 46.67 -14.69
N ILE C 711 -10.29 45.79 -13.81
CA ILE C 711 -11.15 44.88 -13.07
C ILE C 711 -11.53 45.53 -11.74
N ILE C 712 -12.81 45.48 -11.40
CA ILE C 712 -13.35 46.12 -10.21
C ILE C 712 -13.74 45.06 -9.20
N ALA C 713 -13.40 45.29 -7.94
CA ALA C 713 -13.80 44.45 -6.83
C ALA C 713 -14.84 45.20 -6.00
N TYR C 714 -15.98 44.56 -5.75
CA TYR C 714 -17.11 45.25 -5.14
C TYR C 714 -17.90 44.27 -4.29
N THR C 715 -18.70 44.82 -3.39
CA THR C 715 -19.64 44.02 -2.61
C THR C 715 -20.85 43.69 -3.48
N MET C 716 -21.15 42.40 -3.59
CA MET C 716 -22.24 41.97 -4.45
C MET C 716 -23.56 42.55 -3.99
N SER C 717 -24.38 42.97 -4.94
CA SER C 717 -25.71 43.51 -4.66
C SER C 717 -26.71 42.36 -4.54
N LEU C 718 -27.41 42.32 -3.42
CA LEU C 718 -28.38 41.25 -3.20
C LEU C 718 -29.48 41.27 -4.25
N GLY C 719 -29.81 42.45 -4.75
CA GLY C 719 -30.85 42.58 -5.76
C GLY C 719 -31.45 43.96 -5.72
N ALA C 720 -32.40 44.18 -6.64
CA ALA C 720 -33.06 45.47 -6.72
C ALA C 720 -33.80 45.76 -5.42
N GLU C 721 -33.46 46.89 -4.80
CA GLU C 721 -34.12 47.27 -3.56
C GLU C 721 -35.62 47.46 -3.79
N ASN C 722 -36.42 46.88 -2.90
CA ASN C 722 -37.87 46.93 -3.01
C ASN C 722 -38.47 47.29 -1.67
N SER C 723 -39.64 47.94 -1.72
CA SER C 723 -40.38 48.32 -0.53
C SER C 723 -41.86 48.11 -0.84
N VAL C 724 -42.42 47.00 -0.39
CA VAL C 724 -43.81 46.68 -0.69
C VAL C 724 -44.71 47.75 -0.11
N ALA C 725 -45.68 48.19 -0.92
CA ALA C 725 -46.61 49.23 -0.47
C ALA C 725 -47.72 48.63 0.37
N TYR C 726 -47.34 47.94 1.46
CA TYR C 726 -48.32 47.30 2.32
C TYR C 726 -49.16 48.35 3.03
N SER C 727 -50.45 48.04 3.19
CA SER C 727 -51.37 48.92 3.91
C SER C 727 -52.47 48.07 4.50
N ASN C 728 -53.21 48.67 5.44
CA ASN C 728 -54.23 47.92 6.17
C ASN C 728 -55.33 47.42 5.25
N ASN C 729 -55.78 48.25 4.32
CA ASN C 729 -56.94 47.95 3.48
C ASN C 729 -56.62 48.18 2.01
N SER C 730 -55.49 47.62 1.57
CA SER C 730 -55.08 47.69 0.17
C SER C 730 -54.68 46.31 -0.30
N ILE C 731 -55.18 45.91 -1.46
CA ILE C 731 -54.84 44.64 -2.09
C ILE C 731 -54.47 44.89 -3.54
N ALA C 732 -53.41 44.24 -4.01
CA ALA C 732 -52.96 44.33 -5.39
C ALA C 732 -53.36 43.07 -6.13
N ILE C 733 -54.35 43.20 -7.03
CA ILE C 733 -54.90 42.08 -7.77
C ILE C 733 -54.43 42.20 -9.22
N PRO C 734 -53.75 41.20 -9.79
CA PRO C 734 -53.30 41.33 -11.18
C PRO C 734 -54.48 41.46 -12.14
N THR C 735 -54.34 42.39 -13.08
CA THR C 735 -55.34 42.60 -14.11
C THR C 735 -55.10 41.79 -15.37
N ASN C 736 -53.97 41.11 -15.46
CA ASN C 736 -53.60 40.33 -16.64
C ASN C 736 -52.52 39.34 -16.22
N PHE C 737 -52.11 38.47 -17.15
CA PHE C 737 -51.16 37.41 -16.83
C PHE C 737 -50.15 37.28 -17.95
N THR C 738 -49.18 36.41 -17.74
CA THR C 738 -48.15 36.11 -18.72
C THR C 738 -47.80 34.64 -18.63
N ILE C 739 -48.06 33.89 -19.71
CA ILE C 739 -47.78 32.47 -19.77
C ILE C 739 -46.31 32.31 -20.14
N SER C 740 -45.47 32.03 -19.14
CA SER C 740 -44.03 31.91 -19.31
C SER C 740 -43.64 30.45 -19.23
N VAL C 741 -42.88 29.98 -20.22
CA VAL C 741 -42.36 28.62 -20.26
C VAL C 741 -40.87 28.68 -19.95
N THR C 742 -40.46 27.94 -18.91
CA THR C 742 -39.08 27.94 -18.45
C THR C 742 -38.52 26.52 -18.57
N THR C 743 -37.25 26.44 -18.95
CA THR C 743 -36.59 25.16 -19.17
C THR C 743 -35.80 24.76 -17.94
N GLU C 744 -35.89 23.48 -17.57
CA GLU C 744 -35.15 22.92 -16.46
C GLU C 744 -34.44 21.66 -16.93
N ILE C 745 -33.15 21.56 -16.62
CA ILE C 745 -32.31 20.45 -17.06
C ILE C 745 -31.87 19.66 -15.82
N LEU C 746 -31.98 18.34 -15.90
CA LEU C 746 -31.63 17.47 -14.78
C LEU C 746 -30.85 16.26 -15.28
N PRO C 747 -29.65 15.98 -14.75
CA PRO C 747 -28.99 14.72 -15.11
C PRO C 747 -29.81 13.53 -14.67
N VAL C 748 -29.75 12.46 -15.47
CA VAL C 748 -30.50 11.24 -15.23
C VAL C 748 -29.57 10.04 -15.07
N SER C 749 -28.59 9.91 -15.96
CA SER C 749 -27.65 8.80 -15.91
C SER C 749 -26.31 9.25 -16.47
N MET C 750 -25.26 8.54 -16.08
CA MET C 750 -23.91 8.78 -16.57
C MET C 750 -23.43 7.57 -17.35
N THR C 751 -22.29 7.73 -18.02
CA THR C 751 -21.78 6.66 -18.88
C THR C 751 -21.47 5.42 -18.05
N LYS C 752 -22.06 4.30 -18.45
CA LYS C 752 -21.74 3.02 -17.82
C LYS C 752 -20.31 2.65 -18.18
N THR C 753 -19.60 2.03 -17.24
CA THR C 753 -18.21 1.67 -17.45
C THR C 753 -17.86 0.45 -16.61
N SER C 754 -16.78 -0.22 -17.02
CA SER C 754 -16.26 -1.37 -16.29
C SER C 754 -14.76 -1.44 -16.53
N VAL C 755 -14.06 -2.13 -15.63
CA VAL C 755 -12.61 -2.21 -15.65
C VAL C 755 -12.20 -3.68 -15.62
N ASP C 756 -11.26 -4.05 -16.47
CA ASP C 756 -10.60 -5.35 -16.41
C ASP C 756 -9.41 -5.20 -15.48
N CYS C 757 -9.59 -5.56 -14.21
CA CYS C 757 -8.59 -5.26 -13.20
C CYS C 757 -7.26 -5.92 -13.52
N THR C 758 -7.28 -7.19 -13.91
CA THR C 758 -6.04 -7.90 -14.22
C THR C 758 -5.30 -7.20 -15.35
N MET C 759 -6.00 -6.89 -16.45
CA MET C 759 -5.37 -6.20 -17.56
C MET C 759 -4.94 -4.79 -17.17
N TYR C 760 -5.78 -4.07 -16.43
CA TYR C 760 -5.45 -2.70 -16.05
C TYR C 760 -4.21 -2.66 -15.18
N ILE C 761 -4.16 -3.51 -14.16
CA ILE C 761 -3.03 -3.53 -13.24
C ILE C 761 -1.87 -4.34 -13.80
N CYS C 762 -2.16 -5.38 -14.58
CA CYS C 762 -1.15 -6.27 -15.14
C CYS C 762 -1.48 -6.51 -16.62
N GLY C 763 -0.96 -5.65 -17.48
CA GLY C 763 -1.23 -5.79 -18.91
C GLY C 763 -0.38 -6.88 -19.55
N ASP C 764 -1.01 -8.02 -19.84
CA ASP C 764 -0.33 -9.13 -20.52
C ASP C 764 0.95 -9.53 -19.79
N SER C 765 0.86 -9.64 -18.46
CA SER C 765 2.00 -10.01 -17.63
C SER C 765 1.53 -11.10 -16.67
N THR C 766 1.93 -12.34 -16.93
CA THR C 766 1.45 -13.46 -16.15
C THR C 766 1.92 -13.38 -14.70
N GLU C 767 3.23 -13.17 -14.50
CA GLU C 767 3.76 -13.11 -13.15
C GLU C 767 3.14 -11.97 -12.36
N CYS C 768 2.83 -10.86 -13.02
CA CYS C 768 2.08 -9.80 -12.38
C CYS C 768 0.67 -10.27 -12.03
N SER C 769 0.05 -11.02 -12.93
CA SER C 769 -1.32 -11.48 -12.70
C SER C 769 -1.40 -12.38 -11.48
N ASN C 770 -0.52 -13.38 -11.41
CA ASN C 770 -0.56 -14.29 -10.26
C ASN C 770 -0.06 -13.61 -8.99
N LEU C 771 0.87 -12.68 -9.11
CA LEU C 771 1.29 -11.91 -7.95
C LEU C 771 0.15 -11.06 -7.41
N LEU C 772 -0.79 -10.68 -8.27
CA LEU C 772 -1.95 -9.93 -7.80
C LEU C 772 -2.89 -10.81 -6.98
N LEU C 773 -2.88 -12.12 -7.22
CA LEU C 773 -3.73 -13.01 -6.43
C LEU C 773 -3.32 -13.02 -4.97
N GLN C 774 -2.06 -12.71 -4.67
CA GLN C 774 -1.64 -12.60 -3.28
C GLN C 774 -2.42 -11.52 -2.54
N TYR C 775 -2.97 -10.55 -3.27
CA TYR C 775 -3.78 -9.49 -2.65
C TYR C 775 -5.21 -9.94 -2.36
N GLY C 776 -5.59 -11.14 -2.78
CA GLY C 776 -6.92 -11.65 -2.43
C GLY C 776 -7.95 -11.19 -3.44
N SER C 777 -9.06 -10.67 -2.91
CA SER C 777 -10.29 -10.43 -3.68
C SER C 777 -10.68 -8.96 -3.70
N PHE C 778 -9.71 -8.06 -3.87
CA PHE C 778 -10.05 -6.65 -4.06
C PHE C 778 -10.84 -6.43 -5.34
N CYS C 779 -10.23 -6.72 -6.48
CA CYS C 779 -10.78 -6.21 -7.73
C CYS C 779 -12.01 -6.96 -8.19
N THR C 780 -12.35 -8.11 -7.60
CA THR C 780 -13.67 -8.65 -7.83
C THR C 780 -14.74 -7.74 -7.24
N GLN C 781 -14.43 -7.06 -6.14
CA GLN C 781 -15.33 -6.02 -5.64
C GLN C 781 -15.42 -4.86 -6.63
N LEU C 782 -14.30 -4.50 -7.25
CA LEU C 782 -14.30 -3.41 -8.21
C LEU C 782 -15.29 -3.67 -9.34
N ASN C 783 -15.19 -4.85 -9.96
CA ASN C 783 -16.14 -5.20 -11.01
C ASN C 783 -17.56 -5.25 -10.47
N ARG C 784 -17.74 -5.84 -9.28
CA ARG C 784 -19.05 -5.86 -8.67
C ARG C 784 -19.54 -4.46 -8.35
N ALA C 785 -18.65 -3.59 -7.86
CA ALA C 785 -19.03 -2.22 -7.56
C ALA C 785 -19.39 -1.46 -8.84
N LEU C 786 -18.55 -1.58 -9.87
CA LEU C 786 -18.85 -0.93 -11.14
C LEU C 786 -20.10 -1.52 -11.78
N THR C 787 -20.25 -2.84 -11.70
CA THR C 787 -21.44 -3.48 -12.26
C THR C 787 -22.70 -2.97 -11.56
N GLY C 788 -22.65 -2.80 -10.24
CA GLY C 788 -23.78 -2.24 -9.53
C GLY C 788 -24.11 -0.84 -10.01
N ILE C 789 -23.09 -0.02 -10.26
CA ILE C 789 -23.32 1.32 -10.80
C ILE C 789 -23.90 1.22 -12.21
N ALA C 790 -23.32 0.35 -13.04
CA ALA C 790 -23.76 0.25 -14.42
C ALA C 790 -25.23 -0.16 -14.52
N VAL C 791 -25.64 -1.13 -13.70
CA VAL C 791 -27.04 -1.52 -13.68
C VAL C 791 -27.90 -0.39 -13.17
N GLU C 792 -27.38 0.39 -12.22
CA GLU C 792 -28.15 1.50 -11.66
C GLU C 792 -28.46 2.54 -12.73
N GLN C 793 -27.49 2.84 -13.60
CA GLN C 793 -27.70 3.84 -14.63
C GLN C 793 -28.85 3.44 -15.55
N ASP C 794 -28.88 2.18 -15.96
CA ASP C 794 -30.01 1.70 -16.77
C ASP C 794 -31.30 1.77 -15.97
N LYS C 795 -31.25 1.43 -14.69
CA LYS C 795 -32.44 1.52 -13.86
C LYS C 795 -32.92 2.96 -13.73
N ASN C 796 -31.98 3.91 -13.60
CA ASN C 796 -32.36 5.31 -13.44
C ASN C 796 -33.19 5.80 -14.62
N THR C 797 -32.76 5.46 -15.84
CA THR C 797 -33.50 5.88 -17.02
C THR C 797 -34.90 5.28 -17.06
N GLN C 798 -35.09 4.11 -16.44
CA GLN C 798 -36.39 3.47 -16.47
C GLN C 798 -37.43 4.28 -15.71
N GLU C 799 -37.11 4.66 -14.47
CA GLU C 799 -38.08 5.41 -13.68
C GLU C 799 -38.38 6.77 -14.30
N VAL C 800 -37.35 7.43 -14.83
CA VAL C 800 -37.54 8.77 -15.38
C VAL C 800 -38.48 8.74 -16.58
N PHE C 801 -38.26 7.79 -17.50
CA PHE C 801 -38.96 7.76 -18.78
C PHE C 801 -40.01 6.67 -18.85
N ALA C 802 -39.68 5.44 -18.47
CA ALA C 802 -40.59 4.31 -18.61
C ALA C 802 -41.66 4.35 -17.50
N GLN C 803 -42.45 5.42 -17.52
CA GLN C 803 -43.54 5.59 -16.57
C GLN C 803 -44.89 5.19 -17.15
N VAL C 804 -44.99 5.08 -18.47
CA VAL C 804 -46.23 4.66 -19.13
C VAL C 804 -45.89 3.51 -20.07
N LYS C 805 -46.65 2.42 -19.96
CA LYS C 805 -46.44 1.25 -20.80
C LYS C 805 -47.22 1.32 -22.11
N GLN C 806 -48.00 2.37 -22.33
CA GLN C 806 -48.73 2.57 -23.57
C GLN C 806 -48.04 3.65 -24.39
N ILE C 807 -47.58 3.29 -25.58
CA ILE C 807 -46.89 4.23 -26.46
C ILE C 807 -47.96 4.99 -27.25
N TYR C 808 -48.22 6.23 -26.82
CA TYR C 808 -49.22 7.06 -27.46
C TYR C 808 -48.60 7.82 -28.63
N LYS C 809 -49.37 7.97 -29.70
CA LYS C 809 -48.96 8.66 -30.91
C LYS C 809 -49.82 9.91 -31.08
N THR C 810 -49.18 11.03 -31.40
CA THR C 810 -49.92 12.26 -31.60
C THR C 810 -50.83 12.10 -32.82
N PRO C 811 -52.03 12.69 -32.80
CA PRO C 811 -52.95 12.50 -33.93
C PRO C 811 -52.39 13.16 -35.18
N PRO C 812 -52.72 12.64 -36.37
CA PRO C 812 -52.28 13.32 -37.60
C PRO C 812 -52.81 14.74 -37.72
N ILE C 813 -54.03 14.99 -37.26
CA ILE C 813 -54.61 16.33 -37.30
C ILE C 813 -54.20 17.05 -36.02
N LYS C 814 -53.45 18.14 -36.19
CA LYS C 814 -52.95 18.92 -35.05
C LYS C 814 -53.74 20.22 -34.97
N ASP C 815 -54.88 20.15 -34.29
CA ASP C 815 -55.73 21.30 -34.02
C ASP C 815 -55.92 21.39 -32.51
N PHE C 816 -54.97 22.05 -31.85
CA PHE C 816 -54.95 22.16 -30.39
C PHE C 816 -55.39 23.54 -29.92
N GLY C 817 -56.37 24.12 -30.61
CA GLY C 817 -56.90 25.42 -30.20
C GLY C 817 -55.89 26.54 -30.32
N GLY C 818 -55.06 26.51 -31.36
CA GLY C 818 -54.09 27.55 -31.62
C GLY C 818 -52.71 27.28 -31.04
N PHE C 819 -52.59 26.33 -30.11
CA PHE C 819 -51.29 26.00 -29.55
C PHE C 819 -50.42 25.36 -30.62
N ASN C 820 -49.13 25.66 -30.60
CA ASN C 820 -48.21 25.31 -31.67
C ASN C 820 -47.16 24.34 -31.12
N PHE C 821 -47.38 23.05 -31.35
CA PHE C 821 -46.57 21.99 -30.76
C PHE C 821 -45.52 21.42 -31.70
N SER C 822 -45.45 21.90 -32.94
CA SER C 822 -44.58 21.25 -33.92
C SER C 822 -43.12 21.25 -33.48
N GLN C 823 -42.71 22.28 -32.75
CA GLN C 823 -41.30 22.41 -32.40
C GLN C 823 -40.87 21.47 -31.27
N ILE C 824 -41.82 20.82 -30.59
CA ILE C 824 -41.49 19.86 -29.55
C ILE C 824 -41.92 18.44 -29.90
N LEU C 825 -42.93 18.27 -30.74
CA LEU C 825 -43.33 16.93 -31.17
C LEU C 825 -42.36 16.41 -32.23
N PRO C 826 -42.19 15.09 -32.31
CA PRO C 826 -41.28 14.54 -33.33
C PRO C 826 -41.85 14.71 -34.72
N ASP C 827 -40.93 14.77 -35.71
CA ASP C 827 -41.35 14.90 -37.10
C ASP C 827 -41.14 13.59 -37.85
N PRO C 828 -41.99 13.24 -38.81
CA PRO C 828 -41.83 11.97 -39.54
C PRO C 828 -40.90 12.04 -40.74
N SER C 829 -40.13 13.13 -40.88
CA SER C 829 -39.25 13.33 -42.02
C SER C 829 -37.79 13.36 -41.59
N LYS C 830 -37.41 12.43 -40.72
CA LYS C 830 -36.05 12.36 -40.22
C LYS C 830 -35.75 10.94 -39.76
N PRO C 831 -34.59 10.37 -40.12
CA PRO C 831 -34.26 9.03 -39.60
C PRO C 831 -34.26 8.97 -38.07
N SER C 832 -33.79 10.02 -37.42
CA SER C 832 -33.86 10.13 -35.96
C SER C 832 -35.18 10.79 -35.58
N LYS C 833 -35.95 10.12 -34.73
CA LYS C 833 -37.28 10.58 -34.37
C LYS C 833 -37.26 11.60 -33.24
N ARG C 834 -36.13 12.25 -33.00
CA ARG C 834 -36.06 13.32 -32.02
C ARG C 834 -36.73 14.58 -32.56
N SER C 835 -37.30 15.36 -31.65
CA SER C 835 -37.94 16.61 -32.03
C SER C 835 -36.88 17.67 -32.34
N PHE C 836 -37.35 18.83 -32.78
CA PHE C 836 -36.42 19.90 -33.16
C PHE C 836 -35.61 20.35 -31.96
N ILE C 837 -36.26 20.55 -30.81
CA ILE C 837 -35.54 20.99 -29.63
C ILE C 837 -34.61 19.88 -29.14
N GLU C 838 -35.04 18.62 -29.27
CA GLU C 838 -34.17 17.52 -28.90
C GLU C 838 -32.94 17.45 -29.79
N ASP C 839 -33.07 17.85 -31.05
CA ASP C 839 -31.95 17.76 -31.98
C ASP C 839 -30.80 18.67 -31.55
N LEU C 840 -31.10 19.95 -31.29
CA LEU C 840 -30.04 20.87 -30.92
C LEU C 840 -29.44 20.52 -29.56
N LEU C 841 -30.25 19.94 -28.67
CA LEU C 841 -29.70 19.50 -27.38
C LEU C 841 -28.64 18.43 -27.57
N PHE C 842 -28.89 17.47 -28.46
CA PHE C 842 -27.89 16.45 -28.73
C PHE C 842 -26.67 17.03 -29.43
N ASN C 843 -26.88 18.03 -30.30
CA ASN C 843 -25.77 18.67 -31.00
C ASN C 843 -25.05 19.71 -30.13
N LYS C 844 -25.55 20.00 -28.94
CA LYS C 844 -24.94 20.98 -28.05
C LYS C 844 -23.99 20.38 -27.03
N VAL C 845 -24.09 19.07 -26.78
CA VAL C 845 -23.25 18.39 -25.80
C VAL C 845 -22.22 17.55 -26.54
N THR C 846 -20.96 17.73 -26.20
CA THR C 846 -19.87 17.01 -26.84
C THR C 846 -20.00 15.51 -26.59
N GLN C 872 -9.17 5.72 -24.33
CA GLN C 872 -9.68 5.26 -23.05
C GLN C 872 -9.69 3.74 -22.98
N LYS C 873 -10.20 3.11 -24.05
CA LYS C 873 -10.31 1.65 -24.10
C LYS C 873 -8.96 0.96 -24.18
N PHE C 874 -7.87 1.70 -24.38
CA PHE C 874 -6.57 1.09 -24.63
C PHE C 874 -6.08 0.28 -23.43
N ASN C 875 -6.46 0.68 -22.21
CA ASN C 875 -5.90 0.12 -20.99
C ASN C 875 -6.94 -0.63 -20.18
N GLY C 876 -7.75 -1.44 -20.86
CA GLY C 876 -8.70 -2.30 -20.17
C GLY C 876 -9.99 -1.64 -19.76
N LEU C 877 -10.15 -0.34 -20.01
CA LEU C 877 -11.41 0.34 -19.72
C LEU C 877 -12.44 -0.01 -20.79
N THR C 878 -13.70 -0.09 -20.37
CA THR C 878 -14.81 -0.36 -21.27
C THR C 878 -15.95 0.59 -20.94
N VAL C 879 -16.76 0.90 -21.95
CA VAL C 879 -17.91 1.78 -21.80
C VAL C 879 -19.12 1.00 -22.29
N LEU C 880 -19.83 0.39 -21.36
CA LEU C 880 -21.00 -0.42 -21.73
C LEU C 880 -22.07 0.48 -22.33
N PRO C 881 -22.71 0.10 -23.44
CA PRO C 881 -23.74 0.95 -24.01
C PRO C 881 -24.96 1.02 -23.12
N PRO C 882 -25.71 2.11 -23.15
CA PRO C 882 -26.94 2.16 -22.34
C PRO C 882 -27.96 1.14 -22.83
N LEU C 883 -28.78 0.65 -21.89
CA LEU C 883 -29.80 -0.31 -22.25
C LEU C 883 -30.81 0.30 -23.22
N LEU C 884 -31.19 1.55 -22.99
CA LEU C 884 -32.14 2.25 -23.83
C LEU C 884 -31.38 3.18 -24.77
N THR C 885 -31.58 2.99 -26.07
CA THR C 885 -30.92 3.83 -27.05
C THR C 885 -31.57 5.21 -27.11
N ASP C 886 -30.88 6.15 -27.75
CA ASP C 886 -31.40 7.51 -27.84
C ASP C 886 -32.71 7.54 -28.59
N GLU C 887 -32.82 6.78 -29.69
CA GLU C 887 -34.08 6.72 -30.41
C GLU C 887 -35.18 6.10 -29.55
N MET C 888 -34.85 5.06 -28.77
CA MET C 888 -35.83 4.44 -27.91
C MET C 888 -36.34 5.42 -26.84
N ILE C 889 -35.42 6.18 -26.24
CA ILE C 889 -35.83 7.14 -25.23
C ILE C 889 -36.72 8.22 -25.85
N ALA C 890 -36.39 8.66 -27.06
CA ALA C 890 -37.19 9.68 -27.72
C ALA C 890 -38.63 9.23 -27.90
N GLN C 891 -38.85 7.94 -28.14
CA GLN C 891 -40.22 7.44 -28.26
C GLN C 891 -40.97 7.59 -26.94
N TYR C 892 -40.30 7.31 -25.82
CA TYR C 892 -40.95 7.47 -24.52
C TYR C 892 -41.36 8.93 -24.30
N THR C 893 -40.46 9.87 -24.57
CA THR C 893 -40.80 11.28 -24.43
C THR C 893 -41.92 11.65 -25.39
N SER C 894 -41.86 11.16 -26.63
CA SER C 894 -42.96 11.37 -27.56
C SER C 894 -44.24 10.71 -27.05
N ALA C 895 -44.12 9.52 -26.49
CA ALA C 895 -45.29 8.86 -25.91
C ALA C 895 -45.84 9.68 -24.75
N LEU C 896 -44.97 10.20 -23.88
CA LEU C 896 -45.43 11.01 -22.76
C LEU C 896 -46.15 12.26 -23.26
N LEU C 897 -45.59 12.91 -24.28
CA LEU C 897 -46.24 14.10 -24.83
C LEU C 897 -47.60 13.76 -25.42
N ALA C 898 -47.64 12.76 -26.30
CA ALA C 898 -48.89 12.44 -26.99
C ALA C 898 -50.03 12.21 -26.00
N GLY C 899 -49.73 11.57 -24.87
CA GLY C 899 -50.74 11.45 -23.82
C GLY C 899 -51.06 12.79 -23.19
N THR C 900 -50.05 13.62 -22.97
CA THR C 900 -50.27 14.89 -22.28
C THR C 900 -51.12 15.83 -23.11
N ILE C 901 -50.77 16.02 -24.38
CA ILE C 901 -51.55 16.91 -25.24
C ILE C 901 -52.95 16.36 -25.45
N THR C 902 -53.05 15.08 -25.81
CA THR C 902 -54.35 14.50 -26.14
C THR C 902 -55.21 14.28 -24.91
N SER C 903 -54.62 13.72 -23.84
CA SER C 903 -55.38 13.30 -22.67
C SER C 903 -55.09 14.13 -21.42
N GLY C 904 -53.91 14.70 -21.29
CA GLY C 904 -53.59 15.51 -20.13
C GLY C 904 -53.00 14.68 -19.02
N TRP C 905 -53.56 14.80 -17.82
CA TRP C 905 -53.07 14.10 -16.64
C TRP C 905 -53.69 12.72 -16.47
N THR C 906 -54.71 12.37 -17.27
CA THR C 906 -55.43 11.13 -17.03
C THR C 906 -54.59 9.91 -17.38
N PHE C 907 -53.81 9.99 -18.46
CA PHE C 907 -53.05 8.83 -18.89
C PHE C 907 -52.05 8.38 -17.84
N GLY C 908 -51.61 9.29 -16.96
CA GLY C 908 -50.75 8.92 -15.86
C GLY C 908 -51.46 8.31 -14.68
N ALA C 909 -52.78 8.28 -14.70
CA ALA C 909 -53.59 7.71 -13.63
C ALA C 909 -54.46 6.57 -14.13
N GLY C 910 -53.92 5.73 -15.02
CA GLY C 910 -54.65 4.62 -15.57
C GLY C 910 -54.88 4.73 -17.06
N ALA C 911 -56.10 4.47 -17.51
CA ALA C 911 -56.42 4.57 -18.92
C ALA C 911 -56.36 6.02 -19.39
N ALA C 912 -55.96 6.21 -20.64
CA ALA C 912 -55.89 7.54 -21.22
C ALA C 912 -57.25 7.98 -21.71
N LEU C 913 -57.64 9.20 -21.36
CA LEU C 913 -58.95 9.76 -21.70
C LEU C 913 -58.73 10.96 -22.60
N GLN C 914 -59.17 10.85 -23.86
CA GLN C 914 -59.02 11.95 -24.79
C GLN C 914 -59.83 13.15 -24.33
N ILE C 915 -59.27 14.34 -24.50
CA ILE C 915 -59.96 15.57 -24.15
C ILE C 915 -59.39 16.71 -25.01
N PRO C 916 -60.22 17.61 -25.53
CA PRO C 916 -59.68 18.73 -26.32
C PRO C 916 -58.67 19.54 -25.49
N PHE C 917 -57.58 19.94 -26.14
CA PHE C 917 -56.56 20.70 -25.44
C PHE C 917 -57.08 22.03 -24.95
N ALA C 918 -58.11 22.59 -25.59
CA ALA C 918 -58.69 23.83 -25.10
C ALA C 918 -59.26 23.65 -23.70
N MET C 919 -59.95 22.54 -23.46
CA MET C 919 -60.48 22.28 -22.13
C MET C 919 -59.42 21.80 -21.16
N GLN C 920 -58.37 21.14 -21.66
CA GLN C 920 -57.31 20.68 -20.77
C GLN C 920 -56.66 21.85 -20.04
N MET C 921 -56.37 22.92 -20.77
CA MET C 921 -55.82 24.12 -20.12
C MET C 921 -56.89 24.81 -19.28
N ALA C 922 -58.15 24.74 -19.71
CA ALA C 922 -59.22 25.37 -18.96
C ALA C 922 -59.33 24.75 -17.57
N TYR C 923 -59.26 23.41 -17.49
CA TYR C 923 -59.24 22.76 -16.18
C TYR C 923 -57.96 23.11 -15.42
N ARG C 924 -56.82 23.11 -16.12
CA ARG C 924 -55.56 23.40 -15.46
C ARG C 924 -55.58 24.80 -14.86
N PHE C 925 -56.21 25.76 -15.53
CA PHE C 925 -56.45 27.06 -14.92
C PHE C 925 -57.34 26.92 -13.70
N ASN C 926 -58.38 26.08 -13.79
CA ASN C 926 -59.27 25.88 -12.66
C ASN C 926 -58.53 25.37 -11.44
N GLY C 927 -57.43 24.65 -11.64
CA GLY C 927 -56.60 24.20 -10.55
C GLY C 927 -55.62 25.21 -10.03
N ILE C 928 -55.56 26.40 -10.63
CA ILE C 928 -54.66 27.46 -10.18
C ILE C 928 -55.39 28.54 -9.39
N GLY C 929 -56.71 28.60 -9.49
CA GLY C 929 -57.50 29.63 -8.83
C GLY C 929 -58.14 30.64 -9.75
N VAL C 930 -58.02 30.47 -11.06
CA VAL C 930 -58.65 31.35 -12.05
C VAL C 930 -59.75 30.57 -12.74
N THR C 931 -60.93 31.17 -12.83
CA THR C 931 -62.08 30.49 -13.41
C THR C 931 -61.79 30.13 -14.86
N GLN C 932 -62.53 29.14 -15.36
CA GLN C 932 -62.33 28.68 -16.73
C GLN C 932 -62.57 29.80 -17.73
N ASN C 933 -63.51 30.70 -17.44
CA ASN C 933 -63.84 31.76 -18.38
C ASN C 933 -62.65 32.65 -18.69
N VAL C 934 -61.64 32.68 -17.82
CA VAL C 934 -60.46 33.49 -18.08
C VAL C 934 -59.77 33.03 -19.36
N LEU C 935 -59.61 31.71 -19.52
CA LEU C 935 -58.89 31.19 -20.67
C LEU C 935 -59.67 31.41 -21.96
N TYR C 936 -60.95 31.04 -21.97
CA TYR C 936 -61.72 31.07 -23.22
C TYR C 936 -61.88 32.49 -23.73
N GLU C 937 -62.13 33.44 -22.82
CA GLU C 937 -62.30 34.82 -23.25
C GLU C 937 -61.05 35.38 -23.90
N ASN C 938 -59.88 34.79 -23.64
CA ASN C 938 -58.63 35.20 -24.26
C ASN C 938 -57.82 33.97 -24.65
N GLN C 939 -58.49 32.98 -25.26
CA GLN C 939 -57.79 31.78 -25.69
C GLN C 939 -56.75 32.10 -26.76
N LYS C 940 -57.11 32.95 -27.71
CA LYS C 940 -56.16 33.29 -28.78
C LYS C 940 -54.92 33.96 -28.22
N LEU C 941 -55.10 34.87 -27.25
CA LEU C 941 -53.95 35.53 -26.65
C LEU C 941 -53.04 34.52 -25.95
N ILE C 942 -53.62 33.57 -25.23
CA ILE C 942 -52.82 32.58 -24.52
C ILE C 942 -52.03 31.74 -25.52
N ALA C 943 -52.68 31.32 -26.61
CA ALA C 943 -51.98 30.50 -27.60
C ALA C 943 -50.80 31.25 -28.19
N ASN C 944 -50.98 32.54 -28.51
CA ASN C 944 -49.87 33.33 -29.04
C ASN C 944 -48.73 33.43 -28.03
N GLN C 945 -49.07 33.65 -26.75
CA GLN C 945 -48.03 33.72 -25.72
C GLN C 945 -47.29 32.40 -25.61
N PHE C 946 -48.01 31.28 -25.61
CA PHE C 946 -47.34 29.99 -25.53
C PHE C 946 -46.48 29.73 -26.77
N ASN C 947 -47.00 30.05 -27.95
CA ASN C 947 -46.22 29.85 -29.17
C ASN C 947 -44.96 30.70 -29.17
N SER C 948 -45.11 31.99 -28.83
CA SER C 948 -43.94 32.87 -28.75
C SER C 948 -43.00 32.42 -27.64
N ALA C 949 -43.55 31.99 -26.50
CA ALA C 949 -42.72 31.55 -25.40
C ALA C 949 -41.88 30.33 -25.79
N ILE C 950 -42.48 29.40 -26.53
CA ILE C 950 -41.72 28.24 -27.00
C ILE C 950 -40.60 28.70 -27.93
N GLY C 951 -40.88 29.65 -28.80
CA GLY C 951 -39.85 30.12 -29.72
C GLY C 951 -38.65 30.70 -29.00
N LYS C 952 -38.88 31.39 -27.88
CA LYS C 952 -37.77 31.96 -27.13
C LYS C 952 -36.83 30.87 -26.63
N ILE C 953 -37.36 29.67 -26.35
CA ILE C 953 -36.50 28.57 -25.90
C ILE C 953 -35.49 28.22 -26.99
N GLN C 954 -35.92 28.27 -28.25
CA GLN C 954 -35.00 27.99 -29.36
C GLN C 954 -33.85 28.99 -29.35
N ASP C 955 -34.15 30.28 -29.24
CA ASP C 955 -33.10 31.29 -29.18
C ASP C 955 -32.24 31.12 -27.95
N SER C 956 -32.87 30.84 -26.80
CA SER C 956 -32.11 30.72 -25.56
C SER C 956 -31.11 29.58 -25.61
N LEU C 957 -31.37 28.56 -26.42
CA LEU C 957 -30.50 27.39 -26.53
C LEU C 957 -29.69 27.37 -27.81
N SER C 958 -30.29 27.71 -28.95
CA SER C 958 -29.57 27.63 -30.21
C SER C 958 -28.35 28.55 -30.22
N SER C 959 -28.48 29.73 -29.62
CA SER C 959 -27.39 30.69 -29.58
C SER C 959 -26.22 30.15 -28.75
N THR C 960 -25.12 30.89 -28.71
CA THR C 960 -23.95 30.45 -27.95
C THR C 960 -24.21 30.40 -26.45
N ALA C 961 -25.29 31.01 -25.97
CA ALA C 961 -25.59 31.01 -24.55
C ALA C 961 -26.09 29.64 -24.13
N SER C 962 -25.18 28.67 -24.05
CA SER C 962 -25.54 27.30 -23.72
C SER C 962 -25.86 27.18 -22.23
N ALA C 963 -27.10 26.80 -21.93
CA ALA C 963 -27.53 26.57 -20.56
C ALA C 963 -27.35 25.12 -20.14
N LEU C 964 -26.75 24.28 -20.98
CA LEU C 964 -26.57 22.87 -20.67
C LEU C 964 -25.30 22.67 -19.85
N GLY C 965 -25.16 23.42 -18.76
CA GLY C 965 -24.01 23.25 -17.89
C GLY C 965 -24.17 22.12 -16.91
N LYS C 966 -25.41 21.76 -16.58
CA LYS C 966 -25.64 20.68 -15.62
C LYS C 966 -25.43 19.31 -16.24
N LEU C 967 -25.43 19.21 -17.58
CA LEU C 967 -25.15 17.94 -18.26
C LEU C 967 -23.76 17.89 -18.88
N GLN C 968 -23.22 19.04 -19.30
CA GLN C 968 -21.88 19.05 -19.86
C GLN C 968 -20.86 18.61 -18.82
N ASP C 969 -21.00 19.07 -17.57
CA ASP C 969 -20.08 18.65 -16.52
C ASP C 969 -20.17 17.15 -16.28
N VAL C 970 -21.35 16.56 -16.44
CA VAL C 970 -21.47 15.12 -16.30
C VAL C 970 -20.60 14.40 -17.33
N VAL C 971 -20.65 14.87 -18.58
CA VAL C 971 -19.76 14.31 -19.60
C VAL C 971 -18.31 14.63 -19.26
N ASN C 972 -18.03 15.88 -18.89
CA ASN C 972 -16.66 16.28 -18.60
C ASN C 972 -16.13 15.53 -17.38
N GLN C 973 -16.93 15.39 -16.33
CA GLN C 973 -16.46 14.73 -15.11
C GLN C 973 -16.06 13.30 -15.39
N ASN C 974 -16.88 12.57 -16.15
CA ASN C 974 -16.53 11.21 -16.51
C ASN C 974 -15.29 11.17 -17.38
N ALA C 975 -15.18 12.10 -18.34
CA ALA C 975 -14.03 12.10 -19.24
C ALA C 975 -12.73 12.35 -18.48
N GLN C 976 -12.72 13.34 -17.58
CA GLN C 976 -11.50 13.63 -16.84
C GLN C 976 -11.20 12.53 -15.82
N ALA C 977 -12.24 11.95 -15.23
CA ALA C 977 -12.03 10.86 -14.30
C ALA C 977 -11.37 9.67 -14.99
N LEU C 978 -11.89 9.29 -16.16
CA LEU C 978 -11.25 8.24 -16.95
C LEU C 978 -9.87 8.68 -17.42
N ASN C 979 -9.76 9.91 -17.91
CA ASN C 979 -8.47 10.40 -18.39
C ASN C 979 -7.45 10.44 -17.25
N THR C 980 -7.86 10.88 -16.06
CA THR C 980 -6.97 10.87 -14.91
C THR C 980 -6.57 9.44 -14.55
N LEU C 981 -7.51 8.51 -14.66
CA LEU C 981 -7.21 7.12 -14.31
C LEU C 981 -6.14 6.53 -15.21
N VAL C 982 -6.22 6.80 -16.51
CA VAL C 982 -5.25 6.22 -17.44
C VAL C 982 -3.89 6.88 -17.27
N LYS C 983 -3.86 8.20 -17.11
CA LYS C 983 -2.58 8.90 -17.03
C LYS C 983 -1.73 8.44 -15.86
N GLN C 984 -2.35 7.91 -14.81
CA GLN C 984 -1.57 7.46 -13.65
C GLN C 984 -0.79 6.18 -13.92
N LEU C 985 -1.02 5.52 -15.05
CA LEU C 985 -0.18 4.40 -15.43
C LEU C 985 1.23 4.83 -15.78
N SER C 986 1.43 6.12 -16.09
CA SER C 986 2.74 6.65 -16.43
C SER C 986 3.57 6.99 -15.20
N SER C 987 3.01 6.84 -14.00
CA SER C 987 3.72 7.15 -12.76
C SER C 987 4.26 5.86 -12.17
N ASN C 988 5.54 5.87 -11.80
CA ASN C 988 6.20 4.67 -11.32
C ASN C 988 5.93 4.38 -9.85
N PHE C 989 5.33 5.31 -9.11
CA PHE C 989 5.03 5.11 -7.70
C PHE C 989 6.29 4.68 -6.92
N GLY C 990 7.42 5.27 -7.28
CA GLY C 990 8.69 4.94 -6.68
C GLY C 990 9.45 3.82 -7.37
N ALA C 991 8.83 3.13 -8.31
CA ALA C 991 9.52 2.08 -9.05
C ALA C 991 10.54 2.69 -10.00
N ILE C 992 11.50 1.86 -10.43
CA ILE C 992 12.53 2.34 -11.34
C ILE C 992 11.90 2.78 -12.67
N SER C 993 10.77 2.19 -13.03
CA SER C 993 10.09 2.57 -14.26
C SER C 993 8.59 2.36 -14.08
N SER C 994 7.82 3.10 -14.89
CA SER C 994 6.36 3.00 -14.84
C SER C 994 5.80 1.96 -15.78
N VAL C 995 6.50 1.63 -16.86
CA VAL C 995 6.04 0.62 -17.81
C VAL C 995 6.36 -0.75 -17.22
N LEU C 996 5.35 -1.63 -17.22
CA LEU C 996 5.49 -2.91 -16.54
C LEU C 996 6.57 -3.79 -17.19
N ASN C 997 6.59 -3.84 -18.53
CA ASN C 997 7.44 -4.81 -19.20
C ASN C 997 8.92 -4.50 -19.04
N ASP C 998 9.29 -3.21 -19.05
CA ASP C 998 10.71 -2.86 -19.01
C ASP C 998 11.38 -3.35 -17.74
N ILE C 999 10.65 -3.39 -16.62
CA ILE C 999 11.23 -3.90 -15.38
C ILE C 999 11.63 -5.36 -15.54
N LEU C 1000 10.80 -6.12 -16.27
CA LEU C 1000 11.12 -7.53 -16.49
C LEU C 1000 12.39 -7.70 -17.31
N SER C 1001 12.62 -6.83 -18.29
CA SER C 1001 13.75 -6.96 -19.19
C SER C 1001 15.04 -6.41 -18.61
N ARG C 1002 15.00 -5.81 -17.41
CA ARG C 1002 16.19 -5.27 -16.79
C ARG C 1002 16.42 -5.74 -15.35
N LEU C 1003 15.48 -6.47 -14.76
CA LEU C 1003 15.64 -7.01 -13.42
C LEU C 1003 15.18 -8.46 -13.40
N ASP C 1004 15.93 -9.29 -12.69
CA ASP C 1004 15.58 -10.69 -12.54
C ASP C 1004 14.33 -10.84 -11.69
N PRO C 1005 13.57 -11.92 -11.85
CA PRO C 1005 12.31 -12.06 -11.10
C PRO C 1005 12.46 -12.04 -9.59
N PRO C 1006 13.43 -12.75 -9.00
CA PRO C 1006 13.45 -12.81 -7.52
C PRO C 1006 13.70 -11.47 -6.87
N GLU C 1007 14.25 -10.49 -7.59
CA GLU C 1007 14.41 -9.13 -7.09
C GLU C 1007 13.42 -8.15 -7.71
N ALA C 1008 12.76 -8.51 -8.80
CA ALA C 1008 11.78 -7.64 -9.43
C ALA C 1008 10.43 -7.67 -8.73
N GLU C 1009 10.21 -8.59 -7.80
CA GLU C 1009 8.92 -8.64 -7.12
C GLU C 1009 8.71 -7.42 -6.24
N VAL C 1010 9.78 -6.83 -5.72
CA VAL C 1010 9.64 -5.66 -4.86
C VAL C 1010 9.20 -4.45 -5.68
N GLN C 1011 9.80 -4.24 -6.85
CA GLN C 1011 9.45 -3.08 -7.65
C GLN C 1011 8.08 -3.23 -8.30
N ILE C 1012 7.79 -4.43 -8.81
CA ILE C 1012 6.50 -4.66 -9.45
C ILE C 1012 5.37 -4.52 -8.44
N ASP C 1013 5.63 -4.83 -7.17
CA ASP C 1013 4.60 -4.69 -6.15
C ASP C 1013 4.20 -3.23 -5.97
N ARG C 1014 5.16 -2.32 -6.04
CA ARG C 1014 4.85 -0.91 -5.88
C ARG C 1014 3.90 -0.42 -6.97
N LEU C 1015 4.12 -0.86 -8.21
CA LEU C 1015 3.22 -0.49 -9.29
C LEU C 1015 1.81 -1.01 -9.03
N ILE C 1016 1.71 -2.26 -8.57
CA ILE C 1016 0.40 -2.83 -8.29
C ILE C 1016 -0.29 -2.06 -7.18
N THR C 1017 0.45 -1.75 -6.12
CA THR C 1017 -0.12 -1.00 -5.01
C THR C 1017 -0.59 0.38 -5.47
N GLY C 1018 0.24 1.07 -6.24
CA GLY C 1018 -0.15 2.38 -6.73
C GLY C 1018 -1.34 2.31 -7.68
N ARG C 1019 -1.29 1.39 -8.64
CA ARG C 1019 -2.40 1.24 -9.58
C ARG C 1019 -3.65 0.74 -8.87
N LEU C 1020 -3.50 -0.23 -7.97
CA LEU C 1020 -4.65 -0.73 -7.22
C LEU C 1020 -5.27 0.39 -6.39
N GLN C 1021 -4.43 1.16 -5.70
CA GLN C 1021 -4.94 2.29 -4.94
C GLN C 1021 -5.59 3.32 -5.86
N SER C 1022 -5.00 3.55 -7.03
CA SER C 1022 -5.59 4.47 -7.99
C SER C 1022 -6.96 3.97 -8.45
N LEU C 1023 -7.07 2.66 -8.73
CA LEU C 1023 -8.34 2.12 -9.18
C LEU C 1023 -9.40 2.22 -8.08
N GLN C 1024 -9.02 1.94 -6.84
CA GLN C 1024 -9.98 2.08 -5.74
C GLN C 1024 -10.48 3.51 -5.63
N THR C 1025 -9.59 4.49 -5.83
CA THR C 1025 -10.00 5.89 -5.76
C THR C 1025 -11.03 6.21 -6.84
N TYR C 1026 -10.83 5.69 -8.04
CA TYR C 1026 -11.75 5.98 -9.14
C TYR C 1026 -13.15 5.45 -8.84
N VAL C 1027 -13.24 4.20 -8.39
CA VAL C 1027 -14.56 3.62 -8.15
C VAL C 1027 -15.26 4.35 -7.01
N THR C 1028 -14.52 4.78 -6.00
CA THR C 1028 -15.12 5.52 -4.89
C THR C 1028 -15.71 6.84 -5.38
N GLN C 1029 -14.98 7.54 -6.26
CA GLN C 1029 -15.53 8.76 -6.84
C GLN C 1029 -16.76 8.46 -7.67
N GLN C 1030 -16.74 7.37 -8.45
CA GLN C 1030 -17.91 6.98 -9.22
C GLN C 1030 -19.07 6.63 -8.30
N LEU C 1031 -18.80 5.92 -7.20
CA LEU C 1031 -19.86 5.57 -6.27
C LEU C 1031 -20.52 6.81 -5.70
N ILE C 1032 -19.72 7.78 -5.28
CA ILE C 1032 -20.28 9.02 -4.73
C ILE C 1032 -21.03 9.78 -5.82
N ARG C 1033 -20.44 9.88 -7.01
CA ARG C 1033 -21.12 10.58 -8.09
C ARG C 1033 -22.39 9.87 -8.51
N ALA C 1034 -22.37 8.53 -8.51
CA ALA C 1034 -23.58 7.78 -8.83
C ALA C 1034 -24.71 8.12 -7.88
N ALA C 1035 -24.40 8.35 -6.61
CA ALA C 1035 -25.42 8.77 -5.67
C ALA C 1035 -26.03 10.11 -6.06
N GLU C 1036 -25.19 11.05 -6.48
CA GLU C 1036 -25.70 12.35 -6.92
C GLU C 1036 -26.61 12.20 -8.13
N ILE C 1037 -26.19 11.40 -9.10
CA ILE C 1037 -27.04 11.15 -10.27
C ILE C 1037 -28.30 10.42 -9.85
N ARG C 1038 -28.17 9.43 -8.97
CA ARG C 1038 -29.35 8.71 -8.49
C ARG C 1038 -30.33 9.66 -7.82
N ALA C 1039 -29.83 10.61 -7.02
CA ALA C 1039 -30.71 11.61 -6.44
C ALA C 1039 -31.37 12.46 -7.52
N SER C 1040 -30.60 12.87 -8.53
CA SER C 1040 -31.17 13.64 -9.63
C SER C 1040 -32.18 12.82 -10.41
N ALA C 1041 -31.85 11.54 -10.67
CA ALA C 1041 -32.79 10.68 -11.39
C ALA C 1041 -34.08 10.51 -10.62
N ASN C 1042 -33.99 10.30 -9.30
CA ASN C 1042 -35.19 10.23 -8.48
C ASN C 1042 -35.94 11.56 -8.50
N LEU C 1043 -35.22 12.66 -8.41
CA LEU C 1043 -35.87 13.97 -8.52
C LEU C 1043 -36.48 14.16 -9.90
N ALA C 1044 -35.77 13.76 -10.95
CA ALA C 1044 -36.33 13.86 -12.30
C ALA C 1044 -37.58 13.02 -12.45
N ALA C 1045 -37.55 11.79 -11.91
CA ALA C 1045 -38.73 10.94 -11.97
C ALA C 1045 -39.90 11.57 -11.23
N THR C 1046 -39.63 12.16 -10.07
CA THR C 1046 -40.69 12.83 -9.32
C THR C 1046 -41.27 13.98 -10.12
N LYS C 1047 -40.42 14.79 -10.74
CA LYS C 1047 -40.91 15.91 -11.55
C LYS C 1047 -41.72 15.39 -12.73
N MET C 1048 -41.24 14.34 -13.38
CA MET C 1048 -42.02 13.72 -14.46
C MET C 1048 -43.33 13.16 -13.93
N SER C 1049 -43.29 12.52 -12.76
CA SER C 1049 -44.51 11.97 -12.19
C SER C 1049 -45.50 13.07 -11.84
N GLU C 1050 -45.02 14.18 -11.28
CA GLU C 1050 -45.89 15.24 -10.80
C GLU C 1050 -46.09 16.34 -11.84
N CYS C 1051 -45.00 16.99 -12.26
CA CYS C 1051 -45.13 18.14 -13.14
C CYS C 1051 -45.70 17.75 -14.50
N VAL C 1052 -45.24 16.64 -15.08
CA VAL C 1052 -45.65 16.26 -16.43
C VAL C 1052 -46.99 15.53 -16.39
N LEU C 1053 -47.06 14.44 -15.65
CA LEU C 1053 -48.27 13.62 -15.63
C LEU C 1053 -49.42 14.28 -14.89
N GLY C 1054 -49.21 15.42 -14.25
CA GLY C 1054 -50.30 16.10 -13.57
C GLY C 1054 -49.94 17.55 -13.32
N GLN C 1055 -50.87 18.25 -12.68
CA GLN C 1055 -50.67 19.63 -12.27
C GLN C 1055 -50.28 19.65 -10.81
N SER C 1056 -49.15 20.29 -10.51
CA SER C 1056 -48.58 20.29 -9.16
C SER C 1056 -48.83 21.63 -8.50
N LYS C 1057 -49.39 21.59 -7.29
CA LYS C 1057 -49.59 22.78 -6.48
C LYS C 1057 -48.37 23.16 -5.67
N ARG C 1058 -47.31 22.36 -5.71
CA ARG C 1058 -46.10 22.71 -4.99
C ARG C 1058 -45.44 23.92 -5.65
N VAL C 1059 -45.15 24.94 -4.85
CA VAL C 1059 -44.64 26.20 -5.38
C VAL C 1059 -43.17 26.03 -5.71
N ASP C 1060 -42.79 26.41 -6.94
CA ASP C 1060 -41.43 26.41 -7.44
C ASP C 1060 -40.92 25.00 -7.73
N PHE C 1061 -41.70 23.96 -7.45
CA PHE C 1061 -41.26 22.61 -7.78
C PHE C 1061 -41.21 22.39 -9.28
N CYS C 1062 -42.15 23.00 -10.02
CA CYS C 1062 -42.22 22.84 -11.46
C CYS C 1062 -42.19 24.20 -12.15
N GLY C 1063 -41.23 25.03 -11.78
CA GLY C 1063 -41.02 26.30 -12.43
C GLY C 1063 -41.59 27.47 -11.64
N LYS C 1064 -41.01 28.64 -11.83
CA LYS C 1064 -41.49 29.84 -11.15
C LYS C 1064 -42.91 30.15 -11.57
N GLY C 1065 -43.71 30.61 -10.60
CA GLY C 1065 -45.10 30.93 -10.87
C GLY C 1065 -46.01 29.73 -10.69
N TYR C 1066 -47.29 29.97 -10.93
CA TYR C 1066 -48.30 28.92 -10.81
C TYR C 1066 -48.14 27.94 -11.96
N HIS C 1067 -47.65 26.74 -11.68
CA HIS C 1067 -47.39 25.76 -12.71
C HIS C 1067 -48.69 25.28 -13.35
N LEU C 1068 -48.67 25.14 -14.67
CA LEU C 1068 -49.79 24.60 -15.43
C LEU C 1068 -49.55 23.18 -15.88
N MET C 1069 -48.45 22.92 -16.59
CA MET C 1069 -48.14 21.61 -17.12
C MET C 1069 -46.78 21.69 -17.79
N SER C 1070 -46.14 20.53 -17.96
CA SER C 1070 -44.75 20.46 -18.38
C SER C 1070 -44.61 19.51 -19.57
N PHE C 1071 -43.49 19.67 -20.28
CA PHE C 1071 -43.16 18.84 -21.43
C PHE C 1071 -41.78 18.23 -21.19
N PRO C 1072 -41.63 16.91 -21.24
CA PRO C 1072 -40.29 16.34 -21.16
C PRO C 1072 -39.57 16.39 -22.50
N GLN C 1073 -38.24 16.47 -22.43
CA GLN C 1073 -37.41 16.49 -23.63
C GLN C 1073 -36.11 15.75 -23.33
N SER C 1074 -35.89 14.63 -24.02
CA SER C 1074 -34.69 13.85 -23.79
C SER C 1074 -33.45 14.64 -24.18
N ALA C 1075 -32.40 14.51 -23.39
CA ALA C 1075 -31.13 15.15 -23.64
C ALA C 1075 -30.01 14.15 -23.36
N PRO C 1076 -28.82 14.38 -23.88
CA PRO C 1076 -27.72 13.44 -23.61
C PRO C 1076 -27.44 13.32 -22.12
N HIS C 1077 -27.57 12.10 -21.61
CA HIS C 1077 -27.30 11.81 -20.21
C HIS C 1077 -28.15 12.66 -19.27
N GLY C 1078 -29.41 12.87 -19.65
CA GLY C 1078 -30.30 13.64 -18.82
C GLY C 1078 -31.62 13.89 -19.50
N VAL C 1079 -32.46 14.68 -18.83
CA VAL C 1079 -33.77 15.05 -19.33
C VAL C 1079 -33.95 16.55 -19.15
N VAL C 1080 -34.74 17.14 -20.03
CA VAL C 1080 -35.03 18.58 -20.01
C VAL C 1080 -36.54 18.76 -19.93
N PHE C 1081 -36.98 19.54 -18.95
CA PHE C 1081 -38.39 19.84 -18.75
C PHE C 1081 -38.67 21.26 -19.23
N LEU C 1082 -39.83 21.44 -19.86
CA LEU C 1082 -40.31 22.75 -20.29
C LEU C 1082 -41.53 23.08 -19.44
N HIS C 1083 -41.30 23.65 -18.27
CA HIS C 1083 -42.39 23.96 -17.35
C HIS C 1083 -43.17 25.16 -17.87
N VAL C 1084 -44.46 24.96 -18.12
CA VAL C 1084 -45.35 26.04 -18.53
C VAL C 1084 -46.02 26.58 -17.27
N THR C 1085 -45.74 27.83 -16.94
CA THR C 1085 -46.19 28.43 -15.69
C THR C 1085 -47.03 29.66 -15.98
N TYR C 1086 -48.01 29.90 -15.12
CA TYR C 1086 -48.92 31.04 -15.23
C TYR C 1086 -48.42 32.13 -14.29
N VAL C 1087 -47.74 33.12 -14.86
CA VAL C 1087 -47.16 34.23 -14.10
C VAL C 1087 -48.09 35.43 -14.21
N PRO C 1088 -48.65 35.94 -13.12
CA PRO C 1088 -49.51 37.12 -13.22
C PRO C 1088 -48.76 38.33 -13.77
N ALA C 1089 -49.53 39.34 -14.16
CA ALA C 1089 -49.00 40.52 -14.82
C ALA C 1089 -49.45 41.79 -14.09
N GLN C 1090 -49.28 42.94 -14.74
CA GLN C 1090 -49.58 44.24 -14.15
C GLN C 1090 -50.84 44.21 -13.30
N GLU C 1091 -50.76 44.85 -12.14
CA GLU C 1091 -51.83 44.87 -11.15
C GLU C 1091 -52.29 46.31 -10.93
N LYS C 1092 -53.23 46.48 -10.00
CA LYS C 1092 -53.79 47.78 -9.68
C LYS C 1092 -54.01 47.89 -8.18
N ASN C 1093 -53.95 49.12 -7.68
CA ASN C 1093 -54.33 49.37 -6.29
C ASN C 1093 -55.82 49.15 -6.13
N PHE C 1094 -56.21 48.54 -5.02
CA PHE C 1094 -57.62 48.28 -4.73
C PHE C 1094 -57.85 48.35 -3.24
N THR C 1095 -58.85 49.13 -2.84
CA THR C 1095 -59.27 49.19 -1.45
C THR C 1095 -60.15 47.98 -1.15
N THR C 1096 -59.72 47.17 -0.19
CA THR C 1096 -60.38 45.91 0.12
C THR C 1096 -60.87 45.92 1.56
N ALA C 1097 -61.89 45.10 1.82
CA ALA C 1097 -62.45 44.93 3.15
C ALA C 1097 -62.53 43.46 3.48
N PRO C 1098 -62.27 43.06 4.73
CA PRO C 1098 -62.37 41.63 5.06
C PRO C 1098 -63.76 41.05 4.81
N ALA C 1099 -64.80 41.84 5.05
CA ALA C 1099 -66.17 41.35 4.88
C ALA C 1099 -67.09 42.56 4.71
N ILE C 1100 -68.37 42.27 4.54
CA ILE C 1100 -69.41 43.29 4.37
C ILE C 1100 -70.63 42.83 5.16
N CYS C 1101 -71.42 43.78 5.63
CA CYS C 1101 -72.72 43.47 6.21
C CYS C 1101 -73.78 44.38 5.64
N HIS C 1102 -74.89 43.77 5.19
CA HIS C 1102 -75.97 44.47 4.52
C HIS C 1102 -76.96 45.07 5.50
N ASP C 1103 -77.54 44.26 6.37
CA ASP C 1103 -78.52 44.70 7.35
C ASP C 1103 -78.22 44.09 8.71
N GLY C 1104 -76.96 44.12 9.10
CA GLY C 1104 -76.54 43.64 10.40
C GLY C 1104 -75.96 42.25 10.42
N LYS C 1105 -75.82 41.60 9.26
CA LYS C 1105 -75.23 40.28 9.16
C LYS C 1105 -74.06 40.33 8.19
N ALA C 1106 -72.91 39.83 8.61
CA ALA C 1106 -71.70 39.94 7.81
C ALA C 1106 -71.81 39.10 6.54
N HIS C 1107 -70.97 39.44 5.56
CA HIS C 1107 -70.94 38.79 4.26
C HIS C 1107 -69.50 38.55 3.88
N PHE C 1108 -69.14 37.29 3.64
CA PHE C 1108 -67.76 36.92 3.36
C PHE C 1108 -67.68 36.29 1.97
N PRO C 1109 -66.66 36.63 1.17
CA PRO C 1109 -66.61 36.11 -0.20
C PRO C 1109 -66.50 34.59 -0.21
N ARG C 1110 -67.20 33.96 -1.15
CA ARG C 1110 -67.20 32.51 -1.20
C ARG C 1110 -65.89 31.98 -1.75
N GLU C 1111 -65.35 32.62 -2.80
CA GLU C 1111 -64.09 32.19 -3.39
C GLU C 1111 -63.13 33.33 -3.70
N GLY C 1112 -63.56 34.59 -3.68
CA GLY C 1112 -62.71 35.70 -4.04
C GLY C 1112 -62.44 36.66 -2.90
N VAL C 1113 -62.16 37.91 -3.23
CA VAL C 1113 -61.92 38.96 -2.25
C VAL C 1113 -62.73 40.18 -2.63
N PHE C 1114 -63.12 40.97 -1.63
CA PHE C 1114 -63.89 42.18 -1.85
C PHE C 1114 -62.93 43.33 -2.14
N VAL C 1115 -63.19 44.05 -3.23
CA VAL C 1115 -62.37 45.19 -3.63
C VAL C 1115 -63.29 46.32 -4.08
N SER C 1116 -62.72 47.53 -4.12
CA SER C 1116 -63.44 48.70 -4.57
C SER C 1116 -62.54 49.52 -5.50
N ASN C 1117 -63.14 50.06 -6.55
CA ASN C 1117 -62.43 50.93 -7.47
C ASN C 1117 -62.56 52.41 -7.09
N GLY C 1118 -63.12 52.70 -5.93
CA GLY C 1118 -63.24 54.07 -5.45
C GLY C 1118 -64.62 54.40 -4.93
N THR C 1119 -65.65 53.89 -5.59
CA THR C 1119 -67.03 54.17 -5.22
C THR C 1119 -67.87 52.92 -5.00
N HIS C 1120 -67.65 51.87 -5.78
CA HIS C 1120 -68.44 50.65 -5.71
C HIS C 1120 -67.57 49.48 -5.32
N TRP C 1121 -68.15 48.55 -4.55
CA TRP C 1121 -67.45 47.37 -4.07
C TRP C 1121 -67.75 46.19 -4.96
N PHE C 1122 -66.71 45.45 -5.33
CA PHE C 1122 -66.81 44.32 -6.23
C PHE C 1122 -66.02 43.16 -5.66
N VAL C 1123 -66.39 41.94 -6.06
CA VAL C 1123 -65.77 40.72 -5.60
C VAL C 1123 -65.08 40.05 -6.78
N THR C 1124 -63.80 39.72 -6.61
CA THR C 1124 -62.99 39.09 -7.65
C THR C 1124 -62.13 38.00 -7.03
N GLN C 1125 -61.69 37.07 -7.86
CA GLN C 1125 -60.77 36.05 -7.38
C GLN C 1125 -59.39 36.66 -7.16
N ARG C 1126 -58.52 35.89 -6.51
CA ARG C 1126 -57.24 36.40 -6.06
C ARG C 1126 -56.16 36.41 -7.14
N ASN C 1127 -56.41 35.76 -8.28
CA ASN C 1127 -55.40 35.64 -9.33
C ASN C 1127 -55.77 36.37 -10.62
N PHE C 1128 -56.95 36.94 -10.71
CA PHE C 1128 -57.35 37.67 -11.90
C PHE C 1128 -58.41 38.69 -11.50
N TYR C 1129 -58.63 39.66 -12.37
CA TYR C 1129 -59.51 40.79 -12.08
C TYR C 1129 -60.68 40.82 -13.07
N GLU C 1130 -61.83 40.34 -12.62
CA GLU C 1130 -63.10 40.59 -13.31
C GLU C 1130 -64.14 40.94 -12.24
N PRO C 1131 -64.48 42.22 -12.10
CA PRO C 1131 -65.45 42.59 -11.06
C PRO C 1131 -66.79 41.88 -11.25
N GLN C 1132 -67.37 41.48 -10.13
CA GLN C 1132 -68.68 40.85 -10.10
C GLN C 1132 -69.54 41.57 -9.06
N ILE C 1133 -70.81 41.80 -9.41
CA ILE C 1133 -71.71 42.47 -8.49
C ILE C 1133 -71.84 41.64 -7.22
N ILE C 1134 -71.84 42.32 -6.08
CA ILE C 1134 -71.96 41.65 -4.79
C ILE C 1134 -73.37 41.10 -4.70
N THR C 1135 -73.50 39.77 -4.64
CA THR C 1135 -74.79 39.12 -4.62
C THR C 1135 -74.78 37.98 -3.61
N THR C 1136 -75.98 37.60 -3.17
CA THR C 1136 -76.11 36.56 -2.16
C THR C 1136 -75.57 35.23 -2.66
N ASP C 1137 -75.84 34.90 -3.93
CA ASP C 1137 -75.35 33.64 -4.49
C ASP C 1137 -73.82 33.58 -4.50
N ASN C 1138 -73.14 34.73 -4.45
CA ASN C 1138 -71.69 34.79 -4.47
C ASN C 1138 -71.10 35.03 -3.10
N THR C 1139 -71.88 34.87 -2.03
CA THR C 1139 -71.44 35.23 -0.69
C THR C 1139 -72.23 34.43 0.33
N PHE C 1140 -71.55 34.00 1.40
CA PHE C 1140 -72.17 33.27 2.49
C PHE C 1140 -72.15 34.12 3.75
N VAL C 1141 -73.29 34.19 4.43
CA VAL C 1141 -73.43 35.01 5.62
C VAL C 1141 -72.89 34.25 6.83
N SER C 1142 -72.33 34.99 7.78
CA SER C 1142 -71.83 34.37 9.01
C SER C 1142 -71.69 35.45 10.08
N GLY C 1143 -72.49 35.33 11.14
CA GLY C 1143 -72.34 36.21 12.29
C GLY C 1143 -72.90 37.61 12.07
N ASN C 1144 -72.42 38.52 12.90
CA ASN C 1144 -72.83 39.92 12.90
C ASN C 1144 -71.61 40.80 12.75
N CYS C 1145 -71.79 41.98 12.16
CA CYS C 1145 -70.68 42.89 11.92
C CYS C 1145 -70.47 43.84 13.10
N ASP C 1146 -70.20 43.24 14.26
CA ASP C 1146 -69.69 43.96 15.42
C ASP C 1146 -68.41 43.33 15.96
N VAL C 1147 -67.94 42.23 15.34
CA VAL C 1147 -66.71 41.59 15.76
C VAL C 1147 -65.65 41.57 14.66
N VAL C 1148 -66.04 41.66 13.39
CA VAL C 1148 -65.07 41.69 12.29
C VAL C 1148 -64.49 43.09 12.19
N ILE C 1149 -63.18 43.19 12.22
CA ILE C 1149 -62.49 44.47 12.08
C ILE C 1149 -62.36 44.81 10.60
N GLY C 1150 -62.58 46.08 10.27
CA GLY C 1150 -62.48 46.54 8.90
C GLY C 1150 -63.69 46.29 8.04
N ILE C 1151 -64.79 45.79 8.62
CA ILE C 1151 -66.00 45.58 7.84
C ILE C 1151 -66.52 46.93 7.34
N VAL C 1152 -67.20 46.90 6.19
CA VAL C 1152 -67.55 48.10 5.45
C VAL C 1152 -69.04 48.09 5.13
N ASN C 1153 -69.67 49.25 5.28
CA ASN C 1153 -71.06 49.41 4.88
C ASN C 1153 -71.23 49.14 3.39
N ASN C 1154 -72.29 48.43 3.04
CA ASN C 1154 -72.65 48.20 1.64
C ASN C 1154 -74.01 47.50 1.62
N THR C 1155 -74.53 47.32 0.41
CA THR C 1155 -75.73 46.54 0.17
C THR C 1155 -75.41 45.43 -0.82
N VAL C 1156 -75.97 44.25 -0.56
CA VAL C 1156 -75.74 43.07 -1.40
C VAL C 1156 -76.98 42.85 -2.24
N TYR C 1157 -76.78 42.78 -3.56
CA TYR C 1157 -77.90 42.63 -4.48
C TYR C 1157 -78.52 41.24 -4.33
N ASP C 1158 -79.77 41.20 -3.91
CA ASP C 1158 -80.49 39.93 -3.83
C ASP C 1158 -81.00 39.57 -5.22
N PRO C 1159 -80.58 38.44 -5.80
CA PRO C 1159 -80.85 38.23 -7.23
C PRO C 1159 -82.21 37.64 -7.56
N LEU C 1160 -83.04 37.30 -6.57
CA LEU C 1160 -84.30 36.62 -6.83
C LEU C 1160 -85.52 37.35 -6.33
N GLN C 1161 -85.47 37.96 -5.15
CA GLN C 1161 -86.67 38.56 -4.58
C GLN C 1161 -87.05 39.89 -5.23
N PRO C 1162 -86.12 40.79 -5.58
CA PRO C 1162 -86.56 42.13 -6.00
C PRO C 1162 -87.24 42.13 -7.36
N GLU C 1163 -86.83 41.26 -8.29
CA GLU C 1163 -87.40 41.24 -9.63
C GLU C 1163 -88.64 40.37 -9.73
N LEU C 1164 -88.97 39.60 -8.69
CA LEU C 1164 -90.14 38.74 -8.70
C LEU C 1164 -91.11 39.15 -7.59
N ASP C 1165 -91.34 40.46 -7.45
CA ASP C 1165 -92.26 40.96 -6.44
C ASP C 1165 -93.72 40.85 -6.86
N SER C 1166 -94.01 40.48 -8.10
CA SER C 1166 -95.38 40.34 -8.56
C SER C 1166 -95.93 38.97 -8.18
N GLN D 1 31.77 -3.43 71.49
CA GLN D 1 32.53 -3.08 72.73
C GLN D 1 33.99 -3.45 72.57
N VAL D 2 34.88 -2.54 72.95
CA VAL D 2 36.31 -2.73 72.83
C VAL D 2 36.93 -2.60 74.21
N GLN D 3 37.73 -3.60 74.60
CA GLN D 3 38.43 -3.55 75.88
C GLN D 3 39.81 -2.93 75.73
N LEU D 4 40.41 -3.02 74.55
CA LEU D 4 41.73 -2.46 74.28
C LEU D 4 42.77 -2.98 75.27
N VAL D 5 42.64 -4.26 75.63
CA VAL D 5 43.61 -4.88 76.53
C VAL D 5 44.94 -5.03 75.82
N GLN D 6 46.02 -4.66 76.51
CA GLN D 6 47.36 -4.69 75.94
C GLN D 6 48.31 -5.35 76.94
N SER D 7 49.59 -5.41 76.56
CA SER D 7 50.59 -6.04 77.40
C SER D 7 50.88 -5.18 78.63
N GLY D 8 51.52 -5.80 79.62
CA GLY D 8 51.88 -5.12 80.84
C GLY D 8 53.16 -4.34 80.69
N ALA D 9 53.68 -3.89 81.84
CA ALA D 9 54.91 -3.11 81.84
C ALA D 9 56.07 -3.92 81.31
N GLU D 10 56.97 -3.25 80.60
CA GLU D 10 58.15 -3.87 80.00
C GLU D 10 59.41 -3.12 80.44
N VAL D 11 60.50 -3.87 80.55
CA VAL D 11 61.80 -3.33 80.93
C VAL D 11 62.77 -3.54 79.78
N LYS D 12 63.49 -2.47 79.41
CA LYS D 12 64.40 -2.52 78.28
C LYS D 12 65.47 -1.46 78.45
N LYS D 13 66.56 -1.61 77.69
CA LYS D 13 67.67 -0.68 77.76
C LYS D 13 67.37 0.58 76.97
N ALA D 14 68.09 1.65 77.29
CA ALA D 14 67.92 2.92 76.61
C ALA D 14 68.44 2.84 75.18
N GLY D 15 67.80 3.59 74.29
CA GLY D 15 68.20 3.65 72.90
C GLY D 15 67.74 2.49 72.04
N SER D 16 66.97 1.55 72.59
CA SER D 16 66.49 0.40 71.85
C SER D 16 65.10 0.67 71.27
N SER D 17 64.78 -0.08 70.22
CA SER D 17 63.48 0.06 69.58
C SER D 17 62.37 -0.33 70.54
N VAL D 18 61.32 0.49 70.57
CA VAL D 18 60.16 0.29 71.45
C VAL D 18 58.97 -0.09 70.60
N LYS D 19 58.33 -1.21 70.95
CA LYS D 19 57.16 -1.71 70.24
C LYS D 19 56.04 -1.92 71.24
N VAL D 20 54.89 -1.28 70.97
CA VAL D 20 53.72 -1.38 71.84
C VAL D 20 52.48 -1.48 70.95
N SER D 21 51.48 -2.22 71.45
CA SER D 21 50.25 -2.44 70.70
C SER D 21 49.10 -2.66 71.66
N CYS D 22 47.89 -2.42 71.16
CA CYS D 22 46.65 -2.74 71.87
C CYS D 22 45.81 -3.67 71.01
N LYS D 23 45.27 -4.70 71.66
CA LYS D 23 44.41 -5.69 71.02
C LYS D 23 43.01 -5.58 71.59
N ALA D 24 42.02 -5.62 70.70
CA ALA D 24 40.63 -5.36 71.11
C ALA D 24 40.03 -6.55 71.84
N SER D 25 39.91 -7.70 71.16
CA SER D 25 39.31 -8.93 71.66
C SER D 25 37.80 -8.82 71.85
N GLY D 26 37.19 -7.66 71.57
CA GLY D 26 35.77 -7.46 71.76
C GLY D 26 35.04 -7.25 70.45
N GLY D 27 34.75 -5.99 70.11
CA GLY D 27 34.07 -5.68 68.88
C GLY D 27 34.98 -5.80 67.67
N THR D 28 34.41 -5.44 66.52
CA THR D 28 35.15 -5.54 65.27
C THR D 28 36.36 -4.61 65.29
N PHE D 29 37.47 -5.08 64.71
CA PHE D 29 38.67 -4.26 64.65
C PHE D 29 38.44 -2.99 63.85
N SER D 30 37.74 -3.10 62.72
CA SER D 30 37.41 -1.95 61.90
C SER D 30 36.22 -1.22 62.55
N SER D 31 35.72 -0.18 61.87
CA SER D 31 34.58 0.64 62.29
C SER D 31 34.89 1.50 63.51
N HIS D 32 36.14 1.49 64.00
CA HIS D 32 36.49 2.24 65.20
C HIS D 32 37.92 2.72 65.04
N THR D 33 38.10 4.01 64.76
CA THR D 33 39.44 4.57 64.67
C THR D 33 40.15 4.43 66.01
N ILE D 34 41.40 4.00 65.97
CA ILE D 34 42.21 3.78 67.16
C ILE D 34 43.24 4.90 67.26
N THR D 35 43.27 5.57 68.41
CA THR D 35 44.22 6.65 68.67
C THR D 35 44.98 6.33 69.94
N TRP D 36 46.12 6.99 70.11
CA TRP D 36 46.96 6.81 71.28
C TRP D 36 47.30 8.17 71.88
N VAL D 37 47.29 8.22 73.20
CA VAL D 37 47.66 9.43 73.95
C VAL D 37 48.64 9.03 75.05
N ARG D 38 49.65 9.88 75.26
CA ARG D 38 50.68 9.63 76.24
C ARG D 38 50.35 10.36 77.54
N GLN D 39 50.39 9.64 78.66
CA GLN D 39 50.14 10.19 79.98
C GLN D 39 51.45 10.17 80.76
N ALA D 40 51.84 11.33 81.28
CA ALA D 40 53.09 11.52 82.01
C ALA D 40 52.80 12.20 83.33
N PRO D 41 53.65 12.02 84.34
CA PRO D 41 53.39 12.61 85.66
C PRO D 41 53.73 14.09 85.68
N GLY D 42 52.75 14.91 86.02
CA GLY D 42 52.95 16.35 86.10
C GLY D 42 53.33 16.98 84.78
N GLN D 43 52.82 16.45 83.67
CA GLN D 43 53.09 17.02 82.35
C GLN D 43 51.87 17.04 81.44
N GLY D 44 50.70 16.65 81.92
CA GLY D 44 49.53 16.63 81.08
C GLY D 44 49.53 15.45 80.11
N LEU D 45 48.63 15.53 79.14
CA LEU D 45 48.48 14.50 78.12
C LEU D 45 49.14 14.97 76.83
N GLU D 46 49.71 14.02 76.09
CA GLU D 46 50.38 14.30 74.82
C GLU D 46 49.73 13.46 73.73
N TRP D 47 49.36 14.11 72.63
CA TRP D 47 48.75 13.45 71.48
C TRP D 47 49.77 13.37 70.36
N MET D 48 49.96 12.16 69.82
CA MET D 48 50.93 11.91 68.76
C MET D 48 50.29 11.60 67.42
N GLY D 49 49.15 10.91 67.39
CA GLY D 49 48.51 10.61 66.13
C GLY D 49 47.44 9.55 66.29
N ARG D 50 46.91 9.13 65.15
CA ARG D 50 45.85 8.13 65.10
C ARG D 50 45.95 7.39 63.77
N ILE D 51 45.35 6.20 63.73
CA ILE D 51 45.32 5.38 62.52
C ILE D 51 43.92 4.79 62.38
N ILE D 52 43.38 4.87 61.17
CA ILE D 52 42.10 4.25 60.83
C ILE D 52 42.40 2.92 60.16
N PRO D 53 41.98 1.77 60.75
CA PRO D 53 42.31 0.48 60.14
C PRO D 53 41.78 0.33 58.72
N ILE D 54 40.47 0.51 58.54
CA ILE D 54 39.85 0.23 57.24
C ILE D 54 40.32 1.24 56.20
N LEU D 55 40.35 2.52 56.56
CA LEU D 55 40.87 3.53 55.63
C LEU D 55 42.38 3.43 55.48
N GLY D 56 43.09 3.17 56.58
CA GLY D 56 44.54 3.08 56.52
C GLY D 56 45.27 4.40 56.47
N ILE D 57 44.59 5.51 56.74
CA ILE D 57 45.19 6.84 56.72
C ILE D 57 45.58 7.20 58.15
N ALA D 58 46.83 7.58 58.34
CA ALA D 58 47.36 7.95 59.65
C ALA D 58 47.79 9.41 59.66
N ASN D 59 47.47 10.10 60.75
CA ASN D 59 47.83 11.49 60.95
C ASN D 59 48.83 11.60 62.09
N TYR D 60 49.85 12.43 61.89
CA TYR D 60 50.94 12.60 62.84
C TYR D 60 50.80 13.93 63.57
N ALA D 61 51.48 14.04 64.69
CA ALA D 61 51.51 15.24 65.51
C ALA D 61 52.76 16.07 65.21
N GLN D 62 52.74 17.32 65.67
CA GLN D 62 53.85 18.23 65.37
C GLN D 62 55.15 17.77 66.01
N LYS D 63 55.10 17.31 67.27
CA LYS D 63 56.32 16.94 67.96
C LYS D 63 56.76 15.50 67.65
N PHE D 64 55.85 14.67 67.15
CA PHE D 64 56.15 13.28 66.80
C PHE D 64 56.42 13.10 65.31
N GLN D 65 57.02 14.10 64.66
CA GLN D 65 57.25 14.06 63.22
C GLN D 65 58.45 13.17 62.92
N GLY D 66 58.19 12.00 62.34
CA GLY D 66 59.23 11.11 61.88
C GLY D 66 59.76 10.13 62.92
N ARG D 67 59.34 10.25 64.17
CA ARG D 67 59.81 9.36 65.23
C ARG D 67 58.89 8.16 65.45
N VAL D 68 57.81 8.05 64.68
CA VAL D 68 56.84 6.96 64.83
C VAL D 68 56.56 6.37 63.47
N THR D 69 56.31 5.06 63.45
CA THR D 69 55.95 4.32 62.24
C THR D 69 54.69 3.52 62.55
N ILE D 70 53.53 4.09 62.24
CA ILE D 70 52.25 3.52 62.63
C ILE D 70 51.71 2.66 61.49
N THR D 71 51.30 1.44 61.83
CA THR D 71 50.74 0.50 60.86
C THR D 71 49.60 -0.27 61.52
N ALA D 72 48.63 -0.66 60.70
CA ALA D 72 47.49 -1.44 61.18
C ALA D 72 47.00 -2.32 60.05
N ASP D 73 46.81 -3.61 60.35
CA ASP D 73 46.36 -4.60 59.37
C ASP D 73 45.09 -5.26 59.87
N LYS D 74 44.09 -5.34 58.98
CA LYS D 74 42.81 -5.93 59.38
C LYS D 74 42.91 -7.44 59.56
N SER D 75 43.76 -8.11 58.78
CA SER D 75 43.88 -9.56 58.87
C SER D 75 44.34 -9.98 60.26
N THR D 76 45.33 -9.28 60.81
CA THR D 76 45.81 -9.59 62.16
C THR D 76 44.90 -9.03 63.24
N SER D 77 44.03 -8.06 62.90
CA SER D 77 43.13 -7.44 63.87
C SER D 77 43.92 -6.87 65.05
N THR D 78 45.07 -6.29 64.75
CA THR D 78 45.93 -5.70 65.77
C THR D 78 46.65 -4.50 65.18
N ALA D 79 46.85 -3.47 66.00
CA ALA D 79 47.57 -2.27 65.62
C ALA D 79 48.84 -2.17 66.45
N TYR D 80 49.99 -2.12 65.79
CA TYR D 80 51.29 -2.05 66.45
C TYR D 80 52.11 -0.92 65.82
N MET D 81 53.09 -0.45 66.59
CA MET D 81 53.89 0.71 66.19
C MET D 81 55.35 0.46 66.55
N GLU D 82 56.24 1.11 65.79
CA GLU D 82 57.66 1.09 66.07
C GLU D 82 58.11 2.48 66.50
N LEU D 83 58.73 2.56 67.68
CA LEU D 83 59.23 3.80 68.24
C LEU D 83 60.73 3.70 68.47
N SER D 84 61.45 4.76 68.11
CA SER D 84 62.90 4.79 68.27
C SER D 84 63.33 6.21 68.62
N SER D 85 64.62 6.37 68.91
CA SER D 85 65.18 7.66 69.28
C SER D 85 64.47 8.24 70.50
N LEU D 86 64.16 7.37 71.47
CA LEU D 86 63.46 7.75 72.68
C LEU D 86 64.44 8.01 73.80
N ARG D 87 64.26 9.13 74.49
CA ARG D 87 65.11 9.52 75.61
C ARG D 87 64.39 9.29 76.93
N SER D 88 65.14 9.41 78.03
CA SER D 88 64.56 9.22 79.35
C SER D 88 63.47 10.24 79.61
N GLU D 89 63.65 11.47 79.14
CA GLU D 89 62.62 12.50 79.32
C GLU D 89 61.33 12.12 78.61
N ASP D 90 61.43 11.40 77.50
CA ASP D 90 60.24 10.98 76.77
C ASP D 90 59.49 9.85 77.45
N THR D 91 60.11 9.20 78.44
CA THR D 91 59.46 8.09 79.12
C THR D 91 58.17 8.55 79.80
N ALA D 92 57.11 7.79 79.60
CA ALA D 92 55.80 8.10 80.16
C ALA D 92 54.91 6.88 79.97
N VAL D 93 53.64 7.01 80.32
CA VAL D 93 52.65 5.93 80.18
C VAL D 93 51.83 6.20 78.92
N TYR D 94 51.72 5.18 78.07
CA TYR D 94 50.99 5.29 76.82
C TYR D 94 49.60 4.66 76.96
N TYR D 95 48.61 5.31 76.36
CA TYR D 95 47.23 4.84 76.40
C TYR D 95 46.69 4.76 74.97
N CYS D 96 45.69 3.91 74.77
CA CYS D 96 45.04 3.72 73.48
C CYS D 96 43.53 3.81 73.65
N ALA D 97 42.87 4.45 72.69
CA ALA D 97 41.44 4.71 72.78
C ALA D 97 40.80 4.59 71.41
N SER D 98 39.48 4.37 71.41
CA SER D 98 38.67 4.29 70.21
C SER D 98 37.87 5.59 70.04
N LEU D 99 37.31 5.76 68.85
CA LEU D 99 36.60 6.99 68.51
C LEU D 99 35.30 6.79 67.76
N GLN D 100 34.93 5.55 67.43
CA GLN D 100 33.63 5.17 66.88
C GLN D 100 33.45 5.52 65.41
N THR D 101 34.42 6.19 64.77
CA THR D 101 34.31 6.57 63.37
C THR D 101 35.61 6.25 62.64
N VAL D 102 35.51 6.14 61.32
CA VAL D 102 36.63 5.71 60.48
C VAL D 102 36.87 6.70 59.35
N ASP D 103 36.54 7.97 59.56
CA ASP D 103 36.69 8.97 58.51
C ASP D 103 37.48 10.16 59.05
N THR D 104 38.18 10.83 58.14
CA THR D 104 39.19 11.82 58.53
C THR D 104 38.55 13.02 59.24
N ALA D 105 37.55 13.64 58.61
CA ALA D 105 36.94 14.84 59.14
C ALA D 105 35.87 14.55 60.18
N ILE D 106 35.60 13.28 60.46
CA ILE D 106 34.50 12.89 61.33
C ILE D 106 34.97 12.59 62.74
N GLU D 107 36.27 12.60 63.01
CA GLU D 107 36.73 12.39 64.37
C GLU D 107 36.28 13.51 65.28
N LYS D 108 35.91 14.66 64.71
CA LYS D 108 35.35 15.78 65.45
C LYS D 108 33.99 15.45 66.06
N TYR D 109 33.33 14.40 65.59
CA TYR D 109 31.97 14.08 66.00
C TYR D 109 31.90 13.28 67.30
N TYR D 110 33.04 12.94 67.90
CA TYR D 110 33.04 12.09 69.08
C TYR D 110 34.21 12.42 69.97
N GLY D 111 34.08 12.05 71.25
CA GLY D 111 35.18 12.00 72.16
C GLY D 111 35.79 10.61 72.24
N MET D 112 36.68 10.43 73.21
CA MET D 112 37.36 9.15 73.41
C MET D 112 36.49 8.28 74.30
N ASP D 113 35.67 7.43 73.67
CA ASP D 113 34.68 6.67 74.41
C ASP D 113 35.32 5.69 75.39
N VAL D 114 36.37 4.99 74.96
CA VAL D 114 37.02 3.96 75.76
C VAL D 114 38.52 4.23 75.80
N TRP D 115 39.12 3.97 76.96
CA TRP D 115 40.56 4.11 77.16
C TRP D 115 41.15 2.75 77.56
N GLY D 116 42.47 2.70 77.66
CA GLY D 116 43.18 1.53 78.10
C GLY D 116 43.64 1.67 79.55
N GLN D 117 44.11 0.55 80.09
CA GLN D 117 44.59 0.53 81.47
C GLN D 117 45.93 1.27 81.62
N GLY D 118 46.66 1.47 80.53
CA GLY D 118 47.94 2.16 80.59
C GLY D 118 49.11 1.22 80.76
N THR D 119 50.06 1.28 79.83
CA THR D 119 51.25 0.43 79.85
C THR D 119 52.46 1.33 80.13
N THR D 120 52.89 1.35 81.39
CA THR D 120 54.08 2.12 81.75
C THR D 120 55.32 1.47 81.15
N VAL D 121 56.26 2.30 80.72
CA VAL D 121 57.52 1.86 80.13
C VAL D 121 58.66 2.45 80.94
N THR D 122 59.64 1.62 81.29
CA THR D 122 60.81 2.04 82.05
C THR D 122 62.05 1.87 81.19
N VAL D 123 62.92 2.89 81.21
CA VAL D 123 64.14 2.89 80.42
C VAL D 123 65.32 2.68 81.37
N SER D 124 66.12 1.66 81.07
CA SER D 124 67.27 1.29 81.90
C SER D 124 68.55 1.76 81.22
N SER D 125 69.41 2.44 81.98
CA SER D 125 70.67 2.94 81.47
C SER D 125 71.78 2.77 82.50
N TYR E 2 44.59 27.85 69.73
CA TYR E 2 45.45 26.72 69.44
C TYR E 2 46.28 26.34 70.66
N GLU E 3 46.65 27.34 71.46
CA GLU E 3 47.42 27.14 72.68
C GLU E 3 46.50 27.24 73.89
N LEU E 4 46.68 26.32 74.83
CA LEU E 4 45.81 26.20 76.00
C LEU E 4 46.60 26.54 77.26
N THR E 5 46.06 27.46 78.05
CA THR E 5 46.63 27.82 79.35
C THR E 5 45.49 27.89 80.36
N GLN E 6 45.67 27.23 81.49
CA GLN E 6 44.65 27.14 82.52
C GLN E 6 45.31 27.21 83.89
N PRO E 7 44.57 27.57 84.93
CA PRO E 7 45.17 27.66 86.26
C PRO E 7 45.70 26.31 86.70
N PRO E 8 46.78 26.29 87.48
CA PRO E 8 47.36 25.00 87.88
C PRO E 8 46.42 24.13 88.68
N SER E 9 45.59 24.72 89.54
CA SER E 9 44.73 23.94 90.41
C SER E 9 43.57 24.82 90.87
N VAL E 10 42.54 24.15 91.40
CA VAL E 10 41.33 24.82 91.89
C VAL E 10 40.85 24.08 93.14
N SER E 11 40.35 24.83 94.12
CA SER E 11 39.83 24.27 95.35
C SER E 11 38.44 24.83 95.62
N VAL E 12 37.55 23.98 96.12
CA VAL E 12 36.18 24.37 96.41
C VAL E 12 35.63 23.46 97.49
N SER E 13 34.74 24.00 98.32
CA SER E 13 34.12 23.21 99.38
C SER E 13 33.16 22.18 98.78
N PRO E 14 32.92 21.07 99.49
CA PRO E 14 32.00 20.06 98.94
C PRO E 14 30.56 20.56 98.91
N GLY E 15 29.81 20.08 97.93
CA GLY E 15 28.43 20.46 97.76
C GLY E 15 28.20 21.82 97.13
N GLN E 16 29.26 22.52 96.72
CA GLN E 16 29.15 23.83 96.11
C GLN E 16 29.25 23.72 94.59
N THR E 17 28.90 24.82 93.92
CA THR E 17 28.97 24.91 92.47
C THR E 17 30.37 25.38 92.08
N ALA E 18 31.06 24.57 91.28
CA ALA E 18 32.42 24.86 90.85
C ALA E 18 32.42 25.24 89.38
N SER E 19 33.04 26.37 89.06
CA SER E 19 33.16 26.87 87.70
C SER E 19 34.62 26.81 87.28
N ILE E 20 34.88 26.13 86.16
CA ILE E 20 36.23 25.95 85.62
C ILE E 20 36.27 26.58 84.24
N THR E 21 37.27 27.44 84.02
CA THR E 21 37.44 28.14 82.76
C THR E 21 38.63 27.55 82.01
N CYS E 22 38.42 27.21 80.74
CA CYS E 22 39.47 26.69 79.86
C CYS E 22 39.69 27.72 78.76
N SER E 23 40.57 28.68 79.03
CA SER E 23 40.82 29.77 78.10
C SER E 23 41.88 29.39 77.08
N GLY E 24 41.82 30.03 75.93
CA GLY E 24 42.79 29.80 74.87
C GLY E 24 42.67 30.86 73.81
N ASP E 25 43.03 30.50 72.58
CA ASP E 25 42.98 31.40 71.43
C ASP E 25 41.98 30.87 70.43
N LYS E 26 40.89 31.61 70.23
CA LYS E 26 39.85 31.25 69.27
C LYS E 26 39.32 29.84 69.55
N LEU E 27 38.97 29.59 70.82
CA LEU E 27 38.37 28.33 71.20
C LEU E 27 36.85 28.38 71.16
N GLY E 28 36.26 29.57 71.12
CA GLY E 28 34.85 29.67 70.81
C GLY E 28 34.60 29.49 69.33
N ASP E 29 33.45 28.89 69.01
CA ASP E 29 33.16 28.47 67.64
C ASP E 29 34.14 27.40 67.18
N LYS E 30 34.80 26.73 68.14
CA LYS E 30 35.71 25.63 67.85
C LYS E 30 35.27 24.33 68.50
N TYR E 31 34.20 24.34 69.29
CA TYR E 31 33.56 23.12 69.78
C TYR E 31 34.53 22.28 70.61
N ALA E 32 34.94 22.83 71.74
CA ALA E 32 35.87 22.16 72.64
C ALA E 32 35.18 21.01 73.37
N CYS E 33 36.00 20.08 73.88
CA CYS E 33 35.52 18.93 74.64
C CYS E 33 36.38 18.77 75.88
N TRP E 34 35.77 18.23 76.94
CA TRP E 34 36.42 18.06 78.23
C TRP E 34 36.43 16.57 78.60
N TYR E 35 37.51 16.14 79.25
CA TYR E 35 37.68 14.77 79.72
C TYR E 35 37.90 14.77 81.22
N GLN E 36 37.81 13.57 81.81
CA GLN E 36 38.00 13.38 83.24
C GLN E 36 38.93 12.19 83.47
N GLN E 37 39.80 12.32 84.46
CA GLN E 37 40.71 11.25 84.87
C GLN E 37 40.82 11.23 86.39
N LYS E 38 40.63 10.03 86.99
CA LYS E 38 40.71 9.87 88.43
C LYS E 38 42.01 9.19 88.83
N PRO E 39 42.50 9.41 90.05
CA PRO E 39 43.71 8.70 90.49
C PRO E 39 43.48 7.20 90.57
N GLY E 40 44.33 6.44 89.88
CA GLY E 40 44.23 5.00 89.87
C GLY E 40 43.25 4.42 88.87
N GLN E 41 42.56 5.26 88.10
CA GLN E 41 41.63 4.82 87.07
C GLN E 41 41.95 5.52 85.76
N SER E 42 41.65 4.83 84.66
CA SER E 42 41.91 5.39 83.35
C SER E 42 40.96 6.56 83.07
N PRO E 43 41.34 7.47 82.17
CA PRO E 43 40.43 8.58 81.85
C PRO E 43 39.12 8.09 81.26
N VAL E 44 38.05 8.83 81.54
CA VAL E 44 36.72 8.50 81.08
C VAL E 44 36.11 9.72 80.41
N LEU E 45 35.12 9.47 79.55
CA LEU E 45 34.44 10.54 78.82
C LEU E 45 33.22 10.98 79.62
N VAL E 46 33.26 12.22 80.09
CA VAL E 46 32.14 12.81 80.81
C VAL E 46 31.49 13.96 80.05
N ILE E 47 32.23 14.65 79.19
CA ILE E 47 31.71 15.75 78.39
C ILE E 47 32.14 15.51 76.96
N TYR E 48 31.18 15.42 76.03
CA TYR E 48 31.49 15.09 74.65
C TYR E 48 30.84 16.11 73.71
N GLN E 49 31.71 16.77 72.93
CA GLN E 49 31.42 17.58 71.75
C GLN E 49 30.81 18.96 72.02
N ASP E 50 30.06 19.12 73.10
CA ASP E 50 29.82 20.41 73.76
C ASP E 50 29.09 20.18 75.07
N ASN E 51 29.79 20.09 76.19
CA ASN E 51 29.13 19.94 77.48
C ASN E 51 28.13 18.78 77.49
N LYS E 52 28.20 17.88 76.51
CA LYS E 52 27.23 16.80 76.38
C LYS E 52 27.72 15.57 77.13
N ARG E 53 26.83 14.97 77.91
CA ARG E 53 27.21 13.95 78.87
C ARG E 53 26.84 12.58 78.32
N PRO E 54 27.79 11.67 78.07
CA PRO E 54 27.42 10.37 77.48
C PRO E 54 26.60 9.54 78.44
N SER E 55 25.84 8.60 77.87
CA SER E 55 24.96 7.76 78.66
C SER E 55 25.76 6.96 79.68
N GLY E 56 25.14 6.72 80.84
CA GLY E 56 25.80 6.03 81.93
C GLY E 56 26.56 6.94 82.88
N ILE E 57 26.53 8.24 82.68
CA ILE E 57 27.23 9.21 83.53
C ILE E 57 26.18 9.97 84.33
N PRO E 58 26.37 10.18 85.63
CA PRO E 58 25.37 10.94 86.40
C PRO E 58 25.27 12.39 85.95
N GLU E 59 24.08 12.97 86.14
CA GLU E 59 23.81 14.35 85.75
C GLU E 59 24.43 15.33 86.75
N ARG E 60 25.76 15.43 86.69
CA ARG E 60 26.51 16.34 87.55
C ARG E 60 27.36 17.34 86.78
N PHE E 61 27.76 17.02 85.55
CA PHE E 61 28.62 17.89 84.76
C PHE E 61 27.80 18.61 83.69
N SER E 62 28.00 19.92 83.59
CA SER E 62 27.29 20.74 82.61
C SER E 62 28.13 21.99 82.36
N GLY E 63 27.69 22.78 81.38
CA GLY E 63 28.39 24.01 81.07
C GLY E 63 27.89 24.59 79.76
N SER E 64 28.65 25.56 79.26
CA SER E 64 28.33 26.21 78.00
C SER E 64 29.62 26.72 77.36
N ASN E 65 29.55 26.96 76.06
CA ASN E 65 30.68 27.48 75.28
C ASN E 65 30.37 28.92 74.89
N SER E 66 31.19 29.86 75.37
CA SER E 66 30.97 31.27 75.14
C SER E 66 31.71 31.73 73.89
N GLY E 67 31.81 33.04 73.70
CA GLY E 67 32.41 33.57 72.47
C GLY E 67 33.87 33.19 72.33
N ASN E 68 34.62 33.22 73.44
CA ASN E 68 36.03 32.86 73.40
C ASN E 68 36.46 32.10 74.65
N THR E 69 35.52 31.39 75.29
CA THR E 69 35.83 30.65 76.51
C THR E 69 34.85 29.50 76.65
N ALA E 70 35.30 28.44 77.31
CA ALA E 70 34.49 27.27 77.63
C ALA E 70 34.44 27.12 79.14
N THR E 71 33.24 26.96 79.69
CA THR E 71 33.03 26.87 81.13
C THR E 71 32.34 25.55 81.47
N LEU E 72 32.73 24.97 82.60
CA LEU E 72 32.15 23.74 83.11
C LEU E 72 31.57 24.00 84.49
N THR E 73 30.30 23.64 84.68
CA THR E 73 29.61 23.79 85.95
C THR E 73 29.43 22.41 86.59
N ILE E 74 29.73 22.33 87.89
CA ILE E 74 29.63 21.09 88.65
C ILE E 74 28.50 21.23 89.66
N SER E 75 27.62 20.24 89.70
CA SER E 75 26.49 20.22 90.62
C SER E 75 26.54 18.96 91.46
N GLY E 76 26.22 19.10 92.75
CA GLY E 76 26.23 17.97 93.65
C GLY E 76 27.59 17.34 93.83
N THR E 77 28.61 18.18 94.05
CA THR E 77 29.96 17.67 94.25
C THR E 77 30.01 16.74 95.45
N GLN E 78 30.76 15.65 95.31
CA GLN E 78 30.89 14.63 96.35
C GLN E 78 32.37 14.35 96.61
N ALA E 79 32.63 13.49 97.58
CA ALA E 79 34.01 13.15 97.93
C ALA E 79 34.70 12.42 96.78
N MET E 80 33.98 11.54 96.09
CA MET E 80 34.55 10.73 95.03
C MET E 80 34.72 11.49 93.72
N ASP E 81 34.57 12.81 93.72
CA ASP E 81 34.75 13.61 92.51
C ASP E 81 36.20 13.96 92.24
N GLU E 82 37.13 13.54 93.10
CA GLU E 82 38.54 13.83 92.91
C GLU E 82 39.02 13.32 91.55
N ALA E 83 39.36 14.23 90.66
CA ALA E 83 39.78 13.89 89.30
C ALA E 83 40.44 15.10 88.68
N ASP E 84 41.08 14.87 87.54
CA ASP E 84 41.75 15.93 86.78
C ASP E 84 41.01 16.12 85.47
N TYR E 85 40.69 17.38 85.16
CA TYR E 85 39.92 17.73 83.97
C TYR E 85 40.85 18.29 82.89
N TYR E 86 40.80 17.71 81.70
CA TYR E 86 41.57 18.17 80.56
C TYR E 86 40.61 18.60 79.46
N CYS E 87 40.78 19.83 78.98
CA CYS E 87 39.96 20.38 77.90
C CYS E 87 40.77 20.35 76.61
N GLN E 88 40.21 19.73 75.57
CA GLN E 88 40.91 19.56 74.30
C GLN E 88 39.91 19.76 73.16
N ALA E 89 40.46 20.01 71.98
CA ALA E 89 39.64 20.18 70.78
C ALA E 89 40.40 19.63 69.58
N TRP E 90 39.65 19.20 68.57
CA TRP E 90 40.21 18.68 67.33
C TRP E 90 40.39 19.85 66.37
N ASP E 91 41.54 20.49 66.44
CA ASP E 91 41.84 21.70 65.68
C ASP E 91 42.88 21.39 64.61
N SER E 92 42.60 21.82 63.38
CA SER E 92 43.52 21.64 62.26
C SER E 92 43.89 20.16 62.09
N SER E 93 42.89 19.29 62.21
CA SER E 93 43.09 17.84 62.10
C SER E 93 44.08 17.33 63.14
N THR E 94 44.10 17.96 64.32
CA THR E 94 45.00 17.57 65.39
C THR E 94 44.32 17.85 66.72
N ALA E 95 44.80 17.16 67.76
CA ALA E 95 44.27 17.29 69.11
C ALA E 95 45.33 17.93 70.00
N VAL E 96 44.91 18.89 70.82
CA VAL E 96 45.79 19.59 71.74
C VAL E 96 45.27 19.38 73.15
N PHE E 97 46.15 18.98 74.05
CA PHE E 97 45.81 18.68 75.44
C PHE E 97 46.45 19.72 76.36
N GLY E 98 45.64 20.28 77.26
CA GLY E 98 46.12 21.29 78.19
C GLY E 98 46.77 20.68 79.41
N GLY E 99 47.26 21.57 80.28
CA GLY E 99 47.90 21.13 81.51
C GLY E 99 46.94 20.41 82.44
N GLY E 100 45.69 20.85 82.48
CA GLY E 100 44.69 20.23 83.32
C GLY E 100 44.64 20.85 84.71
N THR E 101 43.49 20.67 85.36
CA THR E 101 43.24 21.21 86.70
C THR E 101 42.91 20.07 87.65
N LYS E 102 43.48 20.14 88.85
CA LYS E 102 43.21 19.16 89.90
C LYS E 102 42.22 19.76 90.89
N LEU E 103 41.11 19.05 91.12
CA LEU E 103 40.06 19.53 92.01
C LEU E 103 40.35 19.10 93.44
N THR E 104 40.24 20.03 94.37
CA THR E 104 40.49 19.78 95.79
C THR E 104 39.20 20.03 96.56
N VAL E 105 38.85 19.09 97.44
CA VAL E 105 37.65 19.17 98.26
C VAL E 105 38.06 19.05 99.73
N LEU E 106 37.59 19.97 100.55
CA LEU E 106 37.91 19.96 101.97
C LEU E 106 37.17 18.83 102.68
N GLN F 1 12.43 -72.19 -23.01
CA GLN F 1 12.90 -73.56 -23.38
C GLN F 1 14.12 -73.94 -22.57
N VAL F 2 14.25 -75.23 -22.24
CA VAL F 2 15.35 -75.73 -21.44
C VAL F 2 15.64 -77.17 -21.83
N GLN F 3 16.90 -77.56 -21.75
CA GLN F 3 17.34 -78.92 -22.07
C GLN F 3 17.83 -79.70 -20.86
N LEU F 4 18.45 -79.03 -19.88
CA LEU F 4 18.94 -79.68 -18.67
C LEU F 4 19.93 -80.80 -19.00
N VAL F 5 20.82 -80.55 -19.97
CA VAL F 5 21.83 -81.53 -20.32
C VAL F 5 22.86 -81.61 -19.19
N GLN F 6 23.43 -82.80 -19.01
CA GLN F 6 24.40 -83.05 -17.96
C GLN F 6 25.47 -84.00 -18.48
N SER F 7 26.43 -84.33 -17.60
CA SER F 7 27.53 -85.21 -17.97
C SER F 7 27.04 -86.66 -18.08
N GLY F 8 27.88 -87.49 -18.69
CA GLY F 8 27.57 -88.89 -18.90
C GLY F 8 27.91 -89.73 -17.69
N ALA F 9 27.93 -91.05 -17.92
CA ALA F 9 28.20 -92.00 -16.84
C ALA F 9 29.64 -91.83 -16.33
N GLU F 10 29.81 -92.10 -15.04
CA GLU F 10 31.11 -91.99 -14.39
C GLU F 10 31.41 -93.27 -13.62
N VAL F 11 32.70 -93.58 -13.51
CA VAL F 11 33.18 -94.76 -12.80
C VAL F 11 34.05 -94.29 -11.64
N LYS F 12 33.78 -94.81 -10.44
CA LYS F 12 34.50 -94.41 -9.25
C LYS F 12 34.45 -95.54 -8.23
N LYS F 13 35.34 -95.47 -7.26
CA LYS F 13 35.42 -96.49 -6.22
C LYS F 13 34.34 -96.29 -5.17
N ALA F 14 34.04 -97.36 -4.44
CA ALA F 14 33.03 -97.31 -3.39
C ALA F 14 33.52 -96.47 -2.22
N GLY F 15 32.57 -95.79 -1.57
CA GLY F 15 32.87 -95.00 -0.39
C GLY F 15 33.43 -93.62 -0.65
N SER F 16 33.56 -93.22 -1.91
CA SER F 16 34.10 -91.92 -2.28
C SER F 16 32.97 -90.92 -2.48
N SER F 17 33.30 -89.63 -2.33
CA SER F 17 32.32 -88.58 -2.53
C SER F 17 31.84 -88.57 -3.97
N VAL F 18 30.52 -88.44 -4.14
CA VAL F 18 29.88 -88.43 -5.45
C VAL F 18 29.42 -87.02 -5.74
N LYS F 19 29.81 -86.49 -6.90
CA LYS F 19 29.43 -85.14 -7.33
C LYS F 19 28.78 -85.25 -8.70
N VAL F 20 27.55 -84.75 -8.80
CA VAL F 20 26.81 -84.71 -10.05
C VAL F 20 26.16 -83.33 -10.18
N SER F 21 25.87 -82.94 -11.42
CA SER F 21 25.29 -81.63 -11.68
C SER F 21 24.52 -81.67 -13.00
N CYS F 22 23.57 -80.74 -13.13
CA CYS F 22 22.82 -80.54 -14.35
C CYS F 22 22.95 -79.08 -14.79
N LYS F 23 23.19 -78.88 -16.08
CA LYS F 23 23.35 -77.56 -16.66
C LYS F 23 22.29 -77.35 -17.74
N ALA F 24 21.68 -76.16 -17.74
CA ALA F 24 20.58 -75.90 -18.65
C ALA F 24 21.08 -75.57 -20.07
N SER F 25 21.84 -74.48 -20.20
CA SER F 25 22.37 -74.02 -21.49
C SER F 25 21.27 -73.44 -22.37
N GLY F 26 20.03 -73.42 -21.88
CA GLY F 26 18.90 -72.92 -22.65
C GLY F 26 18.31 -71.66 -22.06
N GLY F 27 17.19 -71.82 -21.33
CA GLY F 27 16.53 -70.69 -20.70
C GLY F 27 17.29 -70.18 -19.49
N THR F 28 16.71 -69.20 -18.79
CA THR F 28 17.38 -68.61 -17.65
C THR F 28 17.55 -69.65 -16.54
N PHE F 29 18.70 -69.60 -15.87
CA PHE F 29 18.95 -70.53 -14.77
C PHE F 29 17.93 -70.34 -13.65
N SER F 30 17.65 -69.10 -13.28
CA SER F 30 16.63 -68.80 -12.28
C SER F 30 15.25 -68.94 -12.92
N SER F 31 14.20 -68.60 -12.16
CA SER F 31 12.80 -68.62 -12.59
C SER F 31 12.26 -70.03 -12.75
N HIS F 32 13.07 -71.07 -12.55
CA HIS F 32 12.62 -72.46 -12.70
C HIS F 32 13.27 -73.27 -11.57
N THR F 33 12.47 -73.63 -10.58
CA THR F 33 12.96 -74.47 -9.50
C THR F 33 13.42 -75.81 -10.06
N ILE F 34 14.60 -76.26 -9.64
CA ILE F 34 15.21 -77.48 -10.16
C ILE F 34 15.01 -78.58 -9.13
N THR F 35 14.59 -79.76 -9.61
CA THR F 35 14.34 -80.92 -8.78
C THR F 35 15.16 -82.09 -9.28
N TRP F 36 15.54 -82.96 -8.35
CA TRP F 36 16.24 -84.20 -8.67
C TRP F 36 15.46 -85.39 -8.15
N VAL F 37 15.33 -86.41 -8.99
CA VAL F 37 14.61 -87.64 -8.66
C VAL F 37 15.45 -88.81 -9.11
N ARG F 38 15.47 -89.87 -8.30
CA ARG F 38 16.30 -91.04 -8.56
C ARG F 38 15.45 -92.13 -9.19
N GLN F 39 15.96 -92.71 -10.28
CA GLN F 39 15.32 -93.82 -10.98
C GLN F 39 16.19 -95.06 -10.82
N ALA F 40 15.58 -96.15 -10.34
CA ALA F 40 16.26 -97.40 -10.09
C ALA F 40 15.50 -98.54 -10.76
N PRO F 41 16.17 -99.64 -11.08
CA PRO F 41 15.50 -100.74 -11.80
C PRO F 41 14.65 -101.56 -10.84
N GLY F 42 13.34 -101.62 -11.13
CA GLY F 42 12.43 -102.39 -10.31
C GLY F 42 12.32 -101.92 -8.88
N GLN F 43 12.45 -100.61 -8.66
CA GLN F 43 12.30 -100.05 -7.31
C GLN F 43 11.53 -98.73 -7.31
N GLY F 44 10.96 -98.32 -8.44
CA GLY F 44 10.22 -97.07 -8.49
C GLY F 44 11.14 -95.86 -8.51
N LEU F 45 10.53 -94.71 -8.28
CA LEU F 45 11.22 -93.43 -8.27
C LEU F 45 11.43 -92.98 -6.82
N GLU F 46 12.54 -92.32 -6.56
CA GLU F 46 12.90 -91.83 -5.24
C GLU F 46 13.12 -90.33 -5.28
N TRP F 47 12.51 -89.62 -4.33
CA TRP F 47 12.60 -88.16 -4.25
C TRP F 47 13.55 -87.77 -3.13
N MET F 48 14.53 -86.93 -3.46
CA MET F 48 15.54 -86.50 -2.50
C MET F 48 15.28 -85.10 -1.96
N GLY F 49 14.83 -84.18 -2.80
CA GLY F 49 14.58 -82.82 -2.38
C GLY F 49 14.53 -81.88 -3.58
N ARG F 50 14.56 -80.59 -3.27
CA ARG F 50 14.55 -79.57 -4.30
C ARG F 50 15.28 -78.33 -3.80
N ILE F 51 15.81 -77.56 -4.75
CA ILE F 51 16.49 -76.30 -4.46
C ILE F 51 15.99 -75.25 -5.43
N ILE F 52 15.61 -74.08 -4.92
CA ILE F 52 15.17 -72.96 -5.73
C ILE F 52 16.38 -72.04 -5.92
N PRO F 53 16.85 -71.82 -7.18
CA PRO F 53 18.05 -70.98 -7.36
C PRO F 53 17.92 -69.58 -6.79
N ILE F 54 16.88 -68.85 -7.22
CA ILE F 54 16.76 -67.45 -6.82
C ILE F 54 16.43 -67.34 -5.33
N LEU F 55 15.48 -68.15 -4.85
CA LEU F 55 15.13 -68.10 -3.43
C LEU F 55 16.27 -68.62 -2.57
N GLY F 56 16.93 -69.68 -3.00
CA GLY F 56 18.02 -70.28 -2.23
C GLY F 56 17.58 -71.17 -1.09
N ILE F 57 16.30 -71.57 -1.05
CA ILE F 57 15.78 -72.44 -0.01
C ILE F 57 15.74 -73.86 -0.57
N ALA F 58 16.38 -74.79 0.14
CA ALA F 58 16.47 -76.18 -0.27
C ALA F 58 15.68 -77.04 0.71
N ASN F 59 14.86 -77.95 0.17
CA ASN F 59 14.06 -78.89 0.96
C ASN F 59 14.62 -80.28 0.80
N TYR F 60 14.62 -81.04 1.89
CA TYR F 60 15.20 -82.38 1.94
C TYR F 60 14.09 -83.43 2.04
N ALA F 61 14.46 -84.66 1.69
CA ALA F 61 13.56 -85.81 1.80
C ALA F 61 13.79 -86.53 3.12
N GLN F 62 12.79 -87.33 3.51
CA GLN F 62 12.88 -88.05 4.78
C GLN F 62 14.04 -89.02 4.79
N LYS F 63 14.25 -89.75 3.68
CA LYS F 63 15.30 -90.75 3.64
C LYS F 63 16.68 -90.15 3.37
N PHE F 64 16.75 -88.97 2.76
CA PHE F 64 18.01 -88.32 2.42
C PHE F 64 18.39 -87.24 3.43
N GLN F 65 18.08 -87.46 4.71
CA GLN F 65 18.34 -86.47 5.74
C GLN F 65 19.82 -86.45 6.08
N GLY F 66 20.53 -85.40 5.65
CA GLY F 66 21.91 -85.18 6.02
C GLY F 66 22.93 -85.85 5.13
N ARG F 67 22.51 -86.69 4.18
CA ARG F 67 23.43 -87.36 3.28
C ARG F 67 23.67 -86.60 1.98
N VAL F 68 23.06 -85.45 1.81
CA VAL F 68 23.20 -84.64 0.59
C VAL F 68 23.37 -83.19 1.00
N THR F 69 24.23 -82.48 0.27
CA THR F 69 24.49 -81.06 0.48
C THR F 69 24.24 -80.36 -0.85
N ILE F 70 22.99 -79.96 -1.08
CA ILE F 70 22.60 -79.36 -2.35
C ILE F 70 22.89 -77.86 -2.30
N THR F 71 23.53 -77.35 -3.36
CA THR F 71 23.85 -75.94 -3.47
C THR F 71 23.59 -75.48 -4.90
N ALA F 72 23.26 -74.20 -5.04
CA ALA F 72 22.99 -73.62 -6.35
C ALA F 72 23.42 -72.15 -6.33
N ASP F 73 24.16 -71.74 -7.35
CA ASP F 73 24.65 -70.37 -7.47
C ASP F 73 24.21 -69.80 -8.81
N LYS F 74 23.63 -68.61 -8.79
CA LYS F 74 23.16 -67.99 -10.03
C LYS F 74 24.31 -67.53 -10.91
N SER F 75 25.41 -67.09 -10.32
CA SER F 75 26.54 -66.59 -11.11
C SER F 75 27.12 -67.68 -12.00
N THR F 76 27.27 -68.89 -11.45
CA THR F 76 27.79 -70.01 -12.23
C THR F 76 26.74 -70.64 -13.13
N SER F 77 25.46 -70.35 -12.91
CA SER F 77 24.37 -70.92 -13.71
C SER F 77 24.43 -72.44 -13.72
N THR F 78 24.72 -73.02 -12.56
CA THR F 78 24.83 -74.47 -12.43
C THR F 78 24.40 -74.88 -11.03
N ALA F 79 23.73 -76.02 -10.94
CA ALA F 79 23.28 -76.57 -9.67
C ALA F 79 23.96 -77.92 -9.43
N TYR F 80 24.49 -78.10 -8.22
CA TYR F 80 25.22 -79.32 -7.90
C TYR F 80 25.03 -79.64 -6.42
N MET F 81 25.32 -80.89 -6.07
CA MET F 81 25.21 -81.36 -4.69
C MET F 81 26.34 -82.34 -4.41
N GLU F 82 26.65 -82.49 -3.13
CA GLU F 82 27.68 -83.41 -2.65
C GLU F 82 27.01 -84.58 -1.94
N LEU F 83 27.37 -85.79 -2.35
CA LEU F 83 26.81 -87.01 -1.80
C LEU F 83 27.93 -87.89 -1.25
N SER F 84 27.69 -88.46 -0.06
CA SER F 84 28.66 -89.34 0.58
C SER F 84 27.90 -90.43 1.32
N SER F 85 28.65 -91.38 1.87
CA SER F 85 28.07 -92.52 2.59
C SER F 85 27.06 -93.26 1.73
N LEU F 86 27.41 -93.45 0.45
CA LEU F 86 26.57 -94.14 -0.50
C LEU F 86 27.00 -95.60 -0.61
N ARG F 87 26.04 -96.50 -0.49
CA ARG F 87 26.27 -97.93 -0.58
C ARG F 87 25.92 -98.44 -1.97
N SER F 88 26.31 -99.70 -2.23
CA SER F 88 26.02 -100.30 -3.52
C SER F 88 24.51 -100.38 -3.77
N GLU F 89 23.74 -100.70 -2.72
CA GLU F 89 22.29 -100.77 -2.88
C GLU F 89 21.70 -99.42 -3.27
N ASP F 90 22.32 -98.33 -2.82
CA ASP F 90 21.84 -96.99 -3.17
C ASP F 90 22.13 -96.63 -4.63
N THR F 91 22.95 -97.41 -5.33
CA THR F 91 23.26 -97.10 -6.72
C THR F 91 22.00 -97.14 -7.56
N ALA F 92 21.83 -96.12 -8.39
CA ALA F 92 20.67 -96.00 -9.27
C ALA F 92 20.96 -94.88 -10.27
N VAL F 93 19.96 -94.55 -11.08
CA VAL F 93 20.07 -93.49 -12.09
C VAL F 93 19.41 -92.24 -11.56
N TYR F 94 20.13 -91.12 -11.61
CA TYR F 94 19.63 -89.84 -11.10
C TYR F 94 19.15 -88.98 -12.26
N TYR F 95 18.05 -88.27 -12.02
CA TYR F 95 17.44 -87.39 -13.01
C TYR F 95 17.22 -86.02 -12.40
N CYS F 96 17.23 -85.00 -13.26
CA CYS F 96 16.98 -83.62 -12.85
C CYS F 96 15.86 -83.03 -13.68
N ALA F 97 14.99 -82.25 -13.03
CA ALA F 97 13.81 -81.69 -13.67
C ALA F 97 13.54 -80.30 -13.13
N SER F 98 12.75 -79.54 -13.89
CA SER F 98 12.36 -78.19 -13.56
C SER F 98 10.91 -78.14 -13.09
N LEU F 99 10.49 -76.96 -12.63
CA LEU F 99 9.11 -76.77 -12.17
C LEU F 99 8.46 -75.50 -12.69
N GLN F 100 9.20 -74.59 -13.32
CA GLN F 100 8.70 -73.36 -13.92
C GLN F 100 8.35 -72.28 -12.90
N THR F 101 8.46 -72.56 -11.59
CA THR F 101 8.13 -71.58 -10.57
C THR F 101 9.22 -71.57 -9.51
N VAL F 102 9.28 -70.47 -8.75
CA VAL F 102 10.32 -70.26 -7.75
C VAL F 102 9.69 -69.94 -6.40
N ASP F 103 8.49 -70.46 -6.16
CA ASP F 103 7.76 -70.23 -4.93
C ASP F 103 7.53 -71.55 -4.21
N THR F 104 7.63 -71.53 -2.88
CA THR F 104 7.54 -72.77 -2.11
C THR F 104 6.17 -73.41 -2.22
N ALA F 105 5.11 -72.62 -2.06
CA ALA F 105 3.75 -73.14 -2.07
C ALA F 105 3.15 -73.24 -3.47
N ILE F 106 3.81 -72.69 -4.49
CA ILE F 106 3.31 -72.79 -5.85
C ILE F 106 3.71 -74.10 -6.53
N GLU F 107 4.68 -74.83 -5.98
CA GLU F 107 5.18 -76.02 -6.65
C GLU F 107 4.07 -77.03 -6.89
N LYS F 108 3.08 -77.10 -5.99
CA LYS F 108 1.96 -78.01 -6.19
C LYS F 108 1.10 -77.64 -7.38
N TYR F 109 1.15 -76.39 -7.85
CA TYR F 109 0.46 -75.98 -9.07
C TYR F 109 1.35 -76.14 -10.29
N TYR F 110 1.99 -77.29 -10.44
CA TYR F 110 2.93 -77.53 -11.53
C TYR F 110 3.32 -79.00 -11.51
N GLY F 111 4.11 -79.40 -12.51
CA GLY F 111 4.64 -80.74 -12.59
C GLY F 111 6.03 -80.73 -13.19
N MET F 112 6.58 -81.93 -13.35
CA MET F 112 7.93 -82.04 -13.93
C MET F 112 7.86 -81.78 -15.43
N ASP F 113 7.96 -80.51 -15.83
CA ASP F 113 7.79 -80.16 -17.24
C ASP F 113 8.86 -80.80 -18.11
N VAL F 114 10.11 -80.77 -17.66
CA VAL F 114 11.24 -81.27 -18.44
C VAL F 114 12.10 -82.14 -17.54
N TRP F 115 12.61 -83.24 -18.09
CA TRP F 115 13.48 -84.17 -17.38
C TRP F 115 14.85 -84.19 -18.04
N GLY F 116 15.78 -84.92 -17.42
CA GLY F 116 17.10 -85.13 -17.96
C GLY F 116 17.26 -86.50 -18.56
N GLN F 117 18.31 -86.71 -19.36
CA GLN F 117 18.53 -88.01 -19.98
C GLN F 117 18.86 -89.09 -18.96
N GLY F 118 19.30 -88.71 -17.76
CA GLY F 118 19.64 -89.68 -16.73
C GLY F 118 21.12 -90.03 -16.75
N THR F 119 21.79 -89.82 -15.63
CA THR F 119 23.22 -90.09 -15.50
C THR F 119 23.40 -91.29 -14.57
N THR F 120 23.60 -92.46 -15.17
CA THR F 120 23.84 -93.67 -14.39
C THR F 120 25.20 -93.60 -13.72
N VAL F 121 25.27 -94.14 -12.50
CA VAL F 121 26.49 -94.17 -11.71
C VAL F 121 26.79 -95.61 -11.34
N THR F 122 28.04 -96.03 -11.52
CA THR F 122 28.50 -97.37 -11.18
C THR F 122 29.52 -97.28 -10.06
N VAL F 123 29.40 -98.19 -9.10
CA VAL F 123 30.28 -98.23 -7.93
C VAL F 123 31.18 -99.46 -8.06
N SER F 124 32.49 -99.23 -7.99
CA SER F 124 33.49 -100.29 -8.10
C SER F 124 34.08 -100.59 -6.73
N SER F 125 34.15 -101.86 -6.39
CA SER F 125 34.70 -102.28 -5.10
C SER F 125 35.58 -103.53 -5.27
N TYR G 2 -0.77 -90.76 2.33
CA TYR G 2 0.66 -90.50 2.36
C TYR G 2 1.43 -91.67 1.79
N GLU G 3 0.92 -92.88 2.02
CA GLU G 3 1.53 -94.11 1.52
C GLU G 3 0.72 -94.61 0.33
N LEU G 4 1.41 -94.97 -0.75
CA LEU G 4 0.78 -95.37 -2.00
C LEU G 4 1.06 -96.84 -2.26
N THR G 5 0.00 -97.60 -2.53
CA THR G 5 0.09 -99.01 -2.90
C THR G 5 -0.78 -99.24 -4.13
N GLN G 6 -0.22 -99.92 -5.13
CA GLN G 6 -0.90 -100.16 -6.39
C GLN G 6 -0.55 -101.55 -6.89
N PRO G 7 -1.37 -102.12 -7.77
CA PRO G 7 -1.07 -103.46 -8.28
C PRO G 7 0.24 -103.48 -9.02
N PRO G 8 0.99 -104.58 -8.97
CA PRO G 8 2.30 -104.60 -9.64
C PRO G 8 2.23 -104.38 -11.14
N SER G 9 1.19 -104.88 -11.80
CA SER G 9 1.08 -104.76 -13.25
C SER G 9 -0.37 -104.90 -13.67
N VAL G 10 -0.64 -104.51 -14.91
CA VAL G 10 -1.97 -104.58 -15.50
C VAL G 10 -1.85 -104.97 -16.96
N SER G 11 -2.81 -105.74 -17.45
CA SER G 11 -2.84 -106.19 -18.84
C SER G 11 -4.21 -105.90 -19.43
N VAL G 12 -4.22 -105.46 -20.69
CA VAL G 12 -5.46 -105.14 -21.38
C VAL G 12 -5.22 -105.27 -22.88
N SER G 13 -6.27 -105.65 -23.60
CA SER G 13 -6.17 -105.81 -25.04
C SER G 13 -6.01 -104.44 -25.72
N PRO G 14 -5.40 -104.39 -26.90
CA PRO G 14 -5.23 -103.09 -27.57
C PRO G 14 -6.57 -102.53 -28.04
N GLY G 15 -6.65 -101.20 -28.05
CA GLY G 15 -7.84 -100.51 -28.48
C GLY G 15 -8.96 -100.47 -27.47
N GLN G 16 -8.74 -100.99 -26.26
CA GLN G 16 -9.76 -101.04 -25.22
C GLN G 16 -9.54 -99.93 -24.21
N THR G 17 -10.56 -99.68 -23.40
CA THR G 17 -10.49 -98.67 -22.35
C THR G 17 -9.86 -99.28 -21.11
N ALA G 18 -8.74 -98.70 -20.66
CA ALA G 18 -8.00 -99.20 -19.53
C ALA G 18 -8.20 -98.26 -18.34
N SER G 19 -8.56 -98.83 -17.19
CA SER G 19 -8.76 -98.07 -15.96
C SER G 19 -7.70 -98.47 -14.96
N ILE G 20 -6.97 -97.47 -14.45
CA ILE G 20 -5.89 -97.68 -13.50
C ILE G 20 -6.23 -96.95 -12.21
N THR G 21 -6.15 -97.65 -11.09
CA THR G 21 -6.46 -97.10 -9.78
C THR G 21 -5.16 -96.89 -9.00
N CYS G 22 -5.00 -95.70 -8.43
CA CYS G 22 -3.86 -95.34 -7.60
C CYS G 22 -4.39 -95.05 -6.20
N SER G 23 -4.52 -96.09 -5.39
CA SER G 23 -5.10 -95.96 -4.05
C SER G 23 -4.08 -95.42 -3.06
N GLY G 24 -4.54 -94.60 -2.13
CA GLY G 24 -3.70 -94.06 -1.09
C GLY G 24 -4.46 -93.71 0.17
N ASP G 25 -3.90 -92.85 1.00
CA ASP G 25 -4.51 -92.43 2.26
C ASP G 25 -4.80 -90.94 2.19
N LYS G 26 -6.08 -90.60 1.99
CA LYS G 26 -6.53 -89.21 1.92
C LYS G 26 -5.77 -88.45 0.84
N LEU G 27 -5.95 -88.90 -0.40
CA LEU G 27 -5.38 -88.25 -1.57
C LEU G 27 -6.39 -87.38 -2.31
N GLY G 28 -7.60 -87.24 -1.79
CA GLY G 28 -8.54 -86.30 -2.39
C GLY G 28 -8.14 -84.86 -2.07
N ASP G 29 -8.27 -84.00 -3.08
CA ASP G 29 -7.87 -82.60 -2.93
C ASP G 29 -6.40 -82.48 -2.57
N LYS G 30 -5.56 -83.25 -3.28
CA LYS G 30 -4.13 -83.28 -3.04
C LYS G 30 -3.30 -83.11 -4.31
N TYR G 31 -3.92 -82.89 -5.47
CA TYR G 31 -3.21 -82.65 -6.71
C TYR G 31 -2.27 -83.82 -7.05
N ALA G 32 -2.89 -84.98 -7.27
CA ALA G 32 -2.14 -86.13 -7.74
C ALA G 32 -1.73 -85.94 -9.20
N CYS G 33 -0.50 -86.33 -9.52
CA CYS G 33 0.05 -86.18 -10.86
C CYS G 33 0.53 -87.53 -11.34
N TRP G 34 0.14 -87.89 -12.57
CA TRP G 34 0.54 -89.15 -13.18
C TRP G 34 1.55 -88.87 -14.29
N TYR G 35 2.67 -89.59 -14.25
CA TYR G 35 3.73 -89.45 -15.23
C TYR G 35 3.83 -90.71 -16.09
N GLN G 36 4.50 -90.57 -17.23
CA GLN G 36 4.70 -91.67 -18.16
C GLN G 36 6.19 -91.80 -18.47
N GLN G 37 6.72 -93.02 -18.34
CA GLN G 37 8.10 -93.32 -18.68
C GLN G 37 8.12 -94.51 -19.62
N LYS G 38 8.70 -94.33 -20.81
CA LYS G 38 8.79 -95.39 -21.80
C LYS G 38 10.17 -96.05 -21.76
N PRO G 39 10.30 -97.30 -22.20
CA PRO G 39 11.62 -97.95 -22.19
C PRO G 39 12.59 -97.22 -23.12
N GLY G 40 13.69 -96.74 -22.54
CA GLY G 40 14.69 -96.03 -23.30
C GLY G 40 14.46 -94.55 -23.45
N GLN G 41 13.37 -94.02 -22.90
CA GLN G 41 13.06 -92.60 -22.98
C GLN G 41 12.83 -92.05 -21.58
N SER G 42 13.15 -90.77 -21.40
CA SER G 42 13.03 -90.14 -20.10
C SER G 42 11.55 -89.95 -19.75
N PRO G 43 11.24 -89.81 -18.45
CA PRO G 43 9.84 -89.58 -18.07
C PRO G 43 9.33 -88.25 -18.63
N VAL G 44 8.02 -88.20 -18.89
CA VAL G 44 7.37 -87.03 -19.44
C VAL G 44 6.12 -86.73 -18.60
N LEU G 45 5.64 -85.49 -18.72
CA LEU G 45 4.46 -85.03 -18.00
C LEU G 45 3.23 -85.25 -18.85
N VAL G 46 2.23 -85.93 -18.31
CA VAL G 46 0.98 -86.19 -19.02
C VAL G 46 -0.25 -85.81 -18.21
N ILE G 47 -0.14 -85.64 -16.90
CA ILE G 47 -1.29 -85.34 -16.04
C ILE G 47 -0.84 -84.34 -14.98
N TYR G 48 -1.68 -83.35 -14.68
CA TYR G 48 -1.33 -82.41 -13.62
C TYR G 48 -2.57 -81.69 -13.09
N ASP G 50 -5.51 -81.88 -12.02
CA ASP G 50 -6.60 -82.84 -11.93
C ASP G 50 -6.72 -83.54 -13.27
N ASN G 51 -6.06 -84.68 -13.45
CA ASN G 51 -6.14 -85.41 -14.72
C ASN G 51 -5.88 -84.52 -15.93
N LYS G 52 -5.26 -83.36 -15.73
CA LYS G 52 -5.18 -82.36 -16.79
C LYS G 52 -3.96 -82.63 -17.67
N ARG G 53 -4.18 -82.65 -18.97
CA ARG G 53 -3.18 -83.12 -19.92
C ARG G 53 -2.50 -81.94 -20.60
N PRO G 54 -1.16 -81.90 -20.65
CA PRO G 54 -0.51 -80.81 -21.38
C PRO G 54 -0.79 -80.90 -22.88
N SER G 55 -0.75 -79.74 -23.53
CA SER G 55 -1.00 -79.67 -24.97
C SER G 55 0.08 -80.44 -25.71
N GLY G 56 -0.14 -80.70 -27.00
CA GLY G 56 0.83 -81.42 -27.79
C GLY G 56 0.85 -82.91 -27.52
N ILE G 57 0.05 -83.36 -26.56
CA ILE G 57 -0.09 -84.77 -26.21
C ILE G 57 -1.43 -85.25 -26.76
N PRO G 58 -1.49 -86.36 -27.49
CA PRO G 58 -2.77 -86.80 -28.04
C PRO G 58 -3.80 -87.04 -26.94
N GLU G 59 -5.06 -86.73 -27.25
CA GLU G 59 -6.14 -86.79 -26.27
C GLU G 59 -6.53 -88.25 -26.00
N ARG G 60 -5.61 -88.95 -25.35
CA ARG G 60 -5.81 -90.35 -24.97
C ARG G 60 -5.85 -90.58 -23.47
N PHE G 61 -5.30 -89.65 -22.67
CA PHE G 61 -5.25 -89.80 -21.22
C PHE G 61 -6.29 -88.89 -20.57
N SER G 62 -7.10 -89.47 -19.70
CA SER G 62 -8.12 -88.73 -18.97
C SER G 62 -8.45 -89.49 -17.70
N GLY G 63 -9.24 -88.87 -16.84
CA GLY G 63 -9.61 -89.51 -15.60
C GLY G 63 -10.37 -88.58 -14.70
N SER G 64 -10.59 -89.03 -13.46
CA SER G 64 -11.29 -88.25 -12.46
C SER G 64 -10.71 -88.59 -11.08
N ASN G 65 -10.88 -87.66 -10.15
CA ASN G 65 -10.40 -87.82 -8.78
C ASN G 65 -11.63 -87.95 -7.88
N SER G 66 -11.80 -89.13 -7.28
CA SER G 66 -12.92 -89.39 -6.39
C SER G 66 -12.58 -88.89 -4.99
N GLY G 67 -13.40 -89.26 -4.01
CA GLY G 67 -13.16 -88.81 -2.65
C GLY G 67 -11.84 -89.29 -2.08
N ASN G 68 -11.49 -90.56 -2.32
CA ASN G 68 -10.28 -91.15 -1.78
C ASN G 68 -9.59 -92.05 -2.80
N THR G 69 -9.80 -91.80 -4.09
CA THR G 69 -9.18 -92.61 -5.13
C THR G 69 -9.03 -91.78 -6.40
N ALA G 70 -7.96 -92.07 -7.14
CA ALA G 70 -7.69 -91.43 -8.42
C ALA G 70 -7.68 -92.49 -9.51
N THR G 71 -8.37 -92.21 -10.61
CA THR G 71 -8.51 -93.14 -11.72
C THR G 71 -8.03 -92.49 -13.01
N LEU G 72 -7.37 -93.28 -13.85
CA LEU G 72 -6.91 -92.84 -15.16
C LEU G 72 -7.55 -93.70 -16.24
N THR G 73 -8.15 -93.06 -17.22
CA THR G 73 -8.79 -93.73 -18.35
C THR G 73 -7.97 -93.52 -19.61
N ILE G 74 -7.76 -94.60 -20.36
CA ILE G 74 -6.98 -94.58 -21.59
C ILE G 74 -7.92 -94.86 -22.76
N SER G 75 -7.84 -94.01 -23.78
CA SER G 75 -8.66 -94.14 -24.98
C SER G 75 -7.77 -94.24 -26.20
N GLY G 76 -8.15 -95.10 -27.14
CA GLY G 76 -7.37 -95.30 -28.35
C GLY G 76 -5.99 -95.87 -28.07
N THR G 77 -5.92 -96.90 -27.24
CA THR G 77 -4.64 -97.51 -26.92
C THR G 77 -3.99 -98.07 -28.18
N GLN G 78 -2.68 -97.88 -28.29
CA GLN G 78 -1.90 -98.33 -29.43
C GLN G 78 -0.67 -99.09 -28.94
N ALA G 79 0.13 -99.58 -29.89
CA ALA G 79 1.29 -100.37 -29.54
C ALA G 79 2.35 -99.53 -28.82
N MET G 80 2.45 -98.26 -29.18
CA MET G 80 3.48 -97.38 -28.63
C MET G 80 3.17 -96.90 -27.21
N ASP G 81 2.14 -97.43 -26.57
CA ASP G 81 1.77 -97.02 -25.21
C ASP G 81 2.53 -97.77 -24.13
N GLU G 82 3.45 -98.66 -24.49
CA GLU G 82 4.23 -99.37 -23.50
C GLU G 82 5.01 -98.39 -22.64
N ALA G 83 4.65 -98.29 -21.37
CA ALA G 83 5.28 -97.35 -20.45
C ALA G 83 4.85 -97.70 -19.04
N ASP G 84 5.48 -97.06 -18.07
CA ASP G 84 5.17 -97.23 -16.65
C ASP G 84 4.56 -95.95 -16.11
N TYR G 85 3.44 -96.07 -15.41
CA TYR G 85 2.72 -94.93 -14.87
C TYR G 85 2.99 -94.79 -13.38
N TYR G 86 3.46 -93.62 -12.97
CA TYR G 86 3.74 -93.33 -11.57
C TYR G 86 2.84 -92.19 -11.12
N CYS G 87 2.08 -92.43 -10.04
CA CYS G 87 1.18 -91.43 -9.48
C CYS G 87 1.82 -90.85 -8.22
N GLN G 88 1.94 -89.53 -8.18
CA GLN G 88 2.57 -88.84 -7.06
C GLN G 88 1.81 -87.56 -6.76
N ALA G 89 2.04 -87.02 -5.57
CA ALA G 89 1.38 -85.79 -5.14
C ALA G 89 2.31 -85.02 -4.21
N TRP G 90 2.08 -83.72 -4.13
CA TRP G 90 2.86 -82.83 -3.27
C TRP G 90 2.18 -82.78 -1.91
N ASP G 91 2.58 -83.67 -1.02
CA ASP G 91 1.99 -83.80 0.31
C ASP G 91 3.02 -83.42 1.37
N SER G 92 2.61 -82.56 2.29
CA SER G 92 3.47 -82.12 3.39
C SER G 92 4.78 -81.55 2.87
N SER G 93 4.69 -80.75 1.80
CA SER G 93 5.86 -80.13 1.18
C SER G 93 6.87 -81.18 0.75
N THR G 94 6.37 -82.33 0.30
CA THR G 94 7.22 -83.42 -0.15
C THR G 94 6.51 -84.19 -1.25
N ALA G 95 7.28 -84.91 -2.04
CA ALA G 95 6.78 -85.73 -3.14
C ALA G 95 7.02 -87.19 -2.84
N VAL G 96 5.98 -88.01 -3.03
CA VAL G 96 6.05 -89.45 -2.80
C VAL G 96 5.73 -90.16 -4.11
N PHE G 97 6.59 -91.10 -4.48
CA PHE G 97 6.48 -91.83 -5.74
C PHE G 97 6.05 -93.27 -5.45
N GLY G 98 5.02 -93.73 -6.15
CA GLY G 98 4.53 -95.08 -5.98
C GLY G 98 5.35 -96.10 -6.72
N GLY G 99 4.98 -97.38 -6.53
CA GLY G 99 5.70 -98.45 -7.20
C GLY G 99 5.56 -98.39 -8.71
N GLY G 100 4.40 -97.99 -9.19
CA GLY G 100 4.15 -97.88 -10.61
C GLY G 100 3.59 -99.16 -11.20
N THR G 101 2.88 -99.00 -12.33
CA THR G 101 2.24 -100.10 -13.03
C THR G 101 2.77 -100.17 -14.45
N LYS G 102 3.03 -101.39 -14.91
CA LYS G 102 3.50 -101.64 -16.27
C LYS G 102 2.33 -102.11 -17.12
N LEU G 103 2.08 -101.42 -18.23
CA LEU G 103 0.97 -101.74 -19.11
C LEU G 103 1.42 -102.77 -20.14
N THR G 104 0.67 -103.85 -20.26
CA THR G 104 0.96 -104.93 -21.19
C THR G 104 -0.15 -104.99 -22.24
N VAL G 105 0.26 -105.05 -23.50
CA VAL G 105 -0.67 -105.11 -24.64
C VAL G 105 -0.34 -106.37 -25.44
N LEU G 106 -1.35 -107.19 -25.70
CA LEU G 106 -1.16 -108.42 -26.45
C LEU G 106 -0.75 -108.13 -27.89
N GLN H 1 55.32 36.88 -35.07
CA GLN H 1 56.61 37.36 -35.64
C GLN H 1 57.57 36.19 -35.83
N VAL H 2 58.42 36.30 -36.85
CA VAL H 2 59.38 35.24 -37.17
C VAL H 2 60.58 35.87 -37.86
N GLN H 3 61.74 35.24 -37.71
CA GLN H 3 62.99 35.73 -38.28
C GLN H 3 63.56 34.82 -39.37
N LEU H 4 63.36 33.50 -39.27
CA LEU H 4 63.87 32.55 -40.25
C LEU H 4 65.38 32.69 -40.43
N VAL H 5 66.09 32.81 -39.31
CA VAL H 5 67.54 32.88 -39.35
C VAL H 5 68.11 31.50 -39.69
N GLN H 6 69.18 31.48 -40.49
CA GLN H 6 69.79 30.24 -40.94
C GLN H 6 71.31 30.37 -40.85
N SER H 7 72.00 29.31 -41.24
CA SER H 7 73.45 29.28 -41.17
C SER H 7 74.06 30.17 -42.26
N GLY H 8 75.35 30.45 -42.10
CA GLY H 8 76.08 31.27 -43.04
C GLY H 8 76.60 30.49 -44.22
N ALA H 9 77.50 31.12 -44.96
CA ALA H 9 78.06 30.51 -46.16
C ALA H 9 78.88 29.28 -45.81
N GLU H 10 78.87 28.31 -46.72
CA GLU H 10 79.62 27.07 -46.54
C GLU H 10 80.45 26.79 -47.79
N VAL H 11 81.60 26.15 -47.58
CA VAL H 11 82.53 25.80 -48.65
C VAL H 11 82.64 24.28 -48.69
N LYS H 12 82.47 23.71 -49.87
CA LYS H 12 82.48 22.27 -50.04
C LYS H 12 82.91 21.91 -51.45
N LYS H 13 83.30 20.66 -51.63
CA LYS H 13 83.77 20.18 -52.92
C LYS H 13 82.58 19.90 -53.85
N ALA H 14 82.89 19.85 -55.15
CA ALA H 14 81.86 19.57 -56.14
C ALA H 14 81.40 18.13 -56.07
N GLY H 15 80.12 17.91 -56.37
CA GLY H 15 79.55 16.58 -56.41
C GLY H 15 79.17 16.01 -55.06
N SER H 16 79.33 16.76 -53.98
CA SER H 16 78.99 16.29 -52.65
C SER H 16 77.57 16.69 -52.28
N SER H 17 77.00 15.94 -51.33
CA SER H 17 75.64 16.24 -50.87
C SER H 17 75.59 17.61 -50.21
N VAL H 18 74.57 18.38 -50.56
CA VAL H 18 74.38 19.73 -50.05
C VAL H 18 73.20 19.73 -49.09
N LYS H 19 73.42 20.20 -47.87
CA LYS H 19 72.40 20.25 -46.83
C LYS H 19 72.30 21.67 -46.32
N VAL H 20 71.08 22.23 -46.37
CA VAL H 20 70.81 23.57 -45.87
C VAL H 20 69.49 23.54 -45.12
N SER H 21 69.35 24.43 -44.15
CA SER H 21 68.14 24.48 -43.34
C SER H 21 67.91 25.91 -42.86
N CYS H 22 66.65 26.22 -42.56
CA CYS H 22 66.25 27.49 -41.97
C CYS H 22 65.52 27.21 -40.66
N LYS H 23 65.87 27.98 -39.64
CA LYS H 23 65.28 27.84 -38.31
C LYS H 23 64.62 29.16 -37.93
N ALA H 24 63.40 29.07 -37.39
CA ALA H 24 62.62 30.27 -37.12
C ALA H 24 63.12 30.98 -35.86
N SER H 25 63.03 30.30 -34.71
CA SER H 25 63.42 30.87 -33.42
C SER H 25 62.46 31.95 -32.94
N GLY H 26 61.42 32.23 -33.73
CA GLY H 26 60.46 33.26 -33.39
C GLY H 26 59.08 32.70 -33.11
N GLY H 27 58.20 32.79 -34.10
CA GLY H 27 56.84 32.26 -33.96
C GLY H 27 56.80 30.75 -34.04
N THR H 28 55.60 30.19 -34.00
CA THR H 28 55.45 28.74 -34.04
C THR H 28 55.97 28.18 -35.36
N PHE H 29 56.63 27.03 -35.29
CA PHE H 29 57.13 26.38 -36.50
C PHE H 29 56.00 26.01 -37.45
N SER H 30 54.92 25.46 -36.90
CA SER H 30 53.75 25.12 -37.70
C SER H 30 52.94 26.38 -37.98
N SER H 31 51.79 26.20 -38.62
CA SER H 31 50.84 27.26 -38.96
C SER H 31 51.35 28.15 -40.07
N HIS H 32 52.56 27.91 -40.59
CA HIS H 32 53.21 28.82 -41.54
C HIS H 32 53.91 27.96 -42.59
N THR H 33 53.31 27.86 -43.77
CA THR H 33 53.93 27.10 -44.85
C THR H 33 55.26 27.74 -45.24
N ILE H 34 56.29 26.91 -45.40
CA ILE H 34 57.63 27.36 -45.71
C ILE H 34 57.99 26.93 -47.12
N THR H 35 58.48 27.87 -47.92
CA THR H 35 58.90 27.60 -49.30
C THR H 35 60.32 28.12 -49.49
N TRP H 36 61.00 27.55 -50.48
CA TRP H 36 62.37 27.91 -50.80
C TRP H 36 62.45 28.40 -52.25
N VAL H 37 63.12 29.52 -52.45
CA VAL H 37 63.30 30.11 -53.76
C VAL H 37 64.77 30.46 -53.93
N ARG H 38 65.30 30.22 -55.13
CA ARG H 38 66.72 30.39 -55.41
C ARG H 38 66.95 31.73 -56.10
N GLN H 39 67.94 32.47 -55.63
CA GLN H 39 68.34 33.75 -56.22
C GLN H 39 69.74 33.59 -56.81
N ALA H 40 69.87 33.96 -58.08
CA ALA H 40 71.11 33.84 -58.82
C ALA H 40 71.42 35.17 -59.50
N PRO H 41 72.70 35.42 -59.81
CA PRO H 41 73.05 36.71 -60.41
C PRO H 41 72.72 36.74 -61.91
N GLY H 42 71.90 37.71 -62.30
CA GLY H 42 71.53 37.85 -63.70
C GLY H 42 70.77 36.67 -64.26
N GLN H 43 69.97 36.00 -63.44
CA GLN H 43 69.16 34.88 -63.91
C GLN H 43 67.76 34.88 -63.30
N GLY H 44 67.39 35.90 -62.53
CA GLY H 44 66.08 35.94 -61.92
C GLY H 44 65.98 34.98 -60.74
N LEU H 45 64.74 34.70 -60.37
CA LEU H 45 64.43 33.81 -59.25
C LEU H 45 64.00 32.44 -59.77
N GLU H 46 64.37 31.40 -59.04
CA GLU H 46 64.00 30.03 -59.35
C GLU H 46 63.22 29.46 -58.17
N TRP H 47 62.10 28.80 -58.45
CA TRP H 47 61.22 28.24 -57.43
C TRP H 47 61.48 26.75 -57.31
N MET H 48 61.75 26.29 -56.09
CA MET H 48 62.03 24.89 -55.80
C MET H 48 60.75 24.15 -55.41
N GLY H 49 60.06 24.65 -54.39
CA GLY H 49 58.86 24.01 -53.91
C GLY H 49 58.48 24.56 -52.55
N ARG H 50 57.54 23.88 -51.91
CA ARG H 50 57.08 24.28 -50.58
C ARG H 50 56.68 23.05 -49.80
N ILE H 51 56.91 23.10 -48.49
CA ILE H 51 56.56 22.03 -47.56
C ILE H 51 55.75 22.64 -46.43
N ILE H 52 54.61 22.04 -46.12
CA ILE H 52 53.75 22.48 -45.03
C ILE H 52 54.06 21.62 -43.81
N PRO H 53 54.56 22.20 -42.70
CA PRO H 53 54.94 21.36 -41.56
C PRO H 53 53.79 20.51 -41.01
N ILE H 54 52.68 21.14 -40.66
CA ILE H 54 51.59 20.41 -40.03
C ILE H 54 50.95 19.43 -41.01
N LEU H 55 50.70 19.87 -42.25
CA LEU H 55 50.12 18.98 -43.24
C LEU H 55 51.12 17.90 -43.66
N GLY H 56 52.39 18.28 -43.84
CA GLY H 56 53.41 17.33 -44.26
C GLY H 56 53.42 17.01 -45.73
N ILE H 57 52.72 17.78 -46.56
CA ILE H 57 52.67 17.57 -48.00
C ILE H 57 53.66 18.52 -48.66
N ALA H 58 54.54 17.97 -49.49
CA ALA H 58 55.56 18.73 -50.18
C ALA H 58 55.26 18.76 -51.68
N ASN H 59 55.34 19.94 -52.27
CA ASN H 59 55.11 20.14 -53.70
C ASN H 59 56.43 20.42 -54.40
N TYR H 60 56.66 19.76 -55.52
CA TYR H 60 57.90 19.88 -56.28
C TYR H 60 57.73 20.80 -57.47
N ALA H 61 58.86 21.29 -57.98
CA ALA H 61 58.90 22.11 -59.17
C ALA H 61 59.32 21.27 -60.37
N GLN H 62 59.03 21.80 -61.56
CA GLN H 62 59.25 21.03 -62.78
C GLN H 62 60.72 20.73 -62.99
N LYS H 63 61.59 21.72 -62.78
CA LYS H 63 63.00 21.51 -63.05
C LYS H 63 63.70 20.79 -61.91
N PHE H 64 63.15 20.83 -60.70
CA PHE H 64 63.72 20.15 -59.53
C PHE H 64 63.07 18.79 -59.27
N GLN H 65 62.69 18.07 -60.33
CA GLN H 65 62.01 16.78 -60.18
C GLN H 65 63.03 15.70 -59.85
N GLY H 66 62.97 15.18 -58.62
CA GLY H 66 63.79 14.06 -58.20
C GLY H 66 65.16 14.43 -57.66
N ARG H 67 65.56 15.70 -57.74
CA ARG H 67 66.86 16.14 -57.25
C ARG H 67 66.80 16.73 -55.84
N VAL H 68 65.62 16.73 -55.21
CA VAL H 68 65.44 17.34 -53.90
C VAL H 68 64.61 16.41 -53.03
N THR H 69 64.99 16.29 -51.76
CA THR H 69 64.28 15.49 -50.77
C THR H 69 64.00 16.40 -49.58
N ILE H 70 62.85 17.05 -49.59
CA ILE H 70 62.47 18.02 -48.56
C ILE H 70 61.73 17.30 -47.45
N THR H 71 62.13 17.56 -46.21
CA THR H 71 61.50 16.97 -45.04
C THR H 71 61.38 18.03 -43.95
N ALA H 72 60.34 17.88 -43.12
CA ALA H 72 60.10 18.80 -42.02
C ALA H 72 59.53 18.01 -40.85
N ASP H 73 60.05 18.28 -39.66
CA ASP H 73 59.61 17.59 -38.44
C ASP H 73 59.22 18.65 -37.41
N LYS H 74 58.03 18.48 -36.82
CA LYS H 74 57.55 19.44 -35.83
C LYS H 74 58.31 19.33 -34.52
N SER H 75 58.72 18.12 -34.13
CA SER H 75 59.41 17.94 -32.86
C SER H 75 60.71 18.73 -32.81
N THR H 76 61.48 18.71 -33.90
CA THR H 76 62.71 19.46 -33.97
C THR H 76 62.49 20.94 -34.30
N SER H 77 61.30 21.30 -34.79
CA SER H 77 60.99 22.68 -35.15
C SER H 77 62.01 23.23 -36.15
N THR H 78 62.41 22.39 -37.09
CA THR H 78 63.38 22.77 -38.11
C THR H 78 63.03 22.08 -39.41
N ALA H 79 63.20 22.79 -40.52
CA ALA H 79 62.97 22.26 -41.85
C ALA H 79 64.30 22.14 -42.59
N TYR H 80 64.61 20.92 -43.04
CA TYR H 80 65.86 20.65 -43.74
C TYR H 80 65.59 19.77 -44.94
N MET H 81 66.51 19.81 -45.90
CA MET H 81 66.36 19.08 -47.15
C MET H 81 67.74 18.71 -47.68
N GLU H 82 67.75 17.70 -48.56
CA GLU H 82 68.98 17.16 -49.12
C GLU H 82 69.02 17.46 -50.61
N LEU H 83 70.21 17.78 -51.11
CA LEU H 83 70.44 18.05 -52.52
C LEU H 83 71.64 17.25 -53.00
N SER H 84 71.56 16.79 -54.25
CA SER H 84 72.64 16.01 -54.84
C SER H 84 72.65 16.25 -56.35
N SER H 85 73.73 15.83 -56.99
CA SER H 85 73.92 16.02 -58.42
C SER H 85 73.84 17.49 -58.81
N LEU H 86 74.49 18.34 -58.01
CA LEU H 86 74.51 19.77 -58.25
C LEU H 86 75.78 20.14 -59.01
N ARG H 87 75.61 20.90 -60.09
CA ARG H 87 76.71 21.34 -60.93
C ARG H 87 77.08 22.78 -60.60
N SER H 88 78.19 23.24 -61.19
CA SER H 88 78.64 24.60 -60.96
C SER H 88 77.63 25.61 -61.47
N GLU H 89 76.98 25.32 -62.61
CA GLU H 89 75.97 26.23 -63.12
C GLU H 89 74.80 26.39 -62.17
N ASP H 90 74.45 25.32 -61.45
CA ASP H 90 73.34 25.38 -60.49
C ASP H 90 73.67 26.20 -59.25
N THR H 91 74.94 26.54 -59.03
CA THR H 91 75.31 27.31 -57.85
C THR H 91 74.61 28.67 -57.86
N ALA H 92 74.04 29.03 -56.73
CA ALA H 92 73.30 30.29 -56.57
C ALA H 92 73.04 30.49 -55.09
N VAL H 93 72.27 31.53 -54.76
CA VAL H 93 71.92 31.85 -53.38
C VAL H 93 70.50 31.36 -53.11
N TYR H 94 70.34 30.61 -52.03
CA TYR H 94 69.05 30.03 -51.66
C TYR H 94 68.40 30.87 -50.56
N TYR H 95 67.08 31.01 -50.62
CA TYR H 95 66.31 31.77 -49.66
C TYR H 95 65.13 30.95 -49.17
N CYS H 96 64.71 31.24 -47.94
CA CYS H 96 63.54 30.59 -47.33
C CYS H 96 62.54 31.66 -46.91
N ALA H 97 61.25 31.33 -47.01
CA ALA H 97 60.19 32.30 -46.78
C ALA H 97 58.96 31.59 -46.23
N SER H 98 58.06 32.38 -45.67
CA SER H 98 56.82 31.90 -45.09
C SER H 98 55.62 32.47 -45.84
N LEU H 99 54.53 31.69 -45.85
CA LEU H 99 53.31 32.05 -46.57
C LEU H 99 52.12 32.36 -45.66
N GLN H 100 52.23 32.15 -44.35
CA GLN H 100 51.21 32.46 -43.35
C GLN H 100 50.05 31.46 -43.35
N THR H 101 50.01 30.51 -44.29
CA THR H 101 48.88 29.61 -44.44
C THR H 101 49.37 28.17 -44.54
N VAL H 102 48.48 27.24 -44.21
CA VAL H 102 48.80 25.81 -44.22
C VAL H 102 47.76 25.04 -45.02
N ASP H 103 47.14 25.70 -46.00
CA ASP H 103 46.14 25.08 -46.87
C ASP H 103 46.58 25.17 -48.32
N THR H 104 46.39 24.09 -49.07
CA THR H 104 46.92 24.00 -50.42
C THR H 104 46.25 25.00 -51.36
N ALA H 105 44.95 25.23 -51.18
CA ALA H 105 44.19 26.10 -52.07
C ALA H 105 44.18 27.56 -51.62
N ILE H 106 44.90 27.89 -50.55
CA ILE H 106 44.87 29.24 -49.98
C ILE H 106 46.16 30.01 -50.20
N GLU H 107 47.21 29.39 -50.76
CA GLU H 107 48.45 30.11 -50.99
C GLU H 107 48.23 31.30 -51.91
N LYS H 108 47.37 31.15 -52.92
CA LYS H 108 47.11 32.25 -53.83
C LYS H 108 46.49 33.45 -53.13
N TYR H 109 45.86 33.26 -51.97
CA TYR H 109 45.38 34.37 -51.16
C TYR H 109 46.42 34.80 -50.13
N TYR H 110 47.65 34.97 -50.56
CA TYR H 110 48.76 35.29 -49.65
C TYR H 110 50.00 35.54 -50.49
N GLY H 111 51.06 35.99 -49.81
CA GLY H 111 52.35 36.20 -50.43
C GLY H 111 53.47 35.78 -49.49
N MET H 112 54.69 35.87 -50.01
CA MET H 112 55.87 35.54 -49.22
C MET H 112 56.12 36.69 -48.24
N ASP H 113 55.51 36.55 -47.06
CA ASP H 113 55.51 37.65 -46.10
C ASP H 113 56.92 38.01 -45.64
N VAL H 114 57.74 37.01 -45.36
CA VAL H 114 59.08 37.21 -44.83
C VAL H 114 60.06 36.38 -45.64
N TRP H 115 61.29 36.88 -45.74
CA TRP H 115 62.36 36.23 -46.48
C TRP H 115 63.56 36.02 -45.55
N GLY H 116 64.52 35.23 -46.01
CA GLY H 116 65.75 35.00 -45.28
C GLY H 116 66.88 35.88 -45.77
N GLN H 117 67.96 35.97 -44.99
CA GLN H 117 69.09 36.80 -45.40
C GLN H 117 69.82 36.23 -46.61
N GLY H 118 69.62 34.95 -46.92
CA GLY H 118 70.28 34.33 -48.05
C GLY H 118 71.58 33.67 -47.68
N THR H 119 71.70 32.37 -47.99
CA THR H 119 72.89 31.59 -47.68
C THR H 119 73.59 31.24 -49.00
N THR H 120 74.60 32.00 -49.36
CA THR H 120 75.36 31.72 -50.57
C THR H 120 76.17 30.45 -50.42
N VAL H 121 76.26 29.68 -51.49
CA VAL H 121 76.99 28.42 -51.53
C VAL H 121 78.03 28.49 -52.63
N THR H 122 79.25 28.06 -52.32
CA THR H 122 80.36 28.04 -53.26
C THR H 122 80.83 26.62 -53.46
N VAL H 123 81.02 26.23 -54.72
CA VAL H 123 81.44 24.88 -55.09
C VAL H 123 82.90 24.95 -55.54
N SER H 124 83.75 24.13 -54.91
CA SER H 124 85.17 24.09 -55.22
C SER H 124 85.47 22.86 -56.06
N SER H 125 86.23 23.05 -57.14
CA SER H 125 86.60 21.96 -58.02
C SER H 125 88.05 22.09 -58.47
N TYR I 2 51.39 31.36 -68.60
CA TYR I 2 52.25 30.46 -67.87
C TYR I 2 53.71 30.86 -68.01
N GLU I 3 54.07 31.37 -69.19
CA GLU I 3 55.42 31.84 -69.47
C GLU I 3 55.45 33.36 -69.40
N LEU I 4 56.49 33.89 -68.77
CA LEU I 4 56.62 35.31 -68.50
C LEU I 4 57.78 35.90 -69.29
N THR I 5 57.52 36.99 -70.01
CA THR I 5 58.55 37.73 -70.73
C THR I 5 58.31 39.21 -70.50
N GLN I 6 59.37 39.91 -70.12
CA GLN I 6 59.29 41.33 -69.79
C GLN I 6 60.55 42.03 -70.29
N PRO I 7 60.50 43.34 -70.48
CA PRO I 7 61.69 44.05 -70.96
C PRO I 7 62.83 43.91 -69.99
N PRO I 8 64.08 43.87 -70.48
CA PRO I 8 65.21 43.66 -69.55
C PRO I 8 65.36 44.75 -68.52
N SER I 9 65.07 46.01 -68.86
CA SER I 9 65.27 47.11 -67.93
C SER I 9 64.38 48.28 -68.33
N VAL I 10 64.22 49.22 -67.41
CA VAL I 10 63.42 50.42 -67.61
C VAL I 10 64.11 51.59 -66.93
N SER I 11 64.04 52.76 -67.56
CA SER I 11 64.63 53.98 -67.04
C SER I 11 63.59 55.09 -67.03
N VAL I 12 63.59 55.89 -65.96
CA VAL I 12 62.65 56.98 -65.82
C VAL I 12 63.26 58.05 -64.91
N SER I 13 62.90 59.30 -65.15
CA SER I 13 63.39 60.39 -64.35
C SER I 13 62.78 60.33 -62.94
N PRO I 14 63.45 60.89 -61.94
CA PRO I 14 62.90 60.83 -60.58
C PRO I 14 61.65 61.70 -60.45
N GLY I 15 60.75 61.25 -59.57
CA GLY I 15 59.52 61.98 -59.32
C GLY I 15 58.45 61.78 -60.37
N GLN I 16 58.69 60.97 -61.39
CA GLN I 16 57.74 60.74 -62.47
C GLN I 16 56.95 59.45 -62.22
N THR I 17 55.90 59.27 -63.01
CA THR I 17 55.06 58.09 -62.93
C THR I 17 55.65 57.00 -63.82
N ALA I 18 55.98 55.85 -63.23
CA ALA I 18 56.58 54.74 -63.94
C ALA I 18 55.56 53.62 -64.11
N SER I 19 55.38 53.18 -65.35
CA SER I 19 54.45 52.11 -65.68
C SER I 19 55.25 50.89 -66.15
N ILE I 20 55.01 49.75 -65.49
CA ILE I 20 55.71 48.50 -65.79
C ILE I 20 54.68 47.47 -66.21
N THR I 21 54.92 46.84 -67.36
CA THR I 21 54.03 45.82 -67.91
C THR I 21 54.67 44.46 -67.75
N CYS I 22 53.92 43.51 -67.18
CA CYS I 22 54.36 42.13 -66.98
C CYS I 22 53.46 41.25 -67.84
N SER I 23 53.86 41.07 -69.10
CA SER I 23 53.05 40.33 -70.05
C SER I 23 53.28 38.83 -69.90
N GLY I 24 52.28 38.07 -70.29
CA GLY I 24 52.35 36.62 -70.24
C GLY I 24 51.24 36.01 -71.05
N ASP I 25 50.83 34.80 -70.66
CA ASP I 25 49.76 34.05 -71.33
C ASP I 25 48.67 33.75 -70.30
N LYS I 26 47.54 34.44 -70.44
CA LYS I 26 46.39 34.24 -69.56
C LYS I 26 46.79 34.43 -68.10
N LEU I 27 47.29 35.63 -67.79
CA LEU I 27 47.66 36.00 -66.43
C LEU I 27 46.62 36.88 -65.75
N GLY I 28 45.65 37.40 -66.50
CA GLY I 28 44.52 38.05 -65.85
C GLY I 28 43.67 37.04 -65.11
N ASP I 29 43.10 37.48 -63.99
CA ASP I 29 42.28 36.62 -63.14
C ASP I 29 43.10 35.40 -62.66
N LYS I 30 44.31 35.69 -62.17
CA LYS I 30 45.19 34.65 -61.65
C LYS I 30 45.87 35.04 -60.35
N TYR I 31 45.60 36.22 -59.80
CA TYR I 31 46.20 36.66 -58.54
C TYR I 31 47.72 36.72 -58.64
N ALA I 32 48.20 37.57 -59.55
CA ALA I 32 49.63 37.79 -59.68
C ALA I 32 50.16 38.60 -58.50
N CYS I 33 51.45 38.42 -58.22
CA CYS I 33 52.10 39.11 -57.11
C CYS I 33 53.42 39.69 -57.60
N TRP I 34 53.66 40.96 -57.26
CA TRP I 34 54.91 41.64 -57.58
C TRP I 34 55.73 41.82 -56.31
N TYR I 35 57.00 41.46 -56.38
CA TYR I 35 57.93 41.57 -55.26
C TYR I 35 59.00 42.61 -55.56
N GLN I 36 59.64 43.09 -54.50
CA GLN I 36 60.68 44.10 -54.59
C GLN I 36 61.94 43.60 -53.89
N GLN I 37 63.06 43.66 -54.60
CA GLN I 37 64.36 43.30 -54.04
C GLN I 37 65.34 44.44 -54.29
N LYS I 38 66.00 44.91 -53.20
CA LYS I 38 66.94 46.00 -53.29
C LYS I 38 68.38 45.48 -53.24
N PRO I 39 69.34 46.20 -53.79
CA PRO I 39 70.74 45.75 -53.69
C PRO I 39 71.21 45.71 -52.25
N GLY I 40 71.62 44.52 -51.80
CA GLY I 40 72.10 44.33 -50.44
C GLY I 40 71.02 44.05 -49.42
N GLN I 41 69.75 44.01 -49.82
CA GLN I 41 68.65 43.73 -48.92
C GLN I 41 67.81 42.60 -49.50
N SER I 42 67.21 41.80 -48.61
CA SER I 42 66.42 40.67 -49.05
C SER I 42 65.12 41.14 -49.70
N PRO I 43 64.50 40.32 -50.55
CA PRO I 43 63.24 40.72 -51.17
C PRO I 43 62.15 40.94 -50.13
N VAL I 44 61.22 41.84 -50.45
CA VAL I 44 60.11 42.19 -49.57
C VAL I 44 58.82 42.13 -50.37
N LEU I 45 57.71 41.99 -49.64
CA LEU I 45 56.39 41.89 -50.24
C LEU I 45 55.78 43.28 -50.38
N VAL I 46 55.34 43.61 -51.60
CA VAL I 46 54.70 44.89 -51.87
C VAL I 46 53.35 44.77 -52.55
N ILE I 47 53.06 43.66 -53.23
CA ILE I 47 51.80 43.45 -53.94
C ILE I 47 51.30 42.06 -53.63
N TYR I 48 50.00 41.93 -53.35
CA TYR I 48 49.44 40.63 -53.00
C TYR I 48 48.04 40.46 -53.57
N GLN I 49 47.90 39.44 -54.40
CA GLN I 49 46.65 38.80 -54.82
C GLN I 49 45.82 39.59 -55.82
N ASP I 50 45.95 40.92 -55.84
CA ASP I 50 45.66 41.81 -56.97
C ASP I 50 46.26 43.17 -56.68
N ASN I 51 47.43 43.51 -57.24
CA ASN I 51 47.98 44.86 -57.20
C ASN I 51 47.83 45.51 -55.82
N LYS I 52 47.82 44.71 -54.75
CA LYS I 52 47.34 45.16 -53.45
C LYS I 52 48.51 45.56 -52.56
N ARG I 53 48.53 46.82 -52.13
CA ARG I 53 49.62 47.33 -51.32
C ARG I 53 49.38 46.99 -49.86
N PRO I 54 50.24 46.22 -49.21
CA PRO I 54 49.97 45.87 -47.81
C PRO I 54 50.26 47.03 -46.87
N SER I 55 49.39 47.18 -45.87
CA SER I 55 49.51 48.29 -44.93
C SER I 55 50.84 48.21 -44.19
N GLY I 56 51.51 49.36 -44.09
CA GLY I 56 52.86 49.45 -43.56
C GLY I 56 53.89 49.83 -44.59
N ILE I 57 53.64 49.50 -45.86
CA ILE I 57 54.48 49.94 -46.97
C ILE I 57 53.95 51.31 -47.43
N PRO I 58 54.82 52.29 -47.69
CA PRO I 58 54.31 53.59 -48.13
C PRO I 58 53.51 53.45 -49.43
N GLU I 59 52.43 54.24 -49.53
CA GLU I 59 51.51 54.15 -50.65
C GLU I 59 52.10 54.86 -51.88
N ARG I 60 53.21 54.31 -52.35
CA ARG I 60 53.86 54.78 -53.57
C ARG I 60 53.66 53.84 -54.75
N PHE I 61 53.34 52.57 -54.49
CA PHE I 61 53.07 51.59 -55.53
C PHE I 61 51.57 51.48 -55.76
N SER I 62 51.20 51.12 -56.99
CA SER I 62 49.81 50.94 -57.36
C SER I 62 49.76 50.18 -58.67
N GLY I 63 48.57 49.73 -59.03
CA GLY I 63 48.42 49.02 -60.30
C GLY I 63 47.04 48.43 -60.42
N SER I 64 46.81 47.81 -61.58
CA SER I 64 45.55 47.15 -61.88
C SER I 64 45.81 45.97 -62.80
N ASN I 65 44.90 45.01 -62.78
CA ASN I 65 45.00 43.78 -63.57
C ASN I 65 43.97 43.87 -64.70
N SER I 66 44.45 43.96 -65.94
CA SER I 66 43.59 44.02 -67.10
C SER I 66 43.23 42.60 -67.54
N GLY I 67 42.64 42.48 -68.73
CA GLY I 67 42.22 41.17 -69.20
C GLY I 67 43.38 40.20 -69.37
N ASN I 68 44.49 40.67 -69.96
CA ASN I 68 45.64 39.81 -70.24
C ASN I 68 46.96 40.52 -69.95
N THR I 69 46.95 41.50 -69.03
CA THR I 69 48.15 42.24 -68.70
C THR I 69 48.03 42.77 -67.29
N ALA I 70 49.17 42.86 -66.60
CA ALA I 70 49.26 43.42 -65.26
C ALA I 70 50.19 44.63 -65.29
N THR I 71 49.73 45.75 -64.74
CA THR I 71 50.47 47.00 -64.76
C THR I 71 50.72 47.47 -63.34
N LEU I 72 51.89 48.06 -63.11
CA LEU I 72 52.26 48.65 -61.83
C LEU I 72 52.58 50.12 -62.03
N THR I 73 51.93 50.97 -61.25
CA THR I 73 52.13 52.41 -61.29
C THR I 73 52.91 52.85 -60.05
N ILE I 74 53.89 53.72 -60.26
CA ILE I 74 54.75 54.22 -59.18
C ILE I 74 54.49 55.72 -59.04
N SER I 75 54.27 56.16 -57.81
CA SER I 75 54.01 57.56 -57.50
C SER I 75 55.04 58.06 -56.49
N GLY I 76 55.52 59.28 -56.71
CA GLY I 76 56.49 59.87 -55.81
C GLY I 76 57.81 59.12 -55.77
N THR I 77 58.33 58.77 -56.95
CA THR I 77 59.58 58.02 -57.01
C THR I 77 60.70 58.82 -56.35
N GLN I 78 61.58 58.10 -55.63
CA GLN I 78 62.71 58.69 -54.93
C GLN I 78 63.98 57.94 -55.30
N ALA I 79 65.10 58.42 -54.77
CA ALA I 79 66.39 57.79 -55.06
C ALA I 79 66.47 56.39 -54.46
N MET I 80 65.87 56.19 -53.29
CA MET I 80 65.94 54.91 -52.59
C MET I 80 65.16 53.81 -53.29
N ASP I 81 64.35 54.14 -54.30
CA ASP I 81 63.51 53.15 -54.98
C ASP I 81 64.30 52.20 -55.87
N GLU I 82 65.62 52.32 -55.94
CA GLU I 82 66.42 51.40 -56.74
C GLU I 82 66.19 49.97 -56.28
N ALA I 83 65.56 49.16 -57.13
CA ALA I 83 65.23 47.78 -56.78
C ALA I 83 64.83 47.06 -58.05
N ASP I 84 64.67 45.75 -57.95
CA ASP I 84 64.25 44.90 -59.06
C ASP I 84 62.86 44.34 -58.76
N TYR I 85 61.96 44.43 -59.73
CA TYR I 85 60.59 43.97 -59.58
C TYR I 85 60.40 42.65 -60.29
N TYR I 86 59.92 41.64 -59.57
CA TYR I 86 59.62 40.32 -60.10
C TYR I 86 58.13 40.07 -59.97
N CYS I 87 57.48 39.74 -61.10
CA CYS I 87 56.05 39.45 -61.12
C CYS I 87 55.86 37.94 -61.25
N GLN I 88 55.11 37.37 -60.32
CA GLN I 88 54.87 35.93 -60.29
C GLN I 88 53.42 35.68 -59.90
N ALA I 89 52.96 34.45 -60.17
CA ALA I 89 51.60 34.06 -59.83
C ALA I 89 51.59 32.59 -59.46
N TRP I 90 50.57 32.20 -58.69
CA TRP I 90 50.38 30.81 -58.27
C TRP I 90 49.50 30.13 -59.30
N ASP I 91 50.13 29.53 -60.31
CA ASP I 91 49.44 28.89 -61.42
C ASP I 91 49.73 27.39 -61.41
N SER I 92 48.67 26.59 -61.53
CA SER I 92 48.79 25.13 -61.56
C SER I 92 49.51 24.62 -60.32
N SER I 93 49.21 25.21 -59.17
CA SER I 93 49.82 24.83 -57.90
C SER I 93 51.33 24.99 -57.93
N THR I 94 51.82 25.99 -58.68
CA THR I 94 53.24 26.24 -58.80
C THR I 94 53.46 27.73 -58.98
N ALA I 95 54.68 28.17 -58.68
CA ALA I 95 55.08 29.57 -58.80
C ALA I 95 56.11 29.72 -59.90
N VAL I 96 55.93 30.72 -60.75
CA VAL I 96 56.82 31.00 -61.87
C VAL I 96 57.37 32.41 -61.71
N PHE I 97 58.68 32.55 -61.78
CA PHE I 97 59.37 33.82 -61.59
C PHE I 97 59.93 34.30 -62.93
N GLY I 98 59.65 35.55 -63.26
CA GLY I 98 60.14 36.14 -64.50
C GLY I 98 61.55 36.68 -64.38
N GLY I 99 62.02 37.24 -65.50
CA GLY I 99 63.37 37.78 -65.52
C GLY I 99 63.53 38.98 -64.60
N GLY I 100 62.50 39.81 -64.51
CA GLY I 100 62.54 40.99 -63.67
C GLY I 100 63.08 42.21 -64.39
N THR I 101 62.74 43.38 -63.86
CA THR I 101 63.13 44.66 -64.43
C THR I 101 63.91 45.46 -63.38
N LYS I 102 64.98 46.10 -63.82
CA LYS I 102 65.80 46.96 -62.99
C LYS I 102 65.44 48.41 -63.27
N LEU I 103 65.02 49.13 -62.23
CA LEU I 103 64.62 50.52 -62.37
C LEU I 103 65.84 51.43 -62.27
N THR I 104 65.98 52.34 -63.23
CA THR I 104 67.09 53.28 -63.29
C THR I 104 66.56 54.69 -63.12
N VAL I 105 67.20 55.47 -62.24
CA VAL I 105 66.82 56.84 -61.97
C VAL I 105 68.04 57.72 -62.20
N LEU I 106 67.86 58.78 -62.98
CA LEU I 106 68.94 59.71 -63.28
C LEU I 106 69.32 60.51 -62.03
#